data_3CCB
#
_entry.id   3CCB
#
_cell.length_a   122.086
_cell.length_b   123.010
_cell.length_c   144.651
_cell.angle_alpha   90.000
_cell.angle_beta   114.840
_cell.angle_gamma   90.000
#
_symmetry.space_group_name_H-M   'P 1 21 1'
#
loop_
_entity.id
_entity.type
_entity.pdbx_description
1 polymer 'Dipeptidyl peptidase 4'
2 branched 2-acetamido-2-deoxy-beta-D-glucopyranose-(1-4)-2-acetamido-2-deoxy-beta-D-glucopyranose
3 non-polymer 2-acetamido-2-deoxy-beta-D-glucopyranose
4 non-polymer 1-biphenyl-2-ylmethanamine
5 water water
#
_entity_poly.entity_id   1
_entity_poly.type   'polypeptide(L)'
_entity_poly.pdbx_seq_one_letter_code
;ADPGGSHHHHHHSRKTYTLTDYLKNTYRLKLYSLRWISDHEYLYKQENNILVFNAEYGNSSVFLENSTFDEFGHSINDYS
ISPDGQFILLEYNYVKQWRHSYTASYDIYDLNKRQLITEERIPNNTQWVTWSPVGHKLAYVWNNDIYVKIEPNLPSYRIT
WTGKEDIIYNGITDWVYEEEVFSAYSALWWSPNGTFLAYAQFNDTEVPLIEYSFYSDESLQYPKTVRVPYPKAGAVNPTV
KFFVVNTDSLSSVTNATSIQITAPASMLIGDHYLCDVTWATQERISLQWLRRIQNYSVMDICDYDESSGRWNCLVARQHI
EMSTTGWVGRFRPSEPHFTLDGNSFYKIISNEEGYRHICYFQIDKKDCTFITKGTWEVIGIEALTSDYLYYISNEYKGMP
GGRNLYKIQLSDYTKVTCLSCELNPERCQYYSVSFSKEAKYYQLRCSGPGLPLYTLHSSVNDKGLRVLEDNSALDKMLQN
VQMPSKKLDFIILNETKFWYQMILPPHFDKSKKYPLLLDVYAGPCSQKADTVFRLNWATYLASTENIIVASFDGRGSGYQ
GDKIMHAINRRLGTFEVEDQIEAARQFSKMGFVDNKRIAIWGWSYGGYVTSMVLGSGSGVFKCGIAVAPVSRWEYYDSVY
TERYMGLPTPEDNLDHYRNSTVMSRAENFKQVEYLLIHGTADDNVHFQQSAQISKALVDVGVDFQAMWYTDEDHGIASST
AHQHIYTHMSHFIKQCFSLP
;
_entity_poly.pdbx_strand_id   A,B,C,D
#
loop_
_chem_comp.id
_chem_comp.type
_chem_comp.name
_chem_comp.formula
B2Y non-polymer 1-biphenyl-2-ylmethanamine 'C13 H13 N'
NAG D-saccharide, beta linking 2-acetamido-2-deoxy-beta-D-glucopyranose 'C8 H15 N O6'
#
# COMPACT_ATOMS: atom_id res chain seq x y z
N LYS A 15 -33.03 -60.69 27.22
CA LYS A 15 -32.13 -60.28 26.14
C LYS A 15 -32.82 -60.10 24.76
N THR A 16 -32.07 -59.60 23.78
CA THR A 16 -32.61 -59.35 22.45
C THR A 16 -31.84 -60.08 21.34
N TYR A 17 -32.40 -60.04 20.13
CA TYR A 17 -31.79 -60.63 18.96
C TYR A 17 -30.78 -59.63 18.42
N THR A 18 -29.50 -59.96 18.52
CA THR A 18 -28.41 -59.01 18.23
C THR A 18 -27.90 -59.08 16.79
N LEU A 19 -27.10 -58.08 16.40
CA LEU A 19 -26.47 -58.12 15.10
C LEU A 19 -25.60 -59.37 15.00
N THR A 20 -24.84 -59.63 16.07
CA THR A 20 -24.03 -60.84 16.18
C THR A 20 -24.85 -62.12 15.95
N ASP A 21 -26.03 -62.21 16.59
CA ASP A 21 -26.96 -63.32 16.38
C ASP A 21 -27.26 -63.52 14.90
N TYR A 22 -27.62 -62.43 14.22
CA TYR A 22 -27.86 -62.49 12.77
C TYR A 22 -26.62 -62.93 12.00
N LEU A 23 -25.49 -62.30 12.27
CA LEU A 23 -24.26 -62.54 11.50
C LEU A 23 -23.62 -63.90 11.74
N LYS A 24 -23.79 -64.42 12.95
CA LYS A 24 -23.22 -65.70 13.34
C LYS A 24 -24.23 -66.86 13.40
N ASN A 25 -25.48 -66.60 12.99
CA ASN A 25 -26.57 -67.58 13.01
C ASN A 25 -26.71 -68.30 14.33
N THR A 26 -26.80 -67.54 15.41
CA THR A 26 -26.99 -68.11 16.73
C THR A 26 -28.31 -68.89 16.78
N TYR A 27 -29.30 -68.40 16.05
CA TYR A 27 -30.62 -69.01 16.00
C TYR A 27 -30.90 -69.54 14.61
N ARG A 28 -30.79 -70.84 14.44
CA ARG A 28 -30.88 -71.42 13.10
C ARG A 28 -32.23 -72.08 12.79
N LEU A 29 -32.84 -71.63 11.70
CA LEU A 29 -34.03 -72.26 11.15
C LEU A 29 -33.64 -73.61 10.57
N LYS A 30 -34.13 -74.68 11.17
CA LYS A 30 -33.91 -75.99 10.60
C LYS A 30 -34.73 -76.17 9.33
N LEU A 31 -34.12 -76.81 8.33
CA LEU A 31 -34.80 -77.16 7.09
C LEU A 31 -35.11 -78.65 7.13
N TYR A 32 -35.95 -79.10 6.21
CA TYR A 32 -36.06 -80.53 5.96
C TYR A 32 -35.97 -80.74 4.47
N SER A 33 -34.73 -80.72 3.99
CA SER A 33 -34.49 -80.88 2.58
C SER A 33 -34.47 -82.37 2.23
N LEU A 34 -35.31 -82.74 1.27
CA LEU A 34 -35.36 -84.11 0.80
C LEU A 34 -35.31 -84.15 -0.72
N ARG A 35 -34.77 -85.24 -1.24
CA ARG A 35 -34.75 -85.47 -2.68
C ARG A 35 -35.41 -86.81 -2.95
N TRP A 36 -36.58 -86.77 -3.61
CA TRP A 36 -37.29 -87.99 -3.95
C TRP A 36 -36.46 -88.85 -4.88
N ILE A 37 -36.37 -90.14 -4.54
CA ILE A 37 -35.63 -91.11 -5.34
C ILE A 37 -36.59 -91.89 -6.23
N SER A 38 -37.82 -92.05 -5.75
CA SER A 38 -38.85 -92.81 -6.44
C SER A 38 -40.23 -92.26 -6.07
N ASP A 39 -41.27 -93.07 -6.20
CA ASP A 39 -42.63 -92.63 -5.86
C ASP A 39 -42.99 -92.87 -4.39
N HIS A 40 -42.04 -93.37 -3.59
CA HIS A 40 -42.28 -93.58 -2.17
C HIS A 40 -41.03 -93.48 -1.30
N GLU A 41 -39.90 -93.20 -1.91
CA GLU A 41 -38.64 -93.09 -1.16
C GLU A 41 -37.98 -91.76 -1.42
N TYR A 42 -37.25 -91.27 -0.41
CA TYR A 42 -36.51 -90.03 -0.54
C TYR A 42 -35.23 -90.07 0.29
N LEU A 43 -34.25 -89.29 -0.13
CA LEU A 43 -32.98 -89.21 0.59
C LEU A 43 -32.94 -88.01 1.53
N TYR A 44 -32.24 -88.19 2.65
CA TYR A 44 -32.07 -87.13 3.63
C TYR A 44 -30.75 -87.24 4.38
N LYS A 45 -30.09 -86.10 4.54
CA LYS A 45 -28.78 -86.04 5.17
C LYS A 45 -28.84 -85.73 6.69
N GLN A 46 -28.32 -86.66 7.49
CA GLN A 46 -28.15 -86.44 8.94
C GLN A 46 -26.66 -86.40 9.32
N ASN A 49 -24.00 -88.57 7.35
CA ASN A 49 -24.84 -89.67 6.91
C ASN A 49 -25.93 -89.27 5.93
N ILE A 50 -26.20 -90.16 4.97
CA ILE A 50 -27.32 -90.01 4.05
C ILE A 50 -28.22 -91.23 4.20
N LEU A 51 -29.49 -90.98 4.53
CA LEU A 51 -30.46 -92.04 4.78
C LEU A 51 -31.53 -92.07 3.71
N VAL A 52 -32.04 -93.26 3.41
CA VAL A 52 -33.24 -93.37 2.59
C VAL A 52 -34.39 -93.43 3.57
N PHE A 53 -35.46 -92.71 3.26
CA PHE A 53 -36.66 -92.75 4.08
C PHE A 53 -37.81 -93.34 3.29
N ASN A 54 -38.72 -94.00 3.99
CA ASN A 54 -39.95 -94.49 3.42
C ASN A 54 -41.08 -93.53 3.75
N ALA A 55 -41.84 -93.16 2.72
CA ALA A 55 -43.01 -92.30 2.91
C ALA A 55 -44.16 -93.05 3.58
N GLU A 56 -44.22 -94.38 3.37
CA GLU A 56 -45.26 -95.20 4.00
C GLU A 56 -45.10 -95.34 5.52
N TYR A 57 -43.85 -95.43 6.00
CA TYR A 57 -43.58 -95.75 7.40
C TYR A 57 -42.69 -94.77 8.15
N GLY A 58 -41.87 -94.02 7.41
CA GLY A 58 -40.93 -93.09 8.02
C GLY A 58 -39.69 -93.75 8.58
N ASN A 59 -39.51 -95.04 8.28
CA ASN A 59 -38.31 -95.77 8.68
C ASN A 59 -37.13 -95.44 7.76
N SER A 60 -35.91 -95.53 8.31
CA SER A 60 -34.72 -95.18 7.53
C SER A 60 -33.54 -96.12 7.75
N SER A 61 -32.97 -96.54 6.63
CA SER A 61 -31.71 -97.27 6.60
C SER A 61 -30.65 -96.33 6.06
N VAL A 62 -29.39 -96.56 6.43
CA VAL A 62 -28.28 -95.73 5.96
C VAL A 62 -27.98 -96.05 4.49
N PHE A 63 -27.93 -95.01 3.65
CA PHE A 63 -27.66 -95.23 2.22
C PHE A 63 -26.17 -95.12 1.90
N LEU A 64 -25.52 -94.12 2.47
CA LEU A 64 -24.05 -94.02 2.46
C LEU A 64 -23.56 -93.38 3.76
N GLU A 65 -22.63 -94.05 4.43
CA GLU A 65 -22.10 -93.62 5.75
C GLU A 65 -21.38 -92.26 5.74
N ASN A 66 -21.22 -91.70 6.93
CA ASN A 66 -20.51 -90.42 7.13
C ASN A 66 -19.17 -90.35 6.39
N SER A 67 -18.37 -91.40 6.53
CA SER A 67 -17.10 -91.52 5.81
C SER A 67 -17.02 -92.86 5.04
N THR A 68 -17.82 -92.98 3.98
CA THR A 68 -17.75 -94.12 3.06
C THR A 68 -16.58 -93.88 2.11
N PHE A 69 -16.36 -92.61 1.79
CA PHE A 69 -15.23 -92.18 0.96
C PHE A 69 -14.20 -91.50 1.86
N ASP A 70 -13.71 -92.25 2.85
CA ASP A 70 -12.71 -91.75 3.80
C ASP A 70 -11.38 -91.46 3.09
N GLU A 71 -10.75 -92.52 2.58
CA GLU A 71 -9.52 -92.40 1.79
C GLU A 71 -9.79 -91.84 0.39
N PHE A 72 -10.55 -90.76 0.34
CA PHE A 72 -10.83 -90.08 -0.91
C PHE A 72 -9.79 -89.01 -1.17
N GLY A 73 -9.47 -88.23 -0.14
CA GLY A 73 -8.53 -87.12 -0.25
C GLY A 73 -9.22 -85.80 -0.57
N HIS A 74 -10.24 -85.87 -1.43
CA HIS A 74 -11.01 -84.70 -1.83
C HIS A 74 -12.15 -84.44 -0.86
N SER A 75 -12.70 -83.23 -0.92
CA SER A 75 -13.81 -82.80 -0.07
C SER A 75 -15.09 -82.69 -0.89
N ILE A 76 -16.09 -83.49 -0.52
CA ILE A 76 -17.31 -83.63 -1.34
C ILE A 76 -18.35 -82.53 -1.08
N ASN A 77 -18.68 -81.84 -2.16
CA ASN A 77 -19.60 -80.73 -2.12
C ASN A 77 -21.03 -81.19 -2.30
N ASP A 78 -21.23 -82.16 -3.18
CA ASP A 78 -22.56 -82.69 -3.46
C ASP A 78 -22.47 -84.05 -4.16
N TYR A 79 -23.61 -84.73 -4.24
CA TYR A 79 -23.70 -86.05 -4.86
C TYR A 79 -24.88 -86.08 -5.83
N SER A 80 -24.89 -87.04 -6.74
CA SER A 80 -26.03 -87.25 -7.59
C SER A 80 -26.20 -88.73 -7.96
N ILE A 81 -27.23 -89.36 -7.41
CA ILE A 81 -27.53 -90.76 -7.69
C ILE A 81 -28.21 -90.86 -9.04
N SER A 82 -27.81 -91.85 -9.84
CA SER A 82 -28.50 -92.14 -11.09
C SER A 82 -29.94 -92.61 -10.79
N PRO A 83 -30.90 -92.28 -11.67
CA PRO A 83 -32.30 -92.70 -11.55
C PRO A 83 -32.52 -94.20 -11.27
N ASP A 84 -31.75 -95.07 -11.92
CA ASP A 84 -31.84 -96.51 -11.66
C ASP A 84 -31.03 -96.94 -10.43
N GLY A 85 -30.49 -95.96 -9.70
CA GLY A 85 -29.76 -96.19 -8.45
C GLY A 85 -28.50 -97.03 -8.52
N GLN A 86 -27.95 -97.20 -9.73
CA GLN A 86 -26.77 -98.04 -9.94
C GLN A 86 -25.43 -97.30 -9.81
N PHE A 87 -25.46 -95.99 -9.98
CA PHE A 87 -24.23 -95.18 -9.88
C PHE A 87 -24.49 -93.90 -9.11
N ILE A 88 -23.46 -93.41 -8.43
CA ILE A 88 -23.49 -92.11 -7.76
C ILE A 88 -22.38 -91.22 -8.30
N LEU A 89 -22.71 -89.96 -8.51
CA LEU A 89 -21.79 -88.99 -9.05
C LEU A 89 -21.33 -88.10 -7.91
N LEU A 90 -20.03 -88.10 -7.64
CA LEU A 90 -19.49 -87.25 -6.60
C LEU A 90 -18.89 -85.97 -7.19
N GLU A 91 -19.37 -84.83 -6.69
CA GLU A 91 -18.93 -83.52 -7.15
C GLU A 91 -17.97 -82.89 -6.14
N TYR A 92 -16.78 -82.50 -6.62
CA TYR A 92 -15.78 -81.84 -5.78
C TYR A 92 -15.04 -80.78 -6.60
N ASN A 93 -14.11 -80.07 -5.96
CA ASN A 93 -13.39 -78.96 -6.60
C ASN A 93 -14.35 -77.89 -7.12
N TYR A 94 -15.33 -77.53 -6.29
CA TYR A 94 -16.34 -76.54 -6.64
C TYR A 94 -15.72 -75.15 -6.75
N VAL A 95 -15.86 -74.53 -7.92
CA VAL A 95 -15.46 -73.15 -8.15
C VAL A 95 -16.67 -72.38 -8.69
N LYS A 96 -17.25 -71.55 -7.83
CA LYS A 96 -18.41 -70.75 -8.21
C LYS A 96 -18.06 -69.82 -9.35
N GLN A 97 -18.95 -69.70 -10.33
CA GLN A 97 -18.80 -68.65 -11.35
C GLN A 97 -19.86 -67.57 -11.13
N TRP A 98 -20.97 -67.58 -11.88
CA TRP A 98 -21.98 -66.53 -11.67
C TRP A 98 -23.04 -66.93 -10.63
N ARG A 99 -24.28 -66.53 -10.80
CA ARG A 99 -25.31 -66.88 -9.82
C ARG A 99 -25.57 -68.38 -9.72
N HIS A 100 -25.63 -69.07 -10.86
CA HIS A 100 -25.92 -70.51 -10.90
C HIS A 100 -24.77 -71.33 -11.46
N SER A 101 -23.93 -70.70 -12.27
CA SER A 101 -22.85 -71.39 -12.94
C SER A 101 -21.65 -71.66 -12.05
N TYR A 102 -21.00 -72.79 -12.31
CA TYR A 102 -19.77 -73.18 -11.61
C TYR A 102 -19.04 -74.27 -12.38
N THR A 103 -17.84 -74.55 -11.91
CA THR A 103 -16.98 -75.61 -12.42
C THR A 103 -16.77 -76.61 -11.29
N ALA A 104 -16.51 -77.87 -11.64
CA ALA A 104 -16.26 -78.92 -10.65
C ALA A 104 -15.59 -80.13 -11.27
N SER A 105 -14.95 -80.93 -10.42
CA SER A 105 -14.44 -82.23 -10.82
C SER A 105 -15.51 -83.25 -10.49
N TYR A 106 -15.47 -84.40 -11.16
CA TYR A 106 -16.48 -85.44 -10.95
C TYR A 106 -15.91 -86.85 -10.98
N ASP A 107 -16.45 -87.69 -10.10
CA ASP A 107 -16.11 -89.11 -10.06
C ASP A 107 -17.39 -89.91 -10.06
N ILE A 108 -17.37 -91.03 -10.79
CA ILE A 108 -18.51 -91.94 -10.79
C ILE A 108 -18.22 -93.14 -9.90
N TYR A 109 -19.18 -93.44 -9.04
CA TYR A 109 -19.05 -94.48 -8.04
C TYR A 109 -20.08 -95.57 -8.36
N ASP A 110 -19.59 -96.77 -8.66
CA ASP A 110 -20.46 -97.92 -8.93
C ASP A 110 -21.06 -98.36 -7.60
N LEU A 111 -22.39 -98.26 -7.48
CA LEU A 111 -23.10 -98.60 -6.24
C LEU A 111 -23.30 -100.10 -6.05
N ASN A 112 -23.36 -100.84 -7.17
CA ASN A 112 -23.51 -102.29 -7.16
C ASN A 112 -22.27 -103.01 -6.63
N LYS A 113 -21.14 -102.29 -6.61
CA LYS A 113 -19.84 -102.83 -6.20
C LYS A 113 -19.18 -101.97 -5.12
N ARG A 114 -19.73 -100.77 -4.91
CA ARG A 114 -19.10 -99.75 -4.06
C ARG A 114 -17.61 -99.51 -4.39
N GLN A 115 -17.39 -98.86 -5.52
CA GLN A 115 -16.04 -98.52 -5.99
C GLN A 115 -16.04 -97.44 -7.09
N LEU A 116 -15.09 -96.51 -7.01
CA LEU A 116 -14.92 -95.46 -8.01
C LEU A 116 -14.50 -96.03 -9.36
N ILE A 117 -15.07 -95.49 -10.44
CA ILE A 117 -14.64 -95.85 -11.80
C ILE A 117 -13.32 -95.13 -12.08
N THR A 118 -12.39 -95.80 -12.77
CA THR A 118 -11.09 -95.22 -13.09
C THR A 118 -10.85 -95.04 -14.60
N GLU A 119 -11.73 -95.62 -15.42
CA GLU A 119 -11.59 -95.52 -16.87
C GLU A 119 -12.49 -94.45 -17.50
N GLU A 120 -11.91 -93.71 -18.44
CA GLU A 120 -12.58 -92.64 -19.20
C GLU A 120 -13.32 -91.66 -18.31
N ARG A 121 -12.67 -91.23 -17.23
CA ARG A 121 -13.28 -90.35 -16.25
C ARG A 121 -13.73 -89.01 -16.82
N ILE A 122 -14.77 -88.45 -16.21
CA ILE A 122 -15.22 -87.09 -16.48
C ILE A 122 -14.08 -86.12 -16.14
N PRO A 123 -13.71 -85.22 -17.09
CA PRO A 123 -12.54 -84.34 -16.94
C PRO A 123 -12.68 -83.33 -15.80
N ASN A 124 -11.57 -82.71 -15.42
CA ASN A 124 -11.60 -81.59 -14.49
C ASN A 124 -12.23 -80.39 -15.17
N ASN A 125 -12.69 -79.42 -14.38
CA ASN A 125 -13.28 -78.20 -14.92
C ASN A 125 -14.55 -78.41 -15.74
N THR A 126 -15.36 -79.38 -15.32
CA THR A 126 -16.60 -79.67 -16.01
C THR A 126 -17.64 -78.63 -15.61
N GLN A 127 -18.35 -78.16 -16.63
CA GLN A 127 -19.25 -77.02 -16.52
C GLN A 127 -20.64 -77.44 -16.08
N TRP A 128 -21.08 -78.60 -16.54
CA TRP A 128 -22.38 -79.14 -16.18
C TRP A 128 -22.39 -80.64 -16.38
N VAL A 129 -23.06 -81.34 -15.48
CA VAL A 129 -23.28 -82.78 -15.58
C VAL A 129 -24.74 -83.05 -15.31
N THR A 130 -25.27 -84.10 -15.95
CA THR A 130 -26.59 -84.58 -15.61
C THR A 130 -26.81 -86.01 -16.08
N TRP A 131 -27.46 -86.79 -15.24
CA TRP A 131 -27.98 -88.09 -15.63
C TRP A 131 -29.17 -87.87 -16.56
N SER A 132 -29.40 -88.87 -17.41
CA SER A 132 -30.65 -88.96 -18.15
C SER A 132 -31.74 -89.22 -17.11
N PRO A 133 -33.03 -88.94 -17.40
CA PRO A 133 -34.07 -89.09 -16.38
C PRO A 133 -34.38 -90.54 -15.99
N VAL A 134 -34.04 -91.50 -16.85
CA VAL A 134 -34.15 -92.92 -16.50
C VAL A 134 -32.81 -93.61 -16.77
N GLY A 135 -32.54 -94.69 -16.05
CA GLY A 135 -31.29 -95.42 -16.26
C GLY A 135 -30.07 -94.69 -15.74
N HIS A 136 -28.98 -94.76 -16.49
CA HIS A 136 -27.70 -94.19 -16.05
C HIS A 136 -26.85 -93.59 -17.17
N LYS A 137 -27.51 -93.04 -18.20
CA LYS A 137 -26.81 -92.29 -19.22
C LYS A 137 -26.37 -90.95 -18.62
N LEU A 138 -25.28 -90.40 -19.15
CA LEU A 138 -24.69 -89.20 -18.59
C LEU A 138 -24.36 -88.19 -19.69
N ALA A 139 -24.71 -86.93 -19.43
CA ALA A 139 -24.36 -85.85 -20.34
C ALA A 139 -23.65 -84.77 -19.55
N TYR A 140 -22.48 -84.38 -20.04
CA TYR A 140 -21.76 -83.29 -19.41
C TYR A 140 -21.27 -82.25 -20.40
N VAL A 141 -21.00 -81.07 -19.90
CA VAL A 141 -20.43 -80.01 -20.71
C VAL A 141 -19.02 -79.72 -20.18
N TRP A 142 -18.06 -79.71 -21.09
CA TRP A 142 -16.67 -79.43 -20.74
C TRP A 142 -16.09 -78.61 -21.88
N ASN A 143 -15.33 -77.56 -21.54
CA ASN A 143 -14.77 -76.63 -22.53
C ASN A 143 -15.80 -76.16 -23.56
N ASN A 144 -17.02 -75.94 -23.08
CA ASN A 144 -18.13 -75.42 -23.89
C ASN A 144 -18.69 -76.37 -24.94
N ASP A 145 -18.29 -77.65 -24.86
CA ASP A 145 -18.84 -78.71 -25.71
C ASP A 145 -19.57 -79.78 -24.92
N ILE A 146 -20.49 -80.47 -25.58
CA ILE A 146 -21.29 -81.53 -24.97
C ILE A 146 -20.75 -82.95 -25.24
N TYR A 147 -20.60 -83.73 -24.17
CA TYR A 147 -20.21 -85.14 -24.25
C TYR A 147 -21.28 -86.02 -23.61
N VAL A 148 -21.41 -87.23 -24.12
CA VAL A 148 -22.37 -88.22 -23.63
C VAL A 148 -21.71 -89.57 -23.27
N LYS A 149 -22.04 -90.08 -22.09
CA LYS A 149 -21.62 -91.42 -21.66
C LYS A 149 -22.83 -92.34 -21.50
N ILE A 150 -22.89 -93.38 -22.33
CA ILE A 150 -23.97 -94.36 -22.26
C ILE A 150 -23.75 -95.19 -21.01
N GLU A 151 -22.48 -95.53 -20.77
CA GLU A 151 -22.07 -96.26 -19.57
C GLU A 151 -20.97 -95.44 -18.87
N PRO A 152 -20.99 -95.38 -17.54
CA PRO A 152 -20.05 -94.55 -16.78
C PRO A 152 -18.58 -94.87 -17.03
N ASN A 153 -18.28 -96.14 -17.33
CA ASN A 153 -16.90 -96.54 -17.57
C ASN A 153 -16.47 -96.59 -19.04
N LEU A 154 -17.41 -96.31 -19.94
CA LEU A 154 -17.12 -96.30 -21.37
C LEU A 154 -16.73 -94.92 -21.86
N PRO A 155 -15.91 -94.85 -22.93
CA PRO A 155 -15.57 -93.57 -23.56
C PRO A 155 -16.82 -92.72 -23.81
N SER A 156 -16.65 -91.41 -23.79
CA SER A 156 -17.76 -90.51 -24.06
C SER A 156 -17.75 -90.10 -25.53
N TYR A 157 -18.94 -89.93 -26.10
CA TYR A 157 -19.06 -89.47 -27.47
C TYR A 157 -19.10 -87.94 -27.45
N ARG A 158 -18.32 -87.33 -28.34
CA ARG A 158 -18.33 -85.87 -28.45
C ARG A 158 -19.48 -85.45 -29.36
N ILE A 159 -20.39 -84.65 -28.80
CA ILE A 159 -21.57 -84.21 -29.53
C ILE A 159 -21.30 -82.96 -30.36
N THR A 160 -20.70 -81.95 -29.74
CA THR A 160 -20.43 -80.68 -30.41
C THR A 160 -18.94 -80.42 -30.44
N TRP A 161 -18.49 -79.79 -31.52
CA TRP A 161 -17.08 -79.50 -31.71
C TRP A 161 -16.84 -77.99 -31.89
N THR A 162 -17.84 -77.18 -31.56
CA THR A 162 -17.78 -75.74 -31.83
C THR A 162 -17.56 -74.90 -30.58
N GLY A 163 -17.48 -75.57 -29.43
CA GLY A 163 -17.25 -74.90 -28.15
C GLY A 163 -16.05 -73.99 -28.21
N LYS A 164 -16.23 -72.77 -27.70
CA LYS A 164 -15.15 -71.79 -27.67
C LYS A 164 -15.38 -70.85 -26.52
N GLU A 165 -14.41 -70.81 -25.60
CA GLU A 165 -14.50 -69.98 -24.41
C GLU A 165 -14.97 -68.56 -24.71
N ASP A 166 -15.96 -68.11 -23.96
CA ASP A 166 -16.51 -66.76 -24.07
C ASP A 166 -17.25 -66.46 -25.38
N ILE A 167 -17.39 -67.45 -26.25
CA ILE A 167 -17.90 -67.21 -27.59
C ILE A 167 -19.02 -68.18 -28.01
N ILE A 168 -18.75 -69.49 -27.97
CA ILE A 168 -19.77 -70.48 -28.31
C ILE A 168 -20.04 -71.39 -27.12
N TYR A 169 -21.31 -71.47 -26.73
CA TYR A 169 -21.73 -72.30 -25.59
C TYR A 169 -22.68 -73.38 -26.05
N ASN A 170 -22.26 -74.63 -25.92
CA ASN A 170 -23.11 -75.77 -26.25
C ASN A 170 -23.60 -76.43 -24.97
N GLY A 171 -24.92 -76.38 -24.76
CA GLY A 171 -25.53 -77.02 -23.61
C GLY A 171 -25.32 -76.29 -22.29
N ILE A 172 -24.67 -75.13 -22.34
CA ILE A 172 -24.56 -74.22 -21.21
C ILE A 172 -24.90 -72.79 -21.65
N THR A 173 -25.36 -71.98 -20.70
CA THR A 173 -25.79 -70.61 -20.97
C THR A 173 -24.64 -69.60 -20.84
N ASP A 174 -24.77 -68.49 -21.55
CA ASP A 174 -23.85 -67.36 -21.42
C ASP A 174 -24.36 -66.51 -20.28
N TRP A 175 -23.67 -65.42 -19.96
CA TRP A 175 -23.99 -64.64 -18.76
C TRP A 175 -25.47 -64.28 -18.68
N VAL A 176 -26.00 -63.73 -19.78
CA VAL A 176 -27.33 -63.15 -19.77
C VAL A 176 -28.42 -64.23 -19.81
N TYR A 177 -28.20 -65.31 -20.53
CA TYR A 177 -29.20 -66.37 -20.51
C TYR A 177 -29.21 -67.03 -19.15
N GLU A 178 -28.04 -67.12 -18.52
CA GLU A 178 -27.93 -67.71 -17.17
C GLU A 178 -28.73 -66.88 -16.16
N GLU A 179 -28.50 -65.57 -16.16
CA GLU A 179 -29.07 -64.72 -15.13
C GLU A 179 -30.53 -64.42 -15.37
N GLU A 180 -30.87 -64.14 -16.62
CA GLU A 180 -32.13 -63.53 -16.97
C GLU A 180 -33.17 -64.42 -17.63
N VAL A 181 -32.76 -65.58 -18.15
CA VAL A 181 -33.69 -66.42 -18.93
C VAL A 181 -33.94 -67.77 -18.28
N PHE A 182 -32.89 -68.52 -17.96
CA PHE A 182 -33.06 -69.88 -17.45
C PHE A 182 -32.76 -70.07 -15.96
N SER A 183 -32.25 -69.03 -15.30
CA SER A 183 -31.87 -69.15 -13.90
C SER A 183 -31.06 -70.44 -13.67
N ALA A 184 -30.20 -70.73 -14.65
CA ALA A 184 -29.41 -71.95 -14.65
C ALA A 184 -28.26 -71.84 -15.65
N TYR A 185 -27.22 -72.62 -15.39
CA TYR A 185 -26.06 -72.71 -16.26
C TYR A 185 -26.35 -73.69 -17.39
N SER A 186 -27.15 -74.71 -17.11
CA SER A 186 -27.41 -75.77 -18.08
C SER A 186 -28.37 -75.36 -19.16
N ALA A 187 -28.10 -75.84 -20.37
CA ALA A 187 -29.02 -75.71 -21.48
C ALA A 187 -29.07 -77.08 -22.15
N LEU A 188 -29.32 -78.09 -21.31
CA LEU A 188 -29.42 -79.48 -21.73
C LEU A 188 -30.75 -80.04 -21.28
N TRP A 189 -31.49 -80.64 -22.20
CA TRP A 189 -32.78 -81.22 -21.87
C TRP A 189 -32.94 -82.63 -22.42
N TRP A 190 -32.91 -83.59 -21.49
CA TRP A 190 -33.17 -84.98 -21.80
C TRP A 190 -34.65 -85.19 -22.04
N SER A 191 -34.99 -86.02 -23.02
CA SER A 191 -36.37 -86.47 -23.20
C SER A 191 -36.71 -87.39 -22.01
N PRO A 192 -38.00 -87.57 -21.70
CA PRO A 192 -38.37 -88.31 -20.50
C PRO A 192 -37.69 -89.68 -20.34
N ASN A 193 -37.56 -90.47 -21.40
CA ASN A 193 -36.90 -91.78 -21.27
C ASN A 193 -35.42 -91.80 -21.66
N GLY A 194 -34.83 -90.62 -21.79
CA GLY A 194 -33.39 -90.49 -22.02
C GLY A 194 -32.88 -90.73 -23.42
N THR A 195 -33.79 -90.98 -24.37
CA THR A 195 -33.42 -91.25 -25.77
C THR A 195 -32.79 -90.03 -26.47
N PHE A 196 -33.51 -88.91 -26.47
CA PHE A 196 -33.03 -87.72 -27.13
C PHE A 196 -32.34 -86.78 -26.15
N LEU A 197 -31.30 -86.10 -26.62
CA LEU A 197 -30.72 -84.99 -25.86
C LEU A 197 -30.90 -83.70 -26.63
N ALA A 198 -31.73 -82.81 -26.08
CA ALA A 198 -31.96 -81.49 -26.64
C ALA A 198 -31.00 -80.51 -25.98
N TYR A 199 -30.47 -79.59 -26.78
CA TYR A 199 -29.63 -78.54 -26.23
C TYR A 199 -29.72 -77.22 -26.99
N ALA A 200 -29.23 -76.18 -26.36
CA ALA A 200 -29.19 -74.86 -26.96
C ALA A 200 -27.74 -74.48 -27.24
N GLN A 201 -27.54 -73.70 -28.28
CA GLN A 201 -26.23 -73.20 -28.59
C GLN A 201 -26.27 -71.70 -28.58
N PHE A 202 -25.36 -71.09 -27.82
CA PHE A 202 -25.34 -69.64 -27.72
C PHE A 202 -24.09 -69.10 -28.36
N ASN A 203 -24.28 -68.07 -29.15
CA ASN A 203 -23.20 -67.40 -29.85
C ASN A 203 -23.05 -65.98 -29.33
N ASP A 204 -21.92 -65.70 -28.69
CA ASP A 204 -21.62 -64.38 -28.13
C ASP A 204 -20.61 -63.56 -28.92
N THR A 205 -20.35 -63.96 -30.17
CA THR A 205 -19.28 -63.36 -30.96
C THR A 205 -19.24 -61.84 -30.97
N GLU A 206 -20.39 -61.19 -31.19
CA GLU A 206 -20.38 -59.73 -31.31
C GLU A 206 -20.94 -59.01 -30.09
N VAL A 207 -21.17 -59.76 -29.02
CA VAL A 207 -21.65 -59.23 -27.76
C VAL A 207 -20.46 -58.57 -27.06
N PRO A 208 -20.60 -57.30 -26.65
CA PRO A 208 -19.48 -56.58 -26.04
C PRO A 208 -19.19 -57.13 -24.64
N LEU A 209 -17.97 -56.87 -24.20
CA LEU A 209 -17.48 -57.38 -22.94
C LEU A 209 -17.51 -56.28 -21.88
N ILE A 210 -18.05 -56.60 -20.70
CA ILE A 210 -17.86 -55.76 -19.53
C ILE A 210 -16.48 -56.11 -19.01
N GLU A 211 -15.73 -55.09 -18.64
CA GLU A 211 -14.38 -55.29 -18.10
C GLU A 211 -14.23 -54.59 -16.76
N TYR A 212 -13.63 -55.31 -15.81
CA TYR A 212 -13.36 -54.78 -14.48
C TYR A 212 -12.16 -55.46 -13.86
N SER A 213 -11.55 -54.81 -12.88
CA SER A 213 -10.36 -55.32 -12.22
C SER A 213 -10.74 -56.36 -11.18
N PHE A 214 -9.94 -57.41 -11.09
CA PHE A 214 -10.02 -58.36 -10.00
C PHE A 214 -8.67 -58.36 -9.27
N TYR A 215 -8.66 -57.90 -8.03
CA TYR A 215 -7.40 -57.68 -7.34
C TYR A 215 -6.78 -58.95 -6.80
N SER A 216 -7.64 -59.91 -6.43
CA SER A 216 -7.24 -61.21 -5.90
C SER A 216 -6.46 -61.07 -4.61
N ASP A 217 -5.80 -62.17 -4.21
CA ASP A 217 -4.98 -62.19 -3.00
C ASP A 217 -3.86 -61.16 -3.06
N GLU A 218 -3.47 -60.69 -1.87
CA GLU A 218 -2.41 -59.72 -1.67
C GLU A 218 -1.15 -60.00 -2.52
N SER A 219 -0.85 -61.27 -2.74
CA SER A 219 0.35 -61.69 -3.47
C SER A 219 0.30 -61.49 -5.00
N LEU A 220 -0.88 -61.16 -5.53
CA LEU A 220 -1.03 -60.87 -6.96
C LEU A 220 -0.49 -59.46 -7.21
N GLN A 221 0.63 -59.36 -7.92
CA GLN A 221 1.29 -58.08 -8.14
C GLN A 221 0.49 -57.12 -9.03
N TYR A 222 0.00 -57.63 -10.16
CA TYR A 222 -0.80 -56.86 -11.11
C TYR A 222 -2.23 -57.36 -11.12
N PRO A 223 -3.20 -56.45 -10.91
CA PRO A 223 -4.61 -56.81 -11.00
C PRO A 223 -4.94 -57.50 -12.33
N LYS A 224 -5.90 -58.42 -12.28
CA LYS A 224 -6.36 -59.17 -13.43
C LYS A 224 -7.59 -58.45 -13.98
N THR A 225 -7.68 -58.30 -15.29
CA THR A 225 -8.88 -57.75 -15.88
C THR A 225 -9.83 -58.90 -16.23
N VAL A 226 -11.03 -58.86 -15.65
CA VAL A 226 -12.07 -59.80 -16.01
C VAL A 226 -12.85 -59.22 -17.19
N ARG A 227 -13.14 -60.07 -18.18
CA ARG A 227 -13.84 -59.68 -19.40
C ARG A 227 -14.98 -60.65 -19.62
N VAL A 228 -16.21 -60.16 -19.59
CA VAL A 228 -17.38 -61.04 -19.66
C VAL A 228 -18.34 -60.57 -20.73
N PRO A 229 -18.70 -61.46 -21.69
CA PRO A 229 -19.62 -61.02 -22.73
C PRO A 229 -20.95 -60.73 -22.07
N TYR A 230 -21.35 -59.48 -22.12
CA TYR A 230 -22.50 -58.99 -21.36
C TYR A 230 -23.16 -57.93 -22.22
N PRO A 231 -24.39 -58.20 -22.69
CA PRO A 231 -25.10 -57.20 -23.47
C PRO A 231 -25.86 -56.21 -22.57
N LYS A 232 -25.43 -54.95 -22.57
CA LYS A 232 -26.17 -53.92 -21.86
C LYS A 232 -27.33 -53.48 -22.76
N ALA A 233 -28.24 -52.69 -22.21
CA ALA A 233 -29.47 -52.32 -22.90
C ALA A 233 -29.19 -51.79 -24.29
N GLY A 234 -29.89 -52.35 -25.28
CA GLY A 234 -29.72 -51.96 -26.67
C GLY A 234 -28.46 -52.42 -27.39
N ALA A 235 -27.63 -53.23 -26.73
CA ALA A 235 -26.41 -53.76 -27.39
C ALA A 235 -26.69 -55.03 -28.20
N VAL A 236 -25.69 -55.50 -28.94
CA VAL A 236 -25.81 -56.73 -29.71
C VAL A 236 -26.00 -57.90 -28.72
N ASN A 237 -27.11 -58.63 -28.86
CA ASN A 237 -27.40 -59.79 -28.03
C ASN A 237 -26.75 -61.08 -28.54
N PRO A 238 -26.60 -62.08 -27.66
CA PRO A 238 -26.30 -63.43 -28.12
C PRO A 238 -27.37 -63.94 -29.08
N THR A 239 -26.98 -64.83 -29.98
CA THR A 239 -27.90 -65.54 -30.83
C THR A 239 -27.98 -66.98 -30.33
N VAL A 240 -29.07 -67.65 -30.66
CA VAL A 240 -29.35 -68.96 -30.09
C VAL A 240 -29.76 -69.92 -31.20
N LYS A 241 -29.31 -71.16 -31.09
CA LYS A 241 -29.72 -72.24 -31.99
C LYS A 241 -30.11 -73.41 -31.11
N PHE A 242 -31.02 -74.24 -31.62
CA PHE A 242 -31.55 -75.36 -30.83
C PHE A 242 -31.39 -76.68 -31.57
N PHE A 243 -30.84 -77.67 -30.87
CA PHE A 243 -30.57 -78.98 -31.46
C PHE A 243 -31.11 -80.10 -30.59
N VAL A 244 -31.33 -81.24 -31.24
CA VAL A 244 -31.74 -82.47 -30.57
C VAL A 244 -30.91 -83.60 -31.19
N VAL A 245 -30.22 -84.34 -30.33
CA VAL A 245 -29.41 -85.46 -30.78
C VAL A 245 -29.97 -86.75 -30.22
N ASN A 246 -29.96 -87.78 -31.06
CA ASN A 246 -30.42 -89.10 -30.68
C ASN A 246 -29.28 -89.87 -29.99
N THR A 247 -29.40 -90.04 -28.68
CA THR A 247 -28.32 -90.66 -27.89
C THR A 247 -28.31 -92.20 -27.95
N ASP A 248 -29.34 -92.77 -28.57
CA ASP A 248 -29.42 -94.22 -28.73
C ASP A 248 -28.74 -94.71 -30.00
N SER A 249 -28.63 -93.85 -31.01
CA SER A 249 -28.02 -94.21 -32.29
C SER A 249 -26.63 -93.58 -32.48
N LEU A 250 -25.96 -93.28 -31.37
CA LEU A 250 -24.61 -92.74 -31.39
C LEU A 250 -23.57 -93.74 -31.90
N SER A 251 -22.76 -93.28 -32.84
CA SER A 251 -21.65 -94.05 -33.39
C SER A 251 -20.33 -93.63 -32.77
N SER A 252 -19.49 -94.62 -32.48
CA SER A 252 -18.13 -94.36 -32.01
C SER A 252 -17.17 -94.24 -33.19
N VAL A 253 -17.74 -94.32 -34.39
CA VAL A 253 -16.97 -94.21 -35.64
C VAL A 253 -17.17 -92.83 -36.27
N THR A 254 -18.42 -92.42 -36.45
CA THR A 254 -18.70 -91.10 -37.03
C THR A 254 -19.16 -90.08 -35.97
N ASN A 255 -18.94 -88.80 -36.26
CA ASN A 255 -19.42 -87.71 -35.42
C ASN A 255 -20.93 -87.78 -35.30
N ALA A 256 -21.45 -87.59 -34.09
CA ALA A 256 -22.89 -87.55 -33.84
C ALA A 256 -23.59 -86.51 -34.72
N THR A 257 -24.80 -86.81 -35.16
CA THR A 257 -25.57 -85.89 -35.99
C THR A 257 -26.67 -85.17 -35.21
N SER A 258 -26.55 -83.84 -35.10
CA SER A 258 -27.52 -83.03 -34.38
C SER A 258 -28.55 -82.43 -35.31
N ILE A 259 -29.81 -82.62 -34.97
CA ILE A 259 -30.91 -82.10 -35.75
C ILE A 259 -31.28 -80.74 -35.18
N GLN A 260 -31.19 -79.73 -36.03
CA GLN A 260 -31.56 -78.38 -35.61
C GLN A 260 -33.07 -78.20 -35.69
N ILE A 261 -33.61 -77.47 -34.72
CA ILE A 261 -34.99 -76.98 -34.77
C ILE A 261 -34.92 -75.45 -34.81
N THR A 262 -35.19 -74.87 -35.98
CA THR A 262 -35.16 -73.42 -36.18
C THR A 262 -36.33 -72.72 -35.48
N ALA A 263 -36.06 -71.51 -34.97
CA ALA A 263 -37.10 -70.70 -34.37
C ALA A 263 -38.17 -70.43 -35.44
N PRO A 264 -39.44 -70.26 -35.03
CA PRO A 264 -40.49 -70.04 -36.04
C PRO A 264 -40.30 -68.72 -36.82
N ALA A 265 -40.90 -68.65 -38.00
CA ALA A 265 -40.77 -67.50 -38.90
C ALA A 265 -41.06 -66.14 -38.24
N SER A 266 -41.98 -66.14 -37.27
CA SER A 266 -42.37 -64.94 -36.51
C SER A 266 -41.27 -64.42 -35.59
N MET A 267 -40.31 -65.28 -35.31
CA MET A 267 -39.20 -64.94 -34.43
C MET A 267 -37.94 -64.61 -35.22
N LEU A 268 -37.79 -65.23 -36.39
CA LEU A 268 -36.59 -65.08 -37.20
C LEU A 268 -36.48 -63.69 -37.81
N ILE A 269 -37.62 -63.01 -37.91
CA ILE A 269 -37.70 -61.67 -38.48
C ILE A 269 -36.84 -60.61 -37.74
N GLY A 270 -36.39 -60.93 -36.53
CA GLY A 270 -35.53 -60.05 -35.75
C GLY A 270 -34.84 -60.74 -34.59
N ASP A 271 -34.21 -59.95 -33.72
CA ASP A 271 -33.61 -60.47 -32.49
C ASP A 271 -34.67 -61.16 -31.64
N HIS A 272 -34.30 -62.28 -31.04
CA HIS A 272 -35.22 -63.10 -30.27
C HIS A 272 -34.47 -63.92 -29.24
N TYR A 273 -35.23 -64.64 -28.41
CA TYR A 273 -34.66 -65.50 -27.40
C TYR A 273 -35.37 -66.83 -27.39
N LEU A 274 -34.67 -67.84 -26.89
CA LEU A 274 -35.30 -69.09 -26.57
C LEU A 274 -35.58 -68.95 -25.08
N CYS A 275 -36.83 -69.08 -24.66
CA CYS A 275 -37.14 -68.79 -23.25
C CYS A 275 -37.70 -69.96 -22.47
N ASP A 276 -38.07 -71.04 -23.17
CA ASP A 276 -38.55 -72.26 -22.51
C ASP A 276 -38.31 -73.50 -23.35
N VAL A 277 -37.89 -74.57 -22.68
CA VAL A 277 -37.78 -75.90 -23.28
C VAL A 277 -38.50 -76.88 -22.36
N THR A 278 -39.46 -77.61 -22.91
CA THR A 278 -40.26 -78.57 -22.15
C THR A 278 -40.69 -79.72 -23.04
N TRP A 279 -40.24 -80.92 -22.71
CA TRP A 279 -40.67 -82.12 -23.40
C TRP A 279 -42.12 -82.46 -23.07
N ALA A 280 -42.87 -82.89 -24.08
CA ALA A 280 -44.25 -83.26 -23.89
C ALA A 280 -44.31 -84.77 -23.69
N THR A 281 -43.65 -85.49 -24.61
CA THR A 281 -43.62 -86.94 -24.60
C THR A 281 -42.23 -87.40 -25.00
N GLN A 282 -42.12 -88.69 -25.37
CA GLN A 282 -40.88 -89.29 -25.81
C GLN A 282 -40.42 -88.75 -27.16
N GLU A 283 -41.37 -88.26 -27.96
CA GLU A 283 -41.10 -87.83 -29.32
C GLU A 283 -41.72 -86.47 -29.64
N ARG A 284 -41.96 -85.68 -28.60
CA ARG A 284 -42.54 -84.36 -28.76
C ARG A 284 -41.98 -83.40 -27.72
N ILE A 285 -41.43 -82.29 -28.22
CA ILE A 285 -40.81 -81.26 -27.41
C ILE A 285 -41.48 -79.90 -27.68
N SER A 286 -41.65 -79.09 -26.65
CA SER A 286 -42.19 -77.75 -26.84
C SER A 286 -41.09 -76.74 -26.56
N LEU A 287 -40.98 -75.75 -27.45
CA LEU A 287 -40.04 -74.66 -27.26
C LEU A 287 -40.79 -73.34 -27.24
N GLN A 288 -40.40 -72.45 -26.34
CA GLN A 288 -40.95 -71.11 -26.36
C GLN A 288 -39.89 -70.12 -26.76
N TRP A 289 -40.28 -69.22 -27.65
CA TRP A 289 -39.41 -68.19 -28.15
C TRP A 289 -40.01 -66.84 -27.85
N LEU A 290 -39.15 -65.86 -27.61
CA LEU A 290 -39.58 -64.51 -27.24
C LEU A 290 -38.88 -63.50 -28.14
N ARG A 291 -39.64 -62.58 -28.73
CA ARG A 291 -39.03 -61.48 -29.49
C ARG A 291 -38.19 -60.61 -28.54
N ARG A 292 -37.19 -59.92 -29.09
CA ARG A 292 -36.37 -59.00 -28.29
C ARG A 292 -37.26 -57.94 -27.61
N ILE A 293 -38.30 -57.51 -28.33
CA ILE A 293 -39.35 -56.71 -27.73
C ILE A 293 -40.26 -57.74 -27.08
N GLN A 294 -40.19 -57.82 -25.77
CA GLN A 294 -40.70 -58.97 -25.06
C GLN A 294 -42.20 -58.97 -24.76
N ASN A 295 -42.98 -58.52 -25.73
CA ASN A 295 -44.43 -58.57 -25.58
C ASN A 295 -45.08 -59.61 -26.51
N TYR A 296 -44.24 -60.41 -27.18
CA TYR A 296 -44.67 -61.42 -28.14
C TYR A 296 -43.82 -62.70 -28.03
N SER A 297 -44.48 -63.81 -27.70
CA SER A 297 -43.80 -65.09 -27.65
C SER A 297 -44.59 -66.16 -28.38
N VAL A 298 -43.87 -67.18 -28.84
CA VAL A 298 -44.50 -68.25 -29.57
C VAL A 298 -44.02 -69.59 -29.01
N MET A 299 -44.96 -70.52 -28.88
CA MET A 299 -44.64 -71.89 -28.54
C MET A 299 -44.80 -72.80 -29.77
N ASP A 300 -43.70 -73.45 -30.14
CA ASP A 300 -43.73 -74.49 -31.17
C ASP A 300 -43.85 -75.85 -30.51
N ILE A 301 -44.65 -76.73 -31.11
CA ILE A 301 -44.71 -78.13 -30.68
C ILE A 301 -44.12 -79.00 -31.78
N CYS A 302 -42.98 -79.60 -31.48
CA CYS A 302 -42.19 -80.32 -32.48
C CYS A 302 -42.19 -81.82 -32.24
N ASP A 303 -42.56 -82.57 -33.28
CA ASP A 303 -42.62 -84.03 -33.22
C ASP A 303 -41.49 -84.68 -34.02
N TYR A 304 -40.95 -85.77 -33.47
CA TYR A 304 -39.94 -86.56 -34.16
C TYR A 304 -40.57 -87.32 -35.33
N ASP A 305 -39.93 -87.27 -36.49
CA ASP A 305 -40.43 -87.91 -37.72
C ASP A 305 -39.64 -89.19 -38.05
N GLU A 306 -40.35 -90.19 -38.56
CA GLU A 306 -39.79 -91.52 -38.82
C GLU A 306 -38.78 -91.69 -39.96
N SER A 307 -39.27 -91.72 -41.20
CA SER A 307 -38.40 -91.97 -42.35
C SER A 307 -37.63 -90.73 -42.82
N SER A 308 -37.49 -89.76 -41.93
CA SER A 308 -36.69 -88.56 -42.22
C SER A 308 -35.67 -88.29 -41.12
N GLY A 309 -35.98 -88.70 -39.89
CA GLY A 309 -35.10 -88.47 -38.75
C GLY A 309 -35.03 -87.03 -38.25
N ARG A 310 -35.92 -86.20 -38.78
CA ARG A 310 -35.96 -84.77 -38.43
C ARG A 310 -37.06 -84.45 -37.42
N TRP A 311 -37.14 -83.18 -37.03
CA TRP A 311 -38.17 -82.71 -36.10
C TRP A 311 -39.03 -81.67 -36.80
N ASN A 312 -40.34 -81.89 -36.76
CA ASN A 312 -41.26 -80.99 -37.43
C ASN A 312 -42.18 -80.33 -36.44
N CYS A 313 -42.24 -79.00 -36.51
CA CYS A 313 -43.12 -78.20 -35.69
C CYS A 313 -44.17 -77.56 -36.59
N LEU A 314 -45.33 -78.21 -36.69
CA LEU A 314 -46.44 -77.71 -37.52
C LEU A 314 -46.81 -76.27 -37.20
N VAL A 315 -46.83 -75.44 -38.24
CA VAL A 315 -47.26 -74.04 -38.12
C VAL A 315 -48.60 -73.94 -37.40
N ALA A 316 -49.45 -74.93 -37.64
CA ALA A 316 -50.78 -75.01 -37.03
C ALA A 316 -50.76 -75.32 -35.53
N ARG A 317 -49.63 -75.81 -35.03
CA ARG A 317 -49.47 -76.15 -33.61
C ARG A 317 -48.82 -75.02 -32.79
N GLN A 318 -48.61 -73.87 -33.42
CA GLN A 318 -48.06 -72.70 -32.78
C GLN A 318 -49.06 -72.05 -31.84
N HIS A 319 -48.61 -71.72 -30.64
CA HIS A 319 -49.42 -71.03 -29.67
C HIS A 319 -48.78 -69.71 -29.34
N ILE A 320 -49.53 -68.63 -29.54
CA ILE A 320 -49.03 -67.27 -29.35
C ILE A 320 -49.44 -66.75 -27.99
N GLU A 321 -48.47 -66.22 -27.25
CA GLU A 321 -48.73 -65.54 -25.99
C GLU A 321 -48.13 -64.13 -26.06
N MET A 322 -49.01 -63.14 -26.08
CA MET A 322 -48.62 -61.75 -26.20
C MET A 322 -49.27 -60.89 -25.14
N SER A 323 -48.78 -59.65 -25.02
CA SER A 323 -49.31 -58.69 -24.06
C SER A 323 -49.46 -57.31 -24.68
N THR A 324 -50.63 -56.70 -24.46
CA THR A 324 -50.92 -55.39 -25.00
C THR A 324 -50.49 -54.32 -24.04
N THR A 325 -50.36 -54.66 -22.76
CA THR A 325 -50.13 -53.68 -21.70
C THR A 325 -48.75 -53.75 -21.07
N GLY A 326 -47.96 -54.75 -21.46
CA GLY A 326 -46.66 -54.95 -20.87
C GLY A 326 -45.85 -56.04 -21.55
N TRP A 327 -45.02 -56.72 -20.77
CA TRP A 327 -44.22 -57.84 -21.25
C TRP A 327 -45.02 -59.12 -21.11
N VAL A 328 -44.46 -60.24 -21.56
CA VAL A 328 -45.15 -61.53 -21.42
C VAL A 328 -44.56 -62.34 -20.28
N GLY A 329 -45.43 -62.80 -19.39
CA GLY A 329 -45.05 -63.63 -18.26
C GLY A 329 -44.65 -62.77 -17.08
N ARG A 330 -44.37 -63.42 -15.94
CA ARG A 330 -43.94 -62.67 -14.77
C ARG A 330 -42.53 -62.15 -14.99
N PHE A 331 -41.63 -63.06 -15.36
CA PHE A 331 -40.28 -62.70 -15.76
C PHE A 331 -40.00 -63.26 -17.14
N ARG A 332 -40.75 -64.31 -17.49
CA ARG A 332 -40.65 -64.95 -18.81
C ARG A 332 -41.99 -65.65 -19.03
N PRO A 333 -42.32 -65.99 -20.28
CA PRO A 333 -43.55 -66.78 -20.46
C PRO A 333 -43.51 -68.06 -19.60
N SER A 334 -44.65 -68.43 -19.02
CA SER A 334 -44.74 -69.56 -18.12
C SER A 334 -44.51 -70.89 -18.85
N GLU A 335 -44.10 -71.91 -18.10
CA GLU A 335 -43.84 -73.22 -18.70
C GLU A 335 -45.11 -74.07 -18.82
N PRO A 336 -45.22 -74.87 -19.90
CA PRO A 336 -46.41 -75.71 -20.07
C PRO A 336 -46.29 -77.04 -19.31
N HIS A 337 -47.44 -77.57 -18.89
CA HIS A 337 -47.52 -78.87 -18.22
C HIS A 337 -48.41 -79.77 -19.03
N PHE A 338 -47.79 -80.67 -19.78
CA PHE A 338 -48.51 -81.58 -20.67
C PHE A 338 -49.17 -82.75 -19.96
N THR A 339 -50.38 -83.09 -20.40
CA THR A 339 -51.03 -84.34 -19.97
C THR A 339 -50.18 -85.48 -20.52
N LEU A 340 -50.28 -86.67 -19.92
CA LEU A 340 -49.42 -87.80 -20.30
C LEU A 340 -49.32 -88.08 -21.81
N ASP A 341 -50.44 -88.04 -22.51
CA ASP A 341 -50.45 -88.27 -23.97
C ASP A 341 -49.88 -87.08 -24.79
N GLY A 342 -49.66 -85.96 -24.10
CA GLY A 342 -49.04 -84.79 -24.72
C GLY A 342 -49.86 -84.10 -25.78
N ASN A 343 -51.15 -84.38 -25.81
CA ASN A 343 -52.05 -83.71 -26.74
C ASN A 343 -52.69 -82.47 -26.11
N SER A 344 -52.44 -82.28 -24.82
CA SER A 344 -52.97 -81.16 -24.08
C SER A 344 -51.93 -80.68 -23.09
N PHE A 345 -52.08 -79.41 -22.68
CA PHE A 345 -51.26 -78.86 -21.63
C PHE A 345 -51.97 -77.75 -20.88
N TYR A 346 -51.47 -77.51 -19.67
CA TYR A 346 -51.93 -76.43 -18.84
C TYR A 346 -50.79 -75.44 -18.68
N LYS A 347 -51.11 -74.15 -18.75
CA LYS A 347 -50.13 -73.12 -18.38
C LYS A 347 -50.76 -71.85 -17.82
N ILE A 348 -50.00 -71.16 -16.98
CA ILE A 348 -50.45 -69.91 -16.40
C ILE A 348 -50.30 -68.78 -17.42
N ILE A 349 -51.41 -68.12 -17.70
CA ILE A 349 -51.44 -66.91 -18.52
C ILE A 349 -52.38 -65.92 -17.86
N SER A 350 -52.21 -64.65 -18.19
CA SER A 350 -53.10 -63.65 -17.62
C SER A 350 -54.41 -63.63 -18.40
N ASN A 351 -55.52 -63.59 -17.69
CA ASN A 351 -56.83 -63.61 -18.32
C ASN A 351 -57.24 -62.24 -18.86
N GLU A 352 -58.49 -62.14 -19.29
CA GLU A 352 -59.01 -60.91 -19.89
C GLU A 352 -59.05 -59.74 -18.89
N GLU A 353 -59.05 -60.04 -17.60
CA GLU A 353 -59.00 -58.99 -16.57
C GLU A 353 -57.60 -58.77 -16.02
N GLY A 354 -56.61 -59.46 -16.58
CA GLY A 354 -55.20 -59.29 -16.21
C GLY A 354 -54.66 -60.13 -15.06
N TYR A 355 -55.45 -61.09 -14.59
CA TYR A 355 -55.02 -61.96 -13.49
C TYR A 355 -54.49 -63.27 -14.04
N ARG A 356 -53.38 -63.74 -13.48
CA ARG A 356 -52.72 -64.94 -13.98
C ARG A 356 -53.38 -66.23 -13.50
N HIS A 357 -53.94 -66.96 -14.46
CA HIS A 357 -54.69 -68.15 -14.13
C HIS A 357 -54.31 -69.31 -15.03
N ILE A 358 -54.76 -70.51 -14.69
CA ILE A 358 -54.37 -71.70 -15.44
C ILE A 358 -55.32 -71.85 -16.64
N CYS A 359 -54.73 -71.97 -17.83
CA CYS A 359 -55.50 -72.17 -19.04
C CYS A 359 -55.19 -73.54 -19.60
N TYR A 360 -56.24 -74.18 -20.13
CA TYR A 360 -56.14 -75.53 -20.66
C TYR A 360 -56.14 -75.49 -22.18
N PHE A 361 -55.05 -75.95 -22.77
CA PHE A 361 -54.85 -75.90 -24.21
C PHE A 361 -54.94 -77.26 -24.84
N GLN A 362 -55.47 -77.30 -26.06
CA GLN A 362 -55.35 -78.46 -26.94
C GLN A 362 -54.20 -78.17 -27.88
N ILE A 363 -53.32 -79.15 -28.03
CA ILE A 363 -52.19 -79.07 -28.95
C ILE A 363 -52.54 -78.40 -30.29
N ASP A 364 -53.75 -78.67 -30.78
CA ASP A 364 -54.19 -78.21 -32.10
C ASP A 364 -55.08 -76.96 -32.11
N LYS A 365 -55.69 -76.61 -30.97
CA LYS A 365 -56.65 -75.48 -30.92
C LYS A 365 -56.05 -74.18 -30.36
N LYS A 366 -56.48 -73.05 -30.93
CA LYS A 366 -55.94 -71.73 -30.57
C LYS A 366 -56.44 -71.25 -29.20
N ASP A 367 -57.74 -71.38 -28.99
CA ASP A 367 -58.35 -70.96 -27.73
C ASP A 367 -58.10 -72.01 -26.64
N CYS A 368 -57.79 -71.52 -25.45
CA CYS A 368 -57.73 -72.38 -24.29
C CYS A 368 -58.90 -71.99 -23.41
N THR A 369 -59.30 -72.90 -22.53
CA THR A 369 -60.34 -72.57 -21.55
C THR A 369 -59.67 -72.40 -20.18
N PHE A 370 -60.03 -71.31 -19.50
CA PHE A 370 -59.51 -71.06 -18.17
C PHE A 370 -60.18 -71.98 -17.17
N ILE A 371 -59.39 -72.60 -16.30
CA ILE A 371 -59.89 -73.53 -15.31
C ILE A 371 -59.87 -72.92 -13.90
N THR A 372 -59.13 -71.82 -13.76
CA THR A 372 -59.16 -70.98 -12.55
C THR A 372 -59.55 -69.56 -12.94
N LYS A 373 -60.22 -68.89 -12.01
CA LYS A 373 -60.74 -67.52 -12.17
C LYS A 373 -60.67 -66.77 -10.87
N GLY A 374 -60.64 -65.44 -10.95
CA GLY A 374 -60.78 -64.61 -9.75
C GLY A 374 -59.80 -63.47 -9.66
N THR A 375 -59.91 -62.71 -8.57
CA THR A 375 -59.04 -61.56 -8.35
C THR A 375 -57.92 -61.99 -7.40
N TRP A 376 -57.15 -62.98 -7.87
CA TRP A 376 -55.99 -63.53 -7.19
C TRP A 376 -55.21 -64.27 -8.27
N GLU A 377 -54.03 -64.78 -7.94
CA GLU A 377 -53.21 -65.42 -8.97
C GLU A 377 -52.70 -66.81 -8.64
N VAL A 378 -52.65 -67.66 -9.65
CA VAL A 378 -51.94 -68.91 -9.55
C VAL A 378 -50.44 -68.60 -9.67
N ILE A 379 -49.68 -69.10 -8.70
CA ILE A 379 -48.24 -68.90 -8.64
C ILE A 379 -47.53 -69.93 -9.50
N GLY A 380 -48.01 -71.18 -9.41
CA GLY A 380 -47.36 -72.28 -10.11
C GLY A 380 -48.18 -73.54 -10.18
N ILE A 381 -48.04 -74.26 -11.28
CA ILE A 381 -48.59 -75.58 -11.43
C ILE A 381 -47.52 -76.49 -10.83
N GLU A 382 -47.92 -77.35 -9.90
CA GLU A 382 -46.95 -78.13 -9.13
C GLU A 382 -46.85 -79.59 -9.54
N ALA A 383 -48.00 -80.19 -9.88
CA ALA A 383 -48.03 -81.56 -10.35
C ALA A 383 -49.29 -81.81 -11.15
N LEU A 384 -49.20 -82.73 -12.10
CA LEU A 384 -50.34 -83.10 -12.90
C LEU A 384 -50.51 -84.61 -12.90
N THR A 385 -51.72 -85.05 -12.56
CA THR A 385 -52.07 -86.47 -12.60
C THR A 385 -53.26 -86.69 -13.55
N SER A 386 -53.73 -87.92 -13.60
CA SER A 386 -54.85 -88.29 -14.42
C SER A 386 -56.14 -87.58 -13.99
N ASP A 387 -56.32 -87.41 -12.68
CA ASP A 387 -57.57 -86.87 -12.15
C ASP A 387 -57.44 -85.46 -11.53
N TYR A 388 -56.22 -85.04 -11.22
CA TYR A 388 -56.02 -83.75 -10.53
C TYR A 388 -54.82 -82.94 -11.03
N LEU A 389 -55.04 -81.63 -11.11
CA LEU A 389 -53.99 -80.65 -11.32
C LEU A 389 -53.77 -80.04 -9.94
N TYR A 390 -52.52 -79.96 -9.51
CA TYR A 390 -52.17 -79.31 -8.26
C TYR A 390 -51.49 -77.97 -8.54
N TYR A 391 -51.91 -76.94 -7.81
CA TYR A 391 -51.29 -75.62 -7.96
C TYR A 391 -51.16 -74.88 -6.64
N ILE A 392 -50.30 -73.87 -6.63
CA ILE A 392 -50.13 -72.99 -5.50
C ILE A 392 -50.68 -71.63 -5.90
N SER A 393 -51.39 -70.96 -5.00
CA SER A 393 -51.93 -69.65 -5.30
C SER A 393 -52.06 -68.80 -4.06
N ASN A 394 -52.28 -67.51 -4.25
CA ASN A 394 -52.52 -66.58 -3.15
C ASN A 394 -54.00 -66.25 -3.01
N GLU A 395 -54.86 -67.26 -3.11
CA GLU A 395 -56.32 -67.05 -3.02
C GLU A 395 -56.83 -66.91 -1.60
N TYR A 396 -56.23 -67.65 -0.68
CA TYR A 396 -56.73 -67.69 0.70
C TYR A 396 -56.81 -66.31 1.32
N LYS A 397 -58.05 -65.92 1.63
CA LYS A 397 -58.37 -64.66 2.30
C LYS A 397 -57.93 -63.41 1.54
N GLY A 398 -57.88 -63.51 0.21
CA GLY A 398 -57.54 -62.37 -0.64
C GLY A 398 -56.18 -61.75 -0.35
N MET A 399 -55.28 -62.55 0.20
CA MET A 399 -53.96 -62.11 0.61
C MET A 399 -52.88 -62.49 -0.41
N PRO A 400 -52.38 -61.50 -1.17
CA PRO A 400 -51.40 -61.74 -2.23
C PRO A 400 -50.09 -62.30 -1.74
N GLY A 401 -49.83 -62.15 -0.44
CA GLY A 401 -48.56 -62.53 0.17
C GLY A 401 -48.65 -63.82 0.96
N GLY A 402 -49.74 -64.58 0.74
CA GLY A 402 -49.88 -65.91 1.30
C GLY A 402 -49.73 -66.92 0.17
N ARG A 403 -49.44 -68.17 0.52
CA ARG A 403 -49.28 -69.21 -0.50
C ARG A 403 -49.88 -70.51 -0.02
N ASN A 404 -50.84 -71.04 -0.79
CA ASN A 404 -51.48 -72.30 -0.45
C ASN A 404 -51.56 -73.27 -1.61
N LEU A 405 -51.49 -74.56 -1.28
CA LEU A 405 -51.61 -75.63 -2.26
C LEU A 405 -53.07 -76.03 -2.45
N TYR A 406 -53.51 -76.01 -3.70
CA TYR A 406 -54.86 -76.40 -4.08
C TYR A 406 -54.85 -77.57 -5.05
N LYS A 407 -55.93 -78.33 -5.00
CA LYS A 407 -56.16 -79.48 -5.83
C LYS A 407 -57.39 -79.14 -6.68
N ILE A 408 -57.30 -79.35 -7.99
CA ILE A 408 -58.43 -79.08 -8.88
C ILE A 408 -58.78 -80.34 -9.67
N GLN A 409 -60.01 -80.81 -9.46
CA GLN A 409 -60.53 -82.01 -10.11
C GLN A 409 -60.75 -81.76 -11.60
N LEU A 410 -60.04 -82.52 -12.42
CA LEU A 410 -60.03 -82.33 -13.88
C LEU A 410 -61.37 -82.55 -14.57
N SER A 411 -62.22 -83.35 -13.95
CA SER A 411 -63.53 -83.65 -14.51
C SER A 411 -64.59 -82.62 -14.10
N ASP A 412 -64.26 -81.79 -13.11
CA ASP A 412 -65.13 -80.71 -12.64
C ASP A 412 -64.29 -79.60 -12.00
N TYR A 413 -64.09 -78.52 -12.77
CA TYR A 413 -63.24 -77.41 -12.36
C TYR A 413 -63.73 -76.67 -11.12
N THR A 414 -65.03 -76.77 -10.84
CA THR A 414 -65.61 -76.12 -9.65
C THR A 414 -65.16 -76.82 -8.37
N LYS A 415 -64.90 -78.12 -8.43
CA LYS A 415 -64.45 -78.90 -7.28
C LYS A 415 -62.98 -78.62 -7.01
N VAL A 416 -62.75 -77.58 -6.22
CA VAL A 416 -61.40 -77.12 -5.85
C VAL A 416 -61.19 -77.26 -4.35
N THR A 417 -60.13 -77.96 -3.97
CA THR A 417 -59.85 -78.24 -2.57
C THR A 417 -58.55 -77.57 -2.15
N CYS A 418 -58.60 -76.81 -1.06
CA CYS A 418 -57.37 -76.27 -0.50
C CYS A 418 -56.77 -77.33 0.40
N LEU A 419 -55.57 -77.79 0.04
CA LEU A 419 -54.91 -78.86 0.77
C LEU A 419 -54.10 -78.37 1.96
N SER A 420 -53.84 -77.07 2.01
CA SER A 420 -52.95 -76.51 3.01
C SER A 420 -53.57 -75.39 3.84
N CYS A 421 -54.61 -74.75 3.29
CA CYS A 421 -55.25 -73.58 3.93
C CYS A 421 -55.50 -73.72 5.43
N GLU A 422 -56.02 -74.88 5.83
CA GLU A 422 -56.56 -75.04 7.17
C GLU A 422 -55.73 -75.90 8.11
N LEU A 423 -54.63 -76.46 7.61
CA LEU A 423 -53.76 -77.32 8.41
C LEU A 423 -53.29 -76.67 9.71
N ASN A 424 -52.87 -75.42 9.61
CA ASN A 424 -52.52 -74.60 10.77
C ASN A 424 -52.58 -73.14 10.34
N PRO A 425 -53.80 -72.57 10.31
CA PRO A 425 -54.05 -71.19 9.84
C PRO A 425 -53.34 -70.12 10.66
N GLU A 426 -53.10 -70.39 11.95
CA GLU A 426 -52.36 -69.47 12.80
C GLU A 426 -50.92 -69.34 12.32
N ARG A 427 -50.19 -70.46 12.28
CA ARG A 427 -48.74 -70.39 12.04
C ARG A 427 -48.29 -70.55 10.57
N CYS A 428 -49.19 -71.02 9.72
CA CYS A 428 -48.86 -71.36 8.35
C CYS A 428 -49.78 -70.75 7.30
N GLN A 429 -49.25 -69.82 6.51
CA GLN A 429 -50.00 -69.10 5.48
C GLN A 429 -49.16 -68.94 4.22
N TYR A 430 -48.06 -69.68 4.13
CA TYR A 430 -47.17 -69.58 3.00
C TYR A 430 -46.55 -70.95 2.78
N TYR A 431 -47.03 -71.66 1.77
CA TYR A 431 -46.58 -73.02 1.54
C TYR A 431 -45.90 -73.20 0.20
N SER A 432 -44.94 -74.10 0.17
CA SER A 432 -44.44 -74.65 -1.07
C SER A 432 -44.55 -76.16 -0.97
N VAL A 433 -44.42 -76.85 -2.09
CA VAL A 433 -44.67 -78.28 -2.14
C VAL A 433 -43.62 -79.00 -2.98
N SER A 434 -43.39 -80.27 -2.62
CA SER A 434 -42.51 -81.16 -3.36
C SER A 434 -43.17 -82.53 -3.41
N PHE A 435 -43.74 -82.85 -4.57
CA PHE A 435 -44.38 -84.14 -4.80
C PHE A 435 -43.37 -85.24 -5.11
N SER A 436 -43.71 -86.47 -4.75
CA SER A 436 -42.90 -87.62 -5.16
C SER A 436 -43.00 -87.83 -6.67
N LYS A 437 -42.11 -88.67 -7.20
CA LYS A 437 -41.97 -88.94 -8.64
C LYS A 437 -43.29 -89.02 -9.44
N GLU A 438 -44.30 -89.68 -8.87
CA GLU A 438 -45.62 -89.78 -9.51
C GLU A 438 -46.73 -89.09 -8.71
N ALA A 439 -46.34 -88.15 -7.86
CA ALA A 439 -47.27 -87.35 -7.04
C ALA A 439 -48.12 -88.17 -6.05
N LYS A 440 -47.65 -89.37 -5.69
CA LYS A 440 -48.37 -90.20 -4.73
C LYS A 440 -48.24 -89.64 -3.31
N TYR A 441 -47.13 -88.95 -3.04
CA TYR A 441 -46.93 -88.23 -1.79
C TYR A 441 -46.48 -86.79 -2.03
N TYR A 442 -46.61 -85.98 -0.99
CA TYR A 442 -46.05 -84.64 -1.03
C TYR A 442 -45.55 -84.18 0.34
N GLN A 443 -44.41 -83.47 0.32
CA GLN A 443 -43.92 -82.79 1.49
C GLN A 443 -44.39 -81.36 1.42
N LEU A 444 -45.08 -80.91 2.46
CA LEU A 444 -45.46 -79.51 2.54
C LEU A 444 -44.39 -78.69 3.23
N ARG A 445 -44.06 -77.55 2.63
CA ARG A 445 -43.12 -76.63 3.23
C ARG A 445 -43.83 -75.32 3.60
N CYS A 446 -44.13 -75.17 4.89
CA CYS A 446 -44.69 -73.95 5.43
C CYS A 446 -43.55 -73.06 5.93
N SER A 447 -43.45 -71.89 5.34
CA SER A 447 -42.50 -70.87 5.77
C SER A 447 -43.30 -69.80 6.51
N GLY A 448 -44.57 -70.13 6.76
CA GLY A 448 -45.68 -69.28 7.25
C GLY A 448 -45.37 -68.18 8.23
N PRO A 449 -46.41 -67.52 8.80
CA PRO A 449 -46.08 -66.42 9.72
C PRO A 449 -45.26 -66.90 10.91
N GLY A 450 -45.58 -68.09 11.42
CA GLY A 450 -44.83 -68.68 12.54
C GLY A 450 -43.62 -69.46 12.02
N LEU A 451 -42.92 -70.10 12.93
CA LEU A 451 -41.75 -70.94 12.59
C LEU A 451 -42.07 -71.96 11.49
N PRO A 452 -41.12 -72.20 10.56
CA PRO A 452 -41.34 -73.14 9.47
C PRO A 452 -41.66 -74.54 9.95
N LEU A 453 -42.59 -75.19 9.25
CA LEU A 453 -43.06 -76.52 9.59
C LEU A 453 -43.02 -77.35 8.32
N TYR A 454 -42.44 -78.54 8.41
CA TYR A 454 -42.29 -79.42 7.27
C TYR A 454 -43.04 -80.71 7.52
N THR A 455 -44.01 -81.02 6.66
CA THR A 455 -44.89 -82.17 6.88
C THR A 455 -45.01 -83.07 5.66
N LEU A 456 -45.20 -84.36 5.89
CA LEU A 456 -45.34 -85.33 4.79
C LEU A 456 -46.80 -85.78 4.65
N HIS A 457 -47.26 -85.90 3.41
CA HIS A 457 -48.66 -86.18 3.14
C HIS A 457 -48.88 -87.26 2.08
N SER A 458 -49.92 -88.06 2.29
CA SER A 458 -50.36 -89.03 1.31
C SER A 458 -51.39 -88.36 0.41
N SER A 459 -51.12 -88.32 -0.89
CA SER A 459 -52.00 -87.58 -1.80
C SER A 459 -53.27 -88.32 -2.21
N VAL A 460 -53.36 -89.61 -1.89
CA VAL A 460 -54.56 -90.38 -2.25
C VAL A 460 -55.77 -89.95 -1.41
N ASN A 461 -55.53 -89.64 -0.14
CA ASN A 461 -56.59 -89.20 0.77
C ASN A 461 -56.32 -87.83 1.41
N ASP A 462 -55.16 -87.25 1.09
CA ASP A 462 -54.74 -85.93 1.58
C ASP A 462 -54.51 -85.83 3.10
N LYS A 463 -54.42 -86.98 3.77
CA LYS A 463 -54.10 -87.01 5.20
C LYS A 463 -52.62 -86.70 5.41
N GLY A 464 -52.29 -86.24 6.61
CA GLY A 464 -50.91 -85.95 7.00
C GLY A 464 -50.29 -87.15 7.64
N LEU A 465 -49.25 -87.70 7.01
CA LEU A 465 -48.53 -88.85 7.54
C LEU A 465 -47.75 -88.52 8.81
N ARG A 466 -46.89 -87.50 8.74
CA ARG A 466 -46.11 -87.10 9.92
C ARG A 466 -45.45 -85.72 9.80
N VAL A 467 -45.11 -85.17 10.96
CA VAL A 467 -44.31 -83.96 11.07
C VAL A 467 -42.85 -84.34 10.83
N LEU A 468 -42.22 -83.71 9.83
CA LEU A 468 -40.81 -83.95 9.50
C LEU A 468 -39.87 -83.05 10.31
N GLU A 469 -40.21 -81.78 10.43
CA GLU A 469 -39.44 -80.82 11.21
C GLU A 469 -40.36 -79.70 11.65
N ASP A 470 -40.37 -79.43 12.95
CA ASP A 470 -41.28 -78.45 13.56
C ASP A 470 -40.56 -77.25 14.16
N ASN A 471 -39.22 -77.30 14.17
CA ASN A 471 -38.38 -76.23 14.70
C ASN A 471 -38.64 -75.91 16.17
N SER A 472 -38.96 -76.93 16.95
CA SER A 472 -39.14 -76.76 18.39
C SER A 472 -37.84 -76.36 19.07
N ALA A 473 -36.72 -76.87 18.54
CA ALA A 473 -35.39 -76.42 18.98
C ALA A 473 -35.28 -74.90 18.92
N LEU A 474 -35.57 -74.31 17.75
CA LEU A 474 -35.55 -72.86 17.60
C LEU A 474 -36.57 -72.20 18.52
N ASP A 475 -37.75 -72.82 18.59
CA ASP A 475 -38.90 -72.30 19.33
C ASP A 475 -38.60 -72.05 20.80
N LYS A 476 -37.93 -73.00 21.44
CA LYS A 476 -37.56 -72.82 22.84
C LYS A 476 -36.39 -71.88 23.03
N MET A 477 -35.41 -71.90 22.13
CA MET A 477 -34.32 -70.93 22.16
C MET A 477 -34.89 -69.51 22.15
N LEU A 478 -35.86 -69.28 21.26
CA LEU A 478 -36.51 -67.98 21.06
C LEU A 478 -37.43 -67.54 22.21
N GLN A 479 -37.79 -68.48 23.08
CA GLN A 479 -38.64 -68.20 24.25
C GLN A 479 -37.93 -67.20 25.18
N ASN A 480 -36.60 -67.16 25.10
CA ASN A 480 -35.77 -66.37 26.01
C ASN A 480 -35.26 -65.07 25.38
N VAL A 481 -35.78 -64.72 24.22
CA VAL A 481 -35.38 -63.47 23.57
C VAL A 481 -36.56 -62.59 23.17
N GLN A 482 -36.46 -61.31 23.49
CA GLN A 482 -37.44 -60.32 23.06
C GLN A 482 -37.42 -60.26 21.54
N MET A 483 -38.37 -60.95 20.93
CA MET A 483 -38.48 -61.02 19.47
C MET A 483 -39.51 -60.03 18.92
N PRO A 484 -39.23 -59.47 17.73
CA PRO A 484 -40.17 -58.57 17.09
C PRO A 484 -41.35 -59.34 16.51
N SER A 485 -42.39 -58.62 16.10
CA SER A 485 -43.53 -59.23 15.42
C SER A 485 -43.70 -58.64 14.01
N LYS A 486 -44.54 -59.27 13.21
CA LYS A 486 -44.81 -58.77 11.87
C LYS A 486 -46.26 -58.37 11.74
N LYS A 487 -46.49 -57.17 11.24
CA LYS A 487 -47.81 -56.75 10.87
C LYS A 487 -47.88 -56.71 9.35
N LEU A 488 -48.81 -57.48 8.80
CA LEU A 488 -49.04 -57.56 7.36
C LEU A 488 -50.41 -57.00 7.16
N ASP A 489 -50.54 -56.03 6.26
CA ASP A 489 -51.82 -55.35 6.07
C ASP A 489 -51.75 -54.52 4.80
N PHE A 490 -52.85 -53.83 4.47
CA PHE A 490 -52.91 -53.01 3.28
C PHE A 490 -53.37 -51.61 3.59
N ILE A 491 -53.00 -50.68 2.72
CA ILE A 491 -53.59 -49.34 2.72
C ILE A 491 -54.38 -49.17 1.41
N ILE A 492 -55.23 -48.16 1.36
CA ILE A 492 -55.94 -47.85 0.13
C ILE A 492 -55.34 -46.63 -0.54
N LEU A 493 -55.08 -46.77 -1.84
CA LEU A 493 -54.61 -45.68 -2.69
C LEU A 493 -55.36 -45.76 -4.01
N ASN A 494 -56.15 -44.74 -4.30
CA ASN A 494 -56.91 -44.67 -5.55
C ASN A 494 -57.87 -45.85 -5.69
N GLU A 495 -58.49 -46.21 -4.57
CA GLU A 495 -59.48 -47.29 -4.50
C GLU A 495 -58.86 -48.62 -4.89
N THR A 496 -57.65 -48.84 -4.42
CA THR A 496 -56.88 -50.05 -4.69
C THR A 496 -56.09 -50.43 -3.43
N LYS A 497 -56.09 -51.72 -3.11
CA LYS A 497 -55.33 -52.26 -1.99
C LYS A 497 -53.86 -52.34 -2.36
N PHE A 498 -53.02 -51.81 -1.47
CA PHE A 498 -51.56 -51.99 -1.59
C PHE A 498 -51.01 -52.53 -0.28
N TRP A 499 -50.26 -53.62 -0.37
CA TRP A 499 -49.88 -54.33 0.83
C TRP A 499 -48.55 -53.87 1.38
N TYR A 500 -48.41 -53.99 2.70
CA TYR A 500 -47.21 -53.58 3.38
C TYR A 500 -46.99 -54.49 4.58
N GLN A 501 -45.74 -54.61 5.02
CA GLN A 501 -45.46 -55.32 6.25
C GLN A 501 -44.55 -54.50 7.16
N MET A 502 -44.68 -54.72 8.46
CA MET A 502 -43.81 -54.05 9.43
C MET A 502 -43.22 -55.05 10.39
N ILE A 503 -41.91 -54.93 10.60
CA ILE A 503 -41.25 -55.71 11.61
C ILE A 503 -41.21 -54.80 12.83
N LEU A 504 -42.12 -55.07 13.76
CA LEU A 504 -42.35 -54.22 14.93
C LEU A 504 -41.51 -54.69 16.13
N PRO A 505 -40.75 -53.77 16.75
CA PRO A 505 -39.99 -54.05 17.97
C PRO A 505 -40.80 -54.76 19.05
N PRO A 506 -40.13 -55.47 19.98
CA PRO A 506 -40.84 -56.18 21.04
C PRO A 506 -41.51 -55.21 22.00
N HIS A 507 -42.61 -55.63 22.63
CA HIS A 507 -43.39 -54.75 23.54
C HIS A 507 -43.78 -53.45 22.85
N PHE A 508 -44.15 -53.54 21.57
CA PHE A 508 -44.53 -52.39 20.75
C PHE A 508 -45.64 -51.53 21.39
N ASP A 509 -45.39 -50.23 21.48
CA ASP A 509 -46.32 -49.28 22.09
C ASP A 509 -46.86 -48.28 21.05
N LYS A 510 -48.14 -48.41 20.73
CA LYS A 510 -48.82 -47.55 19.74
C LYS A 510 -48.67 -46.04 20.02
N SER A 511 -48.51 -45.70 21.29
CA SER A 511 -48.46 -44.29 21.72
C SER A 511 -47.07 -43.67 21.69
N LYS A 512 -46.04 -44.47 21.42
CA LYS A 512 -44.67 -43.95 21.36
C LYS A 512 -44.20 -43.84 19.91
N LYS A 513 -43.24 -42.96 19.68
CA LYS A 513 -42.77 -42.69 18.32
C LYS A 513 -41.47 -43.43 17.99
N TYR A 514 -41.54 -44.32 17.01
CA TYR A 514 -40.38 -45.12 16.62
C TYR A 514 -39.71 -44.61 15.34
N PRO A 515 -38.38 -44.76 15.23
CA PRO A 515 -37.78 -44.54 13.92
C PRO A 515 -38.20 -45.67 12.99
N LEU A 516 -38.29 -45.38 11.71
CA LEU A 516 -38.76 -46.38 10.74
C LEU A 516 -37.77 -46.49 9.59
N LEU A 517 -37.38 -47.72 9.28
CA LEU A 517 -36.53 -47.99 8.13
C LEU A 517 -37.39 -48.68 7.08
N LEU A 518 -37.46 -48.05 5.90
CA LEU A 518 -38.21 -48.60 4.78
C LEU A 518 -37.29 -49.48 3.93
N ASP A 519 -37.57 -50.78 3.98
CA ASP A 519 -36.82 -51.82 3.30
C ASP A 519 -37.43 -51.97 1.91
N VAL A 520 -36.67 -51.62 0.88
CA VAL A 520 -37.24 -51.58 -0.46
C VAL A 520 -36.58 -52.52 -1.45
N TYR A 521 -37.39 -53.07 -2.33
CA TYR A 521 -36.90 -53.67 -3.55
C TYR A 521 -37.67 -53.01 -4.71
N ALA A 522 -38.98 -53.27 -4.75
CA ALA A 522 -39.90 -52.58 -5.64
C ALA A 522 -39.65 -52.80 -7.13
N GLY A 523 -38.87 -53.83 -7.46
CA GLY A 523 -38.71 -54.23 -8.86
C GLY A 523 -40.00 -54.74 -9.46
N PRO A 524 -40.06 -54.85 -10.78
CA PRO A 524 -41.27 -55.34 -11.45
C PRO A 524 -41.56 -56.81 -11.09
N CYS A 525 -42.78 -57.06 -10.60
CA CYS A 525 -43.21 -58.36 -10.06
C CYS A 525 -42.63 -58.71 -8.68
N SER A 526 -42.04 -57.73 -7.99
CA SER A 526 -41.54 -57.98 -6.64
C SER A 526 -42.67 -58.16 -5.65
N GLN A 527 -42.34 -58.80 -4.53
CA GLN A 527 -43.25 -58.88 -3.40
C GLN A 527 -42.43 -58.84 -2.12
N LYS A 528 -42.61 -57.77 -1.36
CA LYS A 528 -41.85 -57.54 -0.16
C LYS A 528 -42.74 -57.57 1.09
N ALA A 529 -44.04 -57.68 0.85
CA ALA A 529 -45.00 -57.88 1.94
C ALA A 529 -45.56 -59.28 1.83
N ASP A 530 -45.11 -60.17 2.71
CA ASP A 530 -45.61 -61.55 2.71
C ASP A 530 -45.75 -62.14 4.11
N THR A 531 -46.20 -63.38 4.16
CA THR A 531 -46.41 -64.06 5.42
C THR A 531 -45.20 -64.90 5.82
N VAL A 532 -44.07 -64.72 5.14
CA VAL A 532 -42.88 -65.53 5.44
C VAL A 532 -42.22 -65.08 6.75
N PHE A 533 -41.89 -66.05 7.62
CA PHE A 533 -41.10 -65.78 8.81
C PHE A 533 -39.62 -65.70 8.42
N ARG A 534 -38.95 -64.62 8.82
CA ARG A 534 -37.53 -64.46 8.55
C ARG A 534 -36.74 -64.08 9.79
N LEU A 535 -35.48 -64.50 9.81
CA LEU A 535 -34.51 -64.05 10.80
C LEU A 535 -33.44 -63.34 10.02
N ASN A 536 -33.47 -62.01 10.03
CA ASN A 536 -32.55 -61.23 9.21
C ASN A 536 -32.09 -59.95 9.87
N TRP A 537 -31.57 -59.03 9.06
CA TRP A 537 -31.06 -57.76 9.57
C TRP A 537 -32.18 -56.96 10.23
N ALA A 538 -33.32 -56.91 9.55
CA ALA A 538 -34.53 -56.26 10.08
C ALA A 538 -34.87 -56.80 11.47
N THR A 539 -34.75 -58.11 11.65
CA THR A 539 -35.05 -58.74 12.93
C THR A 539 -34.22 -58.09 14.04
N TYR A 540 -32.91 -57.92 13.80
CA TYR A 540 -32.03 -57.25 14.74
C TYR A 540 -32.38 -55.78 14.96
N LEU A 541 -32.61 -55.06 13.88
CA LEU A 541 -32.97 -53.65 13.96
C LEU A 541 -34.18 -53.45 14.86
N ALA A 542 -35.22 -54.25 14.64
CA ALA A 542 -36.44 -54.17 15.45
C ALA A 542 -36.21 -54.64 16.89
N SER A 543 -35.63 -55.83 17.04
CA SER A 543 -35.42 -56.44 18.35
C SER A 543 -34.51 -55.63 19.26
N THR A 544 -33.41 -55.15 18.71
CA THR A 544 -32.39 -54.51 19.54
C THR A 544 -32.42 -53.00 19.44
N GLU A 545 -32.60 -52.46 18.24
CA GLU A 545 -32.51 -51.02 18.09
C GLU A 545 -33.86 -50.33 18.19
N ASN A 546 -34.90 -51.14 18.34
CA ASN A 546 -36.28 -50.65 18.38
C ASN A 546 -36.65 -49.83 17.15
N ILE A 547 -36.18 -50.28 15.99
CA ILE A 547 -36.52 -49.61 14.74
C ILE A 547 -37.65 -50.41 14.11
N ILE A 548 -38.69 -49.72 13.63
CA ILE A 548 -39.67 -50.40 12.80
C ILE A 548 -39.06 -50.52 11.42
N VAL A 549 -39.05 -51.71 10.85
CA VAL A 549 -38.64 -51.83 9.45
C VAL A 549 -39.78 -52.30 8.58
N ALA A 550 -40.21 -51.39 7.70
CA ALA A 550 -41.35 -51.59 6.83
C ALA A 550 -40.95 -51.90 5.41
N SER A 551 -41.82 -52.66 4.72
CA SER A 551 -41.74 -52.85 3.28
C SER A 551 -43.12 -52.63 2.68
N PHE A 552 -43.16 -52.36 1.38
CA PHE A 552 -44.38 -51.97 0.75
C PHE A 552 -44.37 -52.40 -0.72
N ASP A 553 -45.47 -53.01 -1.15
CA ASP A 553 -45.63 -53.41 -2.53
C ASP A 553 -46.57 -52.45 -3.24
N GLY A 554 -45.99 -51.53 -4.01
CA GLY A 554 -46.78 -50.56 -4.75
C GLY A 554 -46.92 -50.96 -6.18
N ARG A 555 -47.19 -49.99 -7.04
CA ARG A 555 -47.33 -50.29 -8.45
C ARG A 555 -46.06 -50.95 -8.98
N GLY A 556 -46.25 -51.90 -9.89
CA GLY A 556 -45.15 -52.68 -10.44
C GLY A 556 -44.92 -54.00 -9.72
N SER A 557 -45.46 -54.12 -8.50
CA SER A 557 -45.33 -55.33 -7.72
C SER A 557 -46.19 -56.46 -8.27
N GLY A 558 -45.85 -57.69 -7.93
CA GLY A 558 -46.44 -58.85 -8.57
C GLY A 558 -47.58 -59.52 -7.84
N TYR A 559 -48.14 -60.56 -8.48
CA TYR A 559 -49.13 -61.45 -7.86
C TYR A 559 -50.48 -60.80 -7.51
N GLN A 560 -50.74 -59.64 -8.09
CA GLN A 560 -51.99 -58.90 -7.88
C GLN A 560 -52.61 -58.51 -9.22
N GLY A 561 -52.15 -59.12 -10.30
CA GLY A 561 -52.69 -58.82 -11.61
C GLY A 561 -51.89 -57.78 -12.36
N ASP A 562 -52.13 -57.71 -13.67
CA ASP A 562 -51.39 -56.82 -14.56
C ASP A 562 -51.69 -55.35 -14.43
N LYS A 563 -52.87 -54.98 -13.92
CA LYS A 563 -53.17 -53.57 -13.76
C LYS A 563 -52.08 -52.96 -12.85
N ILE A 564 -51.76 -53.67 -11.76
CA ILE A 564 -50.71 -53.26 -10.84
C ILE A 564 -49.31 -53.52 -11.41
N MET A 565 -49.06 -54.74 -11.87
CA MET A 565 -47.72 -55.11 -12.32
C MET A 565 -47.27 -54.30 -13.52
N HIS A 566 -48.15 -54.10 -14.49
CA HIS A 566 -47.79 -53.40 -15.72
C HIS A 566 -47.79 -51.88 -15.59
N ALA A 567 -48.20 -51.37 -14.43
CA ALA A 567 -48.24 -49.93 -14.18
C ALA A 567 -46.92 -49.25 -14.53
N ILE A 568 -45.80 -49.95 -14.33
CA ILE A 568 -44.49 -49.37 -14.63
C ILE A 568 -43.89 -49.76 -16.00
N ASN A 569 -44.66 -50.45 -16.84
CA ASN A 569 -44.23 -50.77 -18.19
C ASN A 569 -43.63 -49.55 -18.87
N ARG A 570 -42.38 -49.68 -19.30
CA ARG A 570 -41.64 -48.62 -20.02
C ARG A 570 -41.38 -47.37 -19.17
N ARG A 571 -41.64 -47.46 -17.87
CA ARG A 571 -41.59 -46.30 -16.98
C ARG A 571 -40.91 -46.64 -15.67
N LEU A 572 -39.83 -47.42 -15.73
CA LEU A 572 -39.06 -47.72 -14.51
C LEU A 572 -38.60 -46.42 -13.86
N GLY A 573 -38.58 -46.40 -12.52
CA GLY A 573 -38.17 -45.19 -11.82
C GLY A 573 -39.25 -44.12 -11.77
N THR A 574 -40.51 -44.53 -11.82
CA THR A 574 -41.59 -43.58 -11.69
C THR A 574 -42.56 -44.06 -10.62
N PHE A 575 -43.60 -44.79 -11.01
CA PHE A 575 -44.66 -45.17 -10.08
C PHE A 575 -44.18 -45.99 -8.87
N GLU A 576 -43.31 -46.97 -9.10
CA GLU A 576 -42.81 -47.80 -7.99
C GLU A 576 -42.03 -46.95 -6.99
N VAL A 577 -41.37 -45.90 -7.49
CA VAL A 577 -40.60 -44.93 -6.67
C VAL A 577 -41.57 -44.01 -5.89
N GLU A 578 -42.50 -43.37 -6.60
CA GLU A 578 -43.50 -42.50 -5.98
C GLU A 578 -44.28 -43.23 -4.89
N ASP A 579 -44.69 -44.47 -5.17
CA ASP A 579 -45.47 -45.26 -4.21
C ASP A 579 -44.71 -45.57 -2.92
N GLN A 580 -43.40 -45.77 -2.99
CA GLN A 580 -42.58 -45.97 -1.78
C GLN A 580 -42.60 -44.71 -0.92
N ILE A 581 -42.52 -43.54 -1.57
CA ILE A 581 -42.61 -42.26 -0.87
C ILE A 581 -44.00 -42.10 -0.24
N GLU A 582 -45.03 -42.42 -1.02
CA GLU A 582 -46.39 -42.33 -0.52
C GLU A 582 -46.62 -43.28 0.68
N ALA A 583 -46.02 -44.46 0.64
CA ALA A 583 -46.16 -45.44 1.72
C ALA A 583 -45.56 -44.91 3.01
N ALA A 584 -44.39 -44.28 2.91
CA ALA A 584 -43.74 -43.66 4.06
C ALA A 584 -44.59 -42.53 4.61
N ARG A 585 -45.24 -41.76 3.73
CA ARG A 585 -46.12 -40.69 4.18
C ARG A 585 -47.29 -41.27 4.95
N GLN A 586 -47.89 -42.34 4.40
CA GLN A 586 -48.98 -43.04 5.06
C GLN A 586 -48.55 -43.63 6.39
N PHE A 587 -47.31 -44.11 6.49
CA PHE A 587 -46.82 -44.68 7.74
C PHE A 587 -46.65 -43.61 8.83
N SER A 588 -46.29 -42.37 8.45
CA SER A 588 -46.21 -41.24 9.41
C SER A 588 -47.56 -40.98 10.02
N LYS A 589 -48.60 -41.09 9.21
CA LYS A 589 -49.96 -40.85 9.66
C LYS A 589 -50.55 -41.99 10.52
N MET A 590 -49.74 -42.99 10.84
CA MET A 590 -50.20 -44.05 11.74
C MET A 590 -49.90 -43.72 13.20
N GLY A 591 -49.21 -42.60 13.43
CA GLY A 591 -49.08 -42.04 14.78
C GLY A 591 -47.97 -42.56 15.66
N PHE A 592 -47.43 -43.74 15.33
CA PHE A 592 -46.35 -44.32 16.12
C PHE A 592 -44.99 -44.23 15.40
N VAL A 593 -44.90 -43.34 14.42
CA VAL A 593 -43.69 -43.19 13.60
C VAL A 593 -43.12 -41.80 13.80
N ASP A 594 -41.83 -41.71 14.13
CA ASP A 594 -41.14 -40.42 14.29
C ASP A 594 -40.75 -39.95 12.90
N ASN A 595 -41.41 -38.89 12.43
CA ASN A 595 -41.17 -38.45 11.04
C ASN A 595 -39.87 -37.67 10.84
N LYS A 596 -39.15 -37.45 11.93
CA LYS A 596 -37.84 -36.83 11.84
C LYS A 596 -36.80 -37.93 11.61
N ARG A 597 -37.23 -39.18 11.74
CA ARG A 597 -36.33 -40.33 11.62
C ARG A 597 -36.89 -41.46 10.74
N ILE A 598 -37.15 -41.14 9.48
CA ILE A 598 -37.54 -42.14 8.50
C ILE A 598 -36.37 -42.39 7.54
N ALA A 599 -36.06 -43.65 7.31
CA ALA A 599 -34.93 -44.00 6.43
C ALA A 599 -35.35 -45.01 5.39
N ILE A 600 -34.52 -45.20 4.36
CA ILE A 600 -34.84 -46.12 3.29
C ILE A 600 -33.57 -46.81 2.84
N TRP A 601 -33.67 -48.10 2.54
CA TRP A 601 -32.51 -48.81 2.07
C TRP A 601 -32.98 -49.94 1.17
N GLY A 602 -32.06 -50.41 0.33
CA GLY A 602 -32.35 -51.45 -0.64
C GLY A 602 -31.10 -51.91 -1.36
N TRP A 603 -31.20 -53.08 -1.99
CA TRP A 603 -30.11 -53.75 -2.69
C TRP A 603 -30.59 -53.93 -4.14
N SER A 604 -29.71 -53.77 -5.12
CA SER A 604 -30.04 -53.99 -6.55
C SER A 604 -31.13 -53.03 -6.98
N TYR A 605 -32.26 -53.57 -7.45
CA TYR A 605 -33.37 -52.70 -7.82
C TYR A 605 -33.74 -51.84 -6.61
N GLY A 606 -33.62 -52.44 -5.42
CA GLY A 606 -33.89 -51.73 -4.18
C GLY A 606 -32.90 -50.59 -3.99
N GLY A 607 -31.65 -50.80 -4.43
CA GLY A 607 -30.62 -49.77 -4.38
C GLY A 607 -31.01 -48.62 -5.28
N TYR A 608 -31.48 -48.96 -6.47
CA TYR A 608 -31.98 -47.98 -7.43
C TYR A 608 -33.14 -47.16 -6.87
N VAL A 609 -34.12 -47.83 -6.29
CA VAL A 609 -35.32 -47.13 -5.82
C VAL A 609 -34.97 -46.25 -4.63
N THR A 610 -34.15 -46.78 -3.73
CA THR A 610 -33.68 -46.01 -2.58
C THR A 610 -33.02 -44.72 -3.06
N SER A 611 -32.18 -44.85 -4.09
CA SER A 611 -31.44 -43.72 -4.61
C SER A 611 -32.39 -42.78 -5.28
N MET A 612 -33.28 -43.31 -6.10
CA MET A 612 -34.29 -42.48 -6.76
C MET A 612 -35.14 -41.71 -5.74
N VAL A 613 -35.47 -42.38 -4.63
CA VAL A 613 -36.29 -41.78 -3.57
C VAL A 613 -35.51 -40.67 -2.87
N LEU A 614 -34.28 -40.98 -2.47
CA LEU A 614 -33.42 -40.00 -1.80
C LEU A 614 -33.14 -38.76 -2.67
N GLY A 615 -33.19 -38.93 -3.99
CA GLY A 615 -32.96 -37.83 -4.93
C GLY A 615 -34.23 -37.16 -5.41
N SER A 616 -35.38 -37.52 -4.82
CA SER A 616 -36.66 -36.98 -5.26
C SER A 616 -36.94 -35.60 -4.68
N GLY A 617 -36.25 -35.26 -3.59
CA GLY A 617 -36.46 -33.98 -2.93
C GLY A 617 -37.81 -33.92 -2.24
N SER A 618 -38.34 -35.08 -1.86
CA SER A 618 -39.64 -35.17 -1.19
C SER A 618 -39.58 -34.71 0.26
N GLY A 619 -38.38 -34.73 0.85
CA GLY A 619 -38.19 -34.32 2.24
C GLY A 619 -38.67 -35.32 3.29
N VAL A 620 -39.21 -36.45 2.82
CA VAL A 620 -39.76 -37.48 3.71
C VAL A 620 -38.67 -38.25 4.46
N PHE A 621 -37.55 -38.51 3.81
CA PHE A 621 -36.48 -39.36 4.34
C PHE A 621 -35.23 -38.63 4.83
N LYS A 622 -34.73 -39.01 6.00
CA LYS A 622 -33.52 -38.39 6.56
C LYS A 622 -32.25 -38.96 5.93
N CYS A 623 -32.28 -40.26 5.64
CA CYS A 623 -31.09 -40.95 5.19
C CYS A 623 -31.44 -42.23 4.45
N GLY A 624 -30.45 -42.79 3.75
CA GLY A 624 -30.65 -44.04 3.06
C GLY A 624 -29.36 -44.73 2.71
N ILE A 625 -29.52 -46.00 2.31
CA ILE A 625 -28.41 -46.83 1.93
C ILE A 625 -28.79 -47.54 0.64
N ALA A 626 -27.95 -47.42 -0.36
CA ALA A 626 -28.13 -48.14 -1.61
C ALA A 626 -26.98 -49.15 -1.75
N VAL A 627 -27.33 -50.42 -1.89
CA VAL A 627 -26.32 -51.44 -2.07
C VAL A 627 -26.40 -51.98 -3.51
N ALA A 628 -25.27 -51.91 -4.22
CA ALA A 628 -25.15 -52.36 -5.60
C ALA A 628 -26.32 -51.90 -6.46
N PRO A 629 -26.60 -50.58 -6.45
CA PRO A 629 -27.76 -50.07 -7.16
C PRO A 629 -27.55 -50.00 -8.67
N VAL A 630 -28.60 -50.20 -9.43
CA VAL A 630 -28.60 -49.76 -10.82
C VAL A 630 -28.71 -48.24 -10.71
N SER A 631 -27.96 -47.51 -11.55
CA SER A 631 -28.04 -46.04 -11.54
C SER A 631 -28.65 -45.50 -12.84
N ARG A 632 -28.41 -46.21 -13.95
CA ARG A 632 -29.15 -45.94 -15.18
C ARG A 632 -29.26 -47.18 -16.04
N TRP A 633 -30.41 -47.28 -16.69
CA TRP A 633 -30.83 -48.52 -17.31
C TRP A 633 -30.02 -48.96 -18.52
N GLU A 634 -29.33 -48.04 -19.19
CA GLU A 634 -28.43 -48.42 -20.27
C GLU A 634 -27.23 -49.22 -19.74
N TYR A 635 -26.96 -49.12 -18.45
CA TYR A 635 -25.83 -49.85 -17.86
C TYR A 635 -26.16 -51.30 -17.56
N TYR A 636 -27.45 -51.60 -17.48
CA TYR A 636 -27.85 -52.94 -17.07
C TYR A 636 -28.09 -53.85 -18.26
N ASP A 637 -28.20 -55.16 -18.02
CA ASP A 637 -28.24 -56.11 -19.15
C ASP A 637 -29.50 -55.95 -20.02
N SER A 638 -29.43 -56.46 -21.23
CA SER A 638 -30.50 -56.28 -22.23
C SER A 638 -31.79 -57.02 -21.90
N VAL A 639 -31.71 -58.31 -21.60
CA VAL A 639 -32.92 -59.12 -21.39
C VAL A 639 -33.83 -58.58 -20.28
N TYR A 640 -33.22 -58.18 -19.18
CA TYR A 640 -33.98 -57.65 -18.06
C TYR A 640 -34.46 -56.23 -18.37
N THR A 641 -33.53 -55.36 -18.78
CA THR A 641 -33.84 -53.96 -18.95
C THR A 641 -34.89 -53.75 -20.03
N GLU A 642 -34.66 -54.35 -21.19
CA GLU A 642 -35.52 -54.15 -22.34
C GLU A 642 -36.93 -54.71 -22.13
N ARG A 643 -37.04 -55.68 -21.22
CA ARG A 643 -38.32 -56.30 -20.90
C ARG A 643 -39.32 -55.27 -20.40
N TYR A 644 -38.83 -54.27 -19.66
CA TYR A 644 -39.66 -53.26 -19.03
C TYR A 644 -39.46 -51.90 -19.67
N MET A 645 -38.27 -51.68 -20.21
CA MET A 645 -37.90 -50.37 -20.67
C MET A 645 -37.94 -50.18 -22.19
N GLY A 646 -38.14 -51.27 -22.94
CA GLY A 646 -38.02 -51.21 -24.38
C GLY A 646 -36.56 -50.93 -24.75
N LEU A 647 -36.32 -50.44 -25.96
CA LEU A 647 -34.96 -50.10 -26.39
C LEU A 647 -34.64 -48.64 -26.15
N PRO A 648 -33.38 -48.35 -25.78
CA PRO A 648 -32.91 -46.97 -25.58
C PRO A 648 -32.60 -46.24 -26.89
N THR A 649 -33.56 -46.18 -27.80
CA THR A 649 -33.37 -45.51 -29.10
C THR A 649 -34.37 -44.37 -29.24
N PRO A 650 -34.04 -43.34 -30.06
CA PRO A 650 -35.00 -42.23 -30.32
C PRO A 650 -36.36 -42.71 -30.85
N GLU A 651 -36.40 -43.84 -31.53
CA GLU A 651 -37.68 -44.37 -32.03
C GLU A 651 -38.40 -45.25 -31.01
N ASP A 652 -37.75 -45.49 -29.87
CA ASP A 652 -38.40 -46.24 -28.83
C ASP A 652 -38.47 -45.48 -27.52
N ASN A 653 -37.56 -45.77 -26.58
CA ASN A 653 -37.71 -45.29 -25.22
C ASN A 653 -36.54 -44.50 -24.66
N LEU A 654 -35.69 -43.96 -25.53
CA LEU A 654 -34.51 -43.21 -25.09
C LEU A 654 -34.81 -42.11 -24.06
N ASP A 655 -35.86 -41.32 -24.32
CA ASP A 655 -36.24 -40.21 -23.43
C ASP A 655 -36.42 -40.66 -22.00
N HIS A 656 -37.12 -41.76 -21.78
CA HIS A 656 -37.30 -42.20 -20.42
C HIS A 656 -36.05 -42.87 -19.83
N TYR A 657 -35.24 -43.54 -20.66
CA TYR A 657 -33.96 -44.03 -20.19
C TYR A 657 -33.17 -42.85 -19.66
N ARG A 658 -33.19 -41.74 -20.41
CA ARG A 658 -32.43 -40.55 -20.03
C ARG A 658 -33.01 -39.87 -18.79
N ASN A 659 -34.33 -39.95 -18.64
CA ASN A 659 -35.04 -39.36 -17.50
C ASN A 659 -34.93 -40.12 -16.18
N SER A 660 -34.67 -41.42 -16.25
CA SER A 660 -34.81 -42.26 -15.07
C SER A 660 -33.50 -42.59 -14.37
N THR A 661 -32.47 -41.76 -14.54
CA THR A 661 -31.17 -42.00 -13.93
C THR A 661 -31.14 -41.46 -12.51
N VAL A 662 -30.36 -42.09 -11.62
CA VAL A 662 -30.13 -41.44 -10.32
C VAL A 662 -29.25 -40.19 -10.47
N MET A 663 -28.24 -40.25 -11.34
CA MET A 663 -27.35 -39.09 -11.62
C MET A 663 -28.08 -37.76 -11.80
N SER A 664 -29.18 -37.77 -12.57
CA SER A 664 -29.92 -36.55 -12.83
C SER A 664 -30.55 -35.96 -11.56
N ARG A 665 -30.55 -36.72 -10.48
CA ARG A 665 -31.19 -36.30 -9.23
C ARG A 665 -30.17 -35.85 -8.18
N ALA A 666 -28.90 -35.84 -8.57
CA ALA A 666 -27.78 -35.56 -7.69
C ALA A 666 -27.98 -34.35 -6.77
N GLU A 667 -28.46 -33.26 -7.34
CA GLU A 667 -28.65 -32.02 -6.62
C GLU A 667 -29.50 -32.24 -5.37
N ASN A 668 -30.55 -33.04 -5.51
CA ASN A 668 -31.47 -33.28 -4.43
C ASN A 668 -30.90 -34.07 -3.28
N PHE A 669 -29.73 -34.67 -3.47
CA PHE A 669 -29.12 -35.43 -2.40
C PHE A 669 -28.55 -34.54 -1.30
N LYS A 670 -28.57 -33.23 -1.53
CA LYS A 670 -28.14 -32.25 -0.53
C LYS A 670 -29.02 -32.30 0.70
N GLN A 671 -30.26 -32.74 0.52
CA GLN A 671 -31.24 -32.78 1.58
C GLN A 671 -31.14 -34.03 2.48
N VAL A 672 -30.26 -34.97 2.14
CA VAL A 672 -30.23 -36.28 2.82
C VAL A 672 -28.82 -36.84 3.05
N GLU A 673 -28.72 -37.77 3.98
CA GLU A 673 -27.50 -38.51 4.28
C GLU A 673 -27.53 -39.79 3.48
N TYR A 674 -26.48 -40.06 2.72
CA TYR A 674 -26.47 -41.20 1.81
C TYR A 674 -25.29 -42.10 2.09
N LEU A 675 -25.53 -43.39 1.94
CA LEU A 675 -24.47 -44.37 1.97
C LEU A 675 -24.57 -45.21 0.69
N LEU A 676 -23.46 -45.28 -0.04
CA LEU A 676 -23.41 -45.98 -1.31
C LEU A 676 -22.38 -47.08 -1.20
N ILE A 677 -22.84 -48.30 -1.45
CA ILE A 677 -22.02 -49.48 -1.23
C ILE A 677 -22.12 -50.32 -2.49
N HIS A 678 -20.98 -50.89 -2.89
CA HIS A 678 -20.91 -51.70 -4.09
C HIS A 678 -19.65 -52.55 -4.10
N GLY A 679 -19.78 -53.81 -4.50
CA GLY A 679 -18.62 -54.71 -4.65
C GLY A 679 -17.92 -54.44 -5.97
N THR A 680 -16.60 -54.42 -5.97
CA THR A 680 -15.87 -54.05 -7.17
C THR A 680 -15.84 -55.15 -8.24
N ALA A 681 -16.16 -56.39 -7.85
CA ALA A 681 -16.22 -57.49 -8.82
C ALA A 681 -17.65 -57.88 -9.11
N ASP A 682 -18.55 -56.91 -9.08
CA ASP A 682 -19.94 -57.18 -9.38
C ASP A 682 -20.07 -57.37 -10.89
N ASP A 683 -20.38 -58.59 -11.30
CA ASP A 683 -20.53 -58.91 -12.72
C ASP A 683 -21.91 -58.56 -13.21
N ASN A 684 -22.80 -58.33 -12.25
CA ASN A 684 -24.23 -58.20 -12.50
C ASN A 684 -24.62 -56.73 -12.60
N VAL A 685 -24.56 -56.01 -11.48
CA VAL A 685 -24.73 -54.56 -11.49
C VAL A 685 -23.31 -54.06 -11.35
N HIS A 686 -22.76 -53.58 -12.45
CA HIS A 686 -21.33 -53.27 -12.49
C HIS A 686 -20.98 -52.12 -11.57
N PHE A 687 -19.81 -52.18 -10.95
CA PHE A 687 -19.34 -51.09 -10.09
C PHE A 687 -19.57 -49.74 -10.78
N GLN A 688 -19.33 -49.71 -12.09
CA GLN A 688 -19.64 -48.58 -12.97
C GLN A 688 -20.87 -47.82 -12.55
N GLN A 689 -21.91 -48.57 -12.19
CA GLN A 689 -23.19 -47.98 -11.86
C GLN A 689 -23.09 -47.07 -10.64
N SER A 690 -22.42 -47.55 -9.57
CA SER A 690 -22.16 -46.69 -8.42
C SER A 690 -21.06 -45.65 -8.72
N ALA A 691 -20.07 -46.01 -9.53
CA ALA A 691 -18.99 -45.10 -9.83
C ALA A 691 -19.56 -43.82 -10.47
N GLN A 692 -20.59 -43.98 -11.29
CA GLN A 692 -21.26 -42.84 -11.91
C GLN A 692 -22.12 -42.05 -10.92
N ILE A 693 -22.75 -42.73 -9.96
CA ILE A 693 -23.53 -42.03 -8.94
C ILE A 693 -22.61 -41.16 -8.12
N SER A 694 -21.50 -41.74 -7.65
CA SER A 694 -20.55 -41.03 -6.80
C SER A 694 -20.01 -39.81 -7.55
N LYS A 695 -19.63 -40.01 -8.82
CA LYS A 695 -19.10 -38.92 -9.65
C LYS A 695 -20.09 -37.77 -9.76
N ALA A 696 -21.37 -38.08 -9.98
CA ALA A 696 -22.37 -37.04 -10.14
C ALA A 696 -22.60 -36.25 -8.84
N LEU A 697 -22.50 -36.94 -7.71
CA LEU A 697 -22.70 -36.31 -6.41
C LEU A 697 -21.57 -35.34 -6.14
N VAL A 698 -20.35 -35.79 -6.46
CA VAL A 698 -19.14 -34.97 -6.33
C VAL A 698 -19.25 -33.72 -7.19
N ASP A 699 -19.69 -33.92 -8.43
CA ASP A 699 -19.82 -32.84 -9.39
C ASP A 699 -20.76 -31.74 -8.95
N VAL A 700 -21.75 -32.04 -8.11
CA VAL A 700 -22.64 -31.03 -7.57
C VAL A 700 -22.36 -30.68 -6.11
N GLY A 701 -21.26 -31.19 -5.58
CA GLY A 701 -20.85 -30.87 -4.20
C GLY A 701 -21.74 -31.43 -3.10
N VAL A 702 -22.18 -32.67 -3.25
CA VAL A 702 -22.98 -33.36 -2.24
C VAL A 702 -22.07 -34.23 -1.37
N ASP A 703 -22.11 -34.06 -0.06
CA ASP A 703 -21.34 -34.99 0.76
C ASP A 703 -22.15 -36.25 1.03
N PHE A 704 -21.46 -37.38 1.08
CA PHE A 704 -22.11 -38.66 1.29
C PHE A 704 -21.05 -39.63 1.74
N GLN A 705 -21.46 -40.84 2.06
CA GLN A 705 -20.51 -41.83 2.51
C GLN A 705 -20.53 -42.97 1.54
N ALA A 706 -19.38 -43.62 1.40
CA ALA A 706 -19.28 -44.72 0.49
C ALA A 706 -18.54 -45.89 1.12
N MET A 707 -18.68 -47.04 0.48
CA MET A 707 -17.94 -48.21 0.85
C MET A 707 -17.88 -49.06 -0.39
N TRP A 708 -16.67 -49.43 -0.76
CA TRP A 708 -16.51 -50.39 -1.83
C TRP A 708 -16.09 -51.71 -1.18
N TYR A 709 -16.40 -52.82 -1.82
CA TYR A 709 -15.93 -54.10 -1.33
C TYR A 709 -15.08 -54.78 -2.39
N THR A 710 -13.78 -54.81 -2.16
CA THR A 710 -12.80 -55.40 -3.08
C THR A 710 -13.15 -56.86 -3.42
N ASP A 711 -13.31 -57.15 -4.71
CA ASP A 711 -13.51 -58.52 -5.21
C ASP A 711 -14.86 -59.20 -4.87
N GLU A 712 -15.70 -58.50 -4.09
CA GLU A 712 -17.03 -58.98 -3.82
C GLU A 712 -17.87 -58.75 -5.05
N ASP A 713 -18.82 -59.65 -5.30
CA ASP A 713 -19.74 -59.49 -6.41
C ASP A 713 -21.07 -58.94 -5.92
N HIS A 714 -22.13 -59.20 -6.67
CA HIS A 714 -23.43 -58.58 -6.41
C HIS A 714 -24.05 -59.03 -5.09
N GLY A 715 -23.64 -60.21 -4.63
CA GLY A 715 -24.15 -60.78 -3.40
C GLY A 715 -23.42 -60.24 -2.18
N ILE A 716 -22.21 -59.72 -2.38
CA ILE A 716 -21.33 -59.31 -1.28
C ILE A 716 -21.45 -60.39 -0.20
N ALA A 717 -21.12 -61.62 -0.60
CA ALA A 717 -21.52 -62.82 0.16
C ALA A 717 -20.40 -63.58 0.86
N SER A 718 -19.16 -63.11 0.71
CA SER A 718 -18.07 -63.61 1.54
C SER A 718 -18.51 -63.50 2.98
N SER A 719 -18.21 -64.54 3.73
CA SER A 719 -18.49 -64.55 5.13
C SER A 719 -18.04 -63.22 5.78
N THR A 720 -16.80 -62.83 5.54
CA THR A 720 -16.27 -61.60 6.17
C THR A 720 -16.90 -60.31 5.63
N ALA A 721 -17.08 -60.22 4.31
CA ALA A 721 -17.69 -59.02 3.72
C ALA A 721 -19.14 -58.88 4.14
N HIS A 722 -19.87 -59.99 4.12
CA HIS A 722 -21.27 -60.00 4.57
C HIS A 722 -21.35 -59.41 5.97
N GLN A 723 -20.47 -59.88 6.85
CA GLN A 723 -20.44 -59.37 8.21
C GLN A 723 -20.03 -57.91 8.25
N HIS A 724 -19.08 -57.54 7.40
CA HIS A 724 -18.58 -56.18 7.40
C HIS A 724 -19.65 -55.19 6.92
N ILE A 725 -20.37 -55.54 5.86
CA ILE A 725 -21.33 -54.59 5.27
C ILE A 725 -22.49 -54.33 6.25
N TYR A 726 -23.06 -55.39 6.80
CA TYR A 726 -24.15 -55.24 7.76
C TYR A 726 -23.71 -54.48 9.01
N THR A 727 -22.50 -54.74 9.48
CA THR A 727 -21.97 -53.99 10.62
C THR A 727 -21.91 -52.52 10.25
N HIS A 728 -21.40 -52.24 9.05
CA HIS A 728 -21.19 -50.88 8.58
C HIS A 728 -22.52 -50.17 8.42
N MET A 729 -23.48 -50.84 7.80
CA MET A 729 -24.83 -50.32 7.64
C MET A 729 -25.53 -50.05 8.98
N SER A 730 -25.26 -50.90 9.98
CA SER A 730 -25.87 -50.74 11.31
C SER A 730 -25.40 -49.45 11.95
N HIS A 731 -24.10 -49.18 11.89
CA HIS A 731 -23.56 -47.94 12.43
C HIS A 731 -24.17 -46.73 11.74
N PHE A 732 -24.33 -46.81 10.42
CA PHE A 732 -24.89 -45.70 9.66
C PHE A 732 -26.34 -45.40 10.07
N ILE A 733 -27.18 -46.44 10.13
CA ILE A 733 -28.57 -46.28 10.54
C ILE A 733 -28.66 -45.80 11.99
N LYS A 734 -27.90 -46.43 12.89
CA LYS A 734 -27.86 -46.00 14.29
C LYS A 734 -27.39 -44.56 14.43
N GLN A 735 -26.40 -44.17 13.63
CA GLN A 735 -25.92 -42.79 13.62
C GLN A 735 -27.01 -41.86 13.13
N CYS A 736 -27.63 -42.18 11.99
CA CYS A 736 -28.77 -41.41 11.43
C CYS A 736 -29.95 -41.25 12.40
N PHE A 737 -30.20 -42.27 13.24
CA PHE A 737 -31.31 -42.26 14.18
C PHE A 737 -30.95 -41.76 15.59
N SER A 738 -29.74 -41.23 15.76
CA SER A 738 -29.24 -40.78 17.07
C SER A 738 -29.24 -41.90 18.11
N LEU A 739 -29.09 -43.14 17.66
CA LEU A 739 -29.09 -44.27 18.58
C LEU A 739 -27.65 -44.55 19.03
N PRO A 740 -27.38 -44.46 20.33
CA PRO A 740 -26.02 -44.61 20.88
C PRO A 740 -25.44 -46.00 20.70
N HIS B 10 -15.94 -3.79 19.04
CA HIS B 10 -15.03 -4.60 18.20
C HIS B 10 -13.97 -3.74 17.47
N HIS B 11 -13.51 -4.27 16.34
CA HIS B 11 -12.44 -3.76 15.44
C HIS B 11 -11.28 -4.74 15.51
N HIS B 12 -11.35 -5.61 16.51
CA HIS B 12 -10.46 -6.75 16.63
C HIS B 12 -10.88 -7.79 15.58
N SER B 13 -9.95 -8.67 15.24
CA SER B 13 -10.20 -9.69 14.24
C SER B 13 -11.29 -10.67 14.71
N ARG B 14 -12.39 -10.75 13.95
CA ARG B 14 -13.47 -11.70 14.20
C ARG B 14 -13.45 -12.85 13.19
N LYS B 15 -13.10 -12.53 11.94
CA LYS B 15 -12.98 -13.52 10.87
C LYS B 15 -12.00 -14.66 11.19
N THR B 16 -12.19 -15.78 10.50
CA THR B 16 -11.24 -16.89 10.52
C THR B 16 -11.05 -17.36 9.10
N TYR B 17 -10.00 -18.15 8.86
CA TYR B 17 -9.79 -18.72 7.55
C TYR B 17 -10.63 -20.01 7.46
N THR B 18 -11.75 -19.92 6.77
CA THR B 18 -12.76 -21.00 6.74
C THR B 18 -12.43 -22.04 5.67
N LEU B 19 -13.13 -23.18 5.73
CA LEU B 19 -13.02 -24.19 4.67
C LEU B 19 -13.41 -23.60 3.29
N THR B 20 -14.48 -22.81 3.24
CA THR B 20 -14.88 -22.14 2.00
C THR B 20 -13.78 -21.24 1.45
N ASP B 21 -13.14 -20.46 2.33
CA ASP B 21 -12.00 -19.62 1.91
C ASP B 21 -10.96 -20.47 1.18
N TYR B 22 -10.62 -21.62 1.74
CA TYR B 22 -9.65 -22.52 1.10
C TYR B 22 -10.16 -23.09 -0.22
N LEU B 23 -11.41 -23.54 -0.23
CA LEU B 23 -11.96 -24.20 -1.42
C LEU B 23 -12.28 -23.22 -2.53
N LYS B 24 -12.75 -22.04 -2.16
CA LYS B 24 -13.12 -21.01 -3.14
C LYS B 24 -12.03 -19.99 -3.42
N ASN B 25 -10.86 -20.14 -2.81
CA ASN B 25 -9.78 -19.18 -3.04
C ASN B 25 -10.09 -17.74 -2.67
N THR B 26 -10.78 -17.54 -1.55
CA THR B 26 -11.06 -16.18 -1.09
C THR B 26 -9.75 -15.36 -1.07
N TYR B 27 -8.71 -15.92 -0.47
CA TYR B 27 -7.44 -15.24 -0.30
C TYR B 27 -6.38 -15.78 -1.26
N ARG B 28 -6.14 -15.06 -2.33
CA ARG B 28 -5.27 -15.54 -3.38
C ARG B 28 -3.85 -14.98 -3.23
N LEU B 29 -2.86 -15.87 -3.28
CA LEU B 29 -1.43 -15.48 -3.30
C LEU B 29 -1.06 -15.04 -4.71
N LYS B 30 -0.64 -13.80 -4.88
CA LYS B 30 -0.17 -13.34 -6.18
C LYS B 30 1.25 -13.83 -6.45
N LEU B 31 1.48 -14.24 -7.68
CA LEU B 31 2.75 -14.78 -8.13
C LEU B 31 3.40 -13.72 -9.02
N TYR B 32 4.62 -13.99 -9.49
CA TYR B 32 5.21 -13.16 -10.53
C TYR B 32 6.06 -14.06 -11.40
N SER B 33 5.41 -14.74 -12.33
CA SER B 33 6.12 -15.67 -13.19
C SER B 33 6.63 -14.91 -14.43
N LEU B 34 7.92 -15.04 -14.71
CA LEU B 34 8.54 -14.37 -15.82
C LEU B 34 9.35 -15.41 -16.58
N ARG B 35 9.85 -15.03 -17.75
CA ARG B 35 10.72 -15.91 -18.53
C ARG B 35 11.73 -15.07 -19.28
N TRP B 36 12.99 -15.28 -18.92
CA TRP B 36 14.07 -14.52 -19.51
C TRP B 36 14.19 -14.81 -20.99
N ILE B 37 14.36 -13.74 -21.78
CA ILE B 37 14.44 -13.83 -23.22
C ILE B 37 15.89 -13.66 -23.67
N SER B 38 16.59 -12.77 -22.98
CA SER B 38 17.98 -12.46 -23.24
C SER B 38 18.70 -12.40 -21.89
N ASP B 39 19.76 -11.59 -21.82
CA ASP B 39 20.46 -11.39 -20.56
C ASP B 39 19.93 -10.18 -19.79
N HIS B 40 18.99 -9.45 -20.36
CA HIS B 40 18.50 -8.23 -19.72
C HIS B 40 17.00 -7.98 -19.88
N GLU B 41 16.30 -8.93 -20.51
CA GLU B 41 14.86 -8.80 -20.74
C GLU B 41 14.11 -10.06 -20.38
N TYR B 42 12.91 -9.89 -19.86
CA TYR B 42 12.04 -11.02 -19.56
C TYR B 42 10.62 -10.76 -20.03
N LEU B 43 9.84 -11.82 -20.20
CA LEU B 43 8.43 -11.71 -20.60
C LEU B 43 7.51 -11.79 -19.39
N TYR B 44 6.41 -11.04 -19.43
CA TYR B 44 5.40 -11.09 -18.38
C TYR B 44 3.98 -10.96 -18.92
N LYS B 45 2.98 -11.16 -18.05
CA LYS B 45 1.58 -11.22 -18.48
C LYS B 45 0.61 -10.39 -17.61
N GLN B 46 0.18 -9.24 -18.14
CA GLN B 46 -0.80 -8.36 -17.48
C GLN B 46 -2.24 -8.84 -17.72
N ASN B 49 -2.08 -10.17 -21.98
CA ASN B 49 -1.07 -9.31 -22.62
C ASN B 49 0.36 -9.74 -22.30
N ILE B 50 1.21 -9.72 -23.31
CA ILE B 50 2.61 -10.15 -23.19
C ILE B 50 3.58 -8.97 -23.39
N LEU B 51 4.39 -8.69 -22.37
CA LEU B 51 5.30 -7.55 -22.36
C LEU B 51 6.75 -7.99 -22.29
N VAL B 52 7.65 -7.13 -22.76
CA VAL B 52 9.08 -7.39 -22.62
C VAL B 52 9.65 -6.37 -21.65
N PHE B 53 9.68 -6.73 -20.38
CA PHE B 53 10.24 -5.85 -19.37
C PHE B 53 11.74 -5.75 -19.54
N ASN B 54 12.23 -4.52 -19.50
CA ASN B 54 13.64 -4.27 -19.35
C ASN B 54 13.91 -4.33 -17.86
N ALA B 55 14.82 -5.23 -17.47
CA ALA B 55 15.13 -5.49 -16.07
C ALA B 55 15.71 -4.30 -15.34
N GLU B 56 16.53 -3.51 -16.05
CA GLU B 56 17.24 -2.40 -15.42
C GLU B 56 16.40 -1.13 -15.24
N TYR B 57 15.62 -0.74 -16.25
CA TYR B 57 14.83 0.50 -16.20
C TYR B 57 13.40 0.36 -15.69
N GLY B 58 12.76 -0.76 -16.02
CA GLY B 58 11.35 -0.97 -15.73
C GLY B 58 10.49 -0.70 -16.95
N ASN B 59 11.07 -0.04 -17.96
CA ASN B 59 10.36 0.22 -19.22
C ASN B 59 10.10 -1.09 -19.98
N SER B 60 8.82 -1.38 -20.17
CA SER B 60 8.38 -2.58 -20.86
C SER B 60 7.47 -2.22 -22.03
N SER B 61 8.00 -2.39 -23.25
CA SER B 61 7.23 -2.22 -24.49
C SER B 61 6.32 -3.43 -24.69
N VAL B 62 5.13 -3.20 -25.26
CA VAL B 62 4.14 -4.27 -25.44
C VAL B 62 4.56 -5.21 -26.56
N PHE B 63 4.62 -6.51 -26.25
CA PHE B 63 5.09 -7.53 -27.20
C PHE B 63 3.96 -8.28 -27.90
N LEU B 64 2.90 -8.59 -27.17
CA LEU B 64 1.75 -9.25 -27.76
C LEU B 64 0.45 -8.93 -27.00
N GLU B 65 -0.46 -8.24 -27.69
CA GLU B 65 -1.78 -7.89 -27.14
C GLU B 65 -2.65 -9.13 -27.00
N ASN B 66 -3.45 -9.15 -25.94
CA ASN B 66 -4.38 -10.24 -25.67
C ASN B 66 -5.32 -10.59 -26.84
N SER B 67 -5.68 -9.58 -27.63
CA SER B 67 -6.66 -9.69 -28.72
C SER B 67 -6.17 -10.41 -29.98
N THR B 68 -4.85 -10.44 -30.17
CA THR B 68 -4.24 -11.02 -31.37
C THR B 68 -4.75 -12.41 -31.75
N PHE B 69 -5.20 -13.19 -30.76
CA PHE B 69 -5.72 -14.54 -31.04
C PHE B 69 -7.19 -14.75 -30.67
N ASP B 70 -8.00 -13.71 -30.87
CA ASP B 70 -9.45 -13.79 -30.65
C ASP B 70 -10.12 -14.52 -31.81
N GLU B 71 -9.55 -14.36 -33.01
CA GLU B 71 -10.06 -14.98 -34.22
C GLU B 71 -9.59 -16.42 -34.34
N PHE B 72 -8.82 -16.89 -33.36
CA PHE B 72 -8.17 -18.18 -33.43
C PHE B 72 -9.13 -19.38 -33.47
N GLY B 73 -10.27 -19.27 -32.78
CA GLY B 73 -11.27 -20.33 -32.77
C GLY B 73 -11.03 -21.43 -31.74
N HIS B 74 -9.92 -21.34 -31.02
CA HIS B 74 -9.61 -22.27 -29.94
C HIS B 74 -9.09 -21.51 -28.73
N SER B 75 -9.30 -22.09 -27.56
CA SER B 75 -8.78 -21.53 -26.33
C SER B 75 -7.28 -21.85 -26.21
N ILE B 76 -6.44 -20.80 -26.12
CA ILE B 76 -4.99 -20.97 -26.02
C ILE B 76 -4.55 -21.34 -24.59
N ASN B 77 -4.09 -22.57 -24.42
CA ASN B 77 -3.62 -23.02 -23.12
C ASN B 77 -2.30 -22.40 -22.71
N ASP B 78 -1.33 -22.41 -23.62
CA ASP B 78 0.00 -21.86 -23.34
C ASP B 78 0.64 -21.36 -24.63
N TYR B 79 1.79 -20.70 -24.51
CA TYR B 79 2.53 -20.17 -25.65
C TYR B 79 4.04 -20.38 -25.44
N SER B 80 4.80 -20.23 -26.52
CA SER B 80 6.25 -20.34 -26.44
C SER B 80 6.94 -19.56 -27.56
N ILE B 81 7.61 -18.48 -27.17
CA ILE B 81 8.31 -17.63 -28.13
C ILE B 81 9.65 -18.27 -28.47
N SER B 82 9.98 -18.31 -29.75
CA SER B 82 11.26 -18.80 -30.22
C SER B 82 12.39 -17.93 -29.66
N PRO B 83 13.55 -18.53 -29.34
CA PRO B 83 14.70 -17.80 -28.78
C PRO B 83 15.06 -16.52 -29.51
N ASP B 84 14.69 -16.43 -30.78
CA ASP B 84 14.98 -15.22 -31.55
C ASP B 84 13.78 -14.29 -31.68
N GLY B 85 12.75 -14.54 -30.88
CA GLY B 85 11.52 -13.71 -30.87
C GLY B 85 10.90 -13.47 -32.24
N GLN B 86 11.15 -14.37 -33.20
CA GLN B 86 10.59 -14.26 -34.54
C GLN B 86 9.30 -15.07 -34.72
N PHE B 87 9.11 -16.08 -33.88
CA PHE B 87 7.94 -16.96 -34.00
C PHE B 87 7.38 -17.29 -32.62
N ILE B 88 6.07 -17.51 -32.55
CA ILE B 88 5.46 -17.96 -31.32
C ILE B 88 4.69 -19.25 -31.54
N LEU B 89 4.81 -20.15 -30.57
CA LEU B 89 4.12 -21.40 -30.59
C LEU B 89 2.86 -21.28 -29.73
N LEU B 90 1.71 -21.57 -30.34
CA LEU B 90 0.45 -21.55 -29.61
C LEU B 90 -0.06 -22.96 -29.34
N GLU B 91 -0.28 -23.25 -28.07
CA GLU B 91 -0.70 -24.55 -27.59
C GLU B 91 -2.19 -24.53 -27.25
N TYR B 92 -2.93 -25.49 -27.82
CA TYR B 92 -4.36 -25.62 -27.56
C TYR B 92 -4.74 -27.08 -27.63
N ASN B 93 -6.00 -27.41 -27.34
CA ASN B 93 -6.50 -28.80 -27.26
C ASN B 93 -5.63 -29.63 -26.33
N TYR B 94 -5.22 -29.01 -25.23
CA TYR B 94 -4.43 -29.65 -24.19
C TYR B 94 -5.22 -30.79 -23.57
N VAL B 95 -4.62 -31.98 -23.59
CA VAL B 95 -5.21 -33.17 -22.98
C VAL B 95 -4.14 -33.84 -22.10
N LYS B 96 -4.34 -33.69 -20.80
CA LYS B 96 -3.44 -34.24 -19.80
C LYS B 96 -3.27 -35.76 -19.90
N GLN B 97 -2.05 -36.22 -19.67
CA GLN B 97 -1.81 -37.66 -19.52
C GLN B 97 -1.34 -37.86 -18.09
N TRP B 98 -0.03 -38.01 -17.87
CA TRP B 98 0.43 -38.28 -16.51
C TRP B 98 0.79 -37.00 -15.76
N ARG B 99 1.81 -37.02 -14.90
CA ARG B 99 2.10 -35.86 -14.07
C ARG B 99 2.71 -34.72 -14.88
N HIS B 100 3.49 -35.07 -15.91
CA HIS B 100 4.14 -34.10 -16.78
C HIS B 100 3.63 -34.19 -18.21
N SER B 101 3.30 -35.39 -18.64
CA SER B 101 2.92 -35.63 -20.03
C SER B 101 1.53 -35.15 -20.41
N TYR B 102 1.41 -34.76 -21.67
CA TYR B 102 0.14 -34.40 -22.24
C TYR B 102 0.21 -34.34 -23.75
N THR B 103 -0.93 -34.04 -24.34
CA THR B 103 -1.12 -33.94 -25.76
C THR B 103 -1.75 -32.58 -26.08
N ALA B 104 -1.40 -32.02 -27.23
CA ALA B 104 -1.90 -30.72 -27.64
C ALA B 104 -1.75 -30.53 -29.14
N SER B 105 -2.55 -29.61 -29.66
CA SER B 105 -2.37 -29.12 -31.02
C SER B 105 -1.45 -27.93 -30.89
N TYR B 106 -0.80 -27.56 -31.99
CA TYR B 106 0.06 -26.40 -32.02
C TYR B 106 -0.05 -25.67 -33.33
N ASP B 107 -0.06 -24.36 -33.25
CA ASP B 107 0.03 -23.54 -34.43
C ASP B 107 1.19 -22.58 -34.22
N ILE B 108 1.68 -22.01 -35.31
CA ILE B 108 2.81 -21.12 -35.25
C ILE B 108 2.44 -19.77 -35.87
N TYR B 109 2.70 -18.72 -35.12
CA TYR B 109 2.43 -17.37 -35.59
C TYR B 109 3.78 -16.72 -35.88
N ASP B 110 3.92 -16.21 -37.10
CA ASP B 110 5.12 -15.49 -37.53
C ASP B 110 5.04 -14.06 -37.00
N LEU B 111 5.83 -13.77 -35.96
CA LEU B 111 5.83 -12.48 -35.29
C LEU B 111 6.20 -11.28 -36.18
N ASN B 112 7.08 -11.51 -37.16
CA ASN B 112 7.49 -10.45 -38.09
C ASN B 112 6.50 -10.25 -39.23
N LYS B 113 5.95 -11.36 -39.73
CA LYS B 113 5.03 -11.35 -40.87
C LYS B 113 3.58 -11.15 -40.41
N ARG B 114 3.36 -11.23 -39.10
CA ARG B 114 2.06 -10.97 -38.48
C ARG B 114 0.90 -11.85 -38.99
N GLN B 115 1.08 -13.18 -38.94
CA GLN B 115 0.03 -14.14 -39.31
C GLN B 115 0.35 -15.61 -39.01
N LEU B 116 -0.68 -16.45 -39.02
CA LEU B 116 -0.55 -17.89 -38.77
C LEU B 116 0.07 -18.64 -39.95
N ILE B 117 1.03 -19.51 -39.64
CA ILE B 117 1.59 -20.42 -40.65
C ILE B 117 0.58 -21.55 -40.89
N THR B 118 0.17 -21.71 -42.14
CA THR B 118 -0.87 -22.68 -42.50
C THR B 118 -0.32 -23.90 -43.24
N GLU B 119 0.85 -23.76 -43.85
CA GLU B 119 1.45 -24.88 -44.56
C GLU B 119 2.28 -25.76 -43.63
N GLU B 120 2.21 -27.08 -43.85
CA GLU B 120 3.00 -28.08 -43.11
C GLU B 120 2.84 -27.96 -41.59
N ARG B 121 1.63 -27.66 -41.14
CA ARG B 121 1.34 -27.47 -39.72
C ARG B 121 1.75 -28.65 -38.86
N ILE B 122 2.12 -28.39 -37.61
CA ILE B 122 2.40 -29.42 -36.62
C ILE B 122 1.14 -30.26 -36.48
N PRO B 123 1.27 -31.60 -36.44
CA PRO B 123 0.05 -32.40 -36.42
C PRO B 123 -0.70 -32.31 -35.10
N ASN B 124 -1.97 -32.67 -35.14
CA ASN B 124 -2.76 -32.83 -33.93
C ASN B 124 -2.15 -33.98 -33.10
N ASN B 125 -2.38 -33.97 -31.79
CA ASN B 125 -1.94 -35.06 -30.91
C ASN B 125 -0.43 -35.13 -30.71
N THR B 126 0.21 -33.97 -30.78
CA THR B 126 1.64 -33.86 -30.56
C THR B 126 1.94 -34.03 -29.08
N GLN B 127 2.96 -34.83 -28.82
CA GLN B 127 3.31 -35.27 -27.49
C GLN B 127 4.33 -34.32 -26.85
N TRP B 128 5.17 -33.72 -27.69
CA TRP B 128 6.16 -32.78 -27.21
C TRP B 128 6.62 -31.88 -28.35
N VAL B 129 6.81 -30.60 -28.03
CA VAL B 129 7.36 -29.65 -29.00
C VAL B 129 8.35 -28.78 -28.28
N THR B 130 9.43 -28.41 -28.96
CA THR B 130 10.43 -27.54 -28.37
C THR B 130 11.27 -26.85 -29.43
N TRP B 131 11.51 -25.55 -29.19
CA TRP B 131 12.43 -24.77 -30.01
C TRP B 131 13.87 -25.18 -29.72
N SER B 132 14.75 -24.98 -30.70
CA SER B 132 16.18 -25.05 -30.45
C SER B 132 16.49 -23.92 -29.46
N PRO B 133 17.61 -24.03 -28.70
CA PRO B 133 17.89 -22.97 -27.72
C PRO B 133 18.29 -21.63 -28.35
N VAL B 134 18.70 -21.64 -29.61
CA VAL B 134 18.89 -20.41 -30.36
C VAL B 134 18.21 -20.57 -31.72
N GLY B 135 17.86 -19.44 -32.36
CA GLY B 135 17.16 -19.46 -33.64
C GLY B 135 15.71 -19.88 -33.50
N HIS B 136 15.25 -20.73 -34.42
CA HIS B 136 13.87 -21.20 -34.40
C HIS B 136 13.71 -22.56 -35.07
N LYS B 137 14.70 -23.43 -34.86
CA LYS B 137 14.55 -24.82 -35.27
C LYS B 137 13.51 -25.41 -34.35
N LEU B 138 12.87 -26.48 -34.80
CA LEU B 138 11.79 -27.09 -34.06
C LEU B 138 12.01 -28.58 -33.95
N ALA B 139 11.67 -29.16 -32.80
CA ALA B 139 11.64 -30.61 -32.64
C ALA B 139 10.34 -30.99 -31.99
N TYR B 140 9.65 -31.96 -32.57
CA TYR B 140 8.41 -32.44 -31.99
C TYR B 140 8.23 -33.95 -32.10
N VAL B 141 7.58 -34.52 -31.09
CA VAL B 141 7.29 -35.94 -31.02
C VAL B 141 5.81 -36.15 -31.34
N TRP B 142 5.54 -37.06 -32.28
CA TRP B 142 4.17 -37.38 -32.71
C TRP B 142 4.13 -38.87 -33.04
N ASN B 143 3.08 -39.54 -32.57
CA ASN B 143 2.95 -40.99 -32.70
C ASN B 143 4.22 -41.73 -32.31
N ASN B 144 4.87 -41.22 -31.27
CA ASN B 144 6.07 -41.81 -30.67
C ASN B 144 7.37 -41.65 -31.47
N ASP B 145 7.33 -40.76 -32.46
CA ASP B 145 8.48 -40.49 -33.32
C ASP B 145 8.89 -39.02 -33.33
N ILE B 146 10.16 -38.78 -33.60
CA ILE B 146 10.69 -37.41 -33.63
C ILE B 146 10.70 -36.82 -35.04
N TYR B 147 10.29 -35.56 -35.12
CA TYR B 147 10.33 -34.81 -36.37
C TYR B 147 11.08 -33.52 -36.12
N VAL B 148 11.69 -32.97 -37.16
CA VAL B 148 12.38 -31.68 -37.04
C VAL B 148 12.01 -30.75 -38.19
N LYS B 149 11.60 -29.54 -37.84
CA LYS B 149 11.41 -28.47 -38.82
C LYS B 149 12.57 -27.50 -38.68
N ILE B 150 13.30 -27.26 -39.77
CA ILE B 150 14.37 -26.27 -39.76
C ILE B 150 13.78 -24.86 -39.82
N GLU B 151 12.72 -24.70 -40.62
CA GLU B 151 11.91 -23.49 -40.60
C GLU B 151 10.48 -23.93 -40.30
N PRO B 152 9.68 -23.05 -39.65
CA PRO B 152 8.35 -23.46 -39.20
C PRO B 152 7.36 -23.79 -40.34
N ASN B 153 7.56 -23.21 -41.51
CA ASN B 153 6.62 -23.41 -42.61
C ASN B 153 7.05 -24.46 -43.64
N LEU B 154 8.20 -25.09 -43.40
CA LEU B 154 8.73 -26.09 -44.32
C LEU B 154 8.31 -27.49 -43.86
N PRO B 155 8.42 -28.48 -44.77
CA PRO B 155 8.13 -29.84 -44.34
C PRO B 155 9.11 -30.27 -43.25
N SER B 156 8.64 -31.08 -42.31
CA SER B 156 9.49 -31.57 -41.24
C SER B 156 10.27 -32.80 -41.66
N TYR B 157 11.45 -32.96 -41.08
CA TYR B 157 12.29 -34.12 -41.33
C TYR B 157 11.95 -35.17 -40.27
N ARG B 158 11.60 -36.35 -40.73
CA ARG B 158 11.30 -37.46 -39.84
C ARG B 158 12.62 -38.12 -39.37
N ILE B 159 12.93 -37.98 -38.09
CA ILE B 159 14.15 -38.54 -37.53
C ILE B 159 13.98 -40.05 -37.29
N THR B 160 12.91 -40.43 -36.60
CA THR B 160 12.70 -41.84 -36.26
C THR B 160 11.48 -42.48 -36.93
N TRP B 161 11.54 -43.79 -37.11
CA TRP B 161 10.51 -44.55 -37.81
C TRP B 161 10.08 -45.77 -36.99
N THR B 162 10.50 -45.82 -35.72
CA THR B 162 10.31 -47.02 -34.90
C THR B 162 9.24 -46.87 -33.80
N GLY B 163 8.80 -45.63 -33.56
CA GLY B 163 7.79 -45.32 -32.57
C GLY B 163 6.57 -46.22 -32.67
N LYS B 164 6.18 -46.81 -31.53
CA LYS B 164 5.06 -47.74 -31.47
C LYS B 164 4.37 -47.55 -30.15
N GLU B 165 3.11 -47.14 -30.20
CA GLU B 165 2.31 -46.84 -29.00
C GLU B 165 2.52 -47.89 -27.92
N ASP B 166 2.90 -47.43 -26.73
CA ASP B 166 3.18 -48.28 -25.54
C ASP B 166 4.44 -49.15 -25.59
N ILE B 167 5.03 -49.33 -26.76
CA ILE B 167 6.23 -50.17 -26.90
C ILE B 167 7.53 -49.37 -27.09
N ILE B 168 7.59 -48.57 -28.15
CA ILE B 168 8.81 -47.81 -28.47
C ILE B 168 8.58 -46.30 -28.40
N TYR B 169 9.30 -45.64 -27.49
CA TYR B 169 9.20 -44.20 -27.27
C TYR B 169 10.46 -43.48 -27.74
N ASN B 170 10.31 -42.53 -28.67
CA ASN B 170 11.42 -41.76 -29.19
C ASN B 170 11.31 -40.32 -28.78
N GLY B 171 12.24 -39.85 -27.93
CA GLY B 171 12.25 -38.45 -27.50
C GLY B 171 11.21 -38.09 -26.45
N ILE B 172 10.43 -39.08 -26.03
CA ILE B 172 9.51 -38.94 -24.91
C ILE B 172 9.73 -40.12 -23.97
N THR B 173 9.52 -39.89 -22.68
CA THR B 173 9.68 -40.92 -21.65
C THR B 173 8.47 -41.83 -21.57
N ASP B 174 8.65 -43.03 -21.03
CA ASP B 174 7.52 -43.92 -20.70
C ASP B 174 7.05 -43.54 -19.28
N TRP B 175 6.06 -44.27 -18.75
CA TRP B 175 5.47 -43.89 -17.45
C TRP B 175 6.52 -43.72 -16.36
N VAL B 176 7.39 -44.70 -16.20
CA VAL B 176 8.31 -44.74 -15.06
C VAL B 176 9.45 -43.74 -15.20
N TYR B 177 9.84 -43.46 -16.43
CA TYR B 177 10.89 -42.49 -16.63
C TYR B 177 10.37 -41.07 -16.44
N GLU B 178 9.10 -40.87 -16.78
CA GLU B 178 8.47 -39.56 -16.63
C GLU B 178 8.34 -39.20 -15.16
N GLU B 179 7.70 -40.10 -14.41
CA GLU B 179 7.46 -39.91 -13.01
C GLU B 179 8.75 -39.94 -12.18
N GLU B 180 9.60 -40.94 -12.41
CA GLU B 180 10.64 -41.23 -11.43
C GLU B 180 12.06 -40.82 -11.78
N VAL B 181 12.34 -40.67 -13.07
CA VAL B 181 13.71 -40.38 -13.52
C VAL B 181 13.88 -38.93 -13.99
N PHE B 182 13.14 -38.52 -15.02
CA PHE B 182 13.33 -37.20 -15.60
C PHE B 182 12.36 -36.13 -15.13
N SER B 183 11.31 -36.52 -14.40
CA SER B 183 10.25 -35.60 -13.98
C SER B 183 9.79 -34.79 -15.17
N ALA B 184 9.69 -35.43 -16.33
CA ALA B 184 9.32 -34.76 -17.58
C ALA B 184 8.92 -35.77 -18.63
N TYR B 185 8.15 -35.32 -19.59
CA TYR B 185 7.72 -36.17 -20.70
C TYR B 185 8.77 -36.23 -21.79
N SER B 186 9.50 -35.12 -21.98
CA SER B 186 10.50 -35.09 -23.03
C SER B 186 11.78 -35.83 -22.67
N ALA B 187 12.30 -36.51 -23.68
CA ALA B 187 13.62 -37.09 -23.65
C ALA B 187 14.34 -36.58 -24.90
N LEU B 188 14.27 -35.26 -25.10
CA LEU B 188 14.94 -34.55 -26.20
C LEU B 188 15.83 -33.46 -25.63
N TRP B 189 17.11 -33.45 -26.02
CA TRP B 189 18.04 -32.43 -25.53
C TRP B 189 18.85 -31.79 -26.65
N TRP B 190 18.55 -30.53 -26.96
CA TRP B 190 19.27 -29.80 -28.00
C TRP B 190 20.65 -29.42 -27.50
N SER B 191 21.63 -29.44 -28.38
CA SER B 191 22.96 -28.92 -28.05
C SER B 191 22.79 -27.41 -27.91
N PRO B 192 23.69 -26.74 -27.17
CA PRO B 192 23.56 -25.31 -26.86
C PRO B 192 23.22 -24.38 -28.03
N ASN B 193 23.82 -24.59 -29.22
CA ASN B 193 23.49 -23.74 -30.38
C ASN B 193 22.55 -24.38 -31.41
N GLY B 194 21.97 -25.52 -31.03
CA GLY B 194 20.97 -26.21 -31.85
C GLY B 194 21.49 -27.13 -32.94
N THR B 195 22.80 -27.29 -33.05
CA THR B 195 23.36 -28.16 -34.09
C THR B 195 22.94 -29.63 -33.91
N PHE B 196 23.07 -30.11 -32.66
CA PHE B 196 22.75 -31.50 -32.35
C PHE B 196 21.44 -31.61 -31.56
N LEU B 197 20.74 -32.71 -31.80
CA LEU B 197 19.54 -33.04 -31.04
C LEU B 197 19.74 -34.44 -30.50
N ALA B 198 20.04 -34.49 -29.20
CA ALA B 198 20.21 -35.73 -28.47
C ALA B 198 18.85 -36.19 -27.99
N TYR B 199 18.63 -37.49 -28.02
CA TYR B 199 17.39 -38.04 -27.56
C TYR B 199 17.56 -39.44 -26.97
N ALA B 200 16.61 -39.83 -26.13
CA ALA B 200 16.62 -41.15 -25.55
C ALA B 200 15.54 -41.98 -26.21
N GLN B 201 15.71 -43.29 -26.20
CA GLN B 201 14.70 -44.19 -26.74
C GLN B 201 14.45 -45.34 -25.77
N PHE B 202 13.21 -45.40 -25.32
CA PHE B 202 12.78 -46.38 -24.34
C PHE B 202 12.04 -47.51 -25.02
N ASN B 203 12.21 -48.70 -24.46
CA ASN B 203 11.64 -49.91 -25.01
C ASN B 203 10.87 -50.65 -23.92
N ASP B 204 9.55 -50.69 -24.06
CA ASP B 204 8.69 -51.29 -23.05
C ASP B 204 8.08 -52.63 -23.41
N THR B 205 8.59 -53.26 -24.47
CA THR B 205 7.99 -54.51 -24.99
C THR B 205 7.57 -55.51 -23.90
N GLU B 206 8.45 -55.76 -22.94
CA GLU B 206 8.12 -56.77 -21.92
C GLU B 206 7.77 -56.21 -20.53
N VAL B 207 7.49 -54.91 -20.48
CA VAL B 207 7.05 -54.28 -19.24
C VAL B 207 5.56 -54.62 -19.05
N PRO B 208 5.20 -55.20 -17.89
CA PRO B 208 3.79 -55.59 -17.72
C PRO B 208 2.89 -54.37 -17.63
N LEU B 209 1.63 -54.56 -17.97
CA LEU B 209 0.65 -53.47 -18.02
C LEU B 209 -0.16 -53.43 -16.74
N ILE B 210 -0.23 -52.26 -16.09
CA ILE B 210 -1.26 -52.02 -15.08
C ILE B 210 -2.54 -51.77 -15.83
N GLU B 211 -3.64 -52.35 -15.34
CA GLU B 211 -4.94 -52.19 -15.98
C GLU B 211 -5.96 -51.74 -14.94
N TYR B 212 -6.77 -50.76 -15.30
CA TYR B 212 -7.83 -50.25 -14.44
C TYR B 212 -8.97 -49.68 -15.24
N SER B 213 -10.15 -49.62 -14.63
CA SER B 213 -11.33 -49.13 -15.31
C SER B 213 -11.38 -47.61 -15.38
N PHE B 214 -11.77 -47.09 -16.54
CA PHE B 214 -12.09 -45.67 -16.67
C PHE B 214 -13.56 -45.57 -17.03
N TYR B 215 -14.33 -44.89 -16.18
CA TYR B 215 -15.78 -44.87 -16.34
C TYR B 215 -16.26 -43.78 -17.27
N SER B 216 -15.51 -42.67 -17.30
CA SER B 216 -15.75 -41.57 -18.24
C SER B 216 -17.05 -40.85 -17.94
N ASP B 217 -17.47 -40.01 -18.89
CA ASP B 217 -18.77 -39.38 -18.83
C ASP B 217 -19.82 -40.48 -18.69
N GLU B 218 -20.94 -40.17 -18.02
CA GLU B 218 -21.99 -41.16 -17.81
C GLU B 218 -22.61 -41.68 -19.13
N SER B 219 -22.31 -41.05 -20.25
CA SER B 219 -22.82 -41.51 -21.56
C SER B 219 -22.07 -42.73 -22.14
N LEU B 220 -20.89 -43.04 -21.59
CA LEU B 220 -20.13 -44.23 -22.01
C LEU B 220 -20.83 -45.47 -21.44
N GLN B 221 -21.36 -46.31 -22.32
CA GLN B 221 -22.13 -47.48 -21.91
C GLN B 221 -21.27 -48.55 -21.23
N TYR B 222 -20.10 -48.81 -21.81
CA TYR B 222 -19.15 -49.78 -21.28
C TYR B 222 -17.92 -49.07 -20.79
N PRO B 223 -17.52 -49.33 -19.54
CA PRO B 223 -16.29 -48.70 -19.09
C PRO B 223 -15.12 -49.07 -19.98
N LYS B 224 -14.14 -48.18 -20.00
CA LYS B 224 -12.92 -48.36 -20.75
C LYS B 224 -11.90 -48.98 -19.79
N THR B 225 -11.03 -49.84 -20.30
CA THR B 225 -9.91 -50.36 -19.53
C THR B 225 -8.62 -49.70 -20.00
N VAL B 226 -8.03 -48.89 -19.14
CA VAL B 226 -6.77 -48.23 -19.44
C VAL B 226 -5.64 -49.22 -19.14
N ARG B 227 -4.69 -49.32 -20.07
CA ARG B 227 -3.58 -50.26 -19.96
C ARG B 227 -2.28 -49.49 -20.08
N VAL B 228 -1.47 -49.49 -19.02
CA VAL B 228 -0.25 -48.68 -19.01
C VAL B 228 0.99 -49.53 -18.68
N PRO B 229 2.01 -49.47 -19.55
CA PRO B 229 3.26 -50.20 -19.27
C PRO B 229 3.85 -49.62 -18.00
N TYR B 230 3.88 -50.43 -16.95
CA TYR B 230 4.22 -49.90 -15.63
C TYR B 230 4.93 -50.99 -14.85
N PRO B 231 6.24 -50.83 -14.64
CA PRO B 231 6.99 -51.87 -13.95
C PRO B 231 6.88 -51.73 -12.45
N LYS B 232 6.31 -52.73 -11.80
CA LYS B 232 6.24 -52.75 -10.35
C LYS B 232 7.56 -53.30 -9.80
N ALA B 233 7.84 -53.06 -8.54
CA ALA B 233 9.10 -53.51 -7.93
C ALA B 233 9.43 -54.91 -8.39
N GLY B 234 10.64 -55.11 -8.91
CA GLY B 234 11.12 -56.40 -9.36
C GLY B 234 10.71 -56.89 -10.74
N ALA B 235 9.78 -56.18 -11.38
CA ALA B 235 9.26 -56.54 -12.70
C ALA B 235 10.25 -56.24 -13.82
N VAL B 236 9.91 -56.64 -15.04
CA VAL B 236 10.73 -56.29 -16.19
C VAL B 236 10.66 -54.78 -16.45
N ASN B 237 11.83 -54.14 -16.41
CA ASN B 237 11.99 -52.70 -16.63
C ASN B 237 12.12 -52.34 -18.11
N PRO B 238 11.83 -51.08 -18.46
CA PRO B 238 12.13 -50.63 -19.81
C PRO B 238 13.64 -50.58 -20.09
N THR B 239 14.03 -50.84 -21.33
CA THR B 239 15.42 -50.65 -21.72
C THR B 239 15.54 -49.29 -22.36
N VAL B 240 16.78 -48.79 -22.43
CA VAL B 240 17.04 -47.45 -22.93
C VAL B 240 18.28 -47.42 -23.83
N LYS B 241 18.13 -46.71 -24.95
CA LYS B 241 19.21 -46.43 -25.88
C LYS B 241 19.28 -44.92 -26.08
N PHE B 242 20.48 -44.41 -26.37
CA PHE B 242 20.67 -42.98 -26.50
C PHE B 242 21.27 -42.63 -27.86
N PHE B 243 20.78 -41.55 -28.45
CA PHE B 243 21.21 -41.12 -29.79
C PHE B 243 21.47 -39.63 -29.88
N VAL B 244 22.23 -39.24 -30.91
CA VAL B 244 22.46 -37.85 -31.25
C VAL B 244 22.42 -37.74 -32.77
N VAL B 245 21.52 -36.89 -33.26
CA VAL B 245 21.43 -36.60 -34.67
C VAL B 245 21.87 -35.16 -34.92
N ASN B 246 22.62 -34.97 -36.00
CA ASN B 246 23.05 -33.63 -36.44
C ASN B 246 21.94 -33.04 -37.29
N THR B 247 21.28 -31.99 -36.77
CA THR B 247 20.17 -31.38 -37.47
C THR B 247 20.61 -30.53 -38.65
N ASP B 248 21.86 -30.06 -38.63
CA ASP B 248 22.42 -29.28 -39.74
C ASP B 248 22.61 -30.10 -41.03
N SER B 249 22.84 -31.41 -40.88
CA SER B 249 23.09 -32.25 -42.06
C SER B 249 21.90 -33.14 -42.46
N LEU B 250 20.71 -32.76 -42.01
CA LEU B 250 19.47 -33.39 -42.46
C LEU B 250 19.29 -33.18 -43.97
N SER B 251 18.68 -34.15 -44.63
CA SER B 251 18.38 -34.05 -46.05
C SER B 251 16.98 -34.61 -46.29
N SER B 252 16.29 -34.11 -47.29
CA SER B 252 14.96 -34.60 -47.62
C SER B 252 15.05 -35.69 -48.68
N VAL B 253 16.25 -36.22 -48.86
CA VAL B 253 16.49 -37.24 -49.87
C VAL B 253 16.88 -38.58 -49.26
N THR B 254 17.56 -38.54 -48.12
CA THR B 254 17.90 -39.74 -47.36
C THR B 254 17.33 -39.63 -45.94
N ASN B 255 17.00 -40.78 -45.33
CA ASN B 255 16.59 -40.82 -43.92
C ASN B 255 17.72 -40.29 -43.03
N ALA B 256 17.35 -39.60 -41.95
CA ALA B 256 18.32 -39.06 -40.99
C ALA B 256 19.15 -40.15 -40.31
N THR B 257 20.42 -39.84 -40.07
CA THR B 257 21.33 -40.75 -39.39
C THR B 257 21.51 -40.38 -37.91
N SER B 258 21.02 -41.23 -37.02
CA SER B 258 21.15 -41.01 -35.58
C SER B 258 22.34 -41.80 -35.03
N ILE B 259 23.24 -41.13 -34.32
CA ILE B 259 24.46 -41.79 -33.82
C ILE B 259 24.23 -42.29 -32.42
N GLN B 260 24.32 -43.60 -32.24
CA GLN B 260 24.12 -44.17 -30.92
C GLN B 260 25.31 -43.93 -30.00
N ILE B 261 25.02 -43.53 -28.77
CA ILE B 261 26.01 -43.52 -27.70
C ILE B 261 25.59 -44.62 -26.74
N THR B 262 26.42 -45.65 -26.64
CA THR B 262 26.12 -46.79 -25.78
C THR B 262 26.50 -46.49 -24.33
N ALA B 263 25.85 -47.18 -23.40
CA ALA B 263 26.19 -47.04 -21.99
C ALA B 263 27.56 -47.68 -21.72
N PRO B 264 28.26 -47.23 -20.66
CA PRO B 264 29.54 -47.85 -20.30
C PRO B 264 29.36 -49.32 -19.92
N ALA B 265 30.38 -50.13 -20.19
CA ALA B 265 30.34 -51.57 -19.93
C ALA B 265 29.92 -51.91 -18.51
N SER B 266 30.30 -51.07 -17.56
CA SER B 266 29.92 -51.27 -16.16
C SER B 266 28.39 -51.19 -15.97
N MET B 267 27.67 -50.66 -16.96
CA MET B 267 26.22 -50.53 -16.89
C MET B 267 25.51 -51.58 -17.73
N LEU B 268 26.03 -51.87 -18.91
CA LEU B 268 25.42 -52.84 -19.83
C LEU B 268 25.45 -54.26 -19.30
N ILE B 269 26.17 -54.46 -18.19
CA ILE B 269 26.31 -55.77 -17.58
C ILE B 269 24.98 -56.28 -16.97
N GLY B 270 24.13 -55.34 -16.56
CA GLY B 270 22.81 -55.67 -16.03
C GLY B 270 21.84 -54.52 -16.30
N ASP B 271 20.63 -54.65 -15.77
CA ASP B 271 19.63 -53.60 -15.88
C ASP B 271 20.18 -52.27 -15.37
N HIS B 272 19.89 -51.21 -16.11
CA HIS B 272 20.41 -49.90 -15.80
C HIS B 272 19.44 -48.83 -16.27
N TYR B 273 19.71 -47.58 -15.91
CA TYR B 273 18.93 -46.44 -16.34
C TYR B 273 19.84 -45.34 -16.85
N LEU B 274 19.30 -44.51 -17.74
CA LEU B 274 19.87 -43.22 -18.07
C LEU B 274 19.20 -42.26 -17.09
N CYS B 275 19.99 -41.54 -16.30
CA CYS B 275 19.40 -40.65 -15.29
C CYS B 275 19.65 -39.15 -15.53
N ASP B 276 20.66 -38.82 -16.33
CA ASP B 276 20.96 -37.42 -16.63
C ASP B 276 21.56 -37.25 -18.01
N VAL B 277 21.15 -36.17 -18.67
CA VAL B 277 21.71 -35.76 -19.94
C VAL B 277 22.01 -34.29 -19.78
N THR B 278 23.28 -33.91 -19.98
CA THR B 278 23.66 -32.51 -19.84
C THR B 278 24.72 -32.17 -20.84
N TRP B 279 24.35 -31.34 -21.81
CA TRP B 279 25.30 -30.76 -22.74
C TRP B 279 26.33 -29.92 -22.01
N ALA B 280 27.59 -30.07 -22.40
CA ALA B 280 28.68 -29.32 -21.81
C ALA B 280 29.10 -28.19 -22.74
N THR B 281 29.14 -28.47 -24.04
CA THR B 281 29.51 -27.49 -25.06
C THR B 281 28.78 -27.87 -26.34
N GLN B 282 29.06 -27.11 -27.40
CA GLN B 282 28.56 -27.41 -28.74
C GLN B 282 28.85 -28.86 -29.17
N GLU B 283 29.99 -29.39 -28.73
CA GLU B 283 30.45 -30.71 -29.16
C GLU B 283 30.74 -31.69 -28.04
N ARG B 284 30.20 -31.42 -26.85
CA ARG B 284 30.45 -32.28 -25.72
C ARG B 284 29.20 -32.39 -24.86
N ILE B 285 28.81 -33.63 -24.62
CA ILE B 285 27.64 -33.95 -23.85
C ILE B 285 28.05 -34.89 -22.72
N SER B 286 27.40 -34.78 -21.58
CA SER B 286 27.65 -35.68 -20.47
C SER B 286 26.41 -36.47 -20.16
N LEU B 287 26.58 -37.77 -19.99
CA LEU B 287 25.50 -38.69 -19.66
C LEU B 287 25.77 -39.27 -18.28
N GLN B 288 24.73 -39.39 -17.47
CA GLN B 288 24.86 -40.19 -16.28
C GLN B 288 23.96 -41.42 -16.42
N TRP B 289 24.52 -42.56 -16.05
CA TRP B 289 23.81 -43.82 -16.06
C TRP B 289 23.81 -44.40 -14.65
N LEU B 290 22.72 -45.09 -14.31
CA LEU B 290 22.50 -45.64 -12.98
C LEU B 290 22.22 -47.12 -13.12
N ARG B 291 22.82 -47.93 -12.26
CA ARG B 291 22.47 -49.35 -12.20
C ARG B 291 21.11 -49.55 -11.54
N ARG B 292 20.42 -50.63 -11.89
CA ARG B 292 19.12 -50.92 -11.31
C ARG B 292 19.19 -50.97 -9.79
N ILE B 293 20.27 -51.53 -9.25
CA ILE B 293 20.58 -51.33 -7.85
C ILE B 293 21.20 -49.93 -7.84
N GLN B 294 20.45 -48.97 -7.31
CA GLN B 294 20.77 -47.57 -7.50
C GLN B 294 21.82 -46.98 -6.54
N ASN B 295 22.88 -47.75 -6.29
CA ASN B 295 23.99 -47.33 -5.45
C ASN B 295 25.26 -47.04 -6.26
N TYR B 296 25.14 -47.08 -7.58
CA TYR B 296 26.30 -46.97 -8.47
C TYR B 296 25.93 -46.30 -9.78
N SER B 297 26.56 -45.17 -10.06
CA SER B 297 26.27 -44.43 -11.28
C SER B 297 27.56 -44.01 -11.97
N VAL B 298 27.49 -43.93 -13.29
CA VAL B 298 28.63 -43.54 -14.09
C VAL B 298 28.25 -42.37 -14.97
N MET B 299 29.05 -41.32 -14.91
CA MET B 299 28.99 -40.23 -15.85
C MET B 299 30.00 -40.46 -16.96
N ASP B 300 29.48 -40.49 -18.19
CA ASP B 300 30.33 -40.43 -19.37
C ASP B 300 30.38 -38.97 -19.83
N ILE B 301 31.48 -38.63 -20.50
CA ILE B 301 31.66 -37.31 -21.09
C ILE B 301 32.10 -37.57 -22.51
N CYS B 302 31.31 -37.11 -23.47
CA CYS B 302 31.46 -37.57 -24.85
C CYS B 302 31.64 -36.43 -25.86
N ASP B 303 32.83 -36.41 -26.47
CA ASP B 303 33.17 -35.43 -27.48
C ASP B 303 32.75 -35.91 -28.86
N TYR B 304 32.28 -34.97 -29.68
CA TYR B 304 31.97 -35.23 -31.07
C TYR B 304 33.27 -35.32 -31.86
N ASP B 305 33.35 -36.30 -32.75
CA ASP B 305 34.51 -36.47 -33.61
C ASP B 305 34.21 -35.94 -35.01
N GLU B 306 34.97 -34.94 -35.44
CA GLU B 306 34.74 -34.26 -36.72
C GLU B 306 34.89 -35.13 -37.96
N SER B 307 35.93 -35.98 -37.99
CA SER B 307 36.18 -36.85 -39.15
C SER B 307 35.27 -38.09 -39.17
N SER B 308 34.89 -38.59 -37.99
CA SER B 308 33.99 -39.74 -37.88
C SER B 308 32.55 -39.36 -38.18
N GLY B 309 32.14 -38.22 -37.63
CA GLY B 309 30.74 -37.85 -37.59
C GLY B 309 30.10 -38.64 -36.45
N ARG B 310 30.94 -39.20 -35.60
CA ARG B 310 30.49 -40.01 -34.48
C ARG B 310 30.84 -39.40 -33.12
N TRP B 311 30.26 -39.97 -32.07
CA TRP B 311 30.48 -39.51 -30.73
C TRP B 311 31.28 -40.55 -29.97
N ASN B 312 32.24 -40.09 -29.18
CA ASN B 312 33.13 -40.98 -28.45
C ASN B 312 33.29 -40.57 -27.00
N CYS B 313 33.02 -41.50 -26.08
CA CYS B 313 33.16 -41.23 -24.65
C CYS B 313 34.43 -41.88 -24.15
N LEU B 314 35.41 -41.06 -23.81
CA LEU B 314 36.70 -41.55 -23.36
C LEU B 314 36.65 -42.04 -21.91
N VAL B 315 37.15 -43.25 -21.70
CA VAL B 315 37.15 -43.89 -20.39
C VAL B 315 37.91 -43.10 -19.32
N ALA B 316 38.95 -42.37 -19.73
CA ALA B 316 39.68 -41.48 -18.81
C ALA B 316 38.79 -40.36 -18.24
N ARG B 317 37.85 -39.88 -19.05
CA ARG B 317 36.91 -38.82 -18.63
C ARG B 317 35.65 -39.38 -17.91
N GLN B 318 35.68 -40.66 -17.57
CA GLN B 318 34.55 -41.33 -16.92
C GLN B 318 34.52 -41.00 -15.43
N HIS B 319 33.33 -40.75 -14.89
CA HIS B 319 33.22 -40.40 -13.47
C HIS B 319 32.21 -41.27 -12.75
N ILE B 320 32.65 -41.81 -11.62
CA ILE B 320 31.86 -42.76 -10.85
C ILE B 320 31.36 -42.11 -9.58
N GLU B 321 30.04 -42.20 -9.38
CA GLU B 321 29.47 -41.76 -8.13
C GLU B 321 28.71 -42.93 -7.55
N MET B 322 29.02 -43.24 -6.28
CA MET B 322 28.38 -44.34 -5.59
C MET B 322 28.19 -44.01 -4.13
N SER B 323 27.46 -44.87 -3.43
CA SER B 323 27.22 -44.71 -2.02
C SER B 323 27.26 -46.09 -1.38
N THR B 324 27.86 -46.19 -0.21
CA THR B 324 27.91 -47.46 0.51
C THR B 324 26.83 -47.52 1.55
N THR B 325 26.18 -46.38 1.81
CA THR B 325 25.21 -46.28 2.90
C THR B 325 23.76 -46.31 2.43
N GLY B 326 23.52 -45.78 1.24
CA GLY B 326 22.19 -45.80 0.62
C GLY B 326 22.26 -45.78 -0.89
N TRP B 327 21.33 -45.05 -1.50
CA TRP B 327 21.29 -44.85 -2.94
C TRP B 327 22.15 -43.64 -3.31
N VAL B 328 22.29 -43.35 -4.60
CA VAL B 328 23.06 -42.18 -5.00
C VAL B 328 22.18 -41.01 -5.46
N GLY B 329 22.54 -39.80 -5.01
CA GLY B 329 21.77 -38.57 -5.28
C GLY B 329 20.59 -38.46 -4.32
N ARG B 330 19.90 -37.32 -4.35
CA ARG B 330 18.72 -37.15 -3.50
C ARG B 330 17.56 -38.01 -3.98
N PHE B 331 17.26 -37.95 -5.27
CA PHE B 331 16.32 -38.88 -5.91
C PHE B 331 16.97 -39.51 -7.14
N ARG B 332 17.99 -38.80 -7.65
CA ARG B 332 18.81 -39.27 -8.76
C ARG B 332 20.17 -38.57 -8.63
N PRO B 333 21.23 -39.14 -9.24
CA PRO B 333 22.52 -38.42 -9.31
C PRO B 333 22.33 -36.98 -9.76
N SER B 334 23.07 -36.07 -9.14
CA SER B 334 22.92 -34.65 -9.40
C SER B 334 23.41 -34.29 -10.81
N GLU B 335 22.90 -33.16 -11.34
CA GLU B 335 23.32 -32.71 -12.66
C GLU B 335 24.63 -31.94 -12.56
N PRO B 336 25.50 -32.06 -13.59
CA PRO B 336 26.74 -31.28 -13.62
C PRO B 336 26.50 -29.88 -14.19
N HIS B 337 27.31 -28.92 -13.76
CA HIS B 337 27.28 -27.57 -14.32
C HIS B 337 28.66 -27.25 -14.83
N PHE B 338 28.77 -27.20 -16.14
CA PHE B 338 30.04 -27.05 -16.81
C PHE B 338 30.54 -25.61 -16.90
N THR B 339 31.85 -25.44 -16.79
CA THR B 339 32.48 -24.16 -17.06
C THR B 339 32.39 -23.95 -18.56
N LEU B 340 32.49 -22.69 -19.00
CA LEU B 340 32.31 -22.35 -20.41
C LEU B 340 33.10 -23.25 -21.39
N ASP B 341 34.36 -23.54 -21.09
CA ASP B 341 35.18 -24.39 -21.96
C ASP B 341 34.83 -25.90 -21.89
N GLY B 342 33.96 -26.26 -20.95
CA GLY B 342 33.52 -27.65 -20.77
C GLY B 342 34.60 -28.58 -20.26
N ASN B 343 35.65 -28.02 -19.66
CA ASN B 343 36.78 -28.80 -19.15
C ASN B 343 36.68 -29.04 -17.65
N SER B 344 35.73 -28.35 -17.02
CA SER B 344 35.46 -28.48 -15.60
C SER B 344 33.96 -28.46 -15.34
N PHE B 345 33.56 -29.07 -14.23
CA PHE B 345 32.17 -28.94 -13.80
C PHE B 345 32.01 -28.90 -12.30
N TYR B 346 30.87 -28.37 -11.87
CA TYR B 346 30.50 -28.34 -10.47
C TYR B 346 29.29 -29.24 -10.32
N LYS B 347 29.17 -29.90 -9.18
CA LYS B 347 28.15 -30.92 -9.00
C LYS B 347 28.00 -31.18 -7.52
N ILE B 348 26.75 -31.20 -7.06
CA ILE B 348 26.43 -31.51 -5.68
C ILE B 348 26.57 -33.01 -5.46
N ILE B 349 27.46 -33.38 -4.55
CA ILE B 349 27.61 -34.76 -4.11
C ILE B 349 27.78 -34.79 -2.59
N SER B 350 27.60 -35.97 -2.00
CA SER B 350 27.74 -36.10 -0.55
C SER B 350 29.19 -36.26 -0.16
N ASN B 351 29.65 -35.40 0.75
CA ASN B 351 31.03 -35.45 1.22
C ASN B 351 31.28 -36.61 2.18
N GLU B 352 32.54 -36.75 2.59
CA GLU B 352 33.02 -37.83 3.44
C GLU B 352 32.18 -38.09 4.70
N GLU B 353 31.48 -37.06 5.17
CA GLU B 353 30.59 -37.25 6.32
C GLU B 353 29.11 -37.07 5.97
N GLY B 354 28.76 -37.42 4.73
CA GLY B 354 27.37 -37.51 4.31
C GLY B 354 26.62 -36.23 4.03
N TYR B 355 27.31 -35.09 4.02
CA TYR B 355 26.65 -33.83 3.69
C TYR B 355 26.84 -33.47 2.22
N ARG B 356 25.75 -33.05 1.59
CA ARG B 356 25.78 -32.71 0.16
C ARG B 356 26.31 -31.33 -0.10
N HIS B 357 27.42 -31.28 -0.84
CA HIS B 357 28.09 -30.04 -1.17
C HIS B 357 28.61 -30.03 -2.60
N ILE B 358 29.01 -28.84 -3.05
CA ILE B 358 29.45 -28.65 -4.41
C ILE B 358 30.90 -29.10 -4.55
N CYS B 359 31.12 -30.13 -5.36
CA CYS B 359 32.46 -30.58 -5.64
C CYS B 359 32.90 -30.05 -7.01
N TYR B 360 34.13 -29.57 -7.09
CA TYR B 360 34.67 -29.02 -8.33
C TYR B 360 35.48 -30.09 -9.06
N PHE B 361 35.02 -30.48 -10.24
CA PHE B 361 35.64 -31.56 -10.98
C PHE B 361 36.41 -31.07 -12.19
N GLN B 362 37.49 -31.78 -12.49
CA GLN B 362 38.22 -31.60 -13.73
C GLN B 362 37.83 -32.77 -14.60
N ILE B 363 37.55 -32.50 -15.86
CA ILE B 363 37.14 -33.51 -16.84
C ILE B 363 38.05 -34.75 -16.91
N ASP B 364 39.36 -34.54 -16.85
CA ASP B 364 40.37 -35.59 -17.01
C ASP B 364 40.83 -36.17 -15.67
N LYS B 365 40.22 -35.73 -14.57
CA LYS B 365 40.67 -36.12 -13.22
C LYS B 365 39.61 -36.86 -12.42
N LYS B 366 40.06 -37.82 -11.61
CA LYS B 366 39.19 -38.67 -10.78
C LYS B 366 38.68 -37.96 -9.54
N ASP B 367 39.61 -37.41 -8.75
CA ASP B 367 39.31 -36.72 -7.50
C ASP B 367 38.87 -35.27 -7.72
N CYS B 368 37.83 -34.86 -7.00
CA CYS B 368 37.36 -33.48 -7.06
C CYS B 368 37.68 -32.75 -5.76
N THR B 369 37.50 -31.44 -5.77
CA THR B 369 37.67 -30.63 -4.56
C THR B 369 36.37 -29.92 -4.12
N PHE B 370 35.99 -30.10 -2.86
CA PHE B 370 34.78 -29.52 -2.34
C PHE B 370 34.91 -28.03 -2.12
N ILE B 371 34.01 -27.26 -2.73
CA ILE B 371 34.03 -25.80 -2.57
C ILE B 371 33.16 -25.30 -1.40
N THR B 372 32.30 -26.17 -0.87
CA THR B 372 31.52 -25.87 0.36
C THR B 372 31.64 -26.96 1.42
N LYS B 373 31.63 -26.54 2.69
CA LYS B 373 31.79 -27.41 3.87
C LYS B 373 30.68 -27.09 4.85
N GLY B 374 30.49 -27.97 5.83
CA GLY B 374 29.60 -27.66 6.95
C GLY B 374 28.50 -28.66 7.17
N THR B 375 27.89 -28.56 8.35
CA THR B 375 26.78 -29.41 8.74
C THR B 375 25.48 -28.77 8.25
N TRP B 376 25.40 -28.68 6.93
CA TRP B 376 24.23 -28.19 6.22
C TRP B 376 24.39 -28.69 4.79
N GLU B 377 23.47 -28.31 3.89
CA GLU B 377 23.52 -28.84 2.54
C GLU B 377 23.25 -27.85 1.42
N VAL B 378 23.88 -28.09 0.27
CA VAL B 378 23.58 -27.34 -0.92
C VAL B 378 22.37 -28.00 -1.56
N ILE B 379 21.34 -27.19 -1.78
CA ILE B 379 20.09 -27.63 -2.38
C ILE B 379 20.24 -27.74 -3.90
N GLY B 380 20.72 -26.66 -4.52
CA GLY B 380 20.94 -26.66 -5.97
C GLY B 380 21.96 -25.63 -6.39
N ILE B 381 22.66 -25.92 -7.48
CA ILE B 381 23.49 -24.94 -8.15
C ILE B 381 22.58 -24.25 -9.14
N GLU B 382 22.50 -22.92 -9.08
CA GLU B 382 21.55 -22.19 -9.91
C GLU B 382 22.15 -21.48 -11.13
N ALA B 383 23.38 -20.98 -10.99
CA ALA B 383 24.08 -20.31 -12.08
C ALA B 383 25.55 -20.27 -11.78
N LEU B 384 26.36 -20.28 -12.85
CA LEU B 384 27.78 -20.04 -12.70
C LEU B 384 28.29 -19.18 -13.85
N THR B 385 29.20 -18.27 -13.52
CA THR B 385 29.83 -17.40 -14.49
C THR B 385 31.34 -17.68 -14.46
N SER B 386 32.14 -16.76 -14.99
CA SER B 386 33.59 -16.89 -14.95
C SER B 386 34.11 -16.75 -13.52
N ASP B 387 33.46 -15.87 -12.75
CA ASP B 387 33.93 -15.46 -11.44
C ASP B 387 33.11 -15.98 -10.25
N TYR B 388 31.86 -16.39 -10.50
CA TYR B 388 30.98 -16.79 -9.41
C TYR B 388 30.15 -18.05 -9.68
N LEU B 389 29.87 -18.77 -8.60
CA LEU B 389 28.92 -19.87 -8.60
C LEU B 389 27.80 -19.44 -7.65
N TYR B 390 26.57 -19.55 -8.14
CA TYR B 390 25.38 -19.18 -7.40
C TYR B 390 24.66 -20.46 -7.04
N TYR B 391 24.22 -20.56 -5.78
CA TYR B 391 23.60 -21.78 -5.30
C TYR B 391 22.65 -21.50 -4.14
N ILE B 392 21.69 -22.41 -3.96
CA ILE B 392 20.75 -22.36 -2.86
C ILE B 392 21.20 -23.37 -1.81
N SER B 393 21.17 -22.96 -0.54
CA SER B 393 21.51 -23.88 0.54
C SER B 393 20.69 -23.61 1.79
N ASN B 394 20.81 -24.49 2.78
CA ASN B 394 20.12 -24.28 4.05
C ASN B 394 21.09 -24.00 5.19
N GLU B 395 22.14 -23.23 4.91
CA GLU B 395 23.15 -22.88 5.90
C GLU B 395 22.67 -21.83 6.91
N TYR B 396 21.89 -20.87 6.46
CA TYR B 396 21.53 -19.73 7.30
C TYR B 396 20.85 -20.13 8.61
N LYS B 397 21.47 -19.72 9.73
CA LYS B 397 20.98 -20.01 11.09
C LYS B 397 20.86 -21.51 11.40
N GLY B 398 21.51 -22.34 10.59
CA GLY B 398 21.51 -23.80 10.79
C GLY B 398 20.15 -24.46 10.63
N MET B 399 19.25 -23.83 9.85
CA MET B 399 17.87 -24.30 9.66
C MET B 399 17.67 -25.06 8.34
N PRO B 400 17.63 -26.40 8.41
CA PRO B 400 17.45 -27.19 7.17
C PRO B 400 16.21 -26.85 6.37
N GLY B 401 15.19 -26.31 7.03
CA GLY B 401 13.94 -25.97 6.35
C GLY B 401 13.95 -24.57 5.78
N GLY B 402 15.09 -23.90 5.86
CA GLY B 402 15.28 -22.55 5.31
C GLY B 402 16.07 -22.64 4.01
N ARG B 403 16.00 -21.62 3.18
CA ARG B 403 16.66 -21.63 1.87
C ARG B 403 17.13 -20.25 1.50
N ASN B 404 18.41 -20.11 1.16
CA ASN B 404 18.94 -18.81 0.73
C ASN B 404 19.87 -18.91 -0.48
N LEU B 405 19.97 -17.80 -1.21
CA LEU B 405 20.84 -17.71 -2.38
C LEU B 405 22.22 -17.27 -1.95
N TYR B 406 23.23 -18.02 -2.37
CA TYR B 406 24.61 -17.71 -2.02
C TYR B 406 25.43 -17.57 -3.28
N LYS B 407 26.54 -16.86 -3.11
CA LYS B 407 27.44 -16.49 -4.16
C LYS B 407 28.83 -16.87 -3.63
N ILE B 408 29.49 -17.83 -4.30
CA ILE B 408 30.86 -18.21 -3.95
C ILE B 408 31.83 -17.82 -5.04
N GLN B 409 32.90 -17.14 -4.66
CA GLN B 409 33.94 -16.72 -5.59
C GLN B 409 34.80 -17.91 -6.03
N LEU B 410 34.85 -18.15 -7.34
CA LEU B 410 35.58 -19.28 -7.93
C LEU B 410 37.08 -19.28 -7.64
N SER B 411 37.64 -18.08 -7.46
CA SER B 411 39.07 -17.96 -7.16
C SER B 411 39.38 -18.05 -5.67
N ASP B 412 38.35 -17.98 -4.82
CA ASP B 412 38.55 -17.97 -3.36
C ASP B 412 37.31 -18.50 -2.63
N TYR B 413 37.37 -19.75 -2.19
CA TYR B 413 36.23 -20.43 -1.58
C TYR B 413 35.86 -19.89 -0.21
N THR B 414 36.81 -19.24 0.46
CA THR B 414 36.52 -18.60 1.74
C THR B 414 35.65 -17.35 1.55
N LYS B 415 35.49 -16.90 0.31
CA LYS B 415 34.66 -15.74 0.01
C LYS B 415 33.28 -16.16 -0.50
N VAL B 416 32.40 -16.41 0.47
CA VAL B 416 31.01 -16.76 0.21
C VAL B 416 30.16 -15.62 0.76
N THR B 417 29.28 -15.09 -0.09
CA THR B 417 28.39 -13.99 0.28
C THR B 417 26.94 -14.47 0.19
N CYS B 418 26.14 -14.19 1.22
CA CYS B 418 24.72 -14.52 1.16
C CYS B 418 23.91 -13.38 0.53
N LEU B 419 23.32 -13.65 -0.63
CA LEU B 419 22.62 -12.63 -1.37
C LEU B 419 21.22 -12.35 -0.85
N SER B 420 20.57 -13.36 -0.29
CA SER B 420 19.17 -13.23 0.12
C SER B 420 18.94 -13.19 1.63
N CYS B 421 19.93 -13.65 2.39
CA CYS B 421 19.77 -13.80 3.85
C CYS B 421 19.21 -12.59 4.57
N GLU B 422 19.69 -11.41 4.21
CA GLU B 422 19.46 -10.23 5.02
C GLU B 422 18.53 -9.20 4.39
N LEU B 423 17.95 -9.53 3.24
CA LEU B 423 17.03 -8.64 2.52
C LEU B 423 15.85 -8.22 3.39
N ASN B 424 15.09 -9.20 3.88
CA ASN B 424 14.13 -9.00 4.96
C ASN B 424 14.10 -10.27 5.76
N PRO B 425 14.96 -10.35 6.80
CA PRO B 425 15.18 -11.59 7.56
C PRO B 425 13.93 -12.14 8.24
N GLU B 426 13.04 -11.24 8.63
CA GLU B 426 11.86 -11.58 9.41
C GLU B 426 10.75 -12.26 8.59
N ARG B 427 10.49 -11.76 7.37
CA ARG B 427 9.42 -12.33 6.53
C ARG B 427 9.94 -13.29 5.46
N CYS B 428 11.25 -13.33 5.27
CA CYS B 428 11.83 -14.14 4.21
C CYS B 428 12.99 -15.02 4.65
N GLN B 429 12.76 -16.34 4.64
CA GLN B 429 13.75 -17.33 5.03
C GLN B 429 13.69 -18.54 4.10
N TYR B 430 13.12 -18.38 2.91
CA TYR B 430 13.00 -19.47 1.94
C TYR B 430 12.92 -18.84 0.54
N TYR B 431 13.99 -19.02 -0.23
CA TYR B 431 14.11 -18.36 -1.52
C TYR B 431 14.34 -19.36 -2.64
N SER B 432 13.87 -19.01 -3.82
CA SER B 432 14.31 -19.64 -5.07
C SER B 432 14.72 -18.49 -5.98
N VAL B 433 15.44 -18.78 -7.04
CA VAL B 433 15.97 -17.72 -7.90
C VAL B 433 15.77 -18.02 -9.38
N SER B 434 15.64 -16.95 -10.16
CA SER B 434 15.57 -17.06 -11.59
C SER B 434 16.59 -16.07 -12.17
N PHE B 435 17.68 -16.60 -12.72
CA PHE B 435 18.71 -15.77 -13.36
C PHE B 435 18.42 -15.50 -14.82
N SER B 436 18.79 -14.32 -15.28
CA SER B 436 18.75 -13.96 -16.70
C SER B 436 19.73 -14.82 -17.48
N LYS B 437 19.58 -14.86 -18.80
CA LYS B 437 20.34 -15.76 -19.68
C LYS B 437 21.82 -15.94 -19.33
N GLU B 438 22.47 -14.87 -18.87
CA GLU B 438 23.89 -14.95 -18.50
C GLU B 438 24.14 -14.41 -17.07
N ALA B 439 23.19 -14.67 -16.19
CA ALA B 439 23.25 -14.32 -14.76
C ALA B 439 23.42 -12.84 -14.40
N LYS B 440 23.22 -11.93 -15.36
CA LYS B 440 23.37 -10.49 -15.08
C LYS B 440 22.27 -9.93 -14.19
N TYR B 441 21.09 -10.54 -14.27
CA TYR B 441 19.96 -10.18 -13.44
C TYR B 441 19.37 -11.43 -12.86
N TYR B 442 18.76 -11.30 -11.68
CA TYR B 442 18.03 -12.42 -11.12
C TYR B 442 16.81 -11.94 -10.36
N GLN B 443 15.76 -12.76 -10.44
CA GLN B 443 14.57 -12.55 -9.65
C GLN B 443 14.65 -13.49 -8.47
N LEU B 444 14.33 -12.95 -7.29
CA LEU B 444 14.21 -13.77 -6.11
C LEU B 444 12.74 -14.00 -5.80
N ARG B 445 12.42 -15.26 -5.49
CA ARG B 445 11.12 -15.60 -4.96
C ARG B 445 11.29 -15.98 -3.51
N CYS B 446 10.75 -15.13 -2.66
CA CYS B 446 10.64 -15.41 -1.26
C CYS B 446 9.27 -16.04 -1.04
N SER B 447 9.25 -17.23 -0.45
CA SER B 447 7.99 -17.88 -0.07
C SER B 447 7.94 -17.88 1.45
N GLY B 448 9.00 -17.30 2.03
CA GLY B 448 9.39 -17.37 3.45
C GLY B 448 8.29 -17.29 4.48
N PRO B 449 8.65 -17.08 5.75
CA PRO B 449 7.63 -17.13 6.80
C PRO B 449 6.48 -16.16 6.49
N GLY B 450 6.82 -14.94 6.08
CA GLY B 450 5.81 -13.95 5.69
C GLY B 450 5.20 -14.18 4.31
N LEU B 451 4.37 -13.24 3.88
CA LEU B 451 3.73 -13.30 2.57
C LEU B 451 4.78 -13.33 1.47
N PRO B 452 4.58 -14.15 0.43
CA PRO B 452 5.53 -14.22 -0.68
C PRO B 452 5.92 -12.86 -1.22
N LEU B 453 7.18 -12.73 -1.60
CA LEU B 453 7.74 -11.48 -2.09
C LEU B 453 8.60 -11.77 -3.32
N TYR B 454 8.35 -11.03 -4.39
CA TYR B 454 9.08 -11.18 -5.64
C TYR B 454 9.86 -9.91 -5.93
N THR B 455 11.18 -10.03 -6.06
CA THR B 455 12.05 -8.87 -6.28
C THR B 455 13.04 -9.12 -7.41
N LEU B 456 13.52 -8.03 -8.01
CA LEU B 456 14.48 -8.10 -9.10
C LEU B 456 15.82 -7.51 -8.67
N HIS B 457 16.91 -8.12 -9.15
CA HIS B 457 18.25 -7.71 -8.77
C HIS B 457 19.22 -7.77 -9.94
N SER B 458 20.28 -6.98 -9.85
CA SER B 458 21.38 -7.04 -10.79
C SER B 458 22.53 -7.66 -10.03
N SER B 459 23.17 -8.66 -10.61
CA SER B 459 24.18 -9.42 -9.89
C SER B 459 25.55 -8.74 -9.79
N VAL B 460 25.75 -7.66 -10.55
CA VAL B 460 27.02 -6.91 -10.53
C VAL B 460 27.30 -6.27 -9.15
N ASN B 461 26.28 -5.68 -8.55
CA ASN B 461 26.40 -4.99 -7.27
C ASN B 461 25.49 -5.58 -6.21
N ASP B 462 24.63 -6.51 -6.64
CA ASP B 462 23.65 -7.19 -5.79
C ASP B 462 22.65 -6.26 -5.09
N LYS B 463 22.44 -5.08 -5.66
CA LYS B 463 21.43 -4.15 -5.14
C LYS B 463 20.05 -4.56 -5.66
N GLY B 464 19.01 -4.24 -4.88
CA GLY B 464 17.63 -4.51 -5.26
C GLY B 464 17.15 -3.50 -6.28
N LEU B 465 16.74 -3.99 -7.45
CA LEU B 465 16.26 -3.11 -8.50
C LEU B 465 14.83 -2.66 -8.21
N ARG B 466 13.93 -3.62 -7.97
CA ARG B 466 12.54 -3.29 -7.64
C ARG B 466 11.75 -4.45 -7.04
N VAL B 467 10.67 -4.07 -6.37
CA VAL B 467 9.67 -5.01 -5.89
C VAL B 467 8.77 -5.30 -7.08
N LEU B 468 8.70 -6.56 -7.47
CA LEU B 468 7.87 -7.01 -8.59
C LEU B 468 6.45 -7.32 -8.12
N GLU B 469 6.33 -8.02 -7.01
CA GLU B 469 5.04 -8.34 -6.39
C GLU B 469 5.23 -8.51 -4.89
N ASP B 470 4.51 -7.73 -4.09
CA ASP B 470 4.66 -7.79 -2.64
C ASP B 470 3.45 -8.34 -1.88
N ASN B 471 2.49 -8.89 -2.63
CA ASN B 471 1.23 -9.39 -2.06
C ASN B 471 0.54 -8.44 -1.08
N SER B 472 0.46 -7.16 -1.42
CA SER B 472 -0.09 -6.16 -0.50
C SER B 472 -1.60 -6.22 -0.45
N ALA B 473 -2.21 -6.64 -1.57
CA ALA B 473 -3.66 -6.87 -1.60
C ALA B 473 -4.03 -7.94 -0.57
N LEU B 474 -3.28 -9.04 -0.56
CA LEU B 474 -3.54 -10.14 0.38
C LEU B 474 -3.28 -9.75 1.83
N ASP B 475 -2.23 -8.95 2.04
CA ASP B 475 -1.93 -8.40 3.36
C ASP B 475 -3.07 -7.53 3.87
N LYS B 476 -3.70 -6.79 2.97
CA LYS B 476 -4.87 -5.99 3.30
C LYS B 476 -5.98 -6.88 3.84
N MET B 477 -6.32 -7.92 3.09
CA MET B 477 -7.44 -8.81 3.42
C MET B 477 -7.22 -9.57 4.71
N LEU B 478 -5.97 -9.98 4.94
CA LEU B 478 -5.60 -10.74 6.13
C LEU B 478 -5.54 -9.93 7.41
N GLN B 479 -5.44 -8.61 7.26
CA GLN B 479 -5.25 -7.71 8.41
C GLN B 479 -6.36 -7.88 9.45
N ASN B 480 -7.44 -8.53 9.04
CA ASN B 480 -8.70 -8.58 9.79
C ASN B 480 -9.13 -9.98 10.18
N VAL B 481 -8.38 -10.99 9.72
CA VAL B 481 -8.73 -12.38 9.95
C VAL B 481 -7.77 -13.05 10.93
N GLN B 482 -8.35 -13.80 11.87
CA GLN B 482 -7.56 -14.51 12.89
C GLN B 482 -6.79 -15.68 12.27
N MET B 483 -5.64 -15.34 11.67
CA MET B 483 -4.77 -16.30 11.02
C MET B 483 -3.95 -17.09 12.02
N PRO B 484 -3.58 -18.32 11.67
CA PRO B 484 -2.70 -19.11 12.53
C PRO B 484 -1.25 -18.66 12.43
N SER B 485 -0.41 -19.02 13.41
CA SER B 485 1.03 -18.82 13.29
C SER B 485 1.72 -20.17 13.05
N LYS B 486 3.00 -20.12 12.71
CA LYS B 486 3.80 -21.33 12.53
C LYS B 486 4.95 -21.37 13.54
N LYS B 487 5.06 -22.46 14.28
CA LYS B 487 6.21 -22.67 15.14
C LYS B 487 7.14 -23.67 14.44
N LEU B 488 8.36 -23.21 14.13
CA LEU B 488 9.37 -24.06 13.51
C LEU B 488 10.50 -24.20 14.50
N ASP B 489 10.66 -25.40 15.04
CA ASP B 489 11.69 -25.68 16.02
C ASP B 489 12.12 -27.15 15.87
N PHE B 490 12.88 -27.64 16.84
CA PHE B 490 13.41 -29.00 16.77
C PHE B 490 13.30 -29.72 18.11
N ILE B 491 13.59 -31.01 18.10
CA ILE B 491 13.70 -31.81 19.32
C ILE B 491 14.94 -32.70 19.23
N ILE B 492 15.54 -32.98 20.39
CA ILE B 492 16.73 -33.82 20.47
C ILE B 492 16.30 -35.28 20.62
N LEU B 493 16.85 -36.16 19.79
CA LEU B 493 16.59 -37.61 19.87
C LEU B 493 17.85 -38.35 19.48
N ASN B 494 18.35 -39.20 20.39
CA ASN B 494 19.65 -39.84 20.23
C ASN B 494 20.71 -38.80 19.89
N GLU B 495 20.67 -37.69 20.64
CA GLU B 495 21.56 -36.54 20.48
C GLU B 495 21.61 -35.97 19.04
N THR B 496 20.51 -36.17 18.31
CA THR B 496 20.33 -35.60 16.98
C THR B 496 19.13 -34.67 17.00
N LYS B 497 19.25 -33.53 16.32
CA LYS B 497 18.15 -32.57 16.17
C LYS B 497 17.21 -33.06 15.06
N PHE B 498 15.91 -33.10 15.37
CA PHE B 498 14.86 -33.40 14.38
C PHE B 498 13.82 -32.28 14.41
N TRP B 499 13.56 -31.69 13.24
CA TRP B 499 12.73 -30.50 13.17
C TRP B 499 11.25 -30.77 12.99
N TYR B 500 10.44 -29.93 13.60
CA TYR B 500 9.00 -30.01 13.42
C TYR B 500 8.44 -28.64 13.11
N GLN B 501 7.22 -28.62 12.60
CA GLN B 501 6.47 -27.39 12.51
C GLN B 501 5.10 -27.60 13.13
N MET B 502 4.53 -26.51 13.65
CA MET B 502 3.16 -26.52 14.14
C MET B 502 2.39 -25.38 13.53
N ILE B 503 1.29 -25.69 12.87
CA ILE B 503 0.37 -24.65 12.49
C ILE B 503 -0.51 -24.50 13.72
N LEU B 504 -0.32 -23.39 14.44
CA LEU B 504 -0.99 -23.13 15.71
C LEU B 504 -2.18 -22.19 15.55
N PRO B 505 -3.35 -22.57 16.11
CA PRO B 505 -4.55 -21.72 16.12
C PRO B 505 -4.27 -20.31 16.65
N PRO B 506 -5.03 -19.30 16.19
CA PRO B 506 -4.86 -17.94 16.69
C PRO B 506 -5.10 -17.83 18.20
N HIS B 507 -4.41 -16.89 18.84
CA HIS B 507 -4.45 -16.70 20.31
C HIS B 507 -4.07 -17.99 21.02
N PHE B 508 -3.10 -18.70 20.47
CA PHE B 508 -2.66 -19.98 21.01
C PHE B 508 -2.30 -19.87 22.48
N ASP B 509 -2.87 -20.78 23.28
CA ASP B 509 -2.68 -20.79 24.73
C ASP B 509 -1.96 -22.05 25.19
N LYS B 510 -0.74 -21.89 25.67
CA LYS B 510 0.08 -23.01 26.16
C LYS B 510 -0.64 -23.86 27.21
N SER B 511 -1.52 -23.23 27.98
CA SER B 511 -2.22 -23.88 29.08
C SER B 511 -3.45 -24.70 28.64
N LYS B 512 -3.98 -24.42 27.46
CA LYS B 512 -5.14 -25.16 26.95
C LYS B 512 -4.66 -26.51 26.38
N LYS B 513 -5.58 -27.45 26.18
CA LYS B 513 -5.27 -28.74 25.54
C LYS B 513 -5.93 -28.88 24.16
N TYR B 514 -5.18 -28.51 23.12
CA TYR B 514 -5.69 -28.58 21.74
C TYR B 514 -5.60 -29.99 21.16
N PRO B 515 -6.59 -30.36 20.32
CA PRO B 515 -6.44 -31.59 19.57
C PRO B 515 -5.34 -31.38 18.54
N LEU B 516 -4.67 -32.45 18.14
CA LEU B 516 -3.56 -32.34 17.22
C LEU B 516 -3.72 -33.25 16.03
N LEU B 517 -3.41 -32.71 14.86
CA LEU B 517 -3.35 -33.50 13.64
C LEU B 517 -1.89 -33.61 13.18
N LEU B 518 -1.41 -34.84 13.02
CA LEU B 518 -0.10 -35.04 12.49
C LEU B 518 -0.23 -35.14 10.97
N ASP B 519 0.28 -34.11 10.30
CA ASP B 519 0.29 -34.06 8.87
C ASP B 519 1.61 -34.71 8.52
N VAL B 520 1.52 -35.86 7.85
CA VAL B 520 2.70 -36.67 7.60
C VAL B 520 2.97 -36.90 6.11
N TYR B 521 4.26 -36.90 5.75
CA TYR B 521 4.70 -37.43 4.46
C TYR B 521 5.81 -38.46 4.70
N ALA B 522 6.96 -38.01 5.21
CA ALA B 522 8.00 -38.90 5.75
C ALA B 522 8.71 -39.84 4.76
N GLY B 523 8.55 -39.59 3.47
CA GLY B 523 9.25 -40.35 2.44
C GLY B 523 10.73 -40.05 2.47
N PRO B 524 11.55 -40.87 1.78
CA PRO B 524 12.98 -40.63 1.77
C PRO B 524 13.29 -39.24 1.20
N CYS B 525 14.08 -38.47 1.92
CA CYS B 525 14.47 -37.11 1.51
C CYS B 525 13.31 -36.12 1.51
N SER B 526 12.29 -36.40 2.31
CA SER B 526 11.18 -35.47 2.42
C SER B 526 11.57 -34.34 3.36
N GLN B 527 10.78 -33.26 3.31
CA GLN B 527 10.88 -32.16 4.27
C GLN B 527 9.50 -31.56 4.45
N LYS B 528 8.97 -31.70 5.65
CA LYS B 528 7.65 -31.22 5.98
C LYS B 528 7.69 -30.06 6.95
N ALA B 529 8.89 -29.77 7.44
CA ALA B 529 9.09 -28.67 8.37
C ALA B 529 9.98 -27.66 7.69
N ASP B 530 9.38 -26.55 7.29
CA ASP B 530 10.10 -25.51 6.56
C ASP B 530 9.58 -24.14 6.92
N THR B 531 10.03 -23.13 6.18
CA THR B 531 9.72 -21.76 6.49
C THR B 531 8.72 -21.18 5.47
N VAL B 532 8.14 -22.06 4.66
CA VAL B 532 7.25 -21.62 3.59
C VAL B 532 5.87 -21.19 4.12
N PHE B 533 5.37 -20.07 3.63
CA PHE B 533 4.03 -19.63 3.98
C PHE B 533 3.03 -20.35 3.10
N ARG B 534 2.02 -20.94 3.72
CA ARG B 534 1.01 -21.72 3.01
C ARG B 534 -0.40 -21.35 3.42
N LEU B 535 -1.29 -21.32 2.44
CA LEU B 535 -2.71 -21.21 2.67
C LEU B 535 -3.34 -22.52 2.20
N ASN B 536 -3.54 -23.44 3.13
CA ASN B 536 -4.03 -24.78 2.81
C ASN B 536 -5.08 -25.28 3.81
N TRP B 537 -5.37 -26.57 3.77
CA TRP B 537 -6.38 -27.17 4.63
C TRP B 537 -5.96 -27.03 6.09
N ALA B 538 -4.66 -27.17 6.32
CA ALA B 538 -4.09 -27.02 7.64
C ALA B 538 -4.33 -25.59 8.17
N THR B 539 -4.33 -24.61 7.27
CA THR B 539 -4.59 -23.24 7.68
C THR B 539 -6.00 -23.18 8.26
N TYR B 540 -6.97 -23.78 7.56
CA TYR B 540 -8.37 -23.78 7.99
C TYR B 540 -8.57 -24.49 9.33
N LEU B 541 -8.00 -25.67 9.46
CA LEU B 541 -8.11 -26.45 10.69
C LEU B 541 -7.63 -25.66 11.91
N ALA B 542 -6.51 -24.96 11.77
CA ALA B 542 -6.01 -24.14 12.87
C ALA B 542 -6.88 -22.91 13.09
N SER B 543 -7.07 -22.13 12.03
CA SER B 543 -7.77 -20.85 12.13
C SER B 543 -9.20 -21.00 12.60
N THR B 544 -9.93 -21.93 11.97
CA THR B 544 -11.36 -22.08 12.26
C THR B 544 -11.67 -23.10 13.35
N GLU B 545 -11.07 -24.29 13.26
CA GLU B 545 -11.40 -25.42 14.12
C GLU B 545 -10.56 -25.57 15.39
N ASN B 546 -9.56 -24.69 15.54
CA ASN B 546 -8.66 -24.72 16.70
C ASN B 546 -7.91 -26.04 16.88
N ILE B 547 -7.48 -26.60 15.76
CA ILE B 547 -6.71 -27.83 15.77
C ILE B 547 -5.26 -27.46 15.49
N ILE B 548 -4.34 -27.99 16.28
CA ILE B 548 -2.92 -27.85 15.97
C ILE B 548 -2.59 -28.89 14.90
N VAL B 549 -1.99 -28.45 13.81
CA VAL B 549 -1.55 -29.41 12.79
C VAL B 549 -0.05 -29.33 12.66
N ALA B 550 0.59 -30.40 13.09
CA ALA B 550 2.03 -30.50 13.20
C ALA B 550 2.60 -31.43 12.14
N SER B 551 3.87 -31.24 11.82
CA SER B 551 4.57 -32.09 10.88
C SER B 551 5.99 -32.31 11.39
N PHE B 552 6.54 -33.47 11.08
CA PHE B 552 7.81 -33.87 11.64
C PHE B 552 8.71 -34.56 10.63
N ASP B 553 9.98 -34.17 10.65
CA ASP B 553 10.99 -34.74 9.79
C ASP B 553 11.90 -35.61 10.65
N GLY B 554 11.62 -36.91 10.66
CA GLY B 554 12.39 -37.86 11.42
C GLY B 554 13.41 -38.51 10.52
N ARG B 555 13.84 -39.72 10.89
CA ARG B 555 14.78 -40.46 10.07
C ARG B 555 14.21 -40.66 8.66
N GLY B 556 15.11 -40.60 7.68
CA GLY B 556 14.71 -40.72 6.29
C GLY B 556 14.53 -39.40 5.59
N SER B 557 14.35 -38.32 6.35
CA SER B 557 14.11 -37.00 5.75
C SER B 557 15.42 -36.41 5.20
N GLY B 558 15.29 -35.39 4.34
CA GLY B 558 16.43 -34.86 3.61
C GLY B 558 16.97 -33.51 4.08
N TYR B 559 18.08 -33.10 3.47
CA TYR B 559 18.68 -31.78 3.67
C TYR B 559 19.41 -31.65 5.01
N GLN B 560 19.69 -32.79 5.62
CA GLN B 560 20.33 -32.85 6.93
C GLN B 560 21.44 -33.89 6.96
N GLY B 561 21.88 -34.33 5.79
CA GLY B 561 22.95 -35.31 5.70
C GLY B 561 22.47 -36.73 5.52
N ASP B 562 23.37 -37.58 5.02
CA ASP B 562 23.09 -38.98 4.73
C ASP B 562 22.85 -39.82 5.99
N LYS B 563 23.34 -39.36 7.13
CA LYS B 563 23.15 -40.03 8.41
C LYS B 563 21.64 -40.13 8.75
N ILE B 564 20.93 -39.02 8.56
CA ILE B 564 19.49 -38.98 8.74
C ILE B 564 18.77 -39.56 7.52
N MET B 565 19.21 -39.17 6.32
CA MET B 565 18.52 -39.58 5.09
C MET B 565 18.60 -41.06 4.73
N HIS B 566 19.73 -41.71 5.03
CA HIS B 566 19.88 -43.13 4.70
C HIS B 566 19.44 -44.08 5.80
N ALA B 567 18.96 -43.55 6.92
CA ALA B 567 18.58 -44.36 8.06
C ALA B 567 17.52 -45.40 7.71
N ILE B 568 16.71 -45.11 6.69
CA ILE B 568 15.66 -46.04 6.27
C ILE B 568 16.00 -46.85 5.00
N ASN B 569 17.26 -46.79 4.58
CA ASN B 569 17.71 -47.53 3.41
C ASN B 569 17.42 -49.02 3.55
N ARG B 570 16.71 -49.56 2.56
CA ARG B 570 16.31 -50.99 2.53
C ARG B 570 15.34 -51.32 3.67
N ARG B 571 14.86 -50.29 4.36
CA ARG B 571 14.03 -50.43 5.55
C ARG B 571 12.85 -49.47 5.54
N LEU B 572 12.15 -49.37 4.42
CA LEU B 572 10.96 -48.53 4.34
C LEU B 572 9.87 -49.05 5.26
N GLY B 573 9.13 -48.13 5.88
CA GLY B 573 8.09 -48.50 6.82
C GLY B 573 8.60 -48.82 8.21
N THR B 574 9.77 -48.30 8.58
CA THR B 574 10.34 -48.57 9.91
C THR B 574 10.55 -47.30 10.72
N PHE B 575 11.78 -46.79 10.72
CA PHE B 575 12.15 -45.61 11.50
C PHE B 575 11.31 -44.37 11.15
N GLU B 576 11.12 -44.08 9.87
CA GLU B 576 10.32 -42.90 9.50
C GLU B 576 8.92 -43.00 10.11
N VAL B 577 8.35 -44.20 10.11
CA VAL B 577 7.07 -44.49 10.75
C VAL B 577 7.18 -44.34 12.27
N GLU B 578 8.19 -44.96 12.86
CA GLU B 578 8.41 -44.92 14.32
C GLU B 578 8.64 -43.51 14.83
N ASP B 579 9.30 -42.69 14.03
CA ASP B 579 9.65 -41.33 14.45
C ASP B 579 8.45 -40.40 14.48
N GLN B 580 7.47 -40.66 13.61
CA GLN B 580 6.21 -39.91 13.61
C GLN B 580 5.39 -40.20 14.87
N ILE B 581 5.29 -41.48 15.23
CA ILE B 581 4.68 -41.88 16.49
C ILE B 581 5.41 -41.21 17.65
N GLU B 582 6.74 -41.31 17.65
CA GLU B 582 7.58 -40.71 18.67
C GLU B 582 7.38 -39.20 18.76
N ALA B 583 7.21 -38.54 17.61
CA ALA B 583 6.97 -37.10 17.56
C ALA B 583 5.71 -36.71 18.33
N ALA B 584 4.61 -37.44 18.10
CA ALA B 584 3.34 -37.16 18.78
C ALA B 584 3.48 -37.28 20.31
N ARG B 585 4.23 -38.28 20.76
CA ARG B 585 4.53 -38.39 22.19
C ARG B 585 5.19 -37.12 22.72
N GLN B 586 6.16 -36.59 21.98
CA GLN B 586 6.87 -35.37 22.35
C GLN B 586 5.94 -34.17 22.39
N PHE B 587 5.07 -34.09 21.40
CA PHE B 587 4.11 -33.00 21.28
C PHE B 587 3.14 -32.98 22.47
N SER B 588 2.63 -34.16 22.83
CA SER B 588 1.71 -34.27 23.95
C SER B 588 2.38 -33.92 25.27
N LYS B 589 3.67 -34.25 25.38
CA LYS B 589 4.44 -33.97 26.59
C LYS B 589 4.94 -32.54 26.63
N MET B 590 4.62 -31.76 25.60
CA MET B 590 4.90 -30.34 25.60
C MET B 590 3.86 -29.58 26.42
N GLY B 591 2.75 -30.25 26.71
CA GLY B 591 1.76 -29.73 27.67
C GLY B 591 0.48 -29.13 27.13
N PHE B 592 0.42 -28.89 25.82
CA PHE B 592 -0.74 -28.23 25.23
C PHE B 592 -1.57 -29.10 24.26
N VAL B 593 -1.26 -30.40 24.24
CA VAL B 593 -1.98 -31.34 23.39
C VAL B 593 -2.93 -32.21 24.22
N ASP B 594 -4.17 -32.32 23.75
CA ASP B 594 -5.12 -33.27 24.31
C ASP B 594 -4.82 -34.61 23.65
N ASN B 595 -4.21 -35.53 24.40
CA ASN B 595 -3.78 -36.79 23.78
C ASN B 595 -4.87 -37.86 23.73
N LYS B 596 -6.10 -37.45 24.04
CA LYS B 596 -7.28 -38.23 23.69
C LYS B 596 -7.68 -37.90 22.24
N ARG B 597 -7.12 -36.82 21.69
CA ARG B 597 -7.47 -36.38 20.33
C ARG B 597 -6.22 -36.06 19.50
N ILE B 598 -5.51 -37.11 19.11
CA ILE B 598 -4.41 -36.97 18.20
C ILE B 598 -4.71 -37.76 16.94
N ALA B 599 -4.71 -37.07 15.81
CA ALA B 599 -4.93 -37.74 14.54
C ALA B 599 -3.70 -37.64 13.68
N ILE B 600 -3.66 -38.46 12.64
CA ILE B 600 -2.57 -38.46 11.69
C ILE B 600 -3.18 -38.53 10.29
N TRP B 601 -2.62 -37.82 9.33
CA TRP B 601 -3.12 -37.91 7.95
C TRP B 601 -1.99 -37.71 6.94
N GLY B 602 -2.14 -38.33 5.77
CA GLY B 602 -1.12 -38.24 4.75
C GLY B 602 -1.63 -38.65 3.38
N TRP B 603 -0.86 -38.28 2.36
CA TRP B 603 -1.16 -38.57 0.97
C TRP B 603 0.07 -39.30 0.42
N SER B 604 -0.13 -40.25 -0.48
CA SER B 604 0.96 -41.04 -1.09
C SER B 604 1.79 -41.77 -0.04
N TYR B 605 3.06 -41.40 0.07
CA TYR B 605 3.93 -41.99 1.06
C TYR B 605 3.40 -41.67 2.42
N GLY B 606 2.86 -40.46 2.56
CA GLY B 606 2.25 -40.00 3.79
C GLY B 606 1.02 -40.81 4.14
N GLY B 607 0.32 -41.28 3.11
CA GLY B 607 -0.83 -42.15 3.28
C GLY B 607 -0.37 -43.48 3.83
N TYR B 608 0.74 -43.98 3.28
CA TYR B 608 1.36 -45.24 3.72
C TYR B 608 1.78 -45.12 5.16
N VAL B 609 2.54 -44.07 5.47
CA VAL B 609 3.02 -43.84 6.83
C VAL B 609 1.84 -43.69 7.80
N THR B 610 0.80 -42.97 7.39
CA THR B 610 -0.41 -42.88 8.18
C THR B 610 -0.95 -44.29 8.49
N SER B 611 -1.06 -45.11 7.45
CA SER B 611 -1.62 -46.43 7.58
C SER B 611 -0.76 -47.30 8.48
N MET B 612 0.55 -47.15 8.38
CA MET B 612 1.46 -47.95 9.20
C MET B 612 1.41 -47.52 10.67
N VAL B 613 1.29 -46.22 10.89
CA VAL B 613 1.15 -45.67 12.25
C VAL B 613 -0.17 -46.11 12.90
N LEU B 614 -1.28 -46.00 12.16
CA LEU B 614 -2.58 -46.44 12.68
C LEU B 614 -2.61 -47.95 12.96
N GLY B 615 -1.85 -48.71 12.18
CA GLY B 615 -1.79 -50.15 12.35
C GLY B 615 -0.67 -50.64 13.25
N SER B 616 0.00 -49.71 13.94
CA SER B 616 1.16 -50.05 14.79
C SER B 616 0.79 -50.55 16.18
N GLY B 617 -0.41 -50.20 16.64
CA GLY B 617 -0.86 -50.59 17.97
C GLY B 617 -0.20 -49.76 19.06
N SER B 618 0.29 -48.57 18.72
CA SER B 618 0.96 -47.71 19.69
C SER B 618 -0.03 -47.11 20.68
N GLY B 619 -1.27 -46.96 20.24
CA GLY B 619 -2.33 -46.41 21.06
C GLY B 619 -2.27 -44.91 21.18
N VAL B 620 -1.34 -44.28 20.45
CA VAL B 620 -1.17 -42.83 20.53
C VAL B 620 -2.24 -42.04 19.75
N PHE B 621 -2.75 -42.62 18.66
CA PHE B 621 -3.65 -41.92 17.73
C PHE B 621 -5.10 -42.44 17.78
N LYS B 622 -6.06 -41.53 17.77
CA LYS B 622 -7.48 -41.87 17.81
C LYS B 622 -8.00 -42.24 16.41
N CYS B 623 -7.54 -41.51 15.40
CA CYS B 623 -8.05 -41.66 14.06
C CYS B 623 -7.02 -41.14 13.04
N GLY B 624 -7.30 -41.36 11.76
CA GLY B 624 -6.42 -40.88 10.71
C GLY B 624 -6.97 -41.11 9.33
N ILE B 625 -6.44 -40.35 8.37
CA ILE B 625 -6.87 -40.40 6.99
C ILE B 625 -5.69 -40.74 6.10
N ALA B 626 -5.87 -41.76 5.27
CA ALA B 626 -4.87 -42.09 4.28
C ALA B 626 -5.46 -41.86 2.87
N VAL B 627 -4.82 -40.96 2.12
CA VAL B 627 -5.23 -40.67 0.75
C VAL B 627 -4.25 -41.31 -0.23
N ALA B 628 -4.78 -42.07 -1.16
CA ALA B 628 -3.96 -42.77 -2.15
C ALA B 628 -2.68 -43.35 -1.53
N PRO B 629 -2.83 -44.18 -0.49
CA PRO B 629 -1.60 -44.66 0.13
C PRO B 629 -0.97 -45.80 -0.65
N VAL B 630 0.34 -45.95 -0.48
CA VAL B 630 1.02 -47.17 -0.88
C VAL B 630 0.68 -48.15 0.23
N SER B 631 0.38 -49.40 -0.13
CA SER B 631 0.06 -50.39 0.90
C SER B 631 1.11 -51.49 0.99
N ARG B 632 1.70 -51.84 -0.15
CA ARG B 632 2.85 -52.70 -0.13
C ARG B 632 3.75 -52.43 -1.30
N TRP B 633 5.04 -52.39 -1.02
CA TRP B 633 6.05 -51.91 -1.94
C TRP B 633 6.16 -52.65 -3.28
N GLU B 634 5.78 -53.93 -3.29
CA GLU B 634 5.69 -54.70 -4.53
C GLU B 634 4.67 -54.14 -5.50
N TYR B 635 3.77 -53.28 -5.01
CA TYR B 635 2.75 -52.66 -5.87
C TYR B 635 3.22 -51.36 -6.52
N TYR B 636 4.21 -50.70 -5.94
CA TYR B 636 4.73 -49.46 -6.49
C TYR B 636 5.83 -49.72 -7.54
N ASP B 637 6.24 -48.66 -8.25
CA ASP B 637 7.14 -48.84 -9.38
C ASP B 637 8.58 -49.20 -9.01
N SER B 638 9.25 -49.89 -9.92
CA SER B 638 10.61 -50.35 -9.74
C SER B 638 11.59 -49.24 -9.37
N VAL B 639 11.58 -48.15 -10.14
CA VAL B 639 12.57 -47.08 -9.99
C VAL B 639 12.56 -46.44 -8.60
N TYR B 640 11.39 -46.04 -8.12
CA TYR B 640 11.28 -45.43 -6.80
C TYR B 640 11.49 -46.47 -5.68
N THR B 641 10.72 -47.56 -5.73
CA THR B 641 10.79 -48.59 -4.71
C THR B 641 12.19 -49.20 -4.58
N GLU B 642 12.74 -49.67 -5.69
CA GLU B 642 14.03 -50.34 -5.66
C GLU B 642 15.13 -49.39 -5.23
N ARG B 643 14.95 -48.11 -5.47
CA ARG B 643 15.92 -47.12 -5.00
C ARG B 643 16.16 -47.31 -3.50
N TYR B 644 15.07 -47.54 -2.75
CA TYR B 644 15.11 -47.62 -1.29
C TYR B 644 15.00 -49.03 -0.75
N MET B 645 14.43 -49.94 -1.53
CA MET B 645 14.08 -51.28 -1.01
C MET B 645 14.82 -52.47 -1.60
N GLY B 646 15.66 -52.23 -2.61
CA GLY B 646 16.34 -53.31 -3.33
C GLY B 646 15.31 -54.12 -4.09
N LEU B 647 15.69 -55.32 -4.54
CA LEU B 647 14.78 -56.19 -5.27
C LEU B 647 13.96 -57.08 -4.32
N PRO B 648 12.67 -57.29 -4.66
CA PRO B 648 11.81 -58.17 -3.87
C PRO B 648 12.11 -59.64 -4.17
N THR B 649 13.36 -60.03 -3.99
CA THR B 649 13.80 -61.40 -4.24
C THR B 649 14.36 -61.98 -2.94
N PRO B 650 14.22 -63.31 -2.72
CA PRO B 650 14.76 -63.97 -1.52
C PRO B 650 16.24 -63.64 -1.23
N GLU B 651 17.05 -63.54 -2.27
CA GLU B 651 18.47 -63.26 -2.09
C GLU B 651 18.80 -61.76 -2.10
N ASP B 652 17.78 -60.92 -1.92
CA ASP B 652 17.99 -59.50 -1.74
C ASP B 652 17.21 -58.98 -0.52
N ASN B 653 15.96 -58.57 -0.72
CA ASN B 653 15.22 -57.91 0.34
C ASN B 653 13.75 -58.29 0.43
N LEU B 654 13.39 -59.46 -0.11
CA LEU B 654 12.00 -59.91 -0.06
C LEU B 654 11.44 -59.87 1.36
N ASP B 655 12.27 -60.27 2.32
CA ASP B 655 11.89 -60.29 3.73
C ASP B 655 11.24 -58.99 4.17
N HIS B 656 11.88 -57.86 3.89
CA HIS B 656 11.31 -56.59 4.34
C HIS B 656 10.16 -56.07 3.48
N TYR B 657 10.19 -56.41 2.19
CA TYR B 657 9.04 -56.19 1.33
C TYR B 657 7.80 -56.80 1.98
N ARG B 658 7.89 -58.09 2.36
CA ARG B 658 6.75 -58.81 2.96
C ARG B 658 6.42 -58.32 4.37
N ASN B 659 7.38 -57.67 5.02
CA ASN B 659 7.26 -57.30 6.42
C ASN B 659 6.76 -55.90 6.64
N SER B 660 6.63 -55.11 5.57
CA SER B 660 6.29 -53.70 5.68
C SER B 660 5.07 -53.33 4.84
N THR B 661 4.12 -54.27 4.76
CA THR B 661 2.84 -54.09 4.09
C THR B 661 1.88 -53.56 5.15
N VAL B 662 0.91 -52.71 4.78
CA VAL B 662 -0.05 -52.29 5.80
C VAL B 662 -1.08 -53.40 6.14
N MET B 663 -1.34 -54.27 5.15
CA MET B 663 -2.24 -55.42 5.31
C MET B 663 -1.92 -56.28 6.53
N SER B 664 -0.64 -56.64 6.71
CA SER B 664 -0.22 -57.47 7.83
C SER B 664 -0.57 -56.84 9.19
N ARG B 665 -0.93 -55.55 9.17
CA ARG B 665 -1.19 -54.82 10.39
C ARG B 665 -2.67 -54.63 10.64
N ALA B 666 -3.49 -55.17 9.72
CA ALA B 666 -4.95 -55.04 9.72
C ALA B 666 -5.59 -55.15 11.10
N GLU B 667 -5.24 -56.22 11.83
CA GLU B 667 -5.74 -56.51 13.16
C GLU B 667 -5.71 -55.29 14.10
N ASN B 668 -4.61 -54.56 14.08
CA ASN B 668 -4.41 -53.39 14.94
C ASN B 668 -5.32 -52.17 14.68
N PHE B 669 -5.98 -52.13 13.52
CA PHE B 669 -6.88 -51.02 13.18
C PHE B 669 -8.16 -51.02 14.01
N LYS B 670 -8.39 -52.11 14.75
CA LYS B 670 -9.52 -52.24 15.66
C LYS B 670 -9.54 -51.13 16.71
N GLN B 671 -8.38 -50.53 16.93
CA GLN B 671 -8.19 -49.57 18.00
C GLN B 671 -8.35 -48.12 17.53
N VAL B 672 -8.53 -47.91 16.23
CA VAL B 672 -8.56 -46.57 15.67
C VAL B 672 -9.69 -46.32 14.68
N GLU B 673 -10.06 -45.04 14.50
CA GLU B 673 -10.99 -44.62 13.44
C GLU B 673 -10.20 -44.31 12.16
N TYR B 674 -10.50 -45.03 11.09
CA TYR B 674 -9.75 -44.94 9.85
C TYR B 674 -10.61 -44.55 8.65
N LEU B 675 -10.12 -43.57 7.88
CA LEU B 675 -10.74 -43.16 6.61
C LEU B 675 -9.75 -43.37 5.46
N LEU B 676 -10.18 -44.15 4.47
CA LEU B 676 -9.33 -44.59 3.39
C LEU B 676 -9.91 -44.04 2.11
N ILE B 677 -9.09 -43.28 1.38
CA ILE B 677 -9.52 -42.55 0.19
C ILE B 677 -8.58 -42.83 -0.97
N HIS B 678 -9.16 -42.97 -2.17
CA HIS B 678 -8.37 -43.28 -3.35
C HIS B 678 -9.16 -43.02 -4.63
N GLY B 679 -8.50 -42.45 -5.62
CA GLY B 679 -9.11 -42.22 -6.93
C GLY B 679 -9.00 -43.46 -7.77
N THR B 680 -10.04 -43.77 -8.53
CA THR B 680 -10.09 -45.05 -9.23
C THR B 680 -9.19 -45.11 -10.44
N ALA B 681 -8.86 -43.95 -10.99
CA ALA B 681 -8.01 -43.87 -12.17
C ALA B 681 -6.61 -43.40 -11.78
N ASP B 682 -6.13 -43.87 -10.64
CA ASP B 682 -4.81 -43.50 -10.16
C ASP B 682 -3.77 -44.38 -10.85
N ASP B 683 -3.01 -43.75 -11.74
CA ASP B 683 -2.00 -44.43 -12.55
C ASP B 683 -0.69 -44.58 -11.80
N ASN B 684 -0.59 -43.92 -10.65
CA ASN B 684 0.66 -43.84 -9.90
C ASN B 684 0.71 -44.85 -8.77
N VAL B 685 -0.12 -44.59 -7.76
CA VAL B 685 -0.33 -45.51 -6.66
C VAL B 685 -1.68 -46.12 -7.01
N HIS B 686 -1.66 -47.33 -7.54
CA HIS B 686 -2.87 -47.91 -8.11
C HIS B 686 -3.95 -48.12 -7.06
N PHE B 687 -5.21 -47.97 -7.47
CA PHE B 687 -6.36 -48.17 -6.60
C PHE B 687 -6.23 -49.52 -5.87
N GLN B 688 -5.59 -50.46 -6.59
CA GLN B 688 -5.19 -51.77 -6.09
C GLN B 688 -4.69 -51.69 -4.66
N GLN B 689 -3.86 -50.69 -4.40
CA GLN B 689 -3.19 -50.61 -3.12
C GLN B 689 -4.16 -50.38 -1.97
N SER B 690 -5.19 -49.59 -2.22
CA SER B 690 -6.25 -49.40 -1.24
C SER B 690 -7.23 -50.56 -1.24
N ALA B 691 -7.48 -51.13 -2.42
CA ALA B 691 -8.36 -52.28 -2.53
C ALA B 691 -7.87 -53.46 -1.67
N GLN B 692 -6.54 -53.63 -1.62
CA GLN B 692 -5.92 -54.65 -0.79
C GLN B 692 -5.96 -54.28 0.69
N ILE B 693 -5.82 -53.00 1.03
CA ILE B 693 -5.97 -52.58 2.42
C ILE B 693 -7.39 -52.87 2.90
N SER B 694 -8.40 -52.45 2.11
CA SER B 694 -9.79 -52.62 2.51
C SER B 694 -10.15 -54.09 2.73
N LYS B 695 -9.77 -54.92 1.76
CA LYS B 695 -10.02 -56.36 1.86
C LYS B 695 -9.42 -56.90 3.16
N ALA B 696 -8.21 -56.49 3.52
CA ALA B 696 -7.57 -57.00 4.72
C ALA B 696 -8.29 -56.56 5.98
N LEU B 697 -8.83 -55.34 5.97
CA LEU B 697 -9.58 -54.84 7.11
C LEU B 697 -10.94 -55.56 7.21
N VAL B 698 -11.50 -55.89 6.07
CA VAL B 698 -12.74 -56.66 6.04
C VAL B 698 -12.52 -58.07 6.59
N ASP B 699 -11.41 -58.67 6.18
CA ASP B 699 -11.02 -60.00 6.61
C ASP B 699 -10.79 -60.16 8.12
N VAL B 700 -10.42 -59.07 8.80
CA VAL B 700 -10.27 -59.16 10.27
C VAL B 700 -11.40 -58.49 11.06
N GLY B 701 -12.44 -58.08 10.33
CA GLY B 701 -13.64 -57.51 10.94
C GLY B 701 -13.41 -56.15 11.58
N VAL B 702 -12.58 -55.32 10.95
CA VAL B 702 -12.38 -53.96 11.42
C VAL B 702 -13.31 -53.04 10.64
N ASP B 703 -14.09 -52.24 11.36
CA ASP B 703 -14.89 -51.21 10.69
C ASP B 703 -13.99 -50.00 10.39
N PHE B 704 -14.25 -49.35 9.26
CA PHE B 704 -13.48 -48.20 8.85
C PHE B 704 -14.32 -47.47 7.85
N GLN B 705 -13.88 -46.29 7.45
CA GLN B 705 -14.60 -45.50 6.45
C GLN B 705 -13.82 -45.42 5.15
N ALA B 706 -14.55 -45.43 4.04
CA ALA B 706 -13.94 -45.38 2.72
C ALA B 706 -14.60 -44.36 1.82
N MET B 707 -13.87 -43.93 0.79
CA MET B 707 -14.39 -43.10 -0.28
C MET B 707 -13.49 -43.31 -1.45
N TRP B 708 -14.05 -43.80 -2.56
CA TRP B 708 -13.35 -43.85 -3.82
C TRP B 708 -13.72 -42.58 -4.57
N TYR B 709 -12.84 -42.10 -5.45
CA TYR B 709 -13.16 -40.98 -6.32
C TYR B 709 -13.15 -41.49 -7.74
N THR B 710 -14.32 -41.52 -8.34
CA THR B 710 -14.47 -42.04 -9.69
C THR B 710 -13.67 -41.22 -10.69
N ASP B 711 -12.76 -41.89 -11.38
CA ASP B 711 -11.96 -41.35 -12.48
C ASP B 711 -10.91 -40.32 -12.05
N GLU B 712 -10.74 -40.15 -10.75
CA GLU B 712 -9.70 -39.26 -10.26
C GLU B 712 -8.36 -40.00 -10.19
N ASP B 713 -7.27 -39.27 -10.38
CA ASP B 713 -5.93 -39.87 -10.28
C ASP B 713 -5.21 -39.52 -8.99
N HIS B 714 -3.89 -39.68 -8.96
CA HIS B 714 -3.17 -39.53 -7.71
C HIS B 714 -3.36 -38.17 -7.03
N GLY B 715 -3.62 -37.15 -7.84
CA GLY B 715 -3.83 -35.81 -7.33
C GLY B 715 -5.22 -35.52 -6.80
N ILE B 716 -6.23 -36.27 -7.27
CA ILE B 716 -7.64 -36.01 -6.91
C ILE B 716 -7.78 -34.49 -7.02
N ALA B 717 -7.46 -34.01 -8.22
CA ALA B 717 -7.19 -32.61 -8.49
C ALA B 717 -8.31 -31.84 -9.15
N SER B 718 -9.27 -32.54 -9.75
CA SER B 718 -10.44 -31.90 -10.33
C SER B 718 -10.99 -30.89 -9.34
N SER B 719 -11.35 -29.72 -9.86
CA SER B 719 -12.03 -28.73 -9.05
C SER B 719 -13.09 -29.37 -8.12
N THR B 720 -14.05 -30.11 -8.69
CA THR B 720 -15.13 -30.66 -7.85
C THR B 720 -14.66 -31.72 -6.87
N ALA B 721 -13.76 -32.60 -7.30
CA ALA B 721 -13.27 -33.67 -6.43
C ALA B 721 -12.41 -33.12 -5.32
N HIS B 722 -11.57 -32.13 -5.64
CA HIS B 722 -10.68 -31.48 -4.68
C HIS B 722 -11.46 -30.93 -3.51
N GLN B 723 -12.55 -30.22 -3.80
CA GLN B 723 -13.44 -29.65 -2.79
C GLN B 723 -14.18 -30.72 -1.96
N HIS B 724 -14.58 -31.80 -2.63
CA HIS B 724 -15.34 -32.87 -2.01
C HIS B 724 -14.49 -33.66 -1.00
N ILE B 725 -13.26 -34.02 -1.38
CA ILE B 725 -12.40 -34.78 -0.47
C ILE B 725 -12.03 -33.95 0.78
N TYR B 726 -11.75 -32.67 0.61
CA TYR B 726 -11.43 -31.81 1.76
C TYR B 726 -12.63 -31.54 2.68
N THR B 727 -13.81 -31.39 2.08
CA THR B 727 -15.06 -31.31 2.85
C THR B 727 -15.21 -32.64 3.63
N HIS B 728 -15.01 -33.76 2.93
CA HIS B 728 -15.19 -35.09 3.53
C HIS B 728 -14.24 -35.31 4.71
N MET B 729 -12.95 -35.08 4.48
CA MET B 729 -11.94 -35.15 5.53
C MET B 729 -12.20 -34.18 6.68
N SER B 730 -12.73 -33.00 6.37
CA SER B 730 -13.03 -32.03 7.42
C SER B 730 -14.09 -32.58 8.35
N HIS B 731 -15.17 -33.15 7.79
CA HIS B 731 -16.22 -33.81 8.58
C HIS B 731 -15.63 -34.92 9.44
N PHE B 732 -14.82 -35.81 8.84
CA PHE B 732 -14.24 -36.95 9.53
C PHE B 732 -13.36 -36.51 10.70
N ILE B 733 -12.50 -35.54 10.45
CA ILE B 733 -11.66 -34.96 11.50
C ILE B 733 -12.49 -34.23 12.56
N LYS B 734 -13.48 -33.44 12.13
CA LYS B 734 -14.32 -32.75 13.11
C LYS B 734 -15.05 -33.74 14.03
N GLN B 735 -15.61 -34.79 13.45
CA GLN B 735 -16.30 -35.79 14.28
C GLN B 735 -15.32 -36.58 15.16
N CYS B 736 -14.15 -36.95 14.63
CA CYS B 736 -13.13 -37.62 15.45
C CYS B 736 -12.75 -36.79 16.69
N PHE B 737 -12.71 -35.46 16.51
CA PHE B 737 -12.31 -34.53 17.58
C PHE B 737 -13.48 -33.95 18.36
N SER B 738 -14.69 -34.44 18.10
CA SER B 738 -15.94 -33.95 18.73
C SER B 738 -16.12 -32.43 18.53
N LEU B 739 -15.91 -31.98 17.30
CA LEU B 739 -16.07 -30.57 16.96
C LEU B 739 -17.41 -30.35 16.25
N PRO B 740 -18.24 -29.43 16.79
CA PRO B 740 -19.62 -29.18 16.30
C PRO B 740 -19.69 -28.74 14.83
N LYS C 15 -2.01 34.88 -28.04
CA LYS C 15 -1.39 35.55 -26.89
C LYS C 15 -0.99 34.59 -25.76
N THR C 16 -0.12 35.08 -24.87
CA THR C 16 0.38 34.28 -23.75
C THR C 16 -0.26 34.76 -22.45
N TYR C 17 -0.06 33.99 -21.38
CA TYR C 17 -0.49 34.40 -20.05
C TYR C 17 0.56 35.39 -19.51
N THR C 18 0.21 36.68 -19.54
CA THR C 18 1.13 37.77 -19.18
C THR C 18 1.19 38.03 -17.67
N LEU C 19 2.07 38.95 -17.28
CA LEU C 19 2.18 39.34 -15.89
C LEU C 19 0.91 40.07 -15.47
N THR C 20 0.42 40.93 -16.38
CA THR C 20 -0.77 41.72 -16.15
C THR C 20 -1.99 40.81 -15.96
N ASP C 21 -2.03 39.72 -16.72
CA ASP C 21 -3.08 38.72 -16.58
C ASP C 21 -3.12 38.22 -15.14
N TYR C 22 -1.94 37.86 -14.61
CA TYR C 22 -1.82 37.38 -13.25
C TYR C 22 -2.21 38.45 -12.25
N LEU C 23 -1.70 39.66 -12.45
CA LEU C 23 -1.91 40.74 -11.49
C LEU C 23 -3.31 41.34 -11.50
N LYS C 24 -3.96 41.32 -12.65
CA LYS C 24 -5.27 41.92 -12.79
C LYS C 24 -6.41 40.91 -12.67
N ASN C 25 -6.05 39.63 -12.51
CA ASN C 25 -7.02 38.51 -12.48
C ASN C 25 -7.82 38.39 -13.76
N THR C 26 -7.15 38.54 -14.90
CA THR C 26 -7.82 38.46 -16.20
C THR C 26 -8.54 37.12 -16.31
N TYR C 27 -7.86 36.03 -15.94
CA TYR C 27 -8.43 34.71 -16.00
C TYR C 27 -8.74 34.18 -14.59
N ARG C 28 -10.00 34.31 -14.20
CA ARG C 28 -10.44 34.00 -12.83
C ARG C 28 -10.95 32.56 -12.67
N LEU C 29 -10.53 31.92 -11.58
CA LEU C 29 -11.07 30.61 -11.21
C LEU C 29 -12.38 30.81 -10.46
N LYS C 30 -13.41 30.09 -10.89
CA LYS C 30 -14.68 30.11 -10.18
C LYS C 30 -14.68 29.00 -9.13
N LEU C 31 -15.14 29.33 -7.93
CA LEU C 31 -15.27 28.36 -6.85
C LEU C 31 -16.75 28.13 -6.64
N TYR C 32 -17.08 27.19 -5.75
CA TYR C 32 -18.47 26.97 -5.38
C TYR C 32 -18.52 26.81 -3.87
N SER C 33 -18.51 27.94 -3.19
CA SER C 33 -18.51 27.98 -1.73
C SER C 33 -19.92 27.72 -1.21
N LEU C 34 -20.05 26.75 -0.33
CA LEU C 34 -21.35 26.42 0.28
C LEU C 34 -21.26 26.18 1.78
N ARG C 35 -22.37 26.42 2.48
CA ARG C 35 -22.44 26.25 3.92
C ARG C 35 -23.60 25.33 4.27
N TRP C 36 -23.28 24.12 4.72
CA TRP C 36 -24.29 23.14 5.14
C TRP C 36 -25.08 23.66 6.33
N ILE C 37 -26.40 23.76 6.14
CA ILE C 37 -27.28 24.32 7.16
C ILE C 37 -28.07 23.22 7.87
N SER C 38 -28.10 22.05 7.25
CA SER C 38 -28.78 20.86 7.77
C SER C 38 -28.12 19.63 7.15
N ASP C 39 -28.82 18.50 7.19
CA ASP C 39 -28.31 17.28 6.58
C ASP C 39 -28.69 17.20 5.10
N HIS C 40 -29.58 18.10 4.67
CA HIS C 40 -30.16 18.04 3.33
C HIS C 40 -29.97 19.34 2.55
N GLU C 41 -29.56 20.39 3.24
CA GLU C 41 -29.56 21.73 2.66
C GLU C 41 -28.29 22.54 2.92
N TYR C 42 -27.97 23.42 1.99
CA TYR C 42 -26.85 24.33 2.09
C TYR C 42 -27.18 25.70 1.48
N LEU C 43 -26.44 26.71 1.91
CA LEU C 43 -26.58 28.06 1.36
C LEU C 43 -25.53 28.32 0.29
N TYR C 44 -25.87 29.20 -0.65
CA TYR C 44 -24.95 29.56 -1.74
C TYR C 44 -25.18 31.01 -2.17
N LYS C 45 -24.11 31.64 -2.65
CA LYS C 45 -24.13 33.04 -3.07
C LYS C 45 -24.28 33.18 -4.60
N GLN C 46 -25.43 33.71 -5.02
CA GLN C 46 -25.74 33.89 -6.45
C GLN C 46 -25.60 35.36 -6.88
N ASN C 49 -27.46 37.81 -3.53
CA ASN C 49 -28.53 36.95 -3.04
C ASN C 49 -28.03 35.65 -2.42
N ILE C 50 -28.61 35.28 -1.28
CA ILE C 50 -28.24 34.05 -0.57
C ILE C 50 -29.40 33.03 -0.62
N LEU C 51 -29.17 31.95 -1.37
CA LEU C 51 -30.18 30.95 -1.68
C LEU C 51 -29.98 29.64 -0.90
N VAL C 52 -31.07 28.97 -0.55
CA VAL C 52 -30.99 27.64 0.05
C VAL C 52 -31.20 26.62 -1.07
N PHE C 53 -30.25 25.71 -1.21
CA PHE C 53 -30.36 24.65 -2.20
C PHE C 53 -30.78 23.35 -1.50
N ASN C 54 -31.42 22.47 -2.26
CA ASN C 54 -31.75 21.14 -1.77
C ASN C 54 -30.85 20.13 -2.48
N ALA C 55 -30.17 19.30 -1.69
CA ALA C 55 -29.32 18.25 -2.24
C ALA C 55 -30.16 17.11 -2.81
N GLU C 56 -31.35 16.90 -2.22
CA GLU C 56 -32.30 15.89 -2.69
C GLU C 56 -32.58 16.04 -4.19
N TYR C 57 -32.96 17.24 -4.60
CA TYR C 57 -33.42 17.51 -5.96
C TYR C 57 -32.60 18.57 -6.70
N GLY C 58 -32.55 19.77 -6.14
CA GLY C 58 -31.81 20.88 -6.76
C GLY C 58 -32.56 22.19 -6.80
N ASN C 59 -33.84 22.16 -6.44
CA ASN C 59 -34.66 23.37 -6.39
C ASN C 59 -34.12 24.35 -5.33
N SER C 60 -34.14 25.64 -5.67
CA SER C 60 -33.63 26.65 -4.76
C SER C 60 -34.61 27.81 -4.55
N SER C 61 -34.79 28.19 -3.29
CA SER C 61 -35.56 29.36 -2.92
C SER C 61 -34.65 30.41 -2.27
N VAL C 62 -34.99 31.69 -2.46
CA VAL C 62 -34.21 32.81 -1.93
C VAL C 62 -34.36 32.88 -0.41
N PHE C 63 -33.24 33.10 0.30
CA PHE C 63 -33.29 33.23 1.76
C PHE C 63 -32.91 34.63 2.25
N LEU C 64 -31.87 35.21 1.66
CA LEU C 64 -31.52 36.61 1.92
C LEU C 64 -31.30 37.30 0.58
N GLU C 65 -32.14 38.30 0.30
CA GLU C 65 -32.08 39.02 -0.97
C GLU C 65 -30.94 40.05 -0.98
N ASN C 66 -30.60 40.53 -2.19
CA ASN C 66 -29.53 41.51 -2.38
C ASN C 66 -29.69 42.80 -1.57
N SER C 67 -30.62 43.67 -1.99
CA SER C 67 -30.87 44.95 -1.32
C SER C 67 -31.92 44.84 -0.19
N THR C 68 -31.77 43.83 0.66
CA THR C 68 -32.54 43.72 1.90
C THR C 68 -31.88 44.64 2.92
N PHE C 69 -30.55 44.73 2.82
CA PHE C 69 -29.73 45.59 3.68
C PHE C 69 -29.33 46.87 2.94
N ASP C 70 -30.28 47.42 2.20
CA ASP C 70 -30.13 48.69 1.46
C ASP C 70 -30.07 49.86 2.44
N GLU C 71 -31.13 50.00 3.24
CA GLU C 71 -31.20 51.02 4.29
C GLU C 71 -30.51 50.47 5.54
N PHE C 72 -29.19 50.40 5.49
CA PHE C 72 -28.38 49.84 6.55
C PHE C 72 -27.29 50.83 6.97
N GLY C 73 -26.53 51.32 5.98
CA GLY C 73 -25.47 52.29 6.22
C GLY C 73 -24.06 51.72 6.29
N HIS C 74 -23.94 50.39 6.33
CA HIS C 74 -22.64 49.73 6.44
C HIS C 74 -22.40 48.72 5.31
N SER C 75 -21.16 48.25 5.21
CA SER C 75 -20.78 47.17 4.29
C SER C 75 -20.74 45.86 5.06
N ILE C 76 -21.46 44.87 4.56
CA ILE C 76 -21.51 43.56 5.21
C ILE C 76 -20.34 42.69 4.75
N ASN C 77 -19.37 42.51 5.65
CA ASN C 77 -18.21 41.68 5.36
C ASN C 77 -18.56 40.20 5.25
N ASP C 78 -19.40 39.74 6.17
CA ASP C 78 -19.83 38.35 6.22
C ASP C 78 -21.08 38.24 7.08
N TYR C 79 -21.66 37.04 7.13
CA TYR C 79 -22.85 36.76 7.93
C TYR C 79 -22.70 35.39 8.58
N SER C 80 -23.52 35.15 9.60
CA SER C 80 -23.56 33.86 10.27
C SER C 80 -24.98 33.58 10.75
N ILE C 81 -25.68 32.71 10.03
CA ILE C 81 -27.02 32.26 10.42
C ILE C 81 -26.87 31.41 11.65
N SER C 82 -27.73 31.61 12.65
CA SER C 82 -27.76 30.73 13.81
C SER C 82 -28.14 29.32 13.37
N PRO C 83 -27.69 28.30 14.13
CA PRO C 83 -28.00 26.89 13.86
C PRO C 83 -29.49 26.58 13.68
N ASP C 84 -30.35 27.09 14.56
CA ASP C 84 -31.79 26.87 14.45
C ASP C 84 -32.46 27.75 13.38
N GLY C 85 -31.66 28.53 12.66
CA GLY C 85 -32.12 29.33 11.53
C GLY C 85 -33.15 30.42 11.78
N GLN C 86 -33.14 31.00 12.97
CA GLN C 86 -34.04 32.12 13.25
C GLN C 86 -33.33 33.48 13.42
N PHE C 87 -32.03 33.44 13.68
CA PHE C 87 -31.22 34.65 13.84
C PHE C 87 -30.04 34.68 12.89
N ILE C 88 -29.82 35.84 12.27
CA ILE C 88 -28.65 36.05 11.44
C ILE C 88 -27.77 37.13 12.06
N LEU C 89 -26.49 36.81 12.17
CA LEU C 89 -25.49 37.72 12.71
C LEU C 89 -24.81 38.40 11.53
N LEU C 90 -24.63 39.72 11.61
CA LEU C 90 -23.99 40.45 10.52
C LEU C 90 -22.69 41.12 10.93
N GLU C 91 -21.64 40.81 10.17
CA GLU C 91 -20.28 41.27 10.45
C GLU C 91 -19.91 42.46 9.57
N TYR C 92 -19.56 43.57 10.22
CA TYR C 92 -19.15 44.80 9.52
C TYR C 92 -18.05 45.53 10.30
N ASN C 93 -17.44 46.52 9.66
CA ASN C 93 -16.28 47.23 10.24
C ASN C 93 -15.12 46.28 10.47
N TYR C 94 -14.89 45.39 9.51
CA TYR C 94 -13.82 44.42 9.59
C TYR C 94 -12.44 45.08 9.57
N VAL C 95 -11.67 44.89 10.64
CA VAL C 95 -10.29 45.38 10.73
C VAL C 95 -9.34 44.23 11.05
N LYS C 96 -8.47 43.91 10.09
CA LYS C 96 -7.53 42.81 10.22
C LYS C 96 -6.45 43.08 11.27
N GLN C 97 -6.18 42.05 12.08
CA GLN C 97 -5.01 42.05 12.95
C GLN C 97 -3.96 41.10 12.33
N TRP C 98 -3.82 39.89 12.85
CA TRP C 98 -2.79 38.97 12.34
C TRP C 98 -3.32 38.11 11.20
N ARG C 99 -2.88 36.85 11.11
CA ARG C 99 -3.28 35.98 10.03
C ARG C 99 -4.73 35.54 10.11
N HIS C 100 -5.20 35.29 11.33
CA HIS C 100 -6.58 34.84 11.54
C HIS C 100 -7.36 35.86 12.32
N SER C 101 -6.70 36.44 13.33
CA SER C 101 -7.32 37.44 14.20
C SER C 101 -7.79 38.68 13.46
N TYR C 102 -8.85 39.27 14.00
CA TYR C 102 -9.38 40.52 13.51
C TYR C 102 -10.48 41.01 14.44
N THR C 103 -10.90 42.25 14.22
CA THR C 103 -11.91 42.92 15.01
C THR C 103 -13.04 43.37 14.09
N ALA C 104 -14.27 43.34 14.61
CA ALA C 104 -15.44 43.75 13.83
C ALA C 104 -16.62 44.22 14.70
N SER C 105 -17.62 44.80 14.04
CA SER C 105 -18.90 45.14 14.65
C SER C 105 -19.91 44.06 14.26
N TYR C 106 -20.91 43.85 15.11
CA TYR C 106 -21.89 42.79 14.91
C TYR C 106 -23.32 43.21 15.27
N ASP C 107 -24.22 43.11 14.30
CA ASP C 107 -25.65 43.31 14.51
C ASP C 107 -26.36 41.98 14.36
N ILE C 108 -27.36 41.75 15.21
CA ILE C 108 -28.18 40.56 15.10
C ILE C 108 -29.50 40.93 14.45
N TYR C 109 -29.84 40.21 13.39
CA TYR C 109 -31.07 40.42 12.66
C TYR C 109 -31.98 39.20 12.84
N ASP C 110 -33.25 39.42 13.21
CA ASP C 110 -34.21 38.32 13.34
C ASP C 110 -34.85 37.99 11.99
N LEU C 111 -34.66 36.74 11.57
CA LEU C 111 -35.19 36.28 10.29
C LEU C 111 -36.72 36.23 10.25
N ASN C 112 -37.31 35.73 11.34
CA ASN C 112 -38.76 35.60 11.42
C ASN C 112 -39.48 36.94 11.61
N LYS C 113 -39.01 37.73 12.56
CA LYS C 113 -39.62 39.04 12.85
C LYS C 113 -39.13 40.15 11.90
N ARG C 114 -38.23 39.80 10.97
CA ARG C 114 -37.77 40.71 9.90
C ARG C 114 -36.89 41.89 10.34
N GLN C 115 -36.55 41.98 11.63
CA GLN C 115 -35.94 43.22 12.15
C GLN C 115 -34.61 43.08 12.90
N LEU C 116 -33.95 44.23 13.12
CA LEU C 116 -32.70 44.30 13.87
C LEU C 116 -32.96 44.40 15.36
N ILE C 117 -32.28 43.55 16.13
CA ILE C 117 -32.31 43.64 17.59
C ILE C 117 -31.48 44.86 18.00
N THR C 118 -32.08 45.77 18.76
CA THR C 118 -31.47 47.07 19.03
C THR C 118 -31.02 47.32 20.47
N GLU C 119 -31.34 46.40 21.38
CA GLU C 119 -30.89 46.54 22.77
C GLU C 119 -29.91 45.44 23.18
N GLU C 120 -29.04 45.78 24.14
CA GLU C 120 -27.95 44.92 24.60
C GLU C 120 -27.19 44.42 23.38
N ARG C 121 -26.74 45.36 22.56
CA ARG C 121 -26.08 45.05 21.30
C ARG C 121 -24.67 44.53 21.54
N ILE C 122 -24.16 43.77 20.58
CA ILE C 122 -22.77 43.30 20.61
C ILE C 122 -21.85 44.50 20.39
N PRO C 123 -20.94 44.76 21.35
CA PRO C 123 -20.02 45.92 21.31
C PRO C 123 -19.17 46.00 20.06
N ASN C 124 -18.89 47.23 19.62
CA ASN C 124 -17.88 47.48 18.59
C ASN C 124 -16.54 46.88 19.05
N ASN C 125 -15.65 46.61 18.10
CA ASN C 125 -14.31 46.08 18.42
C ASN C 125 -14.36 44.66 19.05
N THR C 126 -15.40 43.91 18.68
CA THR C 126 -15.51 42.52 19.09
C THR C 126 -14.41 41.68 18.46
N GLN C 127 -13.80 40.84 19.28
CA GLN C 127 -12.63 40.06 18.88
C GLN C 127 -13.01 38.70 18.29
N TRP C 128 -14.12 38.14 18.78
CA TRP C 128 -14.67 36.88 18.30
C TRP C 128 -16.14 36.75 18.69
N VAL C 129 -16.94 36.19 17.77
CA VAL C 129 -18.33 35.84 18.05
C VAL C 129 -18.58 34.45 17.48
N THR C 130 -19.36 33.66 18.21
CA THR C 130 -19.77 32.35 17.73
C THR C 130 -21.10 31.92 18.33
N TRP C 131 -21.95 31.31 17.51
CA TRP C 131 -23.17 30.69 17.99
C TRP C 131 -22.81 29.39 18.72
N SER C 132 -23.68 28.98 19.63
CA SER C 132 -23.64 27.63 20.16
C SER C 132 -23.89 26.71 18.96
N PRO C 133 -23.48 25.44 19.02
CA PRO C 133 -23.62 24.58 17.83
C PRO C 133 -25.08 24.32 17.44
N VAL C 134 -25.96 24.15 18.42
CA VAL C 134 -27.41 24.11 18.19
C VAL C 134 -28.07 25.33 18.84
N GLY C 135 -29.34 25.57 18.53
CA GLY C 135 -30.10 26.67 19.10
C GLY C 135 -29.62 28.02 18.64
N HIS C 136 -29.57 29.00 19.56
CA HIS C 136 -29.10 30.35 19.25
C HIS C 136 -28.40 31.07 20.41
N LYS C 137 -27.78 30.31 21.33
CA LYS C 137 -26.93 30.92 22.35
C LYS C 137 -25.74 31.59 21.63
N LEU C 138 -25.19 32.60 22.27
CA LEU C 138 -24.15 33.40 21.64
C LEU C 138 -23.04 33.78 22.62
N ALA C 139 -21.80 33.46 22.24
CA ALA C 139 -20.63 33.81 23.03
C ALA C 139 -19.69 34.69 22.22
N TYR C 140 -19.05 35.63 22.89
CA TYR C 140 -18.17 36.57 22.21
C TYR C 140 -17.06 37.11 23.11
N VAL C 141 -15.95 37.47 22.49
CA VAL C 141 -14.83 38.04 23.20
C VAL C 141 -14.74 39.52 22.85
N TRP C 142 -14.63 40.34 23.89
CA TRP C 142 -14.48 41.78 23.75
C TRP C 142 -13.56 42.26 24.85
N ASN C 143 -12.55 43.04 24.47
CA ASN C 143 -11.51 43.50 25.39
C ASN C 143 -10.91 42.36 26.20
N ASN C 144 -10.54 41.28 25.50
CA ASN C 144 -9.93 40.09 26.07
C ASN C 144 -10.77 39.31 27.12
N ASP C 145 -12.08 39.55 27.10
CA ASP C 145 -12.98 38.84 28.00
C ASP C 145 -14.13 38.17 27.26
N ILE C 146 -14.65 37.08 27.83
CA ILE C 146 -15.76 36.34 27.22
C ILE C 146 -17.10 36.75 27.78
N TYR C 147 -18.05 36.97 26.89
CA TYR C 147 -19.44 37.24 27.26
C TYR C 147 -20.37 36.18 26.65
N VAL C 148 -21.51 35.93 27.29
CA VAL C 148 -22.51 34.98 26.78
C VAL C 148 -23.92 35.57 26.81
N LYS C 149 -24.60 35.48 25.66
CA LYS C 149 -26.02 35.78 25.58
C LYS C 149 -26.77 34.47 25.45
N ILE C 150 -27.76 34.25 26.31
CA ILE C 150 -28.63 33.09 26.18
C ILE C 150 -29.65 33.45 25.09
N GLU C 151 -30.15 34.67 25.16
CA GLU C 151 -31.05 35.22 24.15
C GLU C 151 -30.40 36.48 23.59
N PRO C 152 -30.52 36.68 22.26
CA PRO C 152 -29.87 37.80 21.55
C PRO C 152 -30.20 39.19 22.10
N ASN C 153 -31.39 39.34 22.70
CA ASN C 153 -31.84 40.63 23.23
C ASN C 153 -31.61 40.86 24.72
N LEU C 154 -31.25 39.79 25.44
CA LEU C 154 -31.03 39.87 26.89
C LEU C 154 -29.60 40.33 27.19
N PRO C 155 -29.37 40.93 28.37
CA PRO C 155 -28.01 41.35 28.70
C PRO C 155 -27.04 40.18 28.66
N SER C 156 -25.78 40.45 28.35
CA SER C 156 -24.76 39.41 28.29
C SER C 156 -24.27 39.07 29.70
N TYR C 157 -23.82 37.84 29.90
CA TYR C 157 -23.19 37.45 31.16
C TYR C 157 -21.68 37.49 30.98
N ARG C 158 -21.01 38.20 31.88
CA ARG C 158 -19.56 38.34 31.84
C ARG C 158 -18.90 37.16 32.55
N ILE C 159 -18.26 36.32 31.75
CA ILE C 159 -17.66 35.07 32.22
C ILE C 159 -16.28 35.30 32.83
N THR C 160 -15.55 36.27 32.29
CA THR C 160 -14.20 36.57 32.77
C THR C 160 -14.01 38.05 33.03
N TRP C 161 -13.20 38.35 34.04
CA TRP C 161 -12.97 39.72 34.48
C TRP C 161 -11.48 40.02 34.51
N THR C 162 -10.69 39.11 33.92
CA THR C 162 -9.23 39.16 33.97
C THR C 162 -8.55 39.67 32.69
N GLY C 163 -9.33 39.88 31.63
CA GLY C 163 -8.79 40.34 30.35
C GLY C 163 -7.93 41.59 30.44
N LYS C 164 -6.80 41.59 29.73
CA LYS C 164 -5.90 42.73 29.74
C LYS C 164 -5.15 42.78 28.43
N GLU C 165 -5.32 43.87 27.70
CA GLU C 165 -4.69 44.03 26.39
C GLU C 165 -3.24 43.58 26.42
N ASP C 166 -2.89 42.70 25.48
CA ASP C 166 -1.52 42.18 25.33
C ASP C 166 -0.97 41.35 26.48
N ILE C 167 -1.82 40.95 27.43
CA ILE C 167 -1.35 40.30 28.65
C ILE C 167 -2.17 39.06 29.05
N ILE C 168 -3.49 39.22 29.22
CA ILE C 168 -4.38 38.09 29.49
C ILE C 168 -5.40 37.97 28.37
N TYR C 169 -5.44 36.81 27.74
CA TYR C 169 -6.37 36.57 26.64
C TYR C 169 -7.35 35.48 27.01
N ASN C 170 -8.58 35.86 27.32
CA ASN C 170 -9.64 34.89 27.61
C ASN C 170 -10.46 34.59 26.35
N GLY C 171 -10.39 33.35 25.89
CA GLY C 171 -11.21 32.90 24.76
C GLY C 171 -10.67 33.30 23.40
N ILE C 172 -9.53 33.99 23.38
CA ILE C 172 -8.82 34.31 22.15
C ILE C 172 -7.35 33.96 22.36
N THR C 173 -6.64 33.73 21.27
CA THR C 173 -5.25 33.33 21.34
C THR C 173 -4.32 34.54 21.27
N ASP C 174 -3.09 34.40 21.78
CA ASP C 174 -2.08 35.44 21.63
C ASP C 174 -1.43 35.25 20.27
N TRP C 175 -0.38 36.01 19.97
CA TRP C 175 0.24 35.96 18.66
C TRP C 175 0.67 34.55 18.26
N VAL C 176 1.44 33.91 19.13
CA VAL C 176 2.04 32.62 18.80
C VAL C 176 1.02 31.45 18.79
N TYR C 177 0.08 31.43 19.72
CA TYR C 177 -0.98 30.41 19.68
C TYR C 177 -1.88 30.57 18.47
N GLU C 178 -2.07 31.81 18.01
CA GLU C 178 -2.85 32.06 16.80
C GLU C 178 -2.15 31.48 15.57
N GLU C 179 -0.90 31.85 15.38
CA GLU C 179 -0.13 31.45 14.22
C GLU C 179 0.30 29.99 14.20
N GLU C 180 0.76 29.46 15.33
CA GLU C 180 1.47 28.18 15.32
C GLU C 180 0.76 27.00 15.96
N VAL C 181 -0.17 27.27 16.87
CA VAL C 181 -0.83 26.20 17.60
C VAL C 181 -2.23 25.93 17.05
N PHE C 182 -3.12 26.92 17.12
CA PHE C 182 -4.52 26.69 16.75
C PHE C 182 -4.91 27.11 15.35
N SER C 183 -4.12 27.99 14.73
CA SER C 183 -4.41 28.47 13.38
C SER C 183 -5.72 29.23 13.35
N ALA C 184 -5.98 29.95 14.42
CA ALA C 184 -7.21 30.71 14.59
C ALA C 184 -7.07 31.66 15.77
N TYR C 185 -7.95 32.65 15.82
CA TYR C 185 -7.97 33.63 16.90
C TYR C 185 -8.72 33.07 18.11
N SER C 186 -9.77 32.30 17.84
CA SER C 186 -10.66 31.78 18.88
C SER C 186 -10.00 30.76 19.80
N ALA C 187 -10.45 30.76 21.04
CA ALA C 187 -10.10 29.76 22.03
C ALA C 187 -11.38 29.49 22.81
N LEU C 188 -12.44 29.22 22.05
CA LEU C 188 -13.79 28.98 22.58
C LEU C 188 -14.36 27.75 21.93
N TRP C 189 -14.72 26.78 22.76
CA TRP C 189 -15.31 25.56 22.26
C TRP C 189 -16.57 25.22 23.03
N TRP C 190 -17.70 25.26 22.34
CA TRP C 190 -18.99 24.88 22.92
C TRP C 190 -19.09 23.37 22.98
N SER C 191 -19.81 22.86 23.97
CA SER C 191 -20.19 21.44 23.98
C SER C 191 -21.17 21.22 22.80
N PRO C 192 -21.29 19.97 22.31
CA PRO C 192 -22.15 19.71 21.15
C PRO C 192 -23.55 20.33 21.19
N ASN C 193 -24.22 20.33 22.34
CA ASN C 193 -25.56 20.91 22.41
C ASN C 193 -25.64 22.31 23.06
N GLY C 194 -24.49 22.95 23.20
CA GLY C 194 -24.43 24.32 23.71
C GLY C 194 -24.55 24.54 25.20
N THR C 195 -24.56 23.47 25.99
CA THR C 195 -24.66 23.57 27.45
C THR C 195 -23.42 24.19 28.09
N PHE C 196 -22.25 23.69 27.72
CA PHE C 196 -21.01 24.17 28.28
C PHE C 196 -20.27 25.06 27.30
N LEU C 197 -19.61 26.08 27.83
CA LEU C 197 -18.65 26.83 27.05
C LEU C 197 -17.27 26.63 27.66
N ALA C 198 -16.39 26.01 26.86
CA ALA C 198 -15.02 25.76 27.26
C ALA C 198 -14.12 26.80 26.61
N TYR C 199 -13.06 27.20 27.33
CA TYR C 199 -12.14 28.21 26.85
C TYR C 199 -10.74 28.13 27.43
N ALA C 200 -9.78 28.69 26.70
CA ALA C 200 -8.41 28.82 27.16
C ALA C 200 -8.17 30.25 27.59
N GLN C 201 -7.26 30.42 28.55
CA GLN C 201 -6.79 31.73 28.96
C GLN C 201 -5.28 31.76 28.79
N PHE C 202 -4.81 32.74 28.01
CA PHE C 202 -3.38 32.89 27.76
C PHE C 202 -2.78 34.06 28.55
N ASN C 203 -1.66 33.78 29.23
CA ASN C 203 -0.93 34.76 30.02
C ASN C 203 0.39 35.11 29.31
N ASP C 204 0.52 36.35 28.87
CA ASP C 204 1.71 36.77 28.11
C ASP C 204 2.64 37.68 28.94
N THR C 205 2.41 37.75 30.24
CA THR C 205 3.08 38.72 31.13
C THR C 205 4.59 38.91 30.89
N GLU C 206 5.33 37.80 30.83
CA GLU C 206 6.78 37.89 30.72
C GLU C 206 7.32 37.64 29.31
N VAL C 207 6.40 37.53 28.36
CA VAL C 207 6.75 37.36 26.96
C VAL C 207 7.31 38.68 26.45
N PRO C 208 8.54 38.67 25.91
CA PRO C 208 9.13 39.92 25.41
C PRO C 208 8.33 40.44 24.21
N LEU C 209 8.52 41.72 23.90
CA LEU C 209 7.75 42.36 22.84
C LEU C 209 8.61 42.63 21.61
N ILE C 210 8.13 42.20 20.45
CA ILE C 210 8.78 42.63 19.20
C ILE C 210 8.30 44.04 18.98
N GLU C 211 9.24 44.95 18.69
CA GLU C 211 8.90 46.34 18.41
C GLU C 211 9.34 46.71 17.03
N TYR C 212 8.49 47.44 16.31
CA TYR C 212 8.83 47.92 14.98
C TYR C 212 8.00 49.16 14.65
N SER C 213 8.46 49.91 13.65
CA SER C 213 7.81 51.11 13.22
C SER C 213 6.66 50.83 12.26
N PHE C 214 5.58 51.57 12.45
CA PHE C 214 4.48 51.60 11.50
C PHE C 214 4.34 53.05 11.08
N TYR C 215 4.46 53.30 9.77
CA TYR C 215 4.55 54.68 9.26
C TYR C 215 3.19 55.29 8.95
N SER C 216 2.23 54.45 8.58
CA SER C 216 0.85 54.86 8.35
C SER C 216 0.74 55.85 7.19
N ASP C 217 -0.37 56.60 7.16
CA ASP C 217 -0.58 57.60 6.13
C ASP C 217 0.46 58.69 6.15
N GLU C 218 0.71 59.22 4.96
CA GLU C 218 1.57 60.37 4.78
C GLU C 218 1.28 61.40 5.88
N SER C 219 0.04 61.40 6.38
CA SER C 219 -0.42 62.38 7.37
C SER C 219 0.11 62.18 8.79
N LEU C 220 0.60 60.98 9.12
CA LEU C 220 1.12 60.70 10.45
C LEU C 220 2.49 61.36 10.60
N GLN C 221 2.57 62.41 11.41
CA GLN C 221 3.82 63.13 11.60
C GLN C 221 4.94 62.28 12.22
N TYR C 222 4.66 61.61 13.34
CA TYR C 222 5.63 60.71 13.95
C TYR C 222 5.18 59.28 13.74
N PRO C 223 6.06 58.42 13.18
CA PRO C 223 5.74 57.01 13.06
C PRO C 223 5.36 56.37 14.40
N LYS C 224 4.51 55.36 14.33
CA LYS C 224 4.02 54.64 15.47
C LYS C 224 4.88 53.39 15.74
N THR C 225 5.14 53.08 17.00
CA THR C 225 5.84 51.86 17.35
C THR C 225 4.84 50.81 17.80
N VAL C 226 4.77 49.71 17.04
CA VAL C 226 3.90 48.60 17.31
C VAL C 226 4.66 47.66 18.24
N ARG C 227 3.98 47.16 19.26
CA ARG C 227 4.60 46.32 20.28
C ARG C 227 3.74 45.09 20.47
N VAL C 228 4.29 43.92 20.13
CA VAL C 228 3.53 42.66 20.15
C VAL C 228 4.24 41.62 21.04
N PRO C 229 3.51 41.02 22.00
CA PRO C 229 4.10 39.90 22.73
C PRO C 229 4.37 38.75 21.76
N TYR C 230 5.64 38.44 21.59
CA TYR C 230 6.12 37.47 20.61
C TYR C 230 7.30 36.74 21.24
N PRO C 231 7.11 35.46 21.60
CA PRO C 231 8.24 34.72 22.14
C PRO C 231 9.11 34.23 20.99
N LYS C 232 10.31 34.76 20.88
CA LYS C 232 11.30 34.26 19.92
C LYS C 232 11.87 32.96 20.53
N ALA C 233 12.60 32.18 19.73
CA ALA C 233 13.16 30.91 20.17
C ALA C 233 13.93 31.04 21.48
N GLY C 234 13.60 30.18 22.43
CA GLY C 234 14.28 30.14 23.71
C GLY C 234 13.75 31.12 24.76
N ALA C 235 12.89 32.04 24.35
CA ALA C 235 12.41 33.07 25.27
C ALA C 235 11.24 32.57 26.13
N VAL C 236 10.82 33.43 27.07
CA VAL C 236 9.70 33.11 27.94
C VAL C 236 8.44 33.01 27.09
N ASN C 237 7.81 31.86 27.21
CA ASN C 237 6.58 31.55 26.49
C ASN C 237 5.36 32.03 27.27
N PRO C 238 4.24 32.27 26.57
CA PRO C 238 2.99 32.50 27.29
C PRO C 238 2.64 31.25 28.05
N THR C 239 1.83 31.37 29.10
CA THR C 239 1.38 30.19 29.82
C THR C 239 -0.11 30.00 29.56
N VAL C 240 -0.62 28.80 29.86
CA VAL C 240 -1.99 28.52 29.50
C VAL C 240 -2.77 27.83 30.61
N LYS C 241 -4.03 28.25 30.76
CA LYS C 241 -4.95 27.60 31.69
C LYS C 241 -6.22 27.23 30.93
N PHE C 242 -6.96 26.23 31.43
CA PHE C 242 -8.18 25.80 30.75
C PHE C 242 -9.40 25.78 31.64
N PHE C 243 -10.51 26.31 31.13
CA PHE C 243 -11.74 26.44 31.92
C PHE C 243 -12.95 25.93 31.17
N VAL C 244 -13.94 25.46 31.93
CA VAL C 244 -15.26 25.13 31.40
C VAL C 244 -16.32 25.75 32.29
N VAL C 245 -17.22 26.51 31.68
CA VAL C 245 -18.32 27.12 32.40
C VAL C 245 -19.65 26.58 31.87
N ASN C 246 -20.63 26.47 32.77
CA ASN C 246 -21.96 25.99 32.44
C ASN C 246 -22.88 27.15 32.09
N THR C 247 -23.23 27.28 30.81
CA THR C 247 -24.03 28.40 30.33
C THR C 247 -25.52 28.30 30.63
N ASP C 248 -26.02 27.09 30.91
CA ASP C 248 -27.44 26.91 31.24
C ASP C 248 -27.79 27.45 32.63
N SER C 249 -26.78 27.75 33.44
CA SER C 249 -26.99 28.18 34.81
C SER C 249 -26.17 29.42 35.25
N LEU C 250 -26.12 30.45 34.40
CA LEU C 250 -25.48 31.71 34.78
C LEU C 250 -26.45 32.62 35.54
N SER C 251 -26.02 33.08 36.72
CA SER C 251 -26.85 33.95 37.55
C SER C 251 -26.55 35.43 37.31
N SER C 252 -27.56 36.27 37.48
CA SER C 252 -27.38 37.72 37.36
C SER C 252 -26.85 38.35 38.64
N VAL C 253 -27.18 37.73 39.78
CA VAL C 253 -26.79 38.23 41.10
C VAL C 253 -25.37 37.79 41.50
N THR C 254 -24.87 36.72 40.89
CA THR C 254 -23.55 36.19 41.21
C THR C 254 -22.65 35.98 39.99
N ASN C 255 -21.34 36.12 40.19
CA ASN C 255 -20.35 35.93 39.13
C ASN C 255 -20.28 34.48 38.66
N ALA C 256 -20.27 34.29 37.34
CA ALA C 256 -20.16 32.97 36.71
C ALA C 256 -19.00 32.18 37.29
N THR C 257 -19.21 30.88 37.46
CA THR C 257 -18.17 30.03 38.04
C THR C 257 -17.57 29.09 36.99
N SER C 258 -16.39 29.44 36.52
CA SER C 258 -15.67 28.62 35.55
C SER C 258 -14.81 27.61 36.28
N ILE C 259 -14.92 26.34 35.88
CA ILE C 259 -14.14 25.27 36.50
C ILE C 259 -12.86 25.06 35.69
N GLN C 260 -11.71 25.21 36.34
CA GLN C 260 -10.43 24.96 35.70
C GLN C 260 -10.17 23.46 35.52
N ILE C 261 -9.58 23.11 34.38
CA ILE C 261 -9.05 21.78 34.17
C ILE C 261 -7.54 21.92 34.01
N THR C 262 -6.81 21.40 34.98
CA THR C 262 -5.36 21.46 35.01
C THR C 262 -4.73 20.45 34.06
N ALA C 263 -3.52 20.77 33.60
CA ALA C 263 -2.75 19.87 32.74
C ALA C 263 -2.20 18.71 33.58
N PRO C 264 -1.99 17.54 32.96
CA PRO C 264 -1.43 16.41 33.72
C PRO C 264 -0.01 16.69 34.23
N ALA C 265 0.38 15.99 35.29
CA ALA C 265 1.67 16.17 35.97
C ALA C 265 2.87 16.19 35.05
N SER C 266 2.82 15.36 34.01
CA SER C 266 3.93 15.25 33.05
C SER C 266 4.08 16.53 32.20
N MET C 267 3.05 17.37 32.22
CA MET C 267 3.08 18.66 31.52
C MET C 267 3.37 19.84 32.44
N LEU C 268 2.93 19.75 33.70
CA LEU C 268 3.11 20.86 34.65
C LEU C 268 4.57 20.96 35.10
N ILE C 269 5.30 19.86 34.99
CA ILE C 269 6.71 19.79 35.36
C ILE C 269 7.55 20.88 34.69
N GLY C 270 7.19 21.26 33.47
CA GLY C 270 7.91 22.33 32.76
C GLY C 270 7.02 23.12 31.82
N ASP C 271 7.63 23.81 30.87
CA ASP C 271 6.89 24.57 29.87
C ASP C 271 6.12 23.65 28.93
N HIS C 272 4.89 24.04 28.60
CA HIS C 272 4.00 23.22 27.79
C HIS C 272 2.99 24.10 27.08
N TYR C 273 2.22 23.47 26.21
CA TYR C 273 1.15 24.14 25.48
C TYR C 273 -0.13 23.31 25.49
N LEU C 274 -1.25 23.99 25.28
CA LEU C 274 -2.49 23.32 24.95
C LEU C 274 -2.49 23.24 23.44
N CYS C 275 -2.70 22.06 22.87
CA CYS C 275 -2.62 21.95 21.40
C CYS C 275 -3.87 21.41 20.69
N ASP C 276 -4.83 20.90 21.46
CA ASP C 276 -6.10 20.43 20.91
C ASP C 276 -7.23 20.44 21.93
N VAL C 277 -8.40 20.84 21.47
CA VAL C 277 -9.61 20.72 22.25
C VAL C 277 -10.66 20.10 21.33
N THR C 278 -11.25 19.00 21.80
CA THR C 278 -12.31 18.32 21.08
C THR C 278 -13.34 17.82 22.09
N TRP C 279 -14.59 18.25 21.93
CA TRP C 279 -15.68 17.68 22.70
C TRP C 279 -16.01 16.29 22.16
N ALA C 280 -16.25 15.35 23.07
CA ALA C 280 -16.55 13.96 22.71
C ALA C 280 -18.05 13.68 22.79
N THR C 281 -18.66 14.17 23.87
CA THR C 281 -20.11 14.07 24.12
C THR C 281 -20.59 15.37 24.75
N GLN C 282 -21.83 15.40 25.22
CA GLN C 282 -22.39 16.55 25.94
C GLN C 282 -21.66 16.81 27.25
N GLU C 283 -21.05 15.76 27.80
CA GLU C 283 -20.46 15.82 29.14
C GLU C 283 -19.03 15.31 29.20
N ARG C 284 -18.43 15.03 28.04
CA ARG C 284 -17.05 14.57 27.97
C ARG C 284 -16.20 15.37 27.00
N ILE C 285 -15.08 15.89 27.49
CA ILE C 285 -14.16 16.68 26.68
C ILE C 285 -12.74 16.06 26.70
N SER C 286 -12.05 16.11 25.57
CA SER C 286 -10.65 15.70 25.51
C SER C 286 -9.76 16.88 25.14
N LEU C 287 -8.71 17.07 25.94
CA LEU C 287 -7.66 18.06 25.67
C LEU C 287 -6.33 17.36 25.37
N GLN C 288 -5.52 17.96 24.51
CA GLN C 288 -4.18 17.47 24.27
C GLN C 288 -3.17 18.53 24.66
N TRP C 289 -2.15 18.11 25.39
CA TRP C 289 -1.09 19.00 25.83
C TRP C 289 0.22 18.55 25.22
N LEU C 290 1.11 19.51 25.01
CA LEU C 290 2.37 19.27 24.33
C LEU C 290 3.48 19.91 25.16
N ARG C 291 4.52 19.15 25.50
CA ARG C 291 5.69 19.73 26.19
C ARG C 291 6.38 20.75 25.27
N ARG C 292 7.07 21.71 25.86
CA ARG C 292 7.83 22.70 25.09
C ARG C 292 8.83 22.01 24.16
N ILE C 293 9.44 20.92 24.64
CA ILE C 293 10.17 19.98 23.78
C ILE C 293 9.04 19.15 23.15
N GLN C 294 8.74 19.44 21.89
CA GLN C 294 7.52 18.95 21.27
C GLN C 294 7.57 17.52 20.73
N ASN C 295 8.25 16.64 21.46
CA ASN C 295 8.30 15.23 21.07
C ASN C 295 7.50 14.34 22.03
N TYR C 296 6.68 14.97 22.88
CA TYR C 296 5.89 14.29 23.89
C TYR C 296 4.58 15.02 24.14
N SER C 297 3.46 14.34 23.94
CA SER C 297 2.15 14.93 24.20
C SER C 297 1.22 13.94 24.90
N VAL C 298 0.19 14.50 25.56
CA VAL C 298 -0.76 13.74 26.36
C VAL C 298 -2.20 14.22 26.10
N MET C 299 -3.11 13.28 25.84
CA MET C 299 -4.53 13.59 25.77
C MET C 299 -5.19 13.16 27.08
N ASP C 300 -5.93 14.09 27.68
CA ASP C 300 -6.75 13.82 28.85
C ASP C 300 -8.19 13.76 28.42
N ILE C 301 -8.92 12.78 28.94
CA ILE C 301 -10.34 12.67 28.68
C ILE C 301 -11.04 12.98 29.98
N CYS C 302 -11.72 14.12 30.01
CA CYS C 302 -12.31 14.64 31.24
C CYS C 302 -13.84 14.58 31.22
N ASP C 303 -14.41 14.13 32.33
CA ASP C 303 -15.84 13.94 32.45
C ASP C 303 -16.45 14.87 33.49
N TYR C 304 -17.62 15.40 33.16
CA TYR C 304 -18.37 16.24 34.08
C TYR C 304 -18.97 15.40 35.21
N ASP C 305 -18.80 15.86 36.45
CA ASP C 305 -19.37 15.21 37.63
C ASP C 305 -20.59 16.02 38.08
N GLU C 306 -21.78 15.48 37.81
CA GLU C 306 -23.05 16.14 38.08
C GLU C 306 -23.30 16.46 39.57
N SER C 307 -22.58 15.78 40.46
CA SER C 307 -22.71 16.01 41.91
C SER C 307 -21.64 16.95 42.49
N SER C 308 -20.52 17.10 41.79
CA SER C 308 -19.45 18.01 42.20
C SER C 308 -19.53 19.35 41.47
N GLY C 309 -19.90 19.29 40.20
CA GLY C 309 -19.88 20.46 39.32
C GLY C 309 -18.51 20.63 38.71
N ARG C 310 -17.60 19.72 39.04
CA ARG C 310 -16.23 19.75 38.54
C ARG C 310 -16.02 18.69 37.46
N TRP C 311 -14.92 18.82 36.73
CA TRP C 311 -14.56 17.89 35.65
C TRP C 311 -13.40 17.02 36.08
N ASN C 312 -13.53 15.72 35.89
CA ASN C 312 -12.46 14.79 36.27
C ASN C 312 -11.79 14.07 35.11
N CYS C 313 -10.46 14.18 35.06
CA CYS C 313 -9.67 13.59 34.00
C CYS C 313 -8.95 12.37 34.54
N LEU C 314 -9.63 11.23 34.49
CA LEU C 314 -9.09 9.97 34.97
C LEU C 314 -7.74 9.64 34.35
N VAL C 315 -6.75 9.41 35.22
CA VAL C 315 -5.38 9.09 34.84
C VAL C 315 -5.31 7.85 33.95
N ALA C 316 -6.15 6.86 34.27
CA ALA C 316 -6.24 5.62 33.51
C ALA C 316 -6.87 5.84 32.12
N ARG C 317 -7.31 7.07 31.86
CA ARG C 317 -7.88 7.42 30.56
C ARG C 317 -6.97 8.35 29.75
N GLN C 318 -5.71 8.45 30.18
CA GLN C 318 -4.72 9.25 29.45
C GLN C 318 -4.18 8.51 28.24
N HIS C 319 -3.79 9.26 27.22
CA HIS C 319 -3.19 8.70 26.02
C HIS C 319 -1.95 9.48 25.62
N ILE C 320 -0.83 8.78 25.61
CA ILE C 320 0.44 9.37 25.24
C ILE C 320 0.69 9.21 23.73
N GLU C 321 1.19 10.28 23.13
CA GLU C 321 1.65 10.26 21.76
C GLU C 321 3.00 11.00 21.73
N MET C 322 4.03 10.26 21.33
CA MET C 322 5.42 10.74 21.33
C MET C 322 6.18 10.30 20.08
N SER C 323 7.39 10.82 19.92
CA SER C 323 8.27 10.48 18.81
C SER C 323 9.72 10.49 19.31
N THR C 324 10.53 9.58 18.78
CA THR C 324 11.96 9.54 19.10
C THR C 324 12.77 10.09 17.94
N THR C 325 12.17 10.08 16.75
CA THR C 325 12.82 10.57 15.55
C THR C 325 12.52 12.03 15.28
N GLY C 326 11.52 12.61 15.97
CA GLY C 326 11.15 13.99 15.73
C GLY C 326 10.14 14.59 16.69
N TRP C 327 9.23 15.39 16.17
CA TRP C 327 8.16 16.04 16.93
C TRP C 327 6.89 15.23 16.76
N VAL C 328 5.79 15.72 17.33
CA VAL C 328 4.53 15.00 17.27
C VAL C 328 3.56 15.67 16.31
N GLY C 329 2.90 14.85 15.49
CA GLY C 329 1.99 15.34 14.47
C GLY C 329 2.75 15.90 13.29
N ARG C 330 2.03 16.35 12.27
CA ARG C 330 2.66 17.01 11.15
C ARG C 330 3.13 18.39 11.61
N PHE C 331 2.22 19.13 12.26
CA PHE C 331 2.53 20.44 12.83
C PHE C 331 2.10 20.46 14.30
N ARG C 332 1.16 19.59 14.65
CA ARG C 332 0.70 19.41 16.03
C ARG C 332 0.06 18.04 16.15
N PRO C 333 0.03 17.44 17.35
CA PRO C 333 -0.69 16.18 17.42
C PRO C 333 -2.03 16.30 16.72
N SER C 334 -2.45 15.24 16.04
CA SER C 334 -3.72 15.22 15.31
C SER C 334 -4.93 15.19 16.25
N GLU C 335 -6.06 15.67 15.76
CA GLU C 335 -7.30 15.70 16.53
C GLU C 335 -8.03 14.35 16.57
N PRO C 336 -8.69 14.04 17.69
CA PRO C 336 -9.48 12.81 17.71
C PRO C 336 -10.84 12.99 17.05
N HIS C 337 -11.40 11.89 16.56
CA HIS C 337 -12.76 11.86 16.05
C HIS C 337 -13.50 10.78 16.81
N PHE C 338 -14.30 11.22 17.78
CA PHE C 338 -15.01 10.30 18.65
C PHE C 338 -16.20 9.68 17.97
N THR C 339 -16.46 8.43 18.33
CA THR C 339 -17.71 7.75 18.00
C THR C 339 -18.79 8.48 18.76
N LEU C 340 -20.05 8.35 18.31
CA LEU C 340 -21.16 9.10 18.90
C LEU C 340 -21.20 8.98 20.45
N ASP C 341 -21.12 7.75 20.95
CA ASP C 341 -21.13 7.47 22.39
C ASP C 341 -19.88 7.97 23.12
N GLY C 342 -18.85 8.35 22.35
CA GLY C 342 -17.62 8.90 22.91
C GLY C 342 -16.78 7.95 23.75
N ASN C 343 -16.95 6.64 23.54
CA ASN C 343 -16.16 5.64 24.25
C ASN C 343 -14.94 5.22 23.47
N SER C 344 -14.86 5.70 22.24
CA SER C 344 -13.75 5.40 21.36
C SER C 344 -13.50 6.59 20.45
N PHE C 345 -12.36 6.57 19.77
CA PHE C 345 -12.04 7.61 18.81
C PHE C 345 -11.04 7.15 17.77
N TYR C 346 -11.08 7.82 16.63
CA TYR C 346 -10.16 7.58 15.53
C TYR C 346 -9.19 8.76 15.50
N LYS C 347 -7.92 8.48 15.23
CA LYS C 347 -6.89 9.50 15.24
C LYS C 347 -5.73 9.10 14.34
N ILE C 348 -5.27 10.02 13.52
CA ILE C 348 -4.13 9.78 12.65
C ILE C 348 -2.86 9.88 13.47
N ILE C 349 -2.11 8.78 13.49
CA ILE C 349 -0.84 8.76 14.17
C ILE C 349 0.19 8.04 13.31
N SER C 350 1.44 8.26 13.61
CA SER C 350 2.55 7.66 12.88
C SER C 350 2.61 6.20 13.26
N ASN C 351 2.61 5.29 12.27
CA ASN C 351 2.72 3.86 12.61
C ASN C 351 4.16 3.43 12.87
N GLU C 352 4.37 2.15 13.11
CA GLU C 352 5.71 1.62 13.41
C GLU C 352 6.74 1.88 12.31
N GLU C 353 6.27 2.06 11.08
CA GLU C 353 7.17 2.32 9.95
C GLU C 353 7.22 3.81 9.57
N GLY C 354 6.67 4.64 10.45
CA GLY C 354 6.73 6.09 10.32
C GLY C 354 5.71 6.68 9.36
N TYR C 355 4.72 5.88 8.98
CA TYR C 355 3.66 6.37 8.10
C TYR C 355 2.39 6.70 8.89
N ARG C 356 1.85 7.88 8.63
CA ARG C 356 0.66 8.36 9.32
C ARG C 356 -0.62 7.67 8.84
N HIS C 357 -1.26 6.98 9.77
CA HIS C 357 -2.47 6.23 9.51
C HIS C 357 -3.49 6.37 10.66
N ILE C 358 -4.71 5.91 10.42
CA ILE C 358 -5.79 6.02 11.40
C ILE C 358 -5.69 4.91 12.43
N CYS C 359 -5.59 5.27 13.70
CA CYS C 359 -5.59 4.30 14.77
C CYS C 359 -6.87 4.43 15.56
N TYR C 360 -7.43 3.30 15.94
CA TYR C 360 -8.68 3.27 16.68
C TYR C 360 -8.38 3.01 18.14
N PHE C 361 -8.88 3.90 19.00
CA PHE C 361 -8.60 3.87 20.42
C PHE C 361 -9.86 3.62 21.21
N GLN C 362 -9.71 2.89 22.31
CA GLN C 362 -10.74 2.82 23.33
C GLN C 362 -10.31 3.81 24.42
N ILE C 363 -11.26 4.61 24.90
CA ILE C 363 -11.00 5.57 25.98
C ILE C 363 -10.26 4.91 27.14
N ASP C 364 -10.65 3.66 27.42
CA ASP C 364 -10.15 2.92 28.56
C ASP C 364 -8.75 2.29 28.42
N LYS C 365 -8.31 1.99 27.20
CA LYS C 365 -7.06 1.21 27.03
C LYS C 365 -5.84 1.90 26.37
N LYS C 366 -4.68 1.31 26.62
CA LYS C 366 -3.37 1.83 26.18
C LYS C 366 -3.19 1.72 24.67
N ASP C 367 -3.25 0.50 24.16
CA ASP C 367 -3.00 0.21 22.75
C ASP C 367 -4.16 0.60 21.83
N CYS C 368 -3.82 0.84 20.58
CA CYS C 368 -4.80 1.09 19.55
C CYS C 368 -4.58 0.13 18.38
N THR C 369 -5.56 0.03 17.48
CA THR C 369 -5.40 -0.81 16.30
C THR C 369 -5.49 0.03 15.03
N PHE C 370 -4.60 -0.22 14.08
CA PHE C 370 -4.61 0.50 12.83
C PHE C 370 -5.63 -0.09 11.86
N ILE C 371 -6.39 0.79 11.23
CA ILE C 371 -7.41 0.36 10.27
C ILE C 371 -7.04 0.74 8.83
N THR C 372 -5.98 1.53 8.68
CA THR C 372 -5.32 1.76 7.38
C THR C 372 -3.83 1.48 7.55
N LYS C 373 -3.15 1.15 6.47
CA LYS C 373 -1.70 0.90 6.48
C LYS C 373 -1.13 1.05 5.06
N GLY C 374 0.19 1.17 4.94
CA GLY C 374 0.83 1.27 3.62
C GLY C 374 1.83 2.38 3.51
N THR C 375 2.54 2.40 2.38
CA THR C 375 3.52 3.45 2.10
C THR C 375 2.82 4.64 1.46
N TRP C 376 2.04 5.32 2.30
CA TRP C 376 1.27 6.50 1.96
C TRP C 376 0.67 6.96 3.28
N GLU C 377 -0.03 8.09 3.26
CA GLU C 377 -0.53 8.65 4.50
C GLU C 377 -1.97 9.09 4.36
N VAL C 378 -2.71 8.94 5.46
CA VAL C 378 -4.01 9.58 5.62
C VAL C 378 -3.75 11.07 5.90
N ILE C 379 -4.41 11.93 5.13
CA ILE C 379 -4.24 13.38 5.26
C ILE C 379 -5.19 13.91 6.33
N GLY C 380 -6.44 13.48 6.27
CA GLY C 380 -7.43 13.89 7.26
C GLY C 380 -8.60 12.93 7.31
N ILE C 381 -9.14 12.72 8.50
CA ILE C 381 -10.42 12.07 8.69
C ILE C 381 -11.48 13.16 8.49
N GLU C 382 -12.40 12.92 7.56
CA GLU C 382 -13.35 13.96 7.13
C GLU C 382 -14.76 13.81 7.71
N ALA C 383 -15.19 12.58 7.93
CA ALA C 383 -16.50 12.33 8.55
C ALA C 383 -16.54 10.95 9.19
N LEU C 384 -17.31 10.84 10.27
CA LEU C 384 -17.51 9.57 10.94
C LEU C 384 -19.00 9.34 11.12
N THR C 385 -19.51 8.25 10.58
CA THR C 385 -20.88 7.82 10.86
C THR C 385 -20.84 6.57 11.75
N SER C 386 -21.91 5.78 11.73
CA SER C 386 -21.94 4.53 12.46
C SER C 386 -21.60 3.35 11.54
N ASP C 387 -21.62 3.60 10.24
CA ASP C 387 -21.31 2.56 9.25
C ASP C 387 -19.97 2.77 8.55
N TYR C 388 -19.58 4.03 8.40
CA TYR C 388 -18.44 4.42 7.58
C TYR C 388 -17.55 5.49 8.20
N LEU C 389 -16.25 5.37 7.96
CA LEU C 389 -15.30 6.44 8.28
C LEU C 389 -14.75 6.94 6.97
N TYR C 390 -14.84 8.26 6.78
CA TYR C 390 -14.43 8.90 5.54
C TYR C 390 -13.13 9.67 5.75
N TYR C 391 -12.14 9.40 4.90
CA TYR C 391 -10.84 10.06 4.98
C TYR C 391 -10.29 10.39 3.60
N ILE C 392 -9.35 11.35 3.60
CA ILE C 392 -8.62 11.77 2.41
C ILE C 392 -7.19 11.31 2.59
N SER C 393 -6.66 10.63 1.58
CA SER C 393 -5.26 10.20 1.61
C SER C 393 -4.58 10.39 0.28
N ASN C 394 -3.29 10.09 0.22
CA ASN C 394 -2.55 10.13 -1.04
C ASN C 394 -2.18 8.74 -1.54
N GLU C 395 -2.99 7.74 -1.18
CA GLU C 395 -2.75 6.35 -1.58
C GLU C 395 -2.79 6.13 -3.09
N TYR C 396 -3.73 6.78 -3.76
CA TYR C 396 -3.99 6.55 -5.18
C TYR C 396 -2.74 6.64 -6.04
N LYS C 397 -2.50 5.54 -6.78
CA LYS C 397 -1.32 5.28 -7.60
C LYS C 397 0.00 5.89 -7.12
N GLY C 398 0.27 5.70 -5.83
CA GLY C 398 1.54 6.07 -5.21
C GLY C 398 1.97 7.52 -5.33
N MET C 399 1.00 8.42 -5.47
CA MET C 399 1.32 9.84 -5.68
C MET C 399 1.13 10.65 -4.42
N PRO C 400 2.23 11.05 -3.77
CA PRO C 400 2.10 11.77 -2.49
C PRO C 400 1.49 13.17 -2.66
N GLY C 401 1.47 13.67 -3.90
CA GLY C 401 0.93 14.99 -4.20
C GLY C 401 -0.49 14.95 -4.72
N GLY C 402 -1.09 13.77 -4.70
CA GLY C 402 -2.50 13.57 -5.03
C GLY C 402 -3.36 13.45 -3.78
N ARG C 403 -4.66 13.67 -3.92
CA ARG C 403 -5.60 13.59 -2.79
C ARG C 403 -6.90 12.95 -3.24
N ASN C 404 -7.31 11.92 -2.53
CA ASN C 404 -8.59 11.27 -2.79
C ASN C 404 -9.35 10.93 -1.54
N LEU C 405 -10.68 10.87 -1.68
CA LEU C 405 -11.57 10.55 -0.58
C LEU C 405 -11.83 9.05 -0.59
N TYR C 406 -11.67 8.44 0.58
CA TYR C 406 -11.93 7.03 0.76
C TYR C 406 -12.93 6.87 1.89
N LYS C 407 -13.59 5.73 1.87
CA LYS C 407 -14.62 5.41 2.82
C LYS C 407 -14.30 4.04 3.37
N ILE C 408 -14.12 3.96 4.68
CA ILE C 408 -13.84 2.68 5.29
C ILE C 408 -15.07 2.13 6.01
N GLN C 409 -15.51 0.96 5.55
CA GLN C 409 -16.66 0.28 6.11
C GLN C 409 -16.34 -0.22 7.53
N LEU C 410 -16.99 0.39 8.52
CA LEU C 410 -16.72 0.13 9.93
C LEU C 410 -16.90 -1.34 10.38
N SER C 411 -17.82 -2.06 9.75
CA SER C 411 -18.06 -3.46 10.08
C SER C 411 -16.92 -4.38 9.66
N ASP C 412 -16.16 -3.95 8.65
CA ASP C 412 -14.99 -4.67 8.18
C ASP C 412 -14.07 -3.64 7.57
N TYR C 413 -13.02 -3.27 8.30
CA TYR C 413 -12.17 -2.15 7.91
C TYR C 413 -11.27 -2.39 6.70
N THR C 414 -11.16 -3.64 6.28
CA THR C 414 -10.41 -3.99 5.08
C THR C 414 -11.21 -3.58 3.86
N LYS C 415 -12.53 -3.48 4.02
CA LYS C 415 -13.41 -3.03 2.96
C LYS C 415 -13.35 -1.51 2.85
N VAL C 416 -12.57 -1.05 1.89
CA VAL C 416 -12.34 0.38 1.65
C VAL C 416 -12.70 0.72 0.21
N THR C 417 -13.43 1.82 0.02
CA THR C 417 -13.79 2.28 -1.32
C THR C 417 -13.20 3.65 -1.57
N CYS C 418 -12.61 3.84 -2.75
CA CYS C 418 -12.24 5.18 -3.17
C CYS C 418 -13.43 5.81 -3.85
N LEU C 419 -13.84 6.97 -3.33
CA LEU C 419 -15.02 7.67 -3.82
C LEU C 419 -14.69 8.64 -4.95
N SER C 420 -13.45 9.10 -5.01
CA SER C 420 -13.06 10.13 -5.97
C SER C 420 -12.08 9.66 -7.05
N CYS C 421 -11.23 8.69 -6.70
CA CYS C 421 -10.18 8.19 -7.59
C CYS C 421 -10.59 8.16 -9.06
N GLU C 422 -11.74 7.53 -9.32
CA GLU C 422 -12.12 7.14 -10.65
C GLU C 422 -13.13 8.08 -11.31
N LEU C 423 -13.64 9.04 -10.55
CA LEU C 423 -14.63 10.00 -11.06
C LEU C 423 -14.19 10.72 -12.33
N ASN C 424 -12.94 11.17 -12.34
CA ASN C 424 -12.39 11.85 -13.49
C ASN C 424 -10.87 11.89 -13.38
N PRO C 425 -10.20 10.73 -13.57
CA PRO C 425 -8.77 10.56 -13.29
C PRO C 425 -7.85 11.46 -14.09
N GLU C 426 -8.33 11.90 -15.26
CA GLU C 426 -7.58 12.74 -16.16
C GLU C 426 -7.44 14.16 -15.60
N ARG C 427 -8.56 14.80 -15.26
CA ARG C 427 -8.52 16.20 -14.79
C ARG C 427 -8.52 16.36 -13.26
N CYS C 428 -8.77 15.27 -12.54
CA CYS C 428 -9.00 15.33 -11.11
C CYS C 428 -8.22 14.31 -10.28
N GLN C 429 -7.19 14.79 -9.58
CA GLN C 429 -6.40 13.91 -8.72
C GLN C 429 -6.18 14.54 -7.37
N TYR C 430 -6.78 15.71 -7.15
CA TYR C 430 -6.63 16.42 -5.88
C TYR C 430 -8.00 16.84 -5.39
N TYR C 431 -8.48 16.19 -4.35
CA TYR C 431 -9.81 16.44 -3.83
C TYR C 431 -9.81 16.88 -2.38
N SER C 432 -10.73 17.76 -2.05
CA SER C 432 -11.18 17.91 -0.69
C SER C 432 -12.69 17.66 -0.71
N VAL C 433 -13.31 17.68 0.46
CA VAL C 433 -14.68 17.28 0.61
C VAL C 433 -15.39 18.03 1.75
N SER C 434 -16.68 18.32 1.55
CA SER C 434 -17.48 18.98 2.56
C SER C 434 -18.74 18.14 2.73
N PHE C 435 -18.86 17.50 3.89
CA PHE C 435 -20.01 16.67 4.22
C PHE C 435 -21.15 17.45 4.88
N SER C 436 -22.38 17.04 4.58
CA SER C 436 -23.57 17.59 5.23
C SER C 436 -23.57 17.23 6.71
N LYS C 437 -24.51 17.82 7.46
CA LYS C 437 -24.61 17.67 8.91
C LYS C 437 -24.34 16.23 9.40
N GLU C 438 -25.06 15.26 8.85
CA GLU C 438 -24.90 13.86 9.27
C GLU C 438 -24.26 12.99 8.19
N ALA C 439 -23.49 13.64 7.31
CA ALA C 439 -22.75 12.98 6.23
C ALA C 439 -23.63 12.30 5.17
N LYS C 440 -24.90 12.66 5.13
CA LYS C 440 -25.86 12.10 4.18
C LYS C 440 -25.50 12.52 2.75
N TYR C 441 -24.92 13.70 2.61
CA TYR C 441 -24.47 14.19 1.31
C TYR C 441 -23.06 14.75 1.43
N TYR C 442 -22.44 15.01 0.28
CA TYR C 442 -21.13 15.68 0.25
C TYR C 442 -20.77 16.37 -1.06
N GLN C 443 -20.10 17.50 -0.90
CA GLN C 443 -19.52 18.22 -2.02
C GLN C 443 -18.05 17.82 -2.15
N LEU C 444 -17.63 17.52 -3.37
CA LEU C 444 -16.22 17.30 -3.64
C LEU C 444 -15.66 18.52 -4.34
N ARG C 445 -14.47 18.94 -3.92
CA ARG C 445 -13.72 19.97 -4.60
C ARG C 445 -12.53 19.33 -5.29
N CYS C 446 -12.51 19.40 -6.62
CA CYS C 446 -11.37 18.92 -7.37
C CYS C 446 -10.53 20.13 -7.77
N SER C 447 -9.33 20.22 -7.21
CA SER C 447 -8.38 21.26 -7.56
C SER C 447 -7.43 20.65 -8.57
N GLY C 448 -7.65 19.34 -8.81
CA GLY C 448 -6.86 18.39 -9.64
C GLY C 448 -6.03 18.93 -10.77
N PRO C 449 -5.35 18.05 -11.53
CA PRO C 449 -4.42 18.64 -12.52
C PRO C 449 -5.16 19.53 -13.52
N GLY C 450 -6.40 19.16 -13.85
CA GLY C 450 -7.22 19.97 -14.74
C GLY C 450 -7.85 21.12 -13.97
N LEU C 451 -8.75 21.84 -14.63
CA LEU C 451 -9.45 22.98 -14.00
C LEU C 451 -10.32 22.51 -12.83
N PRO C 452 -10.42 23.33 -11.77
CA PRO C 452 -11.28 22.99 -10.63
C PRO C 452 -12.66 22.51 -11.06
N LEU C 453 -13.16 21.50 -10.34
CA LEU C 453 -14.44 20.88 -10.61
C LEU C 453 -15.17 20.65 -9.30
N TYR C 454 -16.27 21.34 -9.09
CA TYR C 454 -17.07 21.15 -7.87
C TYR C 454 -18.29 20.29 -8.19
N THR C 455 -18.43 19.18 -7.49
CA THR C 455 -19.55 18.25 -7.70
C THR C 455 -20.31 17.92 -6.41
N LEU C 456 -21.56 17.49 -6.54
CA LEU C 456 -22.40 17.16 -5.38
C LEU C 456 -22.85 15.70 -5.41
N HIS C 457 -22.74 15.03 -4.26
CA HIS C 457 -22.95 13.57 -4.17
C HIS C 457 -23.84 13.14 -3.01
N SER C 458 -24.59 12.06 -3.23
CA SER C 458 -25.34 11.37 -2.19
C SER C 458 -24.46 10.26 -1.66
N SER C 459 -24.41 10.10 -0.34
CA SER C 459 -23.53 9.10 0.27
C SER C 459 -24.23 7.77 0.53
N VAL C 460 -25.55 7.74 0.38
CA VAL C 460 -26.31 6.49 0.55
C VAL C 460 -25.83 5.40 -0.43
N ASN C 461 -25.64 5.77 -1.70
CA ASN C 461 -25.16 4.84 -2.72
C ASN C 461 -23.94 5.36 -3.47
N ASP C 462 -23.53 6.59 -3.12
CA ASP C 462 -22.41 7.29 -3.75
C ASP C 462 -22.66 7.63 -5.22
N LYS C 463 -23.92 7.96 -5.53
CA LYS C 463 -24.29 8.45 -6.85
C LYS C 463 -23.88 9.93 -6.98
N GLY C 464 -23.36 10.31 -8.15
CA GLY C 464 -22.97 11.68 -8.41
C GLY C 464 -24.16 12.50 -8.83
N LEU C 465 -24.76 13.24 -7.89
CA LEU C 465 -25.99 14.00 -8.12
C LEU C 465 -25.88 15.06 -9.23
N ARG C 466 -24.97 16.02 -9.09
CA ARG C 466 -24.80 17.08 -10.10
C ARG C 466 -23.45 17.79 -10.11
N VAL C 467 -23.18 18.46 -11.23
CA VAL C 467 -22.01 19.30 -11.41
C VAL C 467 -22.33 20.75 -11.00
N LEU C 468 -21.72 21.19 -9.91
CA LEU C 468 -21.96 22.53 -9.36
C LEU C 468 -21.22 23.61 -10.15
N GLU C 469 -19.94 23.38 -10.41
CA GLU C 469 -19.11 24.29 -11.18
C GLU C 469 -18.04 23.49 -11.92
N ASP C 470 -17.95 23.66 -13.23
CA ASP C 470 -16.96 22.94 -14.03
C ASP C 470 -15.95 23.87 -14.71
N ASN C 471 -16.01 25.16 -14.36
CA ASN C 471 -15.11 26.18 -14.92
C ASN C 471 -15.06 26.24 -16.45
N SER C 472 -16.15 25.85 -17.09
CA SER C 472 -16.22 25.84 -18.55
C SER C 472 -15.96 27.23 -19.12
N ALA C 473 -16.34 28.27 -18.38
CA ALA C 473 -16.12 29.65 -18.81
C ALA C 473 -14.63 29.96 -18.96
N LEU C 474 -13.85 29.62 -17.94
CA LEU C 474 -12.41 29.81 -17.95
C LEU C 474 -11.74 28.93 -19.00
N ASP C 475 -12.24 27.69 -19.13
CA ASP C 475 -11.77 26.73 -20.12
C ASP C 475 -11.87 27.30 -21.54
N LYS C 476 -12.98 27.98 -21.84
CA LYS C 476 -13.18 28.61 -23.15
C LYS C 476 -12.08 29.62 -23.44
N MET C 477 -11.84 30.48 -22.45
CA MET C 477 -10.83 31.52 -22.56
C MET C 477 -9.42 30.94 -22.71
N LEU C 478 -9.13 29.88 -21.98
CA LEU C 478 -7.79 29.28 -21.96
C LEU C 478 -7.36 28.56 -23.25
N GLN C 479 -8.32 28.25 -24.12
CA GLN C 479 -8.00 27.66 -25.42
C GLN C 479 -7.37 28.69 -26.35
N ASN C 480 -7.69 29.97 -26.11
CA ASN C 480 -7.11 31.10 -26.82
C ASN C 480 -5.68 31.48 -26.39
N VAL C 481 -5.29 31.14 -25.15
CA VAL C 481 -3.92 31.39 -24.68
C VAL C 481 -3.05 30.12 -24.70
N GLN C 482 -1.82 30.25 -25.19
CA GLN C 482 -0.89 29.12 -25.14
C GLN C 482 -0.34 28.96 -23.73
N MET C 483 -0.89 27.97 -23.03
CA MET C 483 -0.63 27.76 -21.63
C MET C 483 0.55 26.81 -21.40
N PRO C 484 1.18 26.91 -20.22
CA PRO C 484 2.22 25.97 -19.85
C PRO C 484 1.64 24.62 -19.43
N SER C 485 2.45 23.57 -19.55
CA SER C 485 2.09 22.25 -19.07
C SER C 485 2.76 22.00 -17.71
N LYS C 486 2.24 21.02 -16.99
CA LYS C 486 2.81 20.68 -15.71
C LYS C 486 3.31 19.24 -15.70
N LYS C 487 4.62 19.07 -15.56
CA LYS C 487 5.15 17.73 -15.34
C LYS C 487 5.29 17.51 -13.86
N LEU C 488 4.83 16.35 -13.41
CA LEU C 488 4.93 15.95 -12.02
C LEU C 488 5.53 14.56 -12.01
N ASP C 489 6.80 14.48 -11.69
CA ASP C 489 7.50 13.21 -11.71
C ASP C 489 8.42 13.14 -10.49
N PHE C 490 9.25 12.11 -10.43
CA PHE C 490 10.19 11.94 -9.35
C PHE C 490 11.58 11.59 -9.86
N ILE C 491 12.58 11.95 -9.09
CA ILE C 491 13.95 11.49 -9.29
C ILE C 491 14.25 10.55 -8.12
N ILE C 492 15.30 9.73 -8.25
CA ILE C 492 15.63 8.75 -7.23
C ILE C 492 16.99 9.05 -6.61
N LEU C 493 16.98 9.35 -5.31
CA LEU C 493 18.18 9.68 -4.54
C LEU C 493 18.35 8.67 -3.42
N ASN C 494 19.48 7.96 -3.41
CA ASN C 494 19.73 6.91 -2.42
C ASN C 494 18.58 5.90 -2.35
N GLU C 495 18.09 5.52 -3.53
CA GLU C 495 16.94 4.60 -3.69
C GLU C 495 15.67 5.00 -2.92
N THR C 496 15.50 6.31 -2.75
CA THR C 496 14.30 6.91 -2.24
C THR C 496 13.76 7.79 -3.35
N LYS C 497 12.44 7.79 -3.52
CA LYS C 497 11.80 8.65 -4.50
C LYS C 497 11.60 10.03 -3.90
N PHE C 498 11.87 11.05 -4.71
CA PHE C 498 11.65 12.44 -4.35
C PHE C 498 10.97 13.14 -5.50
N TRP C 499 9.88 13.83 -5.21
CA TRP C 499 9.03 14.37 -6.24
C TRP C 499 9.32 15.82 -6.57
N TYR C 500 9.09 16.16 -7.82
CA TYR C 500 9.27 17.51 -8.30
C TYR C 500 8.16 17.80 -9.30
N GLN C 501 7.88 19.08 -9.52
CA GLN C 501 6.96 19.50 -10.56
C GLN C 501 7.62 20.58 -11.39
N MET C 502 7.30 20.60 -12.68
CA MET C 502 7.86 21.59 -13.58
C MET C 502 6.78 22.30 -14.33
N ILE C 503 6.70 23.61 -14.16
CA ILE C 503 5.80 24.40 -14.96
C ILE C 503 6.56 24.63 -16.25
N LEU C 504 6.15 23.93 -17.29
CA LEU C 504 6.86 23.94 -18.57
C LEU C 504 6.23 24.91 -19.54
N PRO C 505 7.06 25.73 -20.22
CA PRO C 505 6.56 26.64 -21.26
C PRO C 505 5.78 25.90 -22.36
N PRO C 506 4.90 26.62 -23.07
CA PRO C 506 4.20 26.02 -24.23
C PRO C 506 5.21 25.52 -25.25
N HIS C 507 4.80 24.55 -26.08
CA HIS C 507 5.66 23.99 -27.12
C HIS C 507 7.04 23.59 -26.59
N PHE C 508 7.06 23.04 -25.38
CA PHE C 508 8.27 22.59 -24.73
C PHE C 508 9.06 21.67 -25.66
N ASP C 509 10.35 21.95 -25.80
CA ASP C 509 11.24 21.19 -26.68
C ASP C 509 12.43 20.64 -25.89
N LYS C 510 12.38 19.35 -25.57
CA LYS C 510 13.41 18.68 -24.75
C LYS C 510 14.87 18.79 -25.25
N SER C 511 15.05 19.28 -26.48
CA SER C 511 16.38 19.42 -27.07
C SER C 511 16.86 20.87 -27.11
N LYS C 512 16.04 21.78 -26.60
CA LYS C 512 16.44 23.18 -26.47
C LYS C 512 16.88 23.45 -25.03
N LYS C 513 17.61 24.54 -24.78
CA LYS C 513 18.10 24.86 -23.43
C LYS C 513 17.31 26.00 -22.78
N TYR C 514 16.49 25.67 -21.80
CA TYR C 514 15.65 26.65 -21.12
C TYR C 514 16.28 27.16 -19.84
N PRO C 515 16.10 28.47 -19.54
CA PRO C 515 16.40 28.99 -18.22
C PRO C 515 15.44 28.38 -17.22
N LEU C 516 15.93 28.14 -16.00
CA LEU C 516 15.11 27.51 -14.97
C LEU C 516 15.08 28.34 -13.68
N LEU C 517 13.90 28.41 -13.09
CA LEU C 517 13.69 29.04 -11.81
C LEU C 517 13.21 28.00 -10.81
N LEU C 518 14.00 27.77 -9.77
CA LEU C 518 13.61 26.85 -8.72
C LEU C 518 12.75 27.57 -7.67
N ASP C 519 11.47 27.24 -7.65
CA ASP C 519 10.49 27.75 -6.70
C ASP C 519 10.56 26.86 -5.45
N VAL C 520 10.90 27.45 -4.31
CA VAL C 520 11.21 26.67 -3.12
C VAL C 520 10.43 27.09 -1.89
N TYR C 521 9.96 26.08 -1.15
CA TYR C 521 9.48 26.31 0.19
C TYR C 521 10.38 25.48 1.10
N ALA C 522 10.22 24.16 1.04
CA ALA C 522 11.11 23.18 1.70
C ALA C 522 11.09 23.18 3.23
N GLY C 523 10.07 23.80 3.82
CA GLY C 523 9.86 23.74 5.27
C GLY C 523 9.55 22.31 5.68
N PRO C 524 9.57 22.04 6.99
CA PRO C 524 9.24 20.69 7.46
C PRO C 524 7.76 20.38 7.18
N CYS C 525 7.50 19.23 6.55
CA CYS C 525 6.16 18.83 6.13
C CYS C 525 5.59 19.67 4.95
N SER C 526 6.45 20.41 4.26
CA SER C 526 6.02 21.13 3.07
C SER C 526 5.73 20.16 1.94
N GLN C 527 4.94 20.62 0.97
CA GLN C 527 4.72 19.88 -0.26
C GLN C 527 4.53 20.87 -1.38
N LYS C 528 5.49 20.90 -2.28
CA LYS C 528 5.48 21.87 -3.36
C LYS C 528 5.32 21.17 -4.69
N ALA C 529 5.39 19.83 -4.66
CA ALA C 529 5.14 19.02 -5.86
C ALA C 529 3.80 18.29 -5.71
N ASP C 530 2.77 18.80 -6.39
CA ASP C 530 1.42 18.24 -6.30
C ASP C 530 0.64 18.33 -7.59
N THR C 531 -0.63 17.97 -7.54
CA THR C 531 -1.44 17.90 -8.75
C THR C 531 -2.43 19.06 -8.84
N VAL C 532 -2.26 20.05 -7.96
CA VAL C 532 -3.13 21.23 -7.94
C VAL C 532 -2.88 22.10 -9.18
N PHE C 533 -3.97 22.58 -9.75
CA PHE C 533 -3.91 23.48 -10.88
C PHE C 533 -3.87 24.91 -10.36
N ARG C 534 -2.88 25.68 -10.80
CA ARG C 534 -2.69 27.03 -10.30
C ARG C 534 -2.50 28.05 -11.40
N LEU C 535 -3.01 29.26 -11.15
CA LEU C 535 -2.72 30.41 -11.99
C LEU C 535 -1.98 31.39 -11.12
N ASN C 536 -0.68 31.51 -11.37
CA ASN C 536 0.19 32.33 -10.55
C ASN C 536 1.31 33.00 -11.34
N TRP C 537 2.35 33.42 -10.63
CA TRP C 537 3.52 34.06 -11.22
C TRP C 537 4.31 33.11 -12.12
N ALA C 538 4.45 31.86 -11.70
CA ALA C 538 5.12 30.84 -12.49
C ALA C 538 4.43 30.66 -13.84
N THR C 539 3.09 30.60 -13.84
CA THR C 539 2.33 30.47 -15.08
C THR C 539 2.79 31.54 -16.07
N TYR C 540 2.87 32.81 -15.62
CA TYR C 540 3.38 33.89 -16.47
C TYR C 540 4.81 33.65 -16.96
N LEU C 541 5.69 33.23 -16.05
CA LEU C 541 7.10 33.01 -16.38
C LEU C 541 7.29 31.93 -17.44
N ALA C 542 6.50 30.87 -17.37
CA ALA C 542 6.55 29.81 -18.36
C ALA C 542 5.85 30.23 -19.66
N SER C 543 4.68 30.87 -19.54
CA SER C 543 3.88 31.18 -20.72
C SER C 543 4.50 32.28 -21.61
N THR C 544 4.89 33.38 -20.98
CA THR C 544 5.45 34.53 -21.67
C THR C 544 6.97 34.41 -21.80
N GLU C 545 7.65 34.23 -20.66
CA GLU C 545 9.11 34.34 -20.61
C GLU C 545 9.86 33.05 -20.94
N ASN C 546 9.13 31.99 -21.26
CA ASN C 546 9.70 30.68 -21.57
C ASN C 546 10.71 30.19 -20.54
N ILE C 547 10.34 30.33 -19.26
CA ILE C 547 11.15 29.88 -18.15
C ILE C 547 10.51 28.66 -17.50
N ILE C 548 11.27 27.58 -17.41
CA ILE C 548 10.86 26.43 -16.61
C ILE C 548 10.92 26.84 -15.15
N VAL C 549 9.80 26.73 -14.47
CA VAL C 549 9.84 26.91 -13.03
C VAL C 549 9.51 25.59 -12.36
N ALA C 550 10.45 25.14 -11.53
CA ALA C 550 10.36 23.84 -10.88
C ALA C 550 10.24 23.98 -9.38
N SER C 551 9.74 22.93 -8.75
CA SER C 551 9.71 22.83 -7.31
C SER C 551 10.00 21.39 -7.02
N PHE C 552 10.65 21.15 -5.89
CA PHE C 552 11.11 19.83 -5.51
C PHE C 552 10.89 19.65 -4.03
N ASP C 553 10.34 18.49 -3.68
CA ASP C 553 10.14 18.10 -2.30
C ASP C 553 11.24 17.12 -1.90
N GLY C 554 12.28 17.62 -1.24
CA GLY C 554 13.37 16.78 -0.75
C GLY C 554 13.15 16.40 0.70
N ARG C 555 14.24 16.16 1.44
CA ARG C 555 14.16 15.81 2.85
C ARG C 555 13.51 16.89 3.70
N GLY C 556 12.77 16.46 4.72
CA GLY C 556 11.95 17.38 5.51
C GLY C 556 10.54 17.53 4.95
N SER C 557 10.33 17.18 3.69
CA SER C 557 9.00 17.29 3.06
C SER C 557 8.00 16.29 3.64
N GLY C 558 6.71 16.59 3.50
CA GLY C 558 5.67 15.81 4.19
C GLY C 558 4.91 14.79 3.36
N TYR C 559 4.01 14.07 4.04
CA TYR C 559 3.08 13.12 3.42
C TYR C 559 3.76 11.95 2.70
N GLN C 560 4.97 11.60 3.15
CA GLN C 560 5.74 10.50 2.56
C GLN C 560 6.38 9.66 3.65
N GLY C 561 5.90 9.85 4.88
CA GLY C 561 6.43 9.16 6.05
C GLY C 561 7.42 9.98 6.82
N ASP C 562 7.69 9.55 8.05
CA ASP C 562 8.63 10.21 8.95
C ASP C 562 10.08 10.08 8.55
N LYS C 563 10.46 8.98 7.88
CA LYS C 563 11.85 8.86 7.43
C LYS C 563 12.27 10.11 6.66
N ILE C 564 11.45 10.49 5.67
CA ILE C 564 11.66 11.71 4.89
C ILE C 564 11.42 12.99 5.69
N MET C 565 10.28 13.07 6.39
CA MET C 565 9.91 14.28 7.12
C MET C 565 10.82 14.62 8.31
N HIS C 566 11.22 13.60 9.09
CA HIS C 566 12.04 13.84 10.28
C HIS C 566 13.53 13.94 10.00
N ALA C 567 13.92 13.89 8.71
CA ALA C 567 15.34 13.90 8.34
C ALA C 567 16.00 15.23 8.73
N ILE C 568 15.21 16.31 8.74
CA ILE C 568 15.74 17.60 9.17
C ILE C 568 15.51 17.93 10.66
N ASN C 569 15.18 16.93 11.48
CA ASN C 569 14.97 17.12 12.91
C ASN C 569 16.24 17.63 13.58
N ARG C 570 16.14 18.81 14.19
CA ARG C 570 17.26 19.46 14.88
C ARG C 570 18.33 19.97 13.93
N ARG C 571 18.02 20.03 12.63
CA ARG C 571 19.03 20.28 11.61
C ARG C 571 18.47 21.12 10.47
N LEU C 572 17.66 22.12 10.80
CA LEU C 572 17.14 23.02 9.78
C LEU C 572 18.28 23.72 9.09
N GLY C 573 18.14 23.95 7.79
CA GLY C 573 19.20 24.57 7.00
C GLY C 573 20.26 23.57 6.59
N THR C 574 19.89 22.30 6.50
CA THR C 574 20.84 21.28 6.05
C THR C 574 20.34 20.48 4.85
N PHE C 575 19.70 19.34 5.09
CA PHE C 575 19.32 18.44 4.00
C PHE C 575 18.30 19.04 3.03
N GLU C 576 17.35 19.80 3.56
CA GLU C 576 16.34 20.43 2.71
C GLU C 576 17.01 21.47 1.79
N VAL C 577 18.10 22.06 2.27
CA VAL C 577 18.88 23.01 1.50
C VAL C 577 19.68 22.23 0.46
N GLU C 578 20.48 21.29 0.95
CA GLU C 578 21.30 20.40 0.11
C GLU C 578 20.48 19.71 -0.99
N ASP C 579 19.27 19.28 -0.67
CA ASP C 579 18.42 18.62 -1.67
C ASP C 579 17.93 19.55 -2.77
N GLN C 580 17.66 20.81 -2.45
CA GLN C 580 17.32 21.77 -3.49
C GLN C 580 18.45 21.94 -4.51
N ILE C 581 19.67 21.98 -4.01
CA ILE C 581 20.85 22.07 -4.87
C ILE C 581 21.01 20.82 -5.73
N GLU C 582 20.82 19.65 -5.12
CA GLU C 582 20.88 18.39 -5.87
C GLU C 582 19.77 18.30 -6.92
N ALA C 583 18.58 18.78 -6.58
CA ALA C 583 17.47 18.79 -7.54
C ALA C 583 17.90 19.54 -8.80
N ALA C 584 18.45 20.73 -8.61
CA ALA C 584 18.88 21.59 -9.71
C ALA C 584 19.96 20.93 -10.54
N ARG C 585 20.88 20.22 -9.87
CA ARG C 585 21.89 19.45 -10.59
C ARG C 585 21.22 18.39 -11.47
N GLN C 586 20.28 17.66 -10.89
CA GLN C 586 19.55 16.62 -11.62
C GLN C 586 18.74 17.19 -12.78
N PHE C 587 18.13 18.37 -12.58
CA PHE C 587 17.37 19.04 -13.64
C PHE C 587 18.29 19.48 -14.79
N SER C 588 19.45 20.04 -14.44
CA SER C 588 20.48 20.37 -15.42
C SER C 588 21.01 19.13 -16.15
N LYS C 589 21.06 18.00 -15.43
CA LYS C 589 21.52 16.74 -16.01
C LYS C 589 20.47 16.13 -16.96
N MET C 590 19.28 16.74 -17.01
CA MET C 590 18.20 16.24 -17.86
C MET C 590 18.29 16.74 -19.30
N GLY C 591 19.19 17.69 -19.56
CA GLY C 591 19.51 18.09 -20.93
C GLY C 591 18.84 19.34 -21.50
N PHE C 592 17.69 19.73 -20.95
CA PHE C 592 16.95 20.89 -21.48
C PHE C 592 17.02 22.11 -20.56
N VAL C 593 18.05 22.13 -19.72
CA VAL C 593 18.28 23.26 -18.84
C VAL C 593 19.56 23.96 -19.23
N ASP C 594 19.45 25.27 -19.44
CA ASP C 594 20.61 26.12 -19.66
C ASP C 594 21.16 26.44 -18.28
N ASN C 595 22.23 25.74 -17.89
CA ASN C 595 22.74 25.92 -16.54
C ASN C 595 23.54 27.21 -16.28
N LYS C 596 23.58 28.09 -17.29
CA LYS C 596 24.12 29.43 -17.09
C LYS C 596 22.97 30.34 -16.61
N ARG C 597 21.77 29.77 -16.54
CA ARG C 597 20.57 30.52 -16.17
C ARG C 597 19.66 29.69 -15.27
N ILE C 598 20.17 29.31 -14.10
CA ILE C 598 19.36 28.68 -13.08
C ILE C 598 19.23 29.63 -11.91
N ALA C 599 18.00 30.02 -11.62
CA ALA C 599 17.72 30.87 -10.48
C ALA C 599 17.00 30.09 -9.38
N ILE C 600 16.83 30.73 -8.24
CA ILE C 600 16.05 30.16 -7.13
C ILE C 600 15.35 31.29 -6.41
N TRP C 601 14.14 31.03 -5.93
CA TRP C 601 13.43 32.00 -5.13
C TRP C 601 12.43 31.34 -4.22
N GLY C 602 12.13 32.00 -3.10
CA GLY C 602 11.16 31.53 -2.13
C GLY C 602 10.74 32.63 -1.17
N TRP C 603 9.70 32.30 -0.40
CA TRP C 603 9.05 33.23 0.51
C TRP C 603 8.98 32.54 1.87
N SER C 604 9.21 33.28 2.95
CA SER C 604 9.20 32.73 4.32
C SER C 604 10.33 31.73 4.47
N TYR C 605 9.98 30.50 4.82
CA TYR C 605 10.97 29.42 4.93
C TYR C 605 11.70 29.24 3.59
N GLY C 606 10.96 29.42 2.49
CA GLY C 606 11.55 29.40 1.14
C GLY C 606 12.56 30.52 0.93
N GLY C 607 12.36 31.66 1.61
CA GLY C 607 13.32 32.75 1.59
C GLY C 607 14.60 32.41 2.34
N TYR C 608 14.46 31.65 3.43
CA TYR C 608 15.61 31.10 4.14
C TYR C 608 16.40 30.10 3.29
N VAL C 609 15.69 29.12 2.73
CA VAL C 609 16.34 28.11 1.89
C VAL C 609 17.03 28.77 0.68
N THR C 610 16.30 29.64 -0.04
CA THR C 610 16.88 30.41 -1.15
C THR C 610 18.19 31.05 -0.71
N SER C 611 18.17 31.73 0.43
CA SER C 611 19.35 32.42 0.94
C SER C 611 20.46 31.43 1.28
N MET C 612 20.11 30.31 1.89
CA MET C 612 21.09 29.28 2.26
C MET C 612 21.72 28.65 1.03
N VAL C 613 20.93 28.52 -0.03
CA VAL C 613 21.39 27.92 -1.28
C VAL C 613 22.32 28.90 -2.00
N LEU C 614 21.92 30.17 -2.03
CA LEU C 614 22.72 31.21 -2.68
C LEU C 614 24.06 31.42 -1.99
N GLY C 615 24.12 31.15 -0.70
CA GLY C 615 25.35 31.33 0.07
C GLY C 615 26.14 30.04 0.25
N SER C 616 25.67 28.97 -0.37
CA SER C 616 26.26 27.63 -0.19
C SER C 616 27.60 27.42 -0.89
N GLY C 617 27.85 28.18 -1.96
CA GLY C 617 29.02 27.96 -2.81
C GLY C 617 28.85 26.77 -3.74
N SER C 618 27.61 26.39 -4.03
CA SER C 618 27.35 25.26 -4.93
C SER C 618 27.80 25.58 -6.35
N GLY C 619 27.57 26.82 -6.77
CA GLY C 619 27.91 27.27 -8.12
C GLY C 619 26.81 26.95 -9.13
N VAL C 620 25.75 26.32 -8.67
CA VAL C 620 24.67 25.89 -9.56
C VAL C 620 23.77 27.08 -9.94
N PHE C 621 23.64 28.02 -9.02
CA PHE C 621 22.69 29.11 -9.17
C PHE C 621 23.35 30.42 -9.53
N LYS C 622 22.80 31.08 -10.53
CA LYS C 622 23.30 32.38 -10.96
C LYS C 622 22.80 33.50 -10.04
N CYS C 623 21.53 33.41 -9.67
CA CYS C 623 20.88 34.49 -8.93
C CYS C 623 19.69 33.95 -8.17
N GLY C 624 19.12 34.76 -7.28
CA GLY C 624 17.91 34.35 -6.59
C GLY C 624 17.22 35.44 -5.82
N ILE C 625 15.99 35.17 -5.39
CA ILE C 625 15.15 36.14 -4.67
C ILE C 625 14.63 35.58 -3.36
N ALA C 626 14.88 36.29 -2.26
CA ALA C 626 14.35 35.90 -0.96
C ALA C 626 13.36 36.95 -0.46
N VAL C 627 12.11 36.51 -0.25
CA VAL C 627 11.02 37.38 0.23
C VAL C 627 10.71 37.01 1.67
N ALA C 628 10.81 38.00 2.56
CA ALA C 628 10.60 37.81 4.00
C ALA C 628 11.26 36.54 4.54
N PRO C 629 12.57 36.38 4.33
CA PRO C 629 13.21 35.16 4.81
C PRO C 629 13.52 35.16 6.30
N VAL C 630 13.45 33.98 6.90
CA VAL C 630 14.12 33.76 8.16
C VAL C 630 15.61 33.83 7.81
N SER C 631 16.39 34.46 8.68
CA SER C 631 17.82 34.53 8.47
C SER C 631 18.57 33.78 9.55
N ARG C 632 17.96 33.66 10.72
CA ARG C 632 18.59 33.07 11.90
C ARG C 632 17.47 32.58 12.79
N TRP C 633 17.52 31.32 13.22
CA TRP C 633 16.40 30.74 13.93
C TRP C 633 16.04 31.37 15.29
N GLU C 634 17.03 31.91 16.01
CA GLU C 634 16.74 32.62 17.26
C GLU C 634 15.75 33.79 17.04
N TYR C 635 15.64 34.27 15.80
CA TYR C 635 14.75 35.40 15.50
C TYR C 635 13.32 34.96 15.31
N TYR C 636 13.11 33.68 15.05
CA TYR C 636 11.75 33.22 14.78
C TYR C 636 10.99 32.80 16.04
N ASP C 637 9.66 32.66 15.96
CA ASP C 637 8.85 32.34 17.15
C ASP C 637 9.21 30.97 17.71
N SER C 638 8.94 30.80 18.99
CA SER C 638 9.34 29.59 19.73
C SER C 638 8.61 28.33 19.33
N VAL C 639 7.31 28.43 19.04
CA VAL C 639 6.49 27.23 18.84
C VAL C 639 6.91 26.49 17.57
N TYR C 640 7.06 27.24 16.48
CA TYR C 640 7.50 26.69 15.22
C TYR C 640 8.96 26.24 15.33
N THR C 641 9.84 27.19 15.64
CA THR C 641 11.27 26.99 15.60
C THR C 641 11.72 25.84 16.48
N GLU C 642 11.26 25.83 17.73
CA GLU C 642 11.71 24.84 18.70
C GLU C 642 11.16 23.46 18.36
N ARG C 643 10.03 23.43 17.66
CA ARG C 643 9.44 22.16 17.24
C ARG C 643 10.44 21.36 16.40
N TYR C 644 11.27 22.07 15.63
CA TYR C 644 12.25 21.45 14.74
C TYR C 644 13.68 21.61 15.22
N MET C 645 13.92 22.67 15.99
CA MET C 645 15.28 23.00 16.39
C MET C 645 15.60 22.72 17.87
N GLY C 646 14.60 22.40 18.68
CA GLY C 646 14.84 22.31 20.12
C GLY C 646 15.22 23.68 20.67
N LEU C 647 15.91 23.71 21.80
CA LEU C 647 16.26 24.98 22.46
C LEU C 647 17.63 25.53 22.08
N PRO C 648 17.73 26.85 21.87
CA PRO C 648 19.00 27.53 21.60
C PRO C 648 19.89 27.72 22.83
N THR C 649 20.17 26.65 23.55
CA THR C 649 21.04 26.68 24.73
C THR C 649 22.23 25.72 24.55
N PRO C 650 23.35 25.97 25.27
CA PRO C 650 24.52 25.07 25.18
C PRO C 650 24.21 23.62 25.49
N GLU C 651 23.17 23.36 26.28
CA GLU C 651 22.79 21.98 26.59
C GLU C 651 21.73 21.36 25.66
N ASP C 652 21.32 22.10 24.63
CA ASP C 652 20.41 21.53 23.66
C ASP C 652 20.99 21.71 22.26
N ASN C 653 20.63 22.79 21.56
CA ASN C 653 20.98 22.88 20.14
C ASN C 653 21.59 24.19 19.67
N LEU C 654 22.20 24.93 20.59
CA LEU C 654 22.75 26.25 20.25
C LEU C 654 23.73 26.24 19.07
N ASP C 655 24.63 25.26 19.04
CA ASP C 655 25.63 25.16 17.97
C ASP C 655 24.98 25.13 16.60
N HIS C 656 23.94 24.33 16.43
CA HIS C 656 23.30 24.31 15.12
C HIS C 656 22.51 25.58 14.83
N TYR C 657 21.85 26.14 15.83
CA TYR C 657 21.24 27.46 15.72
C TYR C 657 22.23 28.48 15.21
N ARG C 658 23.49 28.34 15.63
CA ARG C 658 24.56 29.25 15.25
C ARG C 658 25.11 28.91 13.88
N ASN C 659 25.08 27.64 13.52
CA ASN C 659 25.57 27.16 12.22
C ASN C 659 24.63 27.44 11.07
N SER C 660 23.34 27.59 11.37
CA SER C 660 22.32 27.67 10.31
C SER C 660 21.82 29.09 9.94
N THR C 661 22.58 30.11 10.28
CA THR C 661 22.20 31.48 9.91
C THR C 661 22.57 31.72 8.45
N VAL C 662 21.90 32.67 7.78
CA VAL C 662 22.35 33.00 6.42
C VAL C 662 23.51 33.99 6.50
N MET C 663 23.54 34.77 7.59
CA MET C 663 24.64 35.72 7.83
C MET C 663 26.03 35.09 7.74
N SER C 664 26.22 33.93 8.33
CA SER C 664 27.53 33.27 8.32
C SER C 664 28.03 32.97 6.90
N ARG C 665 27.11 32.93 5.95
CA ARG C 665 27.42 32.60 4.56
C ARG C 665 27.55 33.83 3.68
N ALA C 666 27.56 35.01 4.30
CA ALA C 666 27.58 36.30 3.60
C ALA C 666 28.65 36.40 2.51
N GLU C 667 29.87 36.03 2.85
CA GLU C 667 30.99 36.04 1.90
C GLU C 667 30.62 35.37 0.58
N ASN C 668 29.86 34.28 0.64
CA ASN C 668 29.56 33.49 -0.55
C ASN C 668 28.55 34.12 -1.50
N PHE C 669 27.83 35.14 -1.04
CA PHE C 669 26.90 35.87 -1.90
C PHE C 669 27.60 36.68 -2.98
N LYS C 670 28.93 36.78 -2.90
CA LYS C 670 29.73 37.36 -3.99
C LYS C 670 29.60 36.53 -5.26
N GLN C 671 29.00 35.34 -5.13
CA GLN C 671 28.98 34.36 -6.20
C GLN C 671 27.67 34.33 -6.96
N VAL C 672 26.72 35.16 -6.53
CA VAL C 672 25.37 35.18 -7.08
C VAL C 672 24.84 36.61 -7.15
N GLU C 673 23.74 36.78 -7.87
CA GLU C 673 22.99 38.04 -7.87
C GLU C 673 21.78 37.83 -6.96
N TYR C 674 21.64 38.68 -5.97
CA TYR C 674 20.68 38.47 -4.91
C TYR C 674 19.70 39.63 -4.78
N LEU C 675 18.41 39.30 -4.69
CA LEU C 675 17.37 40.28 -4.45
C LEU C 675 16.68 39.92 -3.15
N LEU C 676 16.81 40.81 -2.15
CA LEU C 676 16.25 40.64 -0.81
C LEU C 676 15.05 41.57 -0.60
N ILE C 677 13.92 40.99 -0.21
CA ILE C 677 12.66 41.71 -0.11
C ILE C 677 11.98 41.46 1.24
N HIS C 678 11.46 42.51 1.86
CA HIS C 678 10.82 42.35 3.16
C HIS C 678 9.87 43.49 3.45
N GLY C 679 8.72 43.16 4.03
CA GLY C 679 7.76 44.17 4.49
C GLY C 679 8.20 44.65 5.87
N THR C 680 8.07 45.95 6.12
CA THR C 680 8.56 46.56 7.35
C THR C 680 7.64 46.31 8.54
N ALA C 681 6.35 46.04 8.27
CA ALA C 681 5.39 45.81 9.34
C ALA C 681 5.11 44.32 9.50
N ASP C 682 6.10 43.52 9.14
CA ASP C 682 6.00 42.07 9.20
C ASP C 682 6.11 41.62 10.66
N ASP C 683 4.98 41.20 11.22
CA ASP C 683 4.90 40.77 12.61
C ASP C 683 5.36 39.34 12.76
N ASN C 684 5.43 38.62 11.64
CA ASN C 684 5.66 37.19 11.64
C ASN C 684 7.15 36.90 11.55
N VAL C 685 7.73 37.09 10.36
CA VAL C 685 9.16 37.06 10.19
C VAL C 685 9.55 38.51 10.23
N HIS C 686 10.15 38.93 11.33
CA HIS C 686 10.39 40.36 11.56
C HIS C 686 11.34 40.96 10.52
N PHE C 687 11.13 42.22 10.16
CA PHE C 687 12.00 42.89 9.19
C PHE C 687 13.47 42.75 9.62
N GLN C 688 13.65 42.66 10.94
CA GLN C 688 14.93 42.40 11.55
C GLN C 688 15.74 41.36 10.79
N GLN C 689 15.11 40.22 10.51
CA GLN C 689 15.77 39.11 9.86
C GLN C 689 16.50 39.49 8.56
N SER C 690 15.83 40.26 7.70
CA SER C 690 16.47 40.79 6.51
C SER C 690 17.45 41.94 6.81
N ALA C 691 17.12 42.75 7.81
CA ALA C 691 18.01 43.84 8.23
C ALA C 691 19.36 43.25 8.63
N GLN C 692 19.33 42.09 9.27
CA GLN C 692 20.55 41.41 9.66
C GLN C 692 21.25 40.79 8.44
N ILE C 693 20.49 40.29 7.46
CA ILE C 693 21.10 39.77 6.24
C ILE C 693 21.83 40.85 5.45
N SER C 694 21.19 41.99 5.27
CA SER C 694 21.76 43.08 4.47
C SER C 694 23.04 43.66 5.11
N LYS C 695 23.03 43.77 6.44
CA LYS C 695 24.19 44.25 7.16
C LYS C 695 25.36 43.27 7.03
N ALA C 696 25.08 41.97 7.06
CA ALA C 696 26.16 41.00 6.98
C ALA C 696 26.81 41.04 5.59
N LEU C 697 26.00 41.34 4.58
CA LEU C 697 26.44 41.45 3.19
C LEU C 697 27.24 42.75 2.97
N VAL C 698 26.74 43.85 3.53
CA VAL C 698 27.45 45.11 3.49
C VAL C 698 28.84 44.91 4.13
N ASP C 699 28.85 44.28 5.30
CA ASP C 699 30.06 44.03 6.06
C ASP C 699 31.13 43.21 5.33
N VAL C 700 30.73 42.34 4.41
CA VAL C 700 31.72 41.60 3.64
C VAL C 700 31.93 42.16 2.22
N GLY C 701 31.26 43.28 1.92
CA GLY C 701 31.41 43.94 0.63
C GLY C 701 30.70 43.28 -0.55
N VAL C 702 29.54 42.65 -0.30
CA VAL C 702 28.74 42.05 -1.39
C VAL C 702 27.69 43.03 -1.89
N ASP C 703 27.69 43.28 -3.19
CA ASP C 703 26.57 43.99 -3.80
C ASP C 703 25.38 43.04 -4.03
N PHE C 704 24.17 43.62 -3.92
CA PHE C 704 22.90 42.90 -4.02
C PHE C 704 21.78 43.91 -4.16
N GLN C 705 20.57 43.42 -4.39
CA GLN C 705 19.42 44.29 -4.52
C GLN C 705 18.57 44.14 -3.29
N ALA C 706 17.80 45.18 -3.00
CA ALA C 706 16.93 45.17 -1.84
C ALA C 706 15.65 45.93 -2.13
N MET C 707 14.59 45.56 -1.43
CA MET C 707 13.34 46.26 -1.53
C MET C 707 12.62 46.07 -0.20
N TRP C 708 12.34 47.19 0.46
CA TRP C 708 11.46 47.16 1.61
C TRP C 708 10.07 47.59 1.13
N TYR C 709 9.04 47.03 1.75
CA TYR C 709 7.68 47.46 1.49
C TYR C 709 7.15 48.10 2.76
N THR C 710 6.98 49.42 2.73
CA THR C 710 6.54 50.18 3.90
C THR C 710 5.16 49.71 4.34
N ASP C 711 5.09 49.28 5.60
CA ASP C 711 3.84 48.92 6.30
C ASP C 711 3.21 47.59 5.86
N GLU C 712 3.87 46.89 4.95
CA GLU C 712 3.37 45.60 4.54
C GLU C 712 3.79 44.58 5.58
N ASP C 713 2.99 43.52 5.71
CA ASP C 713 3.32 42.45 6.64
C ASP C 713 3.85 41.25 5.87
N HIS C 714 3.81 40.06 6.48
CA HIS C 714 4.41 38.87 5.88
C HIS C 714 3.81 38.44 4.54
N GLY C 715 2.59 38.91 4.26
CA GLY C 715 1.92 38.54 3.03
C GLY C 715 2.23 39.50 1.89
N ILE C 716 2.76 40.67 2.23
CA ILE C 716 2.97 41.74 1.25
C ILE C 716 1.75 41.68 0.31
N ALA C 717 0.58 41.70 0.94
CA ALA C 717 -0.68 41.32 0.31
C ALA C 717 -1.55 42.47 -0.19
N SER C 718 -1.17 43.71 0.13
CA SER C 718 -1.90 44.87 -0.37
C SER C 718 -2.04 44.80 -1.88
N SER C 719 -3.14 45.32 -2.39
CA SER C 719 -3.38 45.27 -3.82
C SER C 719 -2.19 45.87 -4.59
N THR C 720 -1.79 47.09 -4.21
CA THR C 720 -0.71 47.78 -4.91
C THR C 720 0.64 47.11 -4.67
N ALA C 721 0.89 46.70 -3.43
CA ALA C 721 2.17 46.10 -3.08
C ALA C 721 2.35 44.74 -3.74
N HIS C 722 1.29 43.94 -3.74
CA HIS C 722 1.30 42.64 -4.41
C HIS C 722 1.72 42.80 -5.86
N GLN C 723 1.09 43.74 -6.56
CA GLN C 723 1.44 43.98 -7.96
C GLN C 723 2.90 44.44 -8.08
N HIS C 724 3.31 45.29 -7.14
CA HIS C 724 4.63 45.91 -7.18
C HIS C 724 5.77 44.91 -6.98
N ILE C 725 5.62 44.02 -6.00
CA ILE C 725 6.66 43.04 -5.70
C ILE C 725 6.86 42.05 -6.85
N TYR C 726 5.77 41.59 -7.44
CA TYR C 726 5.88 40.66 -8.56
C TYR C 726 6.39 41.34 -9.82
N THR C 727 6.06 42.62 -9.99
CA THR C 727 6.62 43.41 -11.10
C THR C 727 8.13 43.51 -10.89
N HIS C 728 8.53 43.95 -9.70
CA HIS C 728 9.93 44.06 -9.36
C HIS C 728 10.69 42.74 -9.52
N MET C 729 10.05 41.63 -9.13
CA MET C 729 10.72 40.32 -9.20
C MET C 729 10.85 39.83 -10.62
N SER C 730 9.85 40.15 -11.44
CA SER C 730 9.85 39.83 -12.86
C SER C 730 11.04 40.52 -13.53
N HIS C 731 11.20 41.82 -13.27
CA HIS C 731 12.32 42.59 -13.85
C HIS C 731 13.67 42.02 -13.47
N PHE C 732 13.80 41.60 -12.21
CA PHE C 732 15.03 41.00 -11.72
C PHE C 732 15.30 39.66 -12.37
N ILE C 733 14.28 38.81 -12.44
CA ILE C 733 14.43 37.50 -13.07
C ILE C 733 14.83 37.66 -14.53
N LYS C 734 14.10 38.50 -15.25
CA LYS C 734 14.37 38.80 -16.66
C LYS C 734 15.79 39.30 -16.86
N GLN C 735 16.23 40.20 -15.97
CA GLN C 735 17.56 40.79 -16.04
C GLN C 735 18.62 39.70 -15.78
N CYS C 736 18.37 38.82 -14.82
CA CYS C 736 19.24 37.68 -14.52
C CYS C 736 19.38 36.73 -15.71
N PHE C 737 18.30 36.54 -16.46
CA PHE C 737 18.25 35.57 -17.55
C PHE C 737 18.45 36.18 -18.95
N SER C 738 18.81 37.47 -19.00
CA SER C 738 18.96 38.23 -20.26
C SER C 738 17.71 38.23 -21.11
N LEU C 739 16.56 38.39 -20.46
CA LEU C 739 15.29 38.42 -21.17
C LEU C 739 14.85 39.86 -21.42
N PRO C 740 14.51 40.18 -22.68
CA PRO C 740 14.18 41.56 -23.03
C PRO C 740 12.79 41.98 -22.54
N LYS D 15 47.11 55.04 -15.52
CA LYS D 15 45.92 54.61 -14.80
C LYS D 15 44.95 55.79 -14.57
N THR D 16 43.71 55.46 -14.18
CA THR D 16 42.72 56.48 -13.90
C THR D 16 42.39 56.43 -12.42
N TYR D 17 41.73 57.47 -11.92
CA TYR D 17 41.30 57.50 -10.54
C TYR D 17 40.05 56.64 -10.43
N THR D 18 40.20 55.43 -9.90
CA THR D 18 39.14 54.42 -9.89
C THR D 18 38.25 54.52 -8.66
N LEU D 19 37.17 53.74 -8.65
CA LEU D 19 36.26 53.67 -7.50
C LEU D 19 37.01 53.19 -6.26
N THR D 20 37.88 52.20 -6.43
CA THR D 20 38.69 51.67 -5.34
C THR D 20 39.64 52.71 -4.77
N ASP D 21 40.23 53.54 -5.64
CA ASP D 21 41.09 54.64 -5.19
C ASP D 21 40.37 55.54 -4.21
N TYR D 22 39.15 55.95 -4.57
CA TYR D 22 38.33 56.77 -3.69
C TYR D 22 37.95 56.04 -2.41
N LEU D 23 37.55 54.78 -2.53
CA LEU D 23 37.09 54.02 -1.37
C LEU D 23 38.22 53.69 -0.39
N LYS D 24 39.41 53.44 -0.91
CA LYS D 24 40.55 53.05 -0.07
C LYS D 24 41.54 54.18 0.22
N ASN D 25 41.17 55.41 -0.18
CA ASN D 25 42.02 56.58 0.01
C ASN D 25 43.46 56.44 -0.53
N THR D 26 43.57 55.94 -1.76
CA THR D 26 44.87 55.74 -2.39
C THR D 26 45.65 57.05 -2.48
N TYR D 27 44.95 58.12 -2.85
CA TYR D 27 45.58 59.41 -3.06
C TYR D 27 45.13 60.38 -1.96
N ARG D 28 45.91 60.42 -0.89
CA ARG D 28 45.56 61.20 0.31
C ARG D 28 45.93 62.68 0.19
N LEU D 29 45.10 63.53 0.78
CA LEU D 29 45.41 64.94 0.92
C LEU D 29 46.05 65.19 2.28
N LYS D 30 47.31 65.59 2.28
CA LYS D 30 47.99 65.98 3.51
C LYS D 30 47.38 67.26 4.06
N LEU D 31 47.10 67.28 5.36
CA LEU D 31 46.70 68.50 6.05
C LEU D 31 47.90 69.03 6.82
N TYR D 32 47.78 70.25 7.34
CA TYR D 32 48.71 70.74 8.32
C TYR D 32 47.86 71.36 9.41
N SER D 33 47.05 70.51 10.03
CA SER D 33 46.16 70.93 11.10
C SER D 33 47.02 71.21 12.33
N LEU D 34 47.10 72.48 12.70
CA LEU D 34 47.92 72.89 13.83
C LEU D 34 47.04 73.45 14.94
N ARG D 35 47.63 73.58 16.13
CA ARG D 35 46.93 74.14 17.28
C ARG D 35 47.89 75.02 18.09
N TRP D 36 47.58 76.30 18.14
CA TRP D 36 48.41 77.30 18.79
C TRP D 36 48.32 77.21 20.30
N ILE D 37 49.46 77.00 20.97
CA ILE D 37 49.52 76.98 22.43
C ILE D 37 49.61 78.41 22.95
N SER D 38 50.46 79.19 22.31
CA SER D 38 50.65 80.59 22.67
C SER D 38 50.60 81.47 21.43
N ASP D 39 51.19 82.65 21.53
CA ASP D 39 51.26 83.59 20.43
C ASP D 39 52.46 83.30 19.53
N HIS D 40 53.33 82.37 19.96
CA HIS D 40 54.61 82.12 19.29
C HIS D 40 54.82 80.67 18.87
N GLU D 41 54.02 79.77 19.42
CA GLU D 41 54.19 78.34 19.20
C GLU D 41 52.88 77.62 18.88
N TYR D 42 52.99 76.56 18.08
CA TYR D 42 51.85 75.70 17.79
C TYR D 42 52.27 74.23 17.89
N LEU D 43 51.28 73.34 17.88
CA LEU D 43 51.54 71.90 17.93
C LEU D 43 51.23 71.23 16.61
N TYR D 44 52.03 70.21 16.29
CA TYR D 44 51.83 69.43 15.07
C TYR D 44 52.23 67.97 15.25
N LYS D 45 51.57 67.08 14.52
CA LYS D 45 51.75 65.64 14.65
C LYS D 45 52.62 65.01 13.54
N GLN D 46 53.81 64.53 13.94
CA GLN D 46 54.72 63.81 13.04
C GLN D 46 54.47 62.31 13.07
N ASN D 49 53.81 61.12 16.91
CA ASN D 49 54.43 62.11 17.78
C ASN D 49 53.87 63.52 17.66
N ILE D 50 53.83 64.24 18.79
CA ILE D 50 53.39 65.63 18.82
C ILE D 50 54.58 66.54 19.12
N LEU D 51 54.84 67.47 18.23
CA LEU D 51 55.97 68.38 18.36
C LEU D 51 55.53 69.82 18.54
N VAL D 52 56.23 70.56 19.40
CA VAL D 52 56.08 72.01 19.48
C VAL D 52 56.85 72.65 18.33
N PHE D 53 56.23 73.60 17.65
CA PHE D 53 56.91 74.35 16.61
C PHE D 53 57.06 75.81 17.02
N ASN D 54 58.26 76.35 16.83
CA ASN D 54 58.51 77.76 17.03
C ASN D 54 58.09 78.48 15.75
N ALA D 55 57.03 79.29 15.83
CA ALA D 55 56.51 80.01 14.66
C ALA D 55 57.45 81.12 14.24
N GLU D 56 58.15 81.70 15.21
CA GLU D 56 59.10 82.78 14.95
C GLU D 56 60.12 82.33 13.92
N TYR D 57 60.83 81.24 14.24
CA TYR D 57 61.92 80.73 13.39
C TYR D 57 61.53 79.58 12.46
N GLY D 58 60.82 78.59 12.99
CA GLY D 58 60.41 77.42 12.20
C GLY D 58 60.91 76.10 12.74
N ASN D 59 61.86 76.16 13.67
CA ASN D 59 62.42 74.97 14.31
C ASN D 59 61.43 74.29 15.27
N SER D 60 61.59 72.99 15.43
CA SER D 60 60.72 72.23 16.31
C SER D 60 61.49 71.27 17.21
N SER D 61 60.91 71.02 18.39
CA SER D 61 61.45 70.05 19.34
C SER D 61 60.33 69.09 19.75
N VAL D 62 60.70 67.85 20.05
CA VAL D 62 59.72 66.85 20.45
C VAL D 62 59.19 67.21 21.85
N PHE D 63 57.88 67.45 21.93
CA PHE D 63 57.23 67.85 23.17
C PHE D 63 56.45 66.70 23.78
N LEU D 64 55.53 66.15 23.00
CA LEU D 64 54.70 65.04 23.45
C LEU D 64 54.85 63.82 22.56
N GLU D 65 55.19 62.70 23.19
CA GLU D 65 55.21 61.41 22.52
C GLU D 65 54.04 60.64 23.12
N ASN D 66 52.96 60.49 22.35
CA ASN D 66 51.77 59.79 22.88
C ASN D 66 51.96 58.28 22.96
N SER D 67 53.22 57.85 22.81
CA SER D 67 53.66 56.50 23.16
C SER D 67 54.44 56.55 24.50
N THR D 68 54.32 57.68 25.20
CA THR D 68 54.69 57.82 26.62
C THR D 68 53.38 57.65 27.39
N PHE D 69 52.28 57.76 26.64
CA PHE D 69 50.94 57.43 27.14
C PHE D 69 50.56 56.06 26.52
N ASP D 70 51.57 55.20 26.41
CA ASP D 70 51.43 53.83 25.88
C ASP D 70 51.18 52.87 27.04
N GLU D 71 51.89 53.08 28.15
CA GLU D 71 51.66 52.32 29.39
C GLU D 71 50.24 52.54 29.88
N PHE D 72 49.57 53.51 29.29
CA PHE D 72 48.16 53.82 29.51
C PHE D 72 47.27 52.57 29.43
N GLY D 73 47.40 51.84 28.33
CA GLY D 73 46.59 50.65 28.06
C GLY D 73 45.50 50.93 27.05
N HIS D 74 45.14 52.22 26.93
CA HIS D 74 44.02 52.67 26.11
C HIS D 74 44.45 53.29 24.78
N SER D 75 43.50 53.34 23.85
CA SER D 75 43.68 53.99 22.57
C SER D 75 43.20 55.44 22.68
N ILE D 76 44.11 56.39 22.47
CA ILE D 76 43.84 57.81 22.66
C ILE D 76 43.13 58.43 21.47
N ASN D 77 41.98 59.05 21.72
CA ASN D 77 41.20 59.70 20.67
C ASN D 77 41.62 61.15 20.44
N ASP D 78 41.95 61.84 21.53
CA ASP D 78 42.36 63.24 21.50
C ASP D 78 43.04 63.64 22.80
N TYR D 79 43.65 64.82 22.81
CA TYR D 79 44.25 65.38 24.01
C TYR D 79 43.88 66.85 24.06
N SER D 80 43.98 67.43 25.26
CA SER D 80 43.78 68.86 25.41
C SER D 80 44.74 69.42 26.44
N ILE D 81 45.56 70.39 26.02
CA ILE D 81 46.48 71.09 26.91
C ILE D 81 45.70 72.16 27.66
N SER D 82 45.86 72.17 28.99
CA SER D 82 45.30 73.25 29.81
C SER D 82 46.06 74.50 29.41
N PRO D 83 45.34 75.56 28.97
CA PRO D 83 45.97 76.81 28.52
C PRO D 83 47.27 77.26 29.21
N ASP D 84 47.44 76.97 30.50
CA ASP D 84 48.66 77.37 31.22
C ASP D 84 49.82 76.39 31.01
N GLY D 85 49.50 75.17 30.55
CA GLY D 85 50.49 74.15 30.23
C GLY D 85 51.03 73.34 31.40
N GLN D 86 50.25 73.21 32.47
CA GLN D 86 50.64 72.41 33.63
C GLN D 86 49.99 71.03 33.58
N PHE D 87 48.86 70.94 32.89
CA PHE D 87 48.12 69.69 32.79
C PHE D 87 47.64 69.40 31.38
N ILE D 88 47.53 68.11 31.07
CA ILE D 88 47.01 67.67 29.78
C ILE D 88 45.86 66.69 30.03
N LEU D 89 44.86 66.79 29.17
CA LEU D 89 43.66 65.98 29.23
C LEU D 89 43.72 64.92 28.12
N LEU D 90 43.54 63.66 28.49
CA LEU D 90 43.48 62.57 27.51
C LEU D 90 42.04 62.12 27.32
N GLU D 91 41.66 61.94 26.07
CA GLU D 91 40.31 61.51 25.71
C GLU D 91 40.37 60.12 25.10
N TYR D 92 39.56 59.22 25.66
CA TYR D 92 39.47 57.83 25.20
C TYR D 92 38.07 57.27 25.49
N ASN D 93 37.81 56.02 25.11
CA ASN D 93 36.46 55.40 25.24
C ASN D 93 35.38 56.21 24.53
N TYR D 94 35.78 56.83 23.43
CA TYR D 94 34.91 57.63 22.58
C TYR D 94 33.74 56.81 22.01
N VAL D 95 32.52 57.25 22.31
CA VAL D 95 31.31 56.67 21.72
C VAL D 95 30.50 57.78 21.05
N LYS D 96 30.40 57.73 19.73
CA LYS D 96 29.65 58.75 18.98
C LYS D 96 28.16 58.75 19.34
N GLN D 97 27.60 59.96 19.53
CA GLN D 97 26.14 60.12 19.55
C GLN D 97 25.67 60.72 18.21
N TRP D 98 25.34 62.01 18.18
CA TRP D 98 24.84 62.59 16.92
C TRP D 98 25.97 63.17 16.06
N ARG D 99 25.69 64.27 15.33
CA ARG D 99 26.68 64.87 14.45
C ARG D 99 27.89 65.40 15.22
N HIS D 100 27.63 66.04 16.34
CA HIS D 100 28.70 66.60 17.17
C HIS D 100 28.82 65.92 18.52
N SER D 101 27.68 65.48 19.06
CA SER D 101 27.63 64.87 20.39
C SER D 101 28.31 63.51 20.47
N TYR D 102 28.93 63.25 21.63
CA TYR D 102 29.55 61.98 21.93
C TYR D 102 29.85 61.87 23.41
N THR D 103 30.35 60.70 23.80
CA THR D 103 30.66 60.38 25.18
C THR D 103 32.10 59.84 25.21
N ALA D 104 32.79 60.06 26.33
CA ALA D 104 34.18 59.60 26.44
C ALA D 104 34.65 59.53 27.90
N SER D 105 35.78 58.84 28.11
CA SER D 105 36.47 58.77 29.39
C SER D 105 37.65 59.74 29.37
N TYR D 106 38.01 60.28 30.53
CA TYR D 106 39.08 61.27 30.59
C TYR D 106 40.05 61.06 31.74
N ASP D 107 41.34 61.26 31.42
CA ASP D 107 42.40 61.28 32.42
C ASP D 107 43.18 62.58 32.31
N ILE D 108 43.53 63.16 33.45
CA ILE D 108 44.37 64.36 33.49
C ILE D 108 45.78 63.95 33.90
N TYR D 109 46.77 64.56 33.25
CA TYR D 109 48.16 64.32 33.60
C TYR D 109 48.78 65.64 33.97
N ASP D 110 49.69 65.61 34.95
CA ASP D 110 50.56 66.75 35.26
C ASP D 110 51.58 66.81 34.13
N LEU D 111 51.35 67.71 33.18
CA LEU D 111 52.14 67.79 31.94
C LEU D 111 53.66 67.87 32.16
N ASN D 112 54.08 68.58 33.20
CA ASN D 112 55.51 68.75 33.48
C ASN D 112 56.15 67.57 34.21
N LYS D 113 55.32 66.71 34.82
CA LYS D 113 55.78 65.49 35.51
C LYS D 113 55.47 64.25 34.68
N ARG D 114 54.52 64.40 33.77
CA ARG D 114 54.04 63.34 32.86
C ARG D 114 53.45 62.12 33.59
N GLN D 115 52.70 62.37 34.66
CA GLN D 115 52.11 61.30 35.48
C GLN D 115 50.60 61.50 35.76
N LEU D 116 49.85 60.39 35.68
CA LEU D 116 48.42 60.32 36.04
C LEU D 116 48.06 61.06 37.33
N ILE D 117 47.01 61.88 37.27
CA ILE D 117 46.36 62.35 38.49
C ILE D 117 45.42 61.22 38.89
N THR D 118 45.75 60.53 39.98
CA THR D 118 45.06 59.29 40.36
C THR D 118 43.74 59.48 41.09
N GLU D 119 43.63 60.54 41.88
CA GLU D 119 42.42 60.75 42.68
C GLU D 119 41.47 61.79 42.08
N GLU D 120 40.24 61.77 42.58
CA GLU D 120 39.14 62.60 42.08
C GLU D 120 39.07 62.62 40.54
N ARG D 121 39.02 61.44 39.95
CA ARG D 121 39.04 61.28 38.49
C ARG D 121 37.72 61.68 37.86
N ILE D 122 37.83 62.34 36.71
CA ILE D 122 36.68 62.65 35.86
C ILE D 122 35.98 61.34 35.51
N PRO D 123 34.65 61.26 35.68
CA PRO D 123 33.97 59.98 35.47
C PRO D 123 33.94 59.50 34.01
N ASN D 124 33.52 58.25 33.83
CA ASN D 124 33.25 57.66 32.52
C ASN D 124 31.95 58.25 31.99
N ASN D 125 31.65 58.01 30.71
CA ASN D 125 30.39 58.48 30.12
C ASN D 125 30.17 59.99 30.31
N THR D 126 31.28 60.71 30.36
CA THR D 126 31.30 62.16 30.44
C THR D 126 30.93 62.73 29.07
N GLN D 127 29.96 63.65 29.09
CA GLN D 127 29.38 64.18 27.88
C GLN D 127 30.15 65.32 27.24
N TRP D 128 30.92 66.05 28.05
CA TRP D 128 31.72 67.18 27.57
C TRP D 128 32.71 67.64 28.63
N VAL D 129 33.92 68.01 28.20
CA VAL D 129 34.93 68.63 29.05
C VAL D 129 35.53 69.87 28.37
N THR D 130 35.92 70.85 29.17
CA THR D 130 36.60 72.04 28.66
C THR D 130 37.39 72.76 29.73
N TRP D 131 38.60 73.17 29.37
CA TRP D 131 39.44 73.98 30.23
C TRP D 131 38.90 75.40 30.25
N SER D 132 39.18 76.12 31.34
CA SER D 132 38.95 77.56 31.36
C SER D 132 39.97 78.18 30.40
N PRO D 133 39.61 79.31 29.73
CA PRO D 133 40.55 79.92 28.77
C PRO D 133 41.95 80.26 29.31
N VAL D 134 42.09 80.42 30.62
CA VAL D 134 43.40 80.59 31.27
C VAL D 134 43.52 79.66 32.49
N GLY D 135 44.75 79.38 32.90
CA GLY D 135 45.00 78.43 33.98
C GLY D 135 44.61 77.01 33.62
N HIS D 136 44.14 76.26 34.61
CA HIS D 136 43.76 74.86 34.44
C HIS D 136 42.45 74.51 35.15
N LYS D 137 41.49 75.44 35.13
CA LYS D 137 40.15 75.15 35.64
C LYS D 137 39.48 74.18 34.69
N LEU D 138 38.62 73.33 35.23
CA LEU D 138 38.00 72.28 34.45
C LEU D 138 36.49 72.24 34.62
N ALA D 139 35.79 72.21 33.49
CA ALA D 139 34.33 72.08 33.52
C ALA D 139 33.92 70.89 32.67
N TYR D 140 33.17 69.98 33.27
CA TYR D 140 32.61 68.85 32.52
C TYR D 140 31.11 68.65 32.75
N VAL D 141 30.50 67.93 31.83
CA VAL D 141 29.11 67.53 31.94
C VAL D 141 29.03 66.00 32.02
N TRP D 142 28.33 65.52 33.04
CA TRP D 142 28.14 64.10 33.26
C TRP D 142 26.75 63.86 33.84
N ASN D 143 26.03 62.95 33.18
CA ASN D 143 24.61 62.66 33.47
C ASN D 143 23.73 63.91 33.39
N ASN D 144 24.03 64.74 32.40
CA ASN D 144 23.25 65.95 32.08
C ASN D 144 23.44 67.13 33.05
N ASP D 145 24.43 66.99 33.95
CA ASP D 145 24.76 68.05 34.90
C ASP D 145 26.18 68.62 34.73
N ILE D 146 26.38 69.84 35.21
CA ILE D 146 27.67 70.52 35.11
C ILE D 146 28.47 70.42 36.40
N TYR D 147 29.74 70.08 36.27
CA TYR D 147 30.66 70.00 37.41
C TYR D 147 31.90 70.83 37.09
N VAL D 148 32.47 71.44 38.13
CA VAL D 148 33.71 72.19 37.96
C VAL D 148 34.84 71.64 38.84
N LYS D 149 36.04 71.55 38.26
CA LYS D 149 37.25 71.19 38.99
C LYS D 149 38.27 72.33 38.91
N ILE D 150 38.52 72.96 40.07
CA ILE D 150 39.49 74.03 40.17
C ILE D 150 40.92 73.50 39.99
N GLU D 151 41.25 72.43 40.73
CA GLU D 151 42.53 71.72 40.56
C GLU D 151 42.23 70.28 40.12
N PRO D 152 42.99 69.77 39.13
CA PRO D 152 42.79 68.44 38.53
C PRO D 152 42.65 67.31 39.54
N ASN D 153 43.18 67.49 40.73
CA ASN D 153 43.17 66.47 41.78
C ASN D 153 42.18 66.70 42.91
N LEU D 154 41.47 67.84 42.87
CA LEU D 154 40.50 68.17 43.90
C LEU D 154 39.12 67.63 43.57
N PRO D 155 38.26 67.41 44.60
CA PRO D 155 36.89 66.99 44.31
C PRO D 155 36.14 68.07 43.54
N SER D 156 35.24 67.64 42.66
CA SER D 156 34.46 68.54 41.83
C SER D 156 33.38 69.24 42.62
N TYR D 157 33.06 70.47 42.21
CA TYR D 157 31.89 71.17 42.74
C TYR D 157 30.76 70.93 41.74
N ARG D 158 29.64 70.45 42.23
CA ARG D 158 28.50 70.16 41.38
C ARG D 158 27.64 71.41 41.18
N ILE D 159 27.61 71.92 39.94
CA ILE D 159 26.81 73.13 39.65
C ILE D 159 25.33 72.80 39.58
N THR D 160 24.95 71.86 38.72
CA THR D 160 23.53 71.55 38.53
C THR D 160 23.11 70.23 39.16
N TRP D 161 21.83 70.12 39.49
CA TRP D 161 21.28 68.95 40.16
C TRP D 161 20.00 68.47 39.46
N THR D 162 19.68 69.07 38.32
CA THR D 162 18.40 68.85 37.66
C THR D 162 18.47 68.00 36.38
N GLY D 163 19.68 67.55 36.02
CA GLY D 163 19.91 66.74 34.82
C GLY D 163 19.08 65.47 34.80
N LYS D 164 18.40 65.24 33.69
CA LYS D 164 17.58 64.05 33.50
C LYS D 164 17.71 63.64 32.05
N GLU D 165 18.12 62.38 31.84
CA GLU D 165 18.31 61.85 30.48
C GLU D 165 17.11 62.12 29.58
N ASP D 166 17.37 62.70 28.39
CA ASP D 166 16.34 63.00 27.39
C ASP D 166 15.33 64.07 27.78
N ILE D 167 15.53 64.73 28.92
CA ILE D 167 14.55 65.67 29.46
C ILE D 167 15.14 67.02 29.90
N ILE D 168 16.14 67.00 30.79
CA ILE D 168 16.86 68.22 31.18
C ILE D 168 18.35 68.12 30.81
N TYR D 169 18.83 69.12 30.08
CA TYR D 169 20.23 69.18 29.66
C TYR D 169 20.91 70.43 30.24
N ASN D 170 21.81 70.23 31.20
CA ASN D 170 22.63 71.33 31.71
C ASN D 170 24.00 71.37 31.02
N GLY D 171 24.26 72.47 30.31
CA GLY D 171 25.55 72.65 29.66
C GLY D 171 25.81 71.82 28.40
N ILE D 172 24.79 71.11 27.92
CA ILE D 172 24.85 70.39 26.64
C ILE D 172 23.55 70.55 25.87
N THR D 173 23.63 70.49 24.56
CA THR D 173 22.47 70.70 23.71
C THR D 173 21.64 69.43 23.58
N ASP D 174 20.34 69.59 23.40
CA ASP D 174 19.49 68.48 23.01
C ASP D 174 19.63 68.28 21.50
N TRP D 175 18.89 67.34 20.91
CA TRP D 175 19.10 66.98 19.50
C TRP D 175 19.08 68.19 18.58
N VAL D 176 18.01 68.99 18.67
CA VAL D 176 17.76 70.03 17.68
C VAL D 176 18.71 71.24 17.82
N TYR D 177 19.10 71.54 19.05
CA TYR D 177 20.06 72.60 19.34
C TYR D 177 21.45 72.20 18.87
N GLU D 178 21.76 70.91 19.00
CA GLU D 178 23.05 70.40 18.56
C GLU D 178 23.21 70.55 17.07
N GLU D 179 22.17 70.15 16.35
CA GLU D 179 22.22 70.06 14.90
C GLU D 179 22.01 71.40 14.20
N GLU D 180 21.06 72.19 14.69
CA GLU D 180 20.57 73.34 13.93
C GLU D 180 20.89 74.70 14.49
N VAL D 181 21.21 74.75 15.78
CA VAL D 181 21.46 76.03 16.41
C VAL D 181 22.94 76.22 16.68
N PHE D 182 23.51 75.36 17.52
CA PHE D 182 24.88 75.55 17.98
C PHE D 182 25.95 74.78 17.23
N SER D 183 25.53 73.88 16.33
CA SER D 183 26.46 72.97 15.66
C SER D 183 27.47 72.39 16.67
N ALA D 184 27.00 72.16 17.89
CA ALA D 184 27.84 71.61 18.95
C ALA D 184 27.04 70.91 20.04
N TYR D 185 27.74 70.10 20.84
CA TYR D 185 27.15 69.45 22.00
C TYR D 185 27.23 70.40 23.18
N SER D 186 28.32 71.15 23.26
CA SER D 186 28.52 72.05 24.40
C SER D 186 27.55 73.20 24.43
N ALA D 187 27.06 73.47 25.63
CA ALA D 187 26.27 74.65 25.93
C ALA D 187 26.92 75.24 27.19
N LEU D 188 28.25 75.29 27.16
CA LEU D 188 29.06 75.85 28.24
C LEU D 188 29.97 76.92 27.65
N TRP D 189 30.09 78.04 28.35
CA TRP D 189 30.92 79.17 27.90
C TRP D 189 31.65 79.86 29.06
N TRP D 190 32.94 79.62 29.20
CA TRP D 190 33.77 80.29 30.21
C TRP D 190 33.94 81.78 29.89
N SER D 191 34.14 82.59 30.92
CA SER D 191 34.52 84.01 30.77
C SER D 191 36.00 84.10 30.32
N PRO D 192 36.38 85.19 29.62
CA PRO D 192 37.74 85.31 29.04
C PRO D 192 38.91 84.87 29.93
N ASN D 193 38.79 85.04 31.26
CA ASN D 193 39.84 84.57 32.19
C ASN D 193 39.37 83.52 33.23
N GLY D 194 38.27 82.85 32.93
CA GLY D 194 37.81 81.70 33.72
C GLY D 194 37.12 81.97 35.04
N THR D 195 36.78 83.23 35.32
CA THR D 195 36.06 83.58 36.53
C THR D 195 34.64 83.02 36.49
N PHE D 196 33.93 83.28 35.40
CA PHE D 196 32.55 82.83 35.27
C PHE D 196 32.42 81.65 34.32
N LEU D 197 31.44 80.79 34.62
CA LEU D 197 31.04 79.75 33.70
C LEU D 197 29.60 79.97 33.28
N ALA D 198 29.39 80.41 32.05
CA ALA D 198 28.05 80.61 31.50
C ALA D 198 27.53 79.29 30.94
N TYR D 199 26.22 79.08 31.06
CA TYR D 199 25.62 77.87 30.52
C TYR D 199 24.13 77.95 30.24
N ALA D 200 23.70 77.16 29.25
CA ALA D 200 22.30 77.06 28.88
C ALA D 200 21.71 75.75 29.41
N GLN D 201 20.42 75.80 29.74
CA GLN D 201 19.69 74.61 30.16
C GLN D 201 18.54 74.39 29.19
N PHE D 202 18.34 73.13 28.81
CA PHE D 202 17.29 72.79 27.86
C PHE D 202 16.26 71.87 28.50
N ASN D 203 15.00 72.04 28.09
CA ASN D 203 13.91 71.25 28.66
C ASN D 203 13.11 70.58 27.55
N ASP D 204 13.27 69.27 27.43
CA ASP D 204 12.62 68.48 26.37
C ASP D 204 11.40 67.70 26.86
N THR D 205 10.75 68.17 27.93
CA THR D 205 9.66 67.43 28.57
C THR D 205 8.49 67.05 27.64
N GLU D 206 7.90 68.04 26.98
CA GLU D 206 6.75 67.78 26.11
C GLU D 206 7.15 67.60 24.66
N VAL D 207 8.45 67.52 24.40
CA VAL D 207 8.96 67.33 23.04
C VAL D 207 8.72 65.87 22.63
N PRO D 208 7.99 65.66 21.51
CA PRO D 208 7.67 64.29 21.12
C PRO D 208 8.90 63.52 20.69
N LEU D 209 8.86 62.20 20.89
CA LEU D 209 9.97 61.30 20.60
C LEU D 209 9.84 60.71 19.20
N ILE D 210 10.91 60.76 18.41
CA ILE D 210 10.97 59.94 17.19
C ILE D 210 11.44 58.57 17.64
N GLU D 211 10.82 57.53 17.09
CA GLU D 211 11.15 56.15 17.47
C GLU D 211 11.51 55.34 16.25
N TYR D 212 12.59 54.60 16.35
CA TYR D 212 13.01 53.69 15.30
C TYR D 212 13.70 52.47 15.90
N SER D 213 13.69 51.37 15.16
CA SER D 213 14.35 50.14 15.58
C SER D 213 15.85 50.28 15.33
N PHE D 214 16.64 49.74 16.27
CA PHE D 214 18.06 49.59 16.09
C PHE D 214 18.26 48.10 16.19
N TYR D 215 18.87 47.50 15.16
CA TYR D 215 18.96 46.05 15.07
C TYR D 215 20.16 45.46 15.79
N SER D 216 21.23 46.24 15.87
CA SER D 216 22.45 45.88 16.62
C SER D 216 23.14 44.66 16.04
N ASP D 217 24.13 44.15 16.77
CA ASP D 217 24.81 42.92 16.39
C ASP D 217 23.79 41.82 16.16
N GLU D 218 24.12 40.93 15.24
CA GLU D 218 23.38 39.71 14.97
C GLU D 218 22.91 38.99 16.25
N SER D 219 23.66 39.12 17.33
CA SER D 219 23.37 38.39 18.56
C SER D 219 22.20 38.96 19.35
N LEU D 220 21.79 40.20 19.07
CA LEU D 220 20.64 40.82 19.75
C LEU D 220 19.37 40.12 19.27
N GLN D 221 18.71 39.39 20.18
CA GLN D 221 17.55 38.61 19.82
C GLN D 221 16.35 39.47 19.44
N TYR D 222 16.10 40.52 20.23
CA TYR D 222 15.02 41.43 19.94
C TYR D 222 15.60 42.81 19.61
N PRO D 223 15.14 43.41 18.48
CA PRO D 223 15.61 44.76 18.16
C PRO D 223 15.20 45.72 19.26
N LYS D 224 15.97 46.77 19.43
CA LYS D 224 15.64 47.74 20.42
C LYS D 224 15.02 48.96 19.75
N THR D 225 14.19 49.69 20.48
CA THR D 225 13.63 50.92 19.95
C THR D 225 14.39 52.11 20.51
N VAL D 226 15.00 52.89 19.63
CA VAL D 226 15.64 54.14 20.01
C VAL D 226 14.55 55.24 20.11
N ARG D 227 14.59 56.02 21.19
CA ARG D 227 13.62 57.07 21.43
C ARG D 227 14.32 58.41 21.65
N VAL D 228 14.21 59.30 20.67
CA VAL D 228 14.91 60.57 20.72
C VAL D 228 13.89 61.70 20.74
N PRO D 229 13.96 62.56 21.76
CA PRO D 229 13.12 63.76 21.74
C PRO D 229 13.58 64.62 20.56
N TYR D 230 12.67 64.88 19.64
CA TYR D 230 12.99 65.46 18.35
C TYR D 230 11.74 66.18 17.90
N PRO D 231 11.79 67.53 17.83
CA PRO D 231 10.64 68.32 17.44
C PRO D 231 10.54 68.43 15.93
N LYS D 232 9.47 67.90 15.37
CA LYS D 232 9.27 68.02 13.94
C LYS D 232 8.56 69.36 13.70
N ALA D 233 8.44 69.76 12.43
CA ALA D 233 7.85 71.06 12.11
C ALA D 233 6.47 71.23 12.75
N GLY D 234 6.32 72.28 13.55
CA GLY D 234 5.06 72.57 14.23
C GLY D 234 4.95 71.99 15.61
N ALA D 235 5.68 70.91 15.89
CA ALA D 235 5.57 70.23 17.18
C ALA D 235 6.09 71.08 18.35
N VAL D 236 5.84 70.62 19.57
CA VAL D 236 6.31 71.30 20.77
C VAL D 236 7.84 71.31 20.79
N ASN D 237 8.40 72.51 20.89
CA ASN D 237 9.85 72.70 20.91
C ASN D 237 10.45 72.64 22.31
N PRO D 238 11.77 72.40 22.42
CA PRO D 238 12.39 72.55 23.73
C PRO D 238 12.39 74.00 24.20
N THR D 239 12.40 74.18 25.52
CA THR D 239 12.54 75.52 26.11
C THR D 239 13.95 75.67 26.67
N VAL D 240 14.40 76.92 26.79
CA VAL D 240 15.77 77.19 27.23
C VAL D 240 15.83 78.25 28.33
N LYS D 241 16.82 78.11 29.20
CA LYS D 241 17.15 79.09 30.23
C LYS D 241 18.66 79.31 30.18
N PHE D 242 19.09 80.53 30.49
CA PHE D 242 20.52 80.84 30.51
C PHE D 242 20.99 81.22 31.91
N PHE D 243 22.16 80.69 32.28
CA PHE D 243 22.72 80.89 33.61
C PHE D 243 24.19 81.26 33.54
N VAL D 244 24.65 81.93 34.60
CA VAL D 244 26.05 82.26 34.79
C VAL D 244 26.40 81.94 36.24
N VAL D 245 27.56 81.33 36.44
CA VAL D 245 28.01 80.97 37.79
C VAL D 245 29.47 81.42 38.02
N ASN D 246 29.74 81.96 39.20
CA ASN D 246 31.07 82.42 39.57
C ASN D 246 31.89 81.27 40.16
N THR D 247 32.93 80.86 39.45
CA THR D 247 33.73 79.69 39.83
C THR D 247 34.80 79.96 40.91
N ASP D 248 34.94 81.21 41.33
CA ASP D 248 35.88 81.60 42.39
C ASP D 248 35.21 81.64 43.75
N SER D 249 33.88 81.68 43.77
CA SER D 249 33.10 81.74 45.01
C SER D 249 32.47 80.39 45.35
N LEU D 250 32.97 79.35 44.68
CA LEU D 250 32.44 77.99 44.85
C LEU D 250 32.77 77.33 46.19
N SER D 251 31.84 77.47 47.13
CA SER D 251 31.95 76.83 48.43
C SER D 251 31.66 75.33 48.28
N SER D 252 32.26 74.53 49.15
CA SER D 252 32.04 73.09 49.15
C SER D 252 31.07 72.68 50.25
N VAL D 253 30.69 73.64 51.08
CA VAL D 253 29.78 73.40 52.22
C VAL D 253 28.33 73.61 51.81
N THR D 254 28.12 74.38 50.74
CA THR D 254 26.78 74.72 50.28
C THR D 254 26.70 74.71 48.75
N ASN D 255 25.57 74.21 48.23
CA ASN D 255 25.31 74.16 46.79
C ASN D 255 25.58 75.51 46.11
N ALA D 256 26.20 75.45 44.92
CA ALA D 256 26.50 76.66 44.15
C ALA D 256 25.22 77.32 43.64
N THR D 257 25.20 78.64 43.62
CA THR D 257 24.04 79.38 43.15
C THR D 257 24.31 79.92 41.77
N SER D 258 23.42 79.62 40.83
CA SER D 258 23.53 80.11 39.46
C SER D 258 22.56 81.24 39.22
N ILE D 259 23.08 82.33 38.65
CA ILE D 259 22.26 83.50 38.36
C ILE D 259 21.67 83.39 36.97
N GLN D 260 20.34 83.47 36.89
CA GLN D 260 19.64 83.42 35.63
C GLN D 260 19.58 84.77 34.94
N ILE D 261 20.03 84.79 33.68
CA ILE D 261 19.75 85.90 32.78
C ILE D 261 18.56 85.47 31.94
N THR D 262 17.41 86.07 32.19
CA THR D 262 16.20 85.78 31.41
C THR D 262 16.33 86.36 30.02
N ALA D 263 15.58 85.79 29.08
CA ALA D 263 15.48 86.34 27.72
C ALA D 263 14.66 87.63 27.80
N PRO D 264 14.89 88.60 26.89
CA PRO D 264 14.12 89.85 26.93
C PRO D 264 12.64 89.63 26.61
N ALA D 265 11.82 90.58 27.02
CA ALA D 265 10.37 90.58 26.86
C ALA D 265 9.89 90.22 25.46
N SER D 266 10.48 90.85 24.45
CA SER D 266 10.12 90.60 23.04
C SER D 266 10.35 89.14 22.61
N MET D 267 11.07 88.38 23.44
CA MET D 267 11.30 86.97 23.19
C MET D 267 10.38 86.10 24.05
N LEU D 268 10.19 86.50 25.31
CA LEU D 268 9.33 85.74 26.24
C LEU D 268 7.86 85.72 25.83
N ILE D 269 7.46 86.66 24.98
CA ILE D 269 6.10 86.71 24.45
C ILE D 269 5.67 85.40 23.77
N GLY D 270 6.61 84.69 23.16
CA GLY D 270 6.30 83.42 22.51
C GLY D 270 7.44 82.42 22.48
N ASP D 271 7.32 81.42 21.61
CA ASP D 271 8.39 80.44 21.41
C ASP D 271 9.60 81.14 20.85
N HIS D 272 10.78 80.73 21.31
CA HIS D 272 12.03 81.42 20.99
C HIS D 272 13.22 80.51 21.24
N TYR D 273 14.36 80.83 20.65
CA TYR D 273 15.60 80.07 20.89
C TYR D 273 16.73 80.97 21.37
N LEU D 274 17.69 80.37 22.08
CA LEU D 274 18.97 81.01 22.34
C LEU D 274 19.90 80.59 21.20
N CYS D 275 20.45 81.55 20.47
CA CYS D 275 21.23 81.23 19.26
C CYS D 275 22.67 81.73 19.23
N ASP D 276 23.07 82.52 20.24
CA ASP D 276 24.45 82.97 20.33
C ASP D 276 24.84 83.40 21.74
N VAL D 277 25.99 82.90 22.17
CA VAL D 277 26.63 83.33 23.42
C VAL D 277 28.06 83.79 23.10
N THR D 278 28.36 85.03 23.47
CA THR D 278 29.69 85.63 23.27
C THR D 278 30.02 86.57 24.42
N TRP D 279 31.08 86.26 25.14
CA TRP D 279 31.61 87.13 26.18
C TRP D 279 32.24 88.36 25.53
N ALA D 280 32.09 89.51 26.18
CA ALA D 280 32.70 90.76 25.72
C ALA D 280 33.97 91.07 26.53
N THR D 281 33.82 91.09 27.85
CA THR D 281 34.95 91.29 28.76
C THR D 281 34.88 90.22 29.85
N GLN D 282 35.59 90.45 30.95
CA GLN D 282 35.57 89.53 32.09
C GLN D 282 34.26 89.63 32.85
N GLU D 283 33.56 90.76 32.67
CA GLU D 283 32.34 91.10 33.41
C GLU D 283 31.18 91.50 32.49
N ARG D 284 31.35 91.24 31.20
CA ARG D 284 30.32 91.55 30.21
C ARG D 284 30.10 90.36 29.29
N ILE D 285 28.84 89.99 29.09
CA ILE D 285 28.47 88.87 28.21
C ILE D 285 27.27 89.24 27.30
N SER D 286 27.32 88.78 26.05
CA SER D 286 26.26 89.05 25.08
C SER D 286 25.49 87.79 24.70
N LEU D 287 24.17 87.94 24.58
CA LEU D 287 23.27 86.83 24.27
C LEU D 287 22.36 87.24 23.12
N GLN D 288 22.31 86.41 22.08
CA GLN D 288 21.35 86.63 21.01
C GLN D 288 20.24 85.62 21.12
N TRP D 289 19.01 86.13 21.06
CA TRP D 289 17.81 85.33 21.16
C TRP D 289 17.05 85.43 19.86
N LEU D 290 16.45 84.33 19.45
CA LEU D 290 15.77 84.23 18.17
C LEU D 290 14.34 83.79 18.39
N ARG D 291 13.38 84.46 17.75
CA ARG D 291 11.99 83.98 17.78
C ARG D 291 11.86 82.69 16.98
N ARG D 292 10.80 81.92 17.25
CA ARG D 292 10.54 80.67 16.50
C ARG D 292 10.27 80.96 15.03
N ILE D 293 9.58 82.08 14.77
CA ILE D 293 9.53 82.59 13.42
C ILE D 293 10.84 83.35 13.30
N GLN D 294 11.77 82.78 12.53
CA GLN D 294 13.16 83.20 12.55
C GLN D 294 13.51 84.41 11.67
N ASN D 295 12.66 85.44 11.73
CA ASN D 295 12.90 86.71 11.04
C ASN D 295 13.15 87.89 12.01
N TYR D 296 13.28 87.57 13.30
CA TYR D 296 13.49 88.56 14.34
C TYR D 296 14.43 88.02 15.42
N SER D 297 15.47 88.78 15.73
CA SER D 297 16.40 88.40 16.78
C SER D 297 16.82 89.60 17.63
N VAL D 298 17.03 89.37 18.93
CA VAL D 298 17.50 90.43 19.82
C VAL D 298 18.83 90.04 20.45
N MET D 299 19.78 90.97 20.40
CA MET D 299 21.02 90.81 21.14
C MET D 299 20.89 91.55 22.47
N ASP D 300 21.35 90.91 23.53
CA ASP D 300 21.35 91.52 24.84
C ASP D 300 22.80 91.57 25.37
N ILE D 301 23.22 92.74 25.81
CA ILE D 301 24.52 92.88 26.45
C ILE D 301 24.27 92.95 27.95
N CYS D 302 25.02 92.17 28.72
CA CYS D 302 24.79 92.05 30.17
C CYS D 302 26.05 92.18 31.02
N ASP D 303 26.08 93.22 31.84
CA ASP D 303 27.20 93.47 32.75
C ASP D 303 26.94 92.85 34.11
N TYR D 304 28.00 92.38 34.75
CA TYR D 304 27.94 91.84 36.11
C TYR D 304 27.81 93.00 37.09
N ASP D 305 26.88 92.88 38.02
CA ASP D 305 26.70 93.88 39.08
C ASP D 305 27.44 93.44 40.34
N GLU D 306 28.62 94.03 40.56
CA GLU D 306 29.56 93.62 41.60
C GLU D 306 28.96 93.63 43.01
N SER D 307 27.97 94.50 43.24
CA SER D 307 27.35 94.64 44.56
C SER D 307 26.17 93.68 44.78
N SER D 308 25.45 93.37 43.69
CA SER D 308 24.30 92.45 43.74
C SER D 308 24.75 90.99 43.72
N GLY D 309 25.61 90.67 42.75
CA GLY D 309 25.94 89.29 42.41
C GLY D 309 25.17 88.95 41.14
N ARG D 310 24.33 89.88 40.72
CA ARG D 310 23.45 89.73 39.56
C ARG D 310 24.06 90.12 38.21
N TRP D 311 23.28 89.88 37.16
CA TRP D 311 23.61 90.24 35.78
C TRP D 311 22.47 91.08 35.20
N ASN D 312 22.75 92.37 34.97
CA ASN D 312 21.78 93.31 34.43
C ASN D 312 22.01 93.58 32.95
N CYS D 313 20.95 93.50 32.17
CA CYS D 313 21.00 93.81 30.74
C CYS D 313 20.09 94.99 30.42
N LEU D 314 20.70 96.16 30.15
CA LEU D 314 19.98 97.39 29.83
C LEU D 314 19.13 97.27 28.55
N VAL D 315 17.94 97.86 28.57
CA VAL D 315 17.03 97.81 27.43
C VAL D 315 17.54 98.67 26.26
N ALA D 316 18.36 99.67 26.58
CA ALA D 316 18.98 100.53 25.58
C ALA D 316 20.12 99.82 24.85
N ARG D 317 20.85 98.96 25.58
CA ARG D 317 21.98 98.22 25.02
C ARG D 317 21.55 97.13 24.04
N GLN D 318 20.23 96.93 23.91
CA GLN D 318 19.68 95.93 23.00
C GLN D 318 19.81 96.32 21.54
N HIS D 319 20.09 95.32 20.71
CA HIS D 319 20.16 95.51 19.26
C HIS D 319 19.29 94.49 18.54
N ILE D 320 18.32 95.01 17.79
CA ILE D 320 17.41 94.20 17.00
C ILE D 320 18.06 93.87 15.66
N GLU D 321 17.96 92.61 15.24
CA GLU D 321 18.33 92.22 13.90
C GLU D 321 17.16 91.45 13.29
N MET D 322 16.61 92.00 12.22
CA MET D 322 15.43 91.44 11.56
C MET D 322 15.62 91.31 10.05
N SER D 323 14.65 90.70 9.39
CA SER D 323 14.62 90.59 7.93
C SER D 323 13.18 90.63 7.46
N THR D 324 12.90 91.41 6.41
CA THR D 324 11.55 91.51 5.85
C THR D 324 11.36 90.59 4.63
N THR D 325 12.47 90.13 4.04
CA THR D 325 12.43 89.30 2.83
C THR D 325 12.61 87.81 3.12
N GLY D 326 13.20 87.48 4.26
CA GLY D 326 13.43 86.09 4.66
C GLY D 326 13.69 85.88 6.13
N TRP D 327 14.61 84.98 6.43
CA TRP D 327 15.01 84.66 7.80
C TRP D 327 16.19 85.54 8.21
N VAL D 328 16.73 85.32 9.42
CA VAL D 328 17.85 86.14 9.91
C VAL D 328 19.18 85.35 9.97
N GLY D 329 20.19 85.87 9.27
CA GLY D 329 21.50 85.22 9.17
C GLY D 329 21.52 84.21 8.04
N ARG D 330 22.67 83.60 7.81
CA ARG D 330 22.82 82.54 6.81
C ARG D 330 22.10 81.29 7.29
N PHE D 331 22.34 80.93 8.54
CA PHE D 331 21.65 79.83 9.20
C PHE D 331 21.15 80.31 10.56
N ARG D 332 22.00 81.05 11.25
CA ARG D 332 21.64 81.73 12.49
C ARG D 332 22.22 83.15 12.48
N PRO D 333 21.68 84.06 13.33
CA PRO D 333 22.28 85.38 13.45
C PRO D 333 23.78 85.31 13.66
N SER D 334 24.52 86.25 13.09
CA SER D 334 25.97 86.24 13.16
C SER D 334 26.46 86.55 14.58
N GLU D 335 27.64 86.04 14.93
CA GLU D 335 28.24 86.32 16.23
C GLU D 335 28.97 87.68 16.25
N PRO D 336 29.04 88.33 17.44
CA PRO D 336 29.77 89.59 17.54
C PRO D 336 31.26 89.38 17.87
N HIS D 337 32.07 90.38 17.56
CA HIS D 337 33.50 90.34 17.88
C HIS D 337 33.86 91.64 18.58
N PHE D 338 34.02 91.56 19.89
CA PHE D 338 34.20 92.74 20.72
C PHE D 338 35.63 93.25 20.75
N THR D 339 35.77 94.57 20.86
CA THR D 339 37.08 95.19 21.06
C THR D 339 37.49 94.91 22.50
N LEU D 340 38.77 95.10 22.80
CA LEU D 340 39.31 94.84 24.13
C LEU D 340 38.49 95.50 25.24
N ASP D 341 38.07 96.75 25.02
CA ASP D 341 37.30 97.51 26.01
C ASP D 341 35.87 96.97 26.24
N GLY D 342 35.29 96.38 25.21
CA GLY D 342 33.94 95.81 25.31
C GLY D 342 32.81 96.78 25.01
N ASN D 343 33.17 98.04 24.76
CA ASN D 343 32.19 99.07 24.41
C ASN D 343 31.82 99.05 22.93
N SER D 344 32.49 98.20 22.15
CA SER D 344 32.25 98.10 20.71
C SER D 344 32.38 96.66 20.19
N PHE D 345 31.73 96.38 19.06
CA PHE D 345 31.82 95.08 18.40
C PHE D 345 31.48 95.15 16.91
N TYR D 346 32.01 94.19 16.16
CA TYR D 346 31.73 94.07 14.74
C TYR D 346 30.89 92.81 14.53
N LYS D 347 29.98 92.87 13.55
CA LYS D 347 29.05 91.78 13.31
C LYS D 347 28.53 91.79 11.85
N ILE D 348 28.66 90.64 11.19
CA ILE D 348 28.19 90.46 9.80
C ILE D 348 26.66 90.45 9.73
N ILE D 349 26.11 91.44 9.04
CA ILE D 349 24.67 91.55 8.87
C ILE D 349 24.33 91.95 7.43
N SER D 350 23.12 91.61 7.02
CA SER D 350 22.62 91.94 5.69
C SER D 350 22.35 93.43 5.58
N ASN D 351 22.96 94.08 4.58
CA ASN D 351 22.81 95.53 4.38
C ASN D 351 21.48 95.93 3.72
N GLU D 352 21.29 97.22 3.48
CA GLU D 352 20.04 97.77 2.96
C GLU D 352 19.60 97.17 1.63
N GLU D 353 20.50 96.43 0.97
CA GLU D 353 20.21 95.79 -0.32
C GLU D 353 20.72 94.35 -0.41
N GLY D 354 20.45 93.57 0.63
CA GLY D 354 20.68 92.14 0.62
C GLY D 354 22.09 91.60 0.79
N TYR D 355 23.11 92.46 0.71
CA TYR D 355 24.49 91.98 0.82
C TYR D 355 25.01 91.97 2.25
N ARG D 356 25.77 90.93 2.58
CA ARG D 356 26.24 90.70 3.95
C ARG D 356 27.63 91.25 4.22
N HIS D 357 27.69 92.20 5.13
CA HIS D 357 28.90 92.95 5.42
C HIS D 357 29.09 93.21 6.91
N ILE D 358 30.32 93.56 7.28
CA ILE D 358 30.69 93.82 8.66
C ILE D 358 30.16 95.19 9.08
N CYS D 359 29.38 95.22 10.14
CA CYS D 359 28.88 96.46 10.69
C CYS D 359 29.61 96.78 11.99
N TYR D 360 29.94 98.05 12.18
CA TYR D 360 30.58 98.50 13.41
C TYR D 360 29.53 99.05 14.36
N PHE D 361 29.28 98.31 15.43
CA PHE D 361 28.29 98.69 16.42
C PHE D 361 28.88 99.43 17.62
N GLN D 362 28.20 100.49 18.01
CA GLN D 362 28.48 101.16 19.26
C GLN D 362 27.44 100.64 20.22
N ILE D 363 27.88 100.16 21.39
CA ILE D 363 26.99 99.55 22.39
C ILE D 363 25.74 100.38 22.72
N ASP D 364 25.93 101.68 22.95
CA ASP D 364 24.85 102.60 23.34
C ASP D 364 23.71 102.72 22.31
N LYS D 365 24.01 103.32 21.15
CA LYS D 365 22.99 103.58 20.13
C LYS D 365 22.71 102.39 19.20
N LYS D 366 21.49 102.35 18.68
CA LYS D 366 20.99 101.20 17.91
C LYS D 366 21.46 101.20 16.45
N ASP D 367 22.20 102.25 16.07
CA ASP D 367 22.71 102.40 14.70
C ASP D 367 24.15 101.94 14.53
N CYS D 368 24.40 101.21 13.46
CA CYS D 368 25.75 100.83 13.06
C CYS D 368 25.99 101.34 11.65
N THR D 369 27.25 101.57 11.33
CA THR D 369 27.65 101.91 9.96
C THR D 369 28.56 100.81 9.42
N PHE D 370 28.29 100.39 8.19
CA PHE D 370 29.05 99.31 7.54
C PHE D 370 30.47 99.74 7.21
N ILE D 371 31.42 98.85 7.47
CA ILE D 371 32.83 99.09 7.13
C ILE D 371 33.18 98.47 5.78
N THR D 372 32.20 97.78 5.17
CA THR D 372 32.34 97.20 3.84
C THR D 372 31.04 97.34 3.03
N LYS D 373 31.18 97.65 1.74
CA LYS D 373 30.04 97.70 0.79
C LYS D 373 30.40 96.85 -0.43
N GLY D 374 29.44 96.68 -1.34
CA GLY D 374 29.71 96.00 -2.60
C GLY D 374 28.81 94.80 -2.92
N THR D 375 28.88 94.35 -4.17
CA THR D 375 28.10 93.20 -4.63
C THR D 375 28.85 91.89 -4.35
N TRP D 376 29.21 91.71 -3.09
CA TRP D 376 29.87 90.51 -2.58
C TRP D 376 29.56 90.40 -1.10
N GLU D 377 30.02 89.32 -0.47
CA GLU D 377 29.72 89.08 0.94
C GLU D 377 30.93 88.72 1.78
N VAL D 378 30.95 89.22 3.01
CA VAL D 378 31.95 88.83 3.99
C VAL D 378 31.52 87.48 4.58
N ILE D 379 32.41 86.51 4.56
CA ILE D 379 32.07 85.17 5.04
C ILE D 379 32.07 85.08 6.57
N GLY D 380 33.21 85.43 7.18
CA GLY D 380 33.36 85.44 8.63
C GLY D 380 34.38 86.49 9.09
N ILE D 381 34.18 87.01 10.29
CA ILE D 381 35.13 87.92 10.91
C ILE D 381 36.17 87.05 11.63
N GLU D 382 37.42 87.10 11.17
CA GLU D 382 38.41 86.14 11.62
C GLU D 382 39.29 86.59 12.79
N ALA D 383 39.52 87.89 12.92
CA ALA D 383 40.28 88.41 14.05
C ALA D 383 40.13 89.93 14.13
N LEU D 384 40.33 90.48 15.33
CA LEU D 384 40.45 91.93 15.48
C LEU D 384 41.52 92.32 16.50
N THR D 385 42.23 93.40 16.19
CA THR D 385 43.16 94.01 17.14
C THR D 385 42.69 95.45 17.33
N SER D 386 43.41 96.22 18.16
CA SER D 386 43.11 97.65 18.28
C SER D 386 43.48 98.37 16.98
N ASP D 387 44.36 97.75 16.21
CA ASP D 387 44.82 98.29 14.91
C ASP D 387 43.97 97.82 13.72
N TYR D 388 43.95 96.50 13.48
CA TYR D 388 43.31 95.95 12.28
C TYR D 388 42.15 94.99 12.57
N LEU D 389 41.40 94.69 11.51
CA LEU D 389 40.34 93.67 11.52
C LEU D 389 40.59 92.75 10.33
N TYR D 390 40.57 91.45 10.59
CA TYR D 390 40.79 90.47 9.54
C TYR D 390 39.50 89.71 9.24
N TYR D 391 39.21 89.53 7.95
CA TYR D 391 38.00 88.83 7.53
C TYR D 391 38.22 88.06 6.22
N ILE D 392 37.30 87.14 5.93
CA ILE D 392 37.31 86.39 4.68
C ILE D 392 36.08 86.74 3.85
N SER D 393 36.25 86.88 2.54
CA SER D 393 35.14 87.21 1.65
C SER D 393 35.31 86.69 0.23
N ASN D 394 34.23 86.77 -0.54
CA ASN D 394 34.22 86.33 -1.93
C ASN D 394 34.22 87.48 -2.95
N GLU D 395 35.03 88.50 -2.67
CA GLU D 395 35.13 89.68 -3.54
C GLU D 395 36.05 89.47 -4.74
N TYR D 396 37.23 88.87 -4.51
CA TYR D 396 38.24 88.72 -5.55
C TYR D 396 37.68 88.13 -6.84
N LYS D 397 37.88 88.87 -7.93
CA LYS D 397 37.35 88.56 -9.26
C LYS D 397 35.81 88.37 -9.28
N GLY D 398 35.15 88.85 -8.23
CA GLY D 398 33.68 88.75 -8.09
C GLY D 398 33.17 87.33 -8.02
N MET D 399 34.03 86.40 -7.62
CA MET D 399 33.70 84.98 -7.61
C MET D 399 33.14 84.55 -6.26
N PRO D 400 31.84 84.21 -6.21
CA PRO D 400 31.18 83.78 -4.98
C PRO D 400 31.76 82.48 -4.42
N GLY D 401 32.29 81.64 -5.31
CA GLY D 401 32.83 80.33 -4.92
C GLY D 401 34.27 80.36 -4.46
N GLY D 402 34.83 81.55 -4.31
CA GLY D 402 36.21 81.73 -3.86
C GLY D 402 36.29 82.47 -2.54
N ARG D 403 37.36 82.19 -1.80
CA ARG D 403 37.58 82.79 -0.49
C ARG D 403 38.97 83.37 -0.36
N ASN D 404 39.04 84.63 0.06
CA ASN D 404 40.30 85.29 0.33
C ASN D 404 40.31 86.04 1.66
N LEU D 405 41.51 86.19 2.24
CA LEU D 405 41.68 86.88 3.50
C LEU D 405 41.97 88.36 3.28
N TYR D 406 41.18 89.21 3.91
CA TYR D 406 41.33 90.65 3.79
C TYR D 406 41.60 91.30 5.13
N LYS D 407 42.55 92.24 5.13
CA LYS D 407 42.87 93.07 6.28
C LYS D 407 42.24 94.45 6.09
N ILE D 408 41.48 94.90 7.08
CA ILE D 408 40.89 96.24 7.05
C ILE D 408 41.36 97.11 8.23
N GLN D 409 41.88 98.29 7.91
CA GLN D 409 42.37 99.21 8.93
C GLN D 409 41.23 99.93 9.65
N LEU D 410 41.23 99.84 10.98
CA LEU D 410 40.18 100.43 11.80
C LEU D 410 40.16 101.97 11.78
N SER D 411 41.34 102.58 11.73
CA SER D 411 41.45 104.04 11.67
C SER D 411 40.92 104.61 10.36
N ASP D 412 41.20 103.91 9.25
CA ASP D 412 40.73 104.32 7.93
C ASP D 412 40.13 103.12 7.19
N TYR D 413 38.81 103.15 6.99
CA TYR D 413 38.10 102.01 6.39
C TYR D 413 38.28 101.82 4.89
N THR D 414 38.89 102.79 4.22
CA THR D 414 39.20 102.68 2.79
C THR D 414 40.50 101.89 2.58
N LYS D 415 41.25 101.70 3.66
CA LYS D 415 42.51 100.95 3.64
C LYS D 415 42.30 99.44 3.79
N VAL D 416 41.72 98.82 2.76
CA VAL D 416 41.47 97.38 2.77
C VAL D 416 42.53 96.66 1.93
N THR D 417 43.23 95.72 2.53
CA THR D 417 44.30 94.98 1.85
C THR D 417 43.96 93.50 1.75
N CYS D 418 44.14 92.92 0.56
CA CYS D 418 43.98 91.48 0.41
C CYS D 418 45.31 90.78 0.66
N LEU D 419 45.33 89.95 1.70
CA LEU D 419 46.54 89.26 2.11
C LEU D 419 46.79 87.97 1.36
N SER D 420 45.73 87.39 0.78
CA SER D 420 45.85 86.09 0.16
C SER D 420 45.63 86.06 -1.37
N CYS D 421 44.81 86.99 -1.87
CA CYS D 421 44.43 87.04 -3.29
C CYS D 421 45.55 86.69 -4.28
N GLU D 422 46.72 87.30 -4.10
CA GLU D 422 47.79 87.21 -5.07
C GLU D 422 49.06 86.52 -4.58
N LEU D 423 48.93 85.65 -3.59
CA LEU D 423 50.05 84.82 -3.15
C LEU D 423 50.34 83.81 -4.25
N ASN D 424 49.29 83.13 -4.70
CA ASN D 424 49.29 82.40 -5.96
C ASN D 424 47.86 82.40 -6.50
N PRO D 425 47.55 83.37 -7.39
CA PRO D 425 46.21 83.49 -7.96
C PRO D 425 45.78 82.24 -8.74
N GLU D 426 46.78 81.51 -9.24
CA GLU D 426 46.57 80.37 -10.13
C GLU D 426 45.99 79.16 -9.39
N ARG D 427 46.72 78.64 -8.41
CA ARG D 427 46.25 77.45 -7.67
C ARG D 427 45.44 77.77 -6.42
N CYS D 428 45.30 79.06 -6.08
CA CYS D 428 44.74 79.47 -4.78
C CYS D 428 43.65 80.53 -4.79
N GLN D 429 42.40 80.10 -4.69
CA GLN D 429 41.26 81.00 -4.66
C GLN D 429 40.33 80.70 -3.49
N TYR D 430 40.69 79.70 -2.69
CA TYR D 430 39.89 79.34 -1.51
C TYR D 430 40.77 79.25 -0.28
N TYR D 431 40.62 80.21 0.62
CA TYR D 431 41.45 80.31 1.80
C TYR D 431 40.63 80.29 3.08
N SER D 432 41.18 79.63 4.09
CA SER D 432 40.71 79.76 5.47
C SER D 432 41.95 80.13 6.29
N VAL D 433 41.74 80.75 7.46
CA VAL D 433 42.86 81.28 8.24
C VAL D 433 42.80 80.92 9.72
N SER D 434 43.97 80.65 10.29
CA SER D 434 44.10 80.41 11.71
C SER D 434 45.16 81.32 12.31
N PHE D 435 44.74 82.20 13.21
CA PHE D 435 45.64 83.13 13.88
C PHE D 435 46.22 82.55 15.18
N SER D 436 47.37 83.07 15.60
CA SER D 436 47.96 82.70 16.89
C SER D 436 47.21 83.41 18.02
N LYS D 437 47.63 83.19 19.26
CA LYS D 437 46.92 83.70 20.44
C LYS D 437 46.57 85.19 20.36
N GLU D 438 47.57 86.04 20.12
CA GLU D 438 47.35 87.48 19.90
C GLU D 438 47.44 87.87 18.42
N ALA D 439 47.52 86.84 17.56
CA ALA D 439 47.50 86.99 16.11
C ALA D 439 48.75 87.64 15.49
N LYS D 440 49.93 87.23 15.94
CA LYS D 440 51.17 87.76 15.36
C LYS D 440 51.68 86.89 14.20
N TYR D 441 51.31 85.61 14.23
CA TYR D 441 51.59 84.68 13.14
C TYR D 441 50.26 84.05 12.73
N TYR D 442 50.07 83.80 11.44
CA TYR D 442 48.83 83.16 10.98
C TYR D 442 49.04 82.16 9.85
N GLN D 443 48.24 81.08 9.90
CA GLN D 443 48.28 80.02 8.90
C GLN D 443 47.18 80.23 7.88
N LEU D 444 47.55 80.07 6.61
CA LEU D 444 46.59 80.10 5.52
C LEU D 444 46.44 78.69 4.99
N ARG D 445 45.20 78.19 5.03
CA ARG D 445 44.88 76.93 4.39
C ARG D 445 44.28 77.27 3.03
N CYS D 446 45.04 77.00 1.98
CA CYS D 446 44.54 77.16 0.63
C CYS D 446 43.91 75.82 0.23
N SER D 447 42.62 75.86 -0.10
CA SER D 447 41.92 74.70 -0.63
C SER D 447 41.80 74.87 -2.12
N GLY D 448 42.32 76.00 -2.61
CA GLY D 448 42.19 76.52 -3.98
C GLY D 448 42.18 75.51 -5.11
N PRO D 449 41.91 75.98 -6.34
CA PRO D 449 41.71 75.09 -7.49
C PRO D 449 42.72 73.95 -7.51
N GLY D 450 44.00 74.26 -7.29
CA GLY D 450 45.06 73.25 -7.26
C GLY D 450 45.14 72.51 -5.93
N LEU D 451 46.16 71.67 -5.78
CA LEU D 451 46.36 70.91 -4.55
C LEU D 451 46.48 71.87 -3.35
N PRO D 452 45.86 71.54 -2.21
CA PRO D 452 45.90 72.40 -1.02
C PRO D 452 47.31 72.81 -0.58
N LEU D 453 47.43 74.04 -0.10
CA LEU D 453 48.70 74.61 0.32
C LEU D 453 48.58 75.27 1.70
N TYR D 454 49.50 74.92 2.59
CA TYR D 454 49.50 75.44 3.95
C TYR D 454 50.78 76.25 4.19
N THR D 455 50.60 77.52 4.56
CA THR D 455 51.71 78.46 4.69
C THR D 455 51.58 79.30 5.96
N LEU D 456 52.72 79.63 6.57
CA LEU D 456 52.72 80.45 7.77
C LEU D 456 53.16 81.86 7.41
N HIS D 457 52.42 82.85 7.90
CA HIS D 457 52.70 84.25 7.63
C HIS D 457 52.74 85.05 8.94
N SER D 458 53.59 86.08 9.00
CA SER D 458 53.59 86.99 10.16
C SER D 458 52.73 88.21 9.82
N SER D 459 51.83 88.57 10.72
CA SER D 459 50.92 89.69 10.48
C SER D 459 51.54 91.06 10.74
N VAL D 460 52.76 91.08 11.29
CA VAL D 460 53.47 92.34 11.55
C VAL D 460 53.56 93.22 10.29
N ASN D 461 53.89 92.59 9.16
CA ASN D 461 53.81 93.23 7.83
C ASN D 461 53.63 92.22 6.68
N ASP D 462 52.88 91.15 6.97
CA ASP D 462 52.40 90.16 6.00
C ASP D 462 53.44 89.43 5.14
N LYS D 463 54.66 89.30 5.66
CA LYS D 463 55.70 88.54 4.96
C LYS D 463 55.56 87.05 5.27
N GLY D 464 55.60 86.23 4.23
CA GLY D 464 55.48 84.78 4.36
C GLY D 464 56.70 84.16 5.02
N LEU D 465 56.46 83.39 6.07
CA LEU D 465 57.54 82.73 6.81
C LEU D 465 58.05 81.47 6.13
N ARG D 466 57.16 80.49 5.94
CA ARG D 466 57.57 79.24 5.28
C ARG D 466 56.39 78.41 4.74
N VAL D 467 56.73 77.38 3.98
CA VAL D 467 55.77 76.42 3.46
C VAL D 467 55.62 75.26 4.46
N LEU D 468 54.39 75.07 4.94
CA LEU D 468 54.11 73.99 5.89
C LEU D 468 53.83 72.67 5.19
N GLU D 469 52.92 72.70 4.20
CA GLU D 469 52.64 71.56 3.35
C GLU D 469 52.25 72.04 1.93
N ASP D 470 52.97 71.55 0.92
CA ASP D 470 52.71 71.92 -0.48
C ASP D 470 52.03 70.80 -1.25
N ASN D 471 51.86 69.66 -0.58
CA ASN D 471 51.28 68.44 -1.15
C ASN D 471 52.03 67.89 -2.36
N SER D 472 53.34 68.12 -2.39
CA SER D 472 54.20 67.66 -3.48
C SER D 472 54.22 66.13 -3.57
N ALA D 473 54.06 65.46 -2.42
CA ALA D 473 53.94 64.00 -2.37
C ALA D 473 52.78 63.53 -3.26
N LEU D 474 51.61 64.13 -3.04
CA LEU D 474 50.40 63.83 -3.81
C LEU D 474 50.53 64.28 -5.28
N ASP D 475 51.21 65.41 -5.50
CA ASP D 475 51.43 65.92 -6.84
C ASP D 475 52.22 64.92 -7.68
N LYS D 476 53.23 64.30 -7.07
CA LYS D 476 54.06 63.30 -7.76
C LYS D 476 53.23 62.08 -8.18
N MET D 477 52.35 61.63 -7.29
CA MET D 477 51.47 60.49 -7.57
C MET D 477 50.45 60.79 -8.66
N LEU D 478 49.93 62.02 -8.66
CA LEU D 478 48.85 62.43 -9.56
C LEU D 478 49.26 62.70 -11.01
N GLN D 479 50.55 62.95 -11.22
CA GLN D 479 51.05 63.15 -12.59
C GLN D 479 51.18 61.82 -13.33
N ASN D 480 50.95 60.72 -12.62
CA ASN D 480 50.93 59.39 -13.21
C ASN D 480 49.52 58.95 -13.64
N VAL D 481 48.50 59.59 -13.06
CA VAL D 481 47.10 59.24 -13.36
C VAL D 481 46.39 60.34 -14.18
N GLN D 482 45.43 59.92 -15.00
CA GLN D 482 44.66 60.86 -15.81
C GLN D 482 43.55 61.52 -14.99
N MET D 483 43.89 62.65 -14.39
CA MET D 483 42.95 63.37 -13.53
C MET D 483 41.94 64.19 -14.32
N PRO D 484 40.73 64.36 -13.77
CA PRO D 484 39.74 65.19 -14.45
C PRO D 484 40.00 66.68 -14.23
N SER D 485 39.39 67.52 -15.05
CA SER D 485 39.51 68.97 -14.90
C SER D 485 38.27 69.55 -14.22
N LYS D 486 38.36 70.81 -13.81
CA LYS D 486 37.25 71.48 -13.18
C LYS D 486 37.02 72.82 -13.87
N LYS D 487 35.80 73.06 -14.32
CA LYS D 487 35.44 74.35 -14.88
C LYS D 487 34.47 75.06 -13.95
N LEU D 488 34.89 76.20 -13.42
CA LEU D 488 34.00 77.07 -12.68
C LEU D 488 33.63 78.18 -13.67
N ASP D 489 32.34 78.47 -13.77
CA ASP D 489 31.87 79.55 -14.63
C ASP D 489 30.44 79.93 -14.25
N PHE D 490 29.93 80.99 -14.86
CA PHE D 490 28.55 81.39 -14.64
C PHE D 490 27.74 81.31 -15.92
N ILE D 491 26.42 81.25 -15.76
CA ILE D 491 25.48 81.41 -16.86
C ILE D 491 24.49 82.52 -16.52
N ILE D 492 23.92 83.15 -17.54
CA ILE D 492 22.97 84.23 -17.33
C ILE D 492 21.54 83.73 -17.48
N LEU D 493 20.72 83.98 -16.45
CA LEU D 493 19.29 83.71 -16.47
C LEU D 493 18.60 84.94 -15.90
N ASN D 494 17.64 85.48 -16.65
CA ASN D 494 16.90 86.68 -16.25
C ASN D 494 17.83 87.74 -15.68
N GLU D 495 18.92 87.99 -16.41
CA GLU D 495 19.93 89.01 -16.08
C GLU D 495 20.61 88.81 -14.72
N THR D 496 20.67 87.56 -14.27
CA THR D 496 21.34 87.23 -13.02
C THR D 496 22.44 86.20 -13.27
N LYS D 497 23.61 86.43 -12.68
CA LYS D 497 24.71 85.49 -12.76
C LYS D 497 24.50 84.34 -11.79
N PHE D 498 24.22 83.17 -12.36
CA PHE D 498 24.09 81.93 -11.61
C PHE D 498 25.27 81.04 -11.92
N TRP D 499 26.00 80.65 -10.88
CA TRP D 499 27.26 79.95 -11.03
C TRP D 499 27.12 78.43 -11.10
N TYR D 500 28.04 77.80 -11.82
CA TYR D 500 28.09 76.34 -11.91
C TYR D 500 29.52 75.83 -11.94
N GLN D 501 29.73 74.61 -11.46
CA GLN D 501 31.00 73.94 -11.65
C GLN D 501 30.79 72.65 -12.43
N MET D 502 31.85 72.17 -13.08
CA MET D 502 31.75 71.00 -13.92
C MET D 502 33.02 70.19 -13.78
N ILE D 503 32.85 68.93 -13.39
CA ILE D 503 33.98 68.01 -13.29
C ILE D 503 34.08 67.33 -14.66
N LEU D 504 35.12 67.66 -15.40
CA LEU D 504 35.29 67.22 -16.77
C LEU D 504 36.30 66.09 -16.87
N PRO D 505 35.98 65.02 -17.61
CA PRO D 505 36.90 63.92 -17.86
C PRO D 505 38.25 64.37 -18.42
N PRO D 506 39.33 63.59 -18.16
CA PRO D 506 40.61 63.87 -18.76
C PRO D 506 40.51 63.78 -20.29
N HIS D 507 41.29 64.59 -20.99
CA HIS D 507 41.27 64.62 -22.46
C HIS D 507 39.89 65.03 -22.99
N PHE D 508 39.22 65.88 -22.22
CA PHE D 508 37.90 66.42 -22.56
C PHE D 508 37.86 66.98 -23.98
N ASP D 509 36.82 66.61 -24.71
CA ASP D 509 36.67 66.99 -26.11
C ASP D 509 35.23 67.40 -26.36
N LYS D 510 34.98 68.69 -26.57
CA LYS D 510 33.58 69.16 -26.72
C LYS D 510 32.88 68.81 -28.05
N SER D 511 33.58 68.08 -28.91
CA SER D 511 32.98 67.53 -30.12
C SER D 511 32.31 66.19 -29.81
N LYS D 512 32.69 65.59 -28.68
CA LYS D 512 32.03 64.38 -28.16
C LYS D 512 30.81 64.77 -27.33
N LYS D 513 29.84 63.87 -27.25
CA LYS D 513 28.67 64.08 -26.41
C LYS D 513 28.80 63.23 -25.14
N TYR D 514 29.15 63.87 -24.03
CA TYR D 514 29.33 63.17 -22.74
C TYR D 514 28.04 63.03 -21.90
N PRO D 515 27.86 61.88 -21.24
CA PRO D 515 26.77 61.79 -20.29
C PRO D 515 27.03 62.70 -19.08
N LEU D 516 25.98 63.22 -18.47
CA LEU D 516 26.13 64.19 -17.39
C LEU D 516 25.37 63.77 -16.14
N LEU D 517 26.03 63.95 -14.99
CA LEU D 517 25.40 63.71 -13.71
C LEU D 517 25.27 65.02 -12.97
N LEU D 518 24.05 65.40 -12.63
CA LEU D 518 23.81 66.62 -11.88
C LEU D 518 23.93 66.33 -10.37
N ASP D 519 25.02 66.83 -9.78
CA ASP D 519 25.32 66.69 -8.36
C ASP D 519 24.68 67.88 -7.66
N VAL D 520 23.63 67.61 -6.89
CA VAL D 520 22.80 68.68 -6.37
C VAL D 520 22.67 68.69 -4.86
N TYR D 521 22.74 69.89 -4.28
CA TYR D 521 22.34 70.07 -2.89
C TYR D 521 21.18 71.04 -2.84
N ALA D 522 21.43 72.29 -3.25
CA ALA D 522 20.40 73.33 -3.47
C ALA D 522 19.59 73.76 -2.24
N GLY D 523 20.09 73.43 -1.05
CA GLY D 523 19.48 73.88 0.20
C GLY D 523 19.68 75.37 0.38
N PRO D 524 18.96 75.98 1.32
CA PRO D 524 19.10 77.42 1.51
C PRO D 524 20.51 77.79 1.92
N CYS D 525 21.10 78.73 1.18
CA CYS D 525 22.46 79.20 1.42
C CYS D 525 23.52 78.14 1.09
N SER D 526 23.16 77.21 0.22
CA SER D 526 24.12 76.21 -0.24
C SER D 526 25.09 76.78 -1.28
N GLN D 527 26.25 76.15 -1.41
CA GLN D 527 27.18 76.48 -2.48
C GLN D 527 27.90 75.23 -2.95
N LYS D 528 27.50 74.75 -4.13
CA LYS D 528 28.09 73.56 -4.71
C LYS D 528 29.07 73.92 -5.83
N ALA D 529 29.19 75.20 -6.16
CA ALA D 529 30.11 75.62 -7.22
C ALA D 529 31.16 76.54 -6.64
N ASP D 530 32.34 75.97 -6.39
CA ASP D 530 33.42 76.70 -5.74
C ASP D 530 34.81 76.37 -6.27
N THR D 531 35.82 76.92 -5.62
CA THR D 531 37.19 76.73 -6.03
C THR D 531 37.92 75.63 -5.25
N VAL D 532 37.19 74.85 -4.45
CA VAL D 532 37.81 73.80 -3.63
C VAL D 532 38.17 72.59 -4.48
N PHE D 533 39.42 72.16 -4.38
CA PHE D 533 39.88 70.90 -4.98
C PHE D 533 39.39 69.73 -4.14
N ARG D 534 38.72 68.79 -4.79
CA ARG D 534 38.19 67.62 -4.11
C ARG D 534 38.64 66.35 -4.78
N LEU D 535 38.84 65.32 -3.97
CA LEU D 535 39.04 63.97 -4.45
C LEU D 535 37.87 63.18 -3.87
N ASN D 536 36.89 62.89 -4.72
CA ASN D 536 35.68 62.21 -4.29
C ASN D 536 35.10 61.28 -5.35
N TRP D 537 33.86 60.86 -5.16
CA TRP D 537 33.17 59.99 -6.09
C TRP D 537 33.10 60.59 -7.50
N ALA D 538 32.77 61.88 -7.58
CA ALA D 538 32.75 62.61 -8.86
C ALA D 538 34.09 62.57 -9.61
N THR D 539 35.20 62.54 -8.86
CA THR D 539 36.53 62.40 -9.45
C THR D 539 36.63 61.06 -10.18
N TYR D 540 36.07 60.02 -9.57
CA TYR D 540 36.07 58.69 -10.17
C TYR D 540 35.19 58.63 -11.43
N LEU D 541 33.98 59.17 -11.32
CA LEU D 541 33.03 59.16 -12.42
C LEU D 541 33.55 59.87 -13.66
N ALA D 542 34.27 60.97 -13.46
CA ALA D 542 34.86 61.70 -14.57
C ALA D 542 36.14 61.03 -15.06
N SER D 543 36.96 60.55 -14.13
CA SER D 543 38.28 60.02 -14.48
C SER D 543 38.19 58.66 -15.16
N THR D 544 37.41 57.75 -14.59
CA THR D 544 37.27 56.40 -15.14
C THR D 544 36.06 56.28 -16.07
N GLU D 545 34.90 56.75 -15.63
CA GLU D 545 33.67 56.51 -16.36
C GLU D 545 33.37 57.54 -17.45
N ASN D 546 34.20 58.58 -17.53
CA ASN D 546 34.06 59.65 -18.52
C ASN D 546 32.71 60.36 -18.48
N ILE D 547 32.26 60.61 -17.25
CA ILE D 547 31.02 61.31 -16.98
C ILE D 547 31.30 62.72 -16.52
N ILE D 548 30.65 63.69 -17.13
CA ILE D 548 30.67 65.03 -16.58
C ILE D 548 29.74 65.02 -15.38
N VAL D 549 30.25 65.45 -14.24
CA VAL D 549 29.41 65.64 -13.07
C VAL D 549 29.42 67.14 -12.74
N ALA D 550 28.24 67.73 -12.80
CA ALA D 550 28.11 69.18 -12.66
C ALA D 550 27.30 69.54 -11.43
N SER D 551 27.47 70.77 -10.96
CA SER D 551 26.67 71.31 -9.87
C SER D 551 26.30 72.73 -10.22
N PHE D 552 25.14 73.15 -9.75
CA PHE D 552 24.61 74.45 -10.08
C PHE D 552 24.04 75.13 -8.85
N ASP D 553 24.45 76.39 -8.64
CA ASP D 553 23.94 77.22 -7.56
C ASP D 553 22.81 78.07 -8.15
N GLY D 554 21.57 77.68 -7.88
CA GLY D 554 20.41 78.43 -8.34
C GLY D 554 19.80 79.28 -7.24
N ARG D 555 18.55 79.69 -7.43
CA ARG D 555 17.85 80.52 -6.45
C ARG D 555 17.74 79.76 -5.12
N GLY D 556 18.18 80.42 -4.06
CA GLY D 556 18.23 79.80 -2.75
C GLY D 556 19.64 79.61 -2.28
N SER D 557 20.59 79.59 -3.22
CA SER D 557 22.01 79.43 -2.86
C SER D 557 22.52 80.68 -2.15
N GLY D 558 23.70 80.56 -1.56
CA GLY D 558 24.18 81.63 -0.70
C GLY D 558 25.32 82.42 -1.24
N TYR D 559 25.80 83.37 -0.44
CA TYR D 559 26.98 84.18 -0.73
C TYR D 559 26.84 85.05 -1.99
N GLN D 560 25.60 85.44 -2.30
CA GLN D 560 25.30 86.27 -3.47
C GLN D 560 24.26 87.36 -3.18
N GLY D 561 23.96 87.58 -1.90
CA GLY D 561 22.92 88.53 -1.50
C GLY D 561 21.59 87.86 -1.18
N ASP D 562 20.72 88.57 -0.46
CA ASP D 562 19.40 88.02 -0.07
C ASP D 562 18.43 87.90 -1.23
N LYS D 563 18.69 88.63 -2.30
CA LYS D 563 17.90 88.56 -3.53
C LYS D 563 17.86 87.11 -4.03
N ILE D 564 19.03 86.49 -4.08
CA ILE D 564 19.13 85.09 -4.50
C ILE D 564 18.78 84.12 -3.35
N MET D 565 19.32 84.39 -2.15
CA MET D 565 19.17 83.48 -1.02
C MET D 565 17.76 83.35 -0.48
N HIS D 566 17.02 84.47 -0.44
CA HIS D 566 15.63 84.47 0.05
C HIS D 566 14.60 84.20 -1.04
N ALA D 567 15.05 83.95 -2.26
CA ALA D 567 14.12 83.69 -3.38
C ALA D 567 13.18 82.51 -3.11
N ILE D 568 13.60 81.61 -2.22
CA ILE D 568 12.79 80.44 -1.89
C ILE D 568 12.19 80.46 -0.48
N ASN D 569 12.18 81.63 0.15
CA ASN D 569 11.58 81.78 1.48
C ASN D 569 10.11 81.34 1.47
N ARG D 570 9.75 80.49 2.44
CA ARG D 570 8.39 79.95 2.56
C ARG D 570 8.01 79.11 1.34
N ARG D 571 8.96 78.91 0.44
CA ARG D 571 8.70 78.24 -0.83
C ARG D 571 9.77 77.21 -1.18
N LEU D 572 10.16 76.42 -0.18
CA LEU D 572 11.04 75.27 -0.39
C LEU D 572 10.46 74.30 -1.42
N GLY D 573 11.34 73.75 -2.26
CA GLY D 573 10.90 72.85 -3.32
C GLY D 573 10.26 73.52 -4.52
N THR D 574 10.64 74.78 -4.78
CA THR D 574 10.18 75.48 -5.98
C THR D 574 11.36 75.92 -6.84
N PHE D 575 11.77 77.18 -6.70
CA PHE D 575 12.81 77.77 -7.55
C PHE D 575 14.16 77.03 -7.56
N GLU D 576 14.59 76.51 -6.41
CA GLU D 576 15.84 75.73 -6.34
C GLU D 576 15.70 74.39 -7.09
N VAL D 577 14.48 73.86 -7.11
CA VAL D 577 14.16 72.67 -7.90
C VAL D 577 14.17 73.02 -9.40
N GLU D 578 13.35 74.00 -9.78
CA GLU D 578 13.28 74.47 -11.17
C GLU D 578 14.67 74.83 -11.71
N ASP D 579 15.42 75.62 -10.96
CA ASP D 579 16.75 76.06 -11.40
C ASP D 579 17.75 74.92 -11.69
N GLN D 580 17.57 73.76 -11.06
CA GLN D 580 18.40 72.58 -11.37
C GLN D 580 18.00 71.98 -12.73
N ILE D 581 16.70 71.91 -12.97
CA ILE D 581 16.18 71.42 -14.25
C ILE D 581 16.69 72.31 -15.38
N GLU D 582 16.51 73.63 -15.23
CA GLU D 582 16.96 74.57 -16.25
C GLU D 582 18.48 74.54 -16.42
N ALA D 583 19.20 74.26 -15.33
CA ALA D 583 20.65 74.13 -15.39
C ALA D 583 21.02 73.03 -16.39
N ALA D 584 20.40 71.87 -16.24
CA ALA D 584 20.66 70.72 -17.10
C ALA D 584 20.36 71.03 -18.56
N ARG D 585 19.33 71.83 -18.80
CA ARG D 585 18.97 72.26 -20.14
C ARG D 585 20.01 73.22 -20.71
N GLN D 586 20.64 74.00 -19.84
CA GLN D 586 21.73 74.90 -20.25
C GLN D 586 22.98 74.09 -20.61
N PHE D 587 23.26 73.06 -19.81
CA PHE D 587 24.43 72.22 -20.01
C PHE D 587 24.33 71.46 -21.33
N SER D 588 23.13 70.96 -21.65
CA SER D 588 22.92 70.30 -22.95
C SER D 588 23.10 71.26 -24.12
N LYS D 589 22.67 72.51 -23.96
CA LYS D 589 22.78 73.53 -25.01
C LYS D 589 24.22 74.01 -25.22
N MET D 590 25.12 73.61 -24.34
CA MET D 590 26.54 73.88 -24.50
C MET D 590 27.16 72.96 -25.54
N GLY D 591 26.50 71.83 -25.81
CA GLY D 591 26.85 70.98 -26.95
C GLY D 591 27.69 69.73 -26.73
N PHE D 592 28.22 69.56 -25.52
CA PHE D 592 29.02 68.38 -25.20
C PHE D 592 28.30 67.38 -24.29
N VAL D 593 26.98 67.55 -24.18
CA VAL D 593 26.15 66.68 -23.35
C VAL D 593 25.25 65.78 -24.20
N ASP D 594 25.30 64.49 -23.94
CA ASP D 594 24.35 63.54 -24.50
C ASP D 594 23.11 63.62 -23.64
N ASN D 595 22.08 64.31 -24.13
CA ASN D 595 20.88 64.53 -23.31
C ASN D 595 19.93 63.33 -23.22
N LYS D 596 20.26 62.24 -23.91
CA LYS D 596 19.61 60.96 -23.66
C LYS D 596 20.12 60.40 -22.33
N ARG D 597 21.31 60.84 -21.91
CA ARG D 597 21.97 60.32 -20.71
C ARG D 597 22.36 61.39 -19.69
N ILE D 598 21.36 62.07 -19.16
CA ILE D 598 21.55 63.00 -18.04
C ILE D 598 20.91 62.39 -16.80
N ALA D 599 21.67 62.35 -15.71
CA ALA D 599 21.18 61.81 -14.45
C ALA D 599 21.31 62.86 -13.38
N ILE D 600 20.70 62.61 -12.23
CA ILE D 600 20.76 63.52 -11.10
C ILE D 600 20.82 62.76 -9.78
N TRP D 601 21.65 63.25 -8.85
CA TRP D 601 21.73 62.62 -7.55
C TRP D 601 22.04 63.63 -6.43
N GLY D 602 21.56 63.32 -5.23
CA GLY D 602 21.82 64.16 -4.06
C GLY D 602 21.57 63.47 -2.74
N TRP D 603 22.11 64.06 -1.67
CA TRP D 603 22.01 63.55 -0.31
C TRP D 603 21.34 64.62 0.55
N SER D 604 20.55 64.19 1.56
CA SER D 604 19.87 65.10 2.47
C SER D 604 18.91 65.99 1.67
N TYR D 605 19.12 67.30 1.75
CA TYR D 605 18.32 68.25 1.00
C TYR D 605 18.47 67.93 -0.49
N GLY D 606 19.68 67.54 -0.87
CA GLY D 606 19.99 67.12 -2.24
C GLY D 606 19.15 65.95 -2.69
N GLY D 607 18.93 65.00 -1.79
CA GLY D 607 18.08 63.85 -2.09
C GLY D 607 16.65 64.31 -2.34
N TYR D 608 16.22 65.29 -1.54
CA TYR D 608 14.88 65.83 -1.66
C TYR D 608 14.69 66.51 -3.01
N VAL D 609 15.66 67.35 -3.39
CA VAL D 609 15.59 68.09 -4.65
C VAL D 609 15.71 67.15 -5.86
N THR D 610 16.62 66.18 -5.76
CA THR D 610 16.77 65.14 -6.79
C THR D 610 15.40 64.52 -6.99
N SER D 611 14.76 64.12 -5.88
CA SER D 611 13.48 63.45 -5.95
C SER D 611 12.45 64.37 -6.58
N MET D 612 12.41 65.62 -6.11
CA MET D 612 11.49 66.64 -6.64
C MET D 612 11.67 66.87 -8.14
N VAL D 613 12.94 66.92 -8.57
CA VAL D 613 13.29 67.05 -9.99
C VAL D 613 12.83 65.82 -10.77
N LEU D 614 13.11 64.64 -10.24
CA LEU D 614 12.75 63.38 -10.89
C LEU D 614 11.23 63.20 -10.99
N GLY D 615 10.48 63.92 -10.16
CA GLY D 615 9.03 63.86 -10.17
C GLY D 615 8.40 65.08 -10.83
N SER D 616 9.22 65.93 -11.44
CA SER D 616 8.73 67.15 -12.09
C SER D 616 8.07 66.89 -13.44
N GLY D 617 8.50 65.81 -14.12
CA GLY D 617 7.95 65.46 -15.44
C GLY D 617 8.57 66.23 -16.59
N SER D 618 9.74 66.83 -16.35
CA SER D 618 10.41 67.65 -17.35
C SER D 618 11.05 66.84 -18.49
N GLY D 619 11.30 65.56 -18.26
CA GLY D 619 11.84 64.65 -19.28
C GLY D 619 13.31 64.83 -19.59
N VAL D 620 13.98 65.71 -18.86
CA VAL D 620 15.40 66.00 -19.04
C VAL D 620 16.27 64.87 -18.47
N PHE D 621 15.80 64.26 -17.39
CA PHE D 621 16.59 63.29 -16.65
C PHE D 621 16.14 61.85 -16.87
N LYS D 622 17.11 60.98 -17.14
CA LYS D 622 16.84 59.58 -17.42
C LYS D 622 16.69 58.82 -16.13
N CYS D 623 17.56 59.13 -15.18
CA CYS D 623 17.60 58.43 -13.92
C CYS D 623 18.17 59.33 -12.82
N GLY D 624 18.19 58.81 -11.60
CA GLY D 624 18.72 59.56 -10.48
C GLY D 624 18.65 58.83 -9.16
N ILE D 625 19.41 59.33 -8.19
CA ILE D 625 19.52 58.69 -6.89
C ILE D 625 19.28 59.72 -5.79
N ALA D 626 18.36 59.39 -4.90
CA ALA D 626 18.14 60.20 -3.71
C ALA D 626 18.65 59.42 -2.50
N VAL D 627 19.54 60.04 -1.74
CA VAL D 627 20.10 59.45 -0.52
C VAL D 627 19.57 60.22 0.69
N ALA D 628 18.95 59.49 1.61
CA ALA D 628 18.29 60.08 2.79
C ALA D 628 17.64 61.43 2.47
N PRO D 629 16.68 61.42 1.53
CA PRO D 629 16.01 62.65 1.17
C PRO D 629 14.99 63.05 2.22
N VAL D 630 14.74 64.35 2.35
CA VAL D 630 13.50 64.79 2.97
C VAL D 630 12.41 64.46 1.92
N SER D 631 11.22 64.11 2.37
CA SER D 631 10.10 63.85 1.44
C SER D 631 8.91 64.80 1.68
N ARG D 632 8.73 65.24 2.92
CA ARG D 632 7.78 66.30 3.22
C ARG D 632 8.20 67.02 4.49
N TRP D 633 8.16 68.34 4.44
CA TRP D 633 8.75 69.15 5.51
C TRP D 633 8.18 68.96 6.91
N GLU D 634 6.96 68.45 7.00
CA GLU D 634 6.36 68.12 8.31
C GLU D 634 7.18 67.09 9.05
N TYR D 635 7.88 66.23 8.30
CA TYR D 635 8.67 65.16 8.90
C TYR D 635 9.99 65.63 9.45
N TYR D 636 10.43 66.82 9.06
CA TYR D 636 11.77 67.30 9.44
C TYR D 636 11.75 68.20 10.66
N ASP D 637 12.92 68.49 11.23
CA ASP D 637 12.99 69.23 12.50
C ASP D 637 12.50 70.69 12.40
N SER D 638 11.93 71.15 13.50
CA SER D 638 11.30 72.46 13.56
C SER D 638 12.27 73.62 13.28
N VAL D 639 13.45 73.59 13.91
CA VAL D 639 14.37 74.71 13.81
C VAL D 639 14.78 74.98 12.37
N TYR D 640 15.18 73.93 11.66
CA TYR D 640 15.60 74.05 10.27
C TYR D 640 14.43 74.38 9.36
N THR D 641 13.39 73.55 9.42
CA THR D 641 12.22 73.65 8.55
C THR D 641 11.47 74.98 8.65
N GLU D 642 11.21 75.44 9.86
CA GLU D 642 10.41 76.65 10.05
C GLU D 642 11.19 77.91 9.67
N ARG D 643 12.50 77.88 9.91
CA ARG D 643 13.39 78.93 9.43
C ARG D 643 13.08 79.31 7.98
N TYR D 644 12.76 78.31 7.15
CA TYR D 644 12.51 78.56 5.73
C TYR D 644 11.07 78.37 5.32
N MET D 645 10.26 77.72 6.15
CA MET D 645 8.90 77.36 5.76
C MET D 645 7.83 77.95 6.65
N GLY D 646 8.21 78.42 7.82
CA GLY D 646 7.22 78.84 8.82
C GLY D 646 6.52 77.62 9.39
N LEU D 647 5.34 77.84 9.96
CA LEU D 647 4.58 76.75 10.58
C LEU D 647 3.66 76.03 9.59
N PRO D 648 3.40 74.73 9.82
CA PRO D 648 2.43 73.97 9.03
C PRO D 648 1.02 74.08 9.62
N THR D 649 0.50 75.30 9.64
CA THR D 649 -0.86 75.59 10.10
C THR D 649 -1.55 76.41 9.01
N PRO D 650 -2.88 76.26 8.86
CA PRO D 650 -3.62 76.95 7.78
C PRO D 650 -3.43 78.47 7.79
N GLU D 651 -3.21 79.05 8.97
CA GLU D 651 -3.00 80.48 9.13
C GLU D 651 -1.54 80.91 8.94
N ASP D 652 -0.69 79.95 8.57
CA ASP D 652 0.70 80.25 8.23
C ASP D 652 1.05 79.69 6.86
N ASN D 653 1.72 78.54 6.81
CA ASN D 653 2.18 78.02 5.52
C ASN D 653 1.81 76.55 5.22
N LEU D 654 0.73 76.07 5.81
CA LEU D 654 0.29 74.68 5.61
C LEU D 654 0.07 74.28 4.15
N ASP D 655 -0.47 75.18 3.36
CA ASP D 655 -0.76 74.88 1.96
C ASP D 655 0.48 74.47 1.17
N HIS D 656 1.57 75.23 1.33
CA HIS D 656 2.77 74.90 0.58
C HIS D 656 3.46 73.63 1.10
N TYR D 657 3.46 73.44 2.42
CA TYR D 657 3.93 72.19 3.01
C TYR D 657 3.30 71.02 2.25
N ARG D 658 1.97 71.03 2.16
CA ARG D 658 1.23 70.02 1.43
C ARG D 658 1.72 69.89 -0.02
N ASN D 659 1.89 71.03 -0.69
CA ASN D 659 2.22 71.07 -2.12
C ASN D 659 3.67 70.74 -2.49
N SER D 660 4.56 70.66 -1.51
CA SER D 660 5.97 70.49 -1.77
C SER D 660 6.52 69.10 -1.41
N THR D 661 5.63 68.15 -1.16
CA THR D 661 6.05 66.79 -0.82
C THR D 661 6.51 66.08 -2.08
N VAL D 662 7.40 65.10 -1.95
CA VAL D 662 7.75 64.28 -3.12
C VAL D 662 6.66 63.25 -3.45
N MET D 663 6.01 62.74 -2.40
CA MET D 663 4.90 61.79 -2.54
C MET D 663 3.86 62.25 -3.55
N SER D 664 3.47 63.53 -3.49
CA SER D 664 2.49 64.09 -4.42
C SER D 664 2.92 64.04 -5.90
N ARG D 665 4.21 63.87 -6.13
CA ARG D 665 4.73 63.76 -7.50
C ARG D 665 4.96 62.30 -7.95
N ALA D 666 4.57 61.35 -7.10
CA ALA D 666 4.74 59.90 -7.36
C ALA D 666 4.51 59.48 -8.83
N GLU D 667 3.34 59.85 -9.35
CA GLU D 667 2.90 59.50 -10.70
C GLU D 667 3.99 59.71 -11.75
N ASN D 668 4.72 60.82 -11.61
CA ASN D 668 5.71 61.25 -12.60
C ASN D 668 7.00 60.44 -12.66
N PHE D 669 7.24 59.64 -11.61
CA PHE D 669 8.40 58.76 -11.54
C PHE D 669 8.33 57.59 -12.55
N LYS D 670 7.23 57.48 -13.28
CA LYS D 670 7.06 56.48 -14.34
C LYS D 670 7.98 56.76 -15.53
N GLN D 671 8.37 58.03 -15.67
CA GLN D 671 9.25 58.46 -16.76
C GLN D 671 10.73 58.24 -16.51
N VAL D 672 11.10 57.92 -15.26
CA VAL D 672 12.52 57.89 -14.85
C VAL D 672 12.94 56.63 -14.09
N GLU D 673 14.24 56.37 -14.04
CA GLU D 673 14.77 55.28 -13.22
C GLU D 673 15.27 55.88 -11.90
N TYR D 674 14.73 55.39 -10.79
CA TYR D 674 14.95 55.97 -9.48
C TYR D 674 15.66 54.95 -8.61
N LEU D 675 16.62 55.44 -7.82
CA LEU D 675 17.23 54.65 -6.75
C LEU D 675 17.09 55.44 -5.46
N LEU D 676 16.49 54.80 -4.47
CA LEU D 676 16.19 55.42 -3.19
C LEU D 676 16.95 54.69 -2.10
N ILE D 677 17.76 55.43 -1.34
CA ILE D 677 18.65 54.87 -0.34
C ILE D 677 18.43 55.58 1.00
N HIS D 678 18.54 54.85 2.11
CA HIS D 678 18.32 55.42 3.42
C HIS D 678 18.85 54.51 4.54
N GLY D 679 19.46 55.11 5.56
CA GLY D 679 19.92 54.38 6.74
C GLY D 679 18.75 54.22 7.68
N THR D 680 18.61 53.03 8.26
CA THR D 680 17.44 52.74 9.08
C THR D 680 17.53 53.43 10.43
N ALA D 681 18.76 53.69 10.86
CA ALA D 681 19.01 54.38 12.13
C ALA D 681 19.31 55.87 11.91
N ASP D 682 18.70 56.46 10.88
CA ASP D 682 18.89 57.87 10.61
C ASP D 682 18.07 58.72 11.59
N ASP D 683 18.78 59.31 12.56
CA ASP D 683 18.18 60.10 13.64
C ASP D 683 17.81 61.49 13.16
N ASN D 684 18.27 61.84 11.96
CA ASN D 684 18.18 63.19 11.42
C ASN D 684 17.05 63.29 10.39
N VAL D 685 17.26 62.68 9.22
CA VAL D 685 16.18 62.49 8.27
C VAL D 685 15.69 61.05 8.48
N HIS D 686 14.58 60.92 9.20
CA HIS D 686 14.10 59.62 9.59
C HIS D 686 13.76 58.72 8.40
N PHE D 687 14.11 57.44 8.52
CA PHE D 687 13.79 56.44 7.50
C PHE D 687 12.35 56.61 6.98
N GLN D 688 11.46 56.92 7.92
CA GLN D 688 10.09 57.39 7.64
C GLN D 688 9.96 58.16 6.32
N GLN D 689 10.83 59.14 6.11
CA GLN D 689 10.70 60.02 4.95
C GLN D 689 10.79 59.22 3.64
N SER D 690 11.70 58.25 3.61
CA SER D 690 11.84 57.39 2.45
C SER D 690 10.80 56.28 2.46
N ALA D 691 10.44 55.81 3.65
CA ALA D 691 9.35 54.85 3.79
C ALA D 691 8.07 55.38 3.14
N GLN D 692 7.82 56.69 3.28
CA GLN D 692 6.65 57.31 2.65
C GLN D 692 6.81 57.47 1.15
N ILE D 693 8.02 57.77 0.66
CA ILE D 693 8.25 57.84 -0.77
C ILE D 693 7.97 56.48 -1.39
N SER D 694 8.63 55.45 -0.88
CA SER D 694 8.46 54.12 -1.44
C SER D 694 6.97 53.74 -1.50
N LYS D 695 6.26 53.91 -0.39
CA LYS D 695 4.82 53.64 -0.33
C LYS D 695 4.03 54.42 -1.40
N ALA D 696 4.27 55.74 -1.47
CA ALA D 696 3.64 56.58 -2.47
C ALA D 696 3.88 56.05 -3.88
N LEU D 697 5.07 55.52 -4.14
CA LEU D 697 5.44 55.01 -5.45
C LEU D 697 4.81 53.64 -5.77
N VAL D 698 4.73 52.79 -4.75
CA VAL D 698 4.06 51.51 -4.87
C VAL D 698 2.57 51.73 -5.21
N ASP D 699 1.94 52.68 -4.50
CA ASP D 699 0.50 52.94 -4.69
C ASP D 699 0.09 53.43 -6.09
N VAL D 700 1.01 54.05 -6.82
CA VAL D 700 0.73 54.41 -8.21
C VAL D 700 1.37 53.44 -9.21
N GLY D 701 2.00 52.37 -8.71
CA GLY D 701 2.60 51.35 -9.58
C GLY D 701 3.85 51.75 -10.33
N VAL D 702 4.71 52.57 -9.70
CA VAL D 702 6.01 52.92 -10.27
C VAL D 702 7.09 51.93 -9.82
N ASP D 703 7.81 51.34 -10.76
CA ASP D 703 8.95 50.53 -10.40
C ASP D 703 10.18 51.41 -10.16
N PHE D 704 10.93 51.10 -9.11
CA PHE D 704 12.11 51.85 -8.73
C PHE D 704 13.08 50.93 -8.01
N GLN D 705 14.26 51.45 -7.69
CA GLN D 705 15.27 50.69 -6.95
C GLN D 705 15.35 51.22 -5.54
N ALA D 706 15.66 50.34 -4.60
CA ALA D 706 15.77 50.74 -3.20
C ALA D 706 16.94 50.07 -2.53
N MET D 707 17.50 50.74 -1.54
CA MET D 707 18.48 50.14 -0.66
C MET D 707 18.34 50.77 0.70
N TRP D 708 18.14 49.92 1.70
CA TRP D 708 18.15 50.38 3.08
C TRP D 708 19.52 50.04 3.64
N TYR D 709 19.98 50.82 4.60
CA TYR D 709 21.20 50.46 5.31
C TYR D 709 20.94 50.25 6.79
N THR D 710 20.91 48.96 7.16
CA THR D 710 20.64 48.56 8.53
C THR D 710 21.57 49.31 9.49
N ASP D 711 20.98 49.96 10.49
CA ASP D 711 21.71 50.64 11.58
C ASP D 711 22.62 51.83 11.19
N GLU D 712 22.56 52.25 9.93
CA GLU D 712 23.35 53.39 9.47
C GLU D 712 22.56 54.67 9.71
N ASP D 713 23.25 55.77 9.99
CA ASP D 713 22.56 57.05 10.20
C ASP D 713 22.66 57.96 8.98
N HIS D 714 22.38 59.25 9.17
CA HIS D 714 22.35 60.17 8.04
C HIS D 714 23.65 60.24 7.24
N GLY D 715 24.75 59.87 7.89
CA GLY D 715 26.03 59.93 7.23
C GLY D 715 26.33 58.68 6.40
N ILE D 716 25.56 57.61 6.61
CA ILE D 716 25.86 56.27 6.05
C ILE D 716 27.38 56.12 5.94
N ALA D 717 28.06 56.39 7.05
CA ALA D 717 29.53 56.58 7.09
C ALA D 717 30.40 55.44 7.63
N SER D 718 29.80 54.36 8.14
CA SER D 718 30.59 53.15 8.46
C SER D 718 31.50 52.81 7.29
N SER D 719 32.73 52.45 7.59
CA SER D 719 33.66 52.10 6.55
C SER D 719 33.01 51.17 5.51
N THR D 720 32.38 50.08 5.96
CA THR D 720 31.80 49.12 5.02
C THR D 720 30.59 49.66 4.27
N ALA D 721 29.68 50.36 4.95
CA ALA D 721 28.50 50.94 4.27
C ALA D 721 28.85 52.05 3.28
N HIS D 722 29.78 52.92 3.65
CA HIS D 722 30.31 53.93 2.74
C HIS D 722 30.76 53.24 1.46
N GLN D 723 31.60 52.22 1.61
CA GLN D 723 32.09 51.46 0.45
C GLN D 723 30.92 50.86 -0.32
N HIS D 724 29.92 50.36 0.42
CA HIS D 724 28.79 49.68 -0.20
C HIS D 724 27.86 50.62 -0.96
N ILE D 725 27.50 51.75 -0.35
CA ILE D 725 26.58 52.71 -0.97
C ILE D 725 27.19 53.26 -2.25
N TYR D 726 28.47 53.59 -2.20
CA TYR D 726 29.14 54.14 -3.38
C TYR D 726 29.34 53.11 -4.48
N THR D 727 29.55 51.85 -4.09
CA THR D 727 29.64 50.79 -5.09
C THR D 727 28.27 50.64 -5.77
N HIS D 728 27.21 50.59 -4.97
CA HIS D 728 25.86 50.39 -5.46
C HIS D 728 25.46 51.48 -6.46
N MET D 729 25.66 52.74 -6.09
CA MET D 729 25.33 53.89 -6.93
C MET D 729 26.14 53.94 -8.22
N SER D 730 27.37 53.45 -8.15
CA SER D 730 28.23 53.38 -9.32
C SER D 730 27.66 52.39 -10.33
N HIS D 731 27.23 51.23 -9.83
CA HIS D 731 26.61 50.23 -10.70
C HIS D 731 25.33 50.79 -11.30
N PHE D 732 24.61 51.56 -10.49
CA PHE D 732 23.36 52.16 -10.95
C PHE D 732 23.59 53.18 -12.06
N ILE D 733 24.47 54.14 -11.82
CA ILE D 733 24.82 55.17 -12.81
C ILE D 733 25.43 54.57 -14.06
N LYS D 734 26.32 53.58 -13.88
CA LYS D 734 26.90 52.88 -15.03
C LYS D 734 25.81 52.20 -15.85
N GLN D 735 24.89 51.52 -15.16
CA GLN D 735 23.75 50.84 -15.76
C GLN D 735 22.90 51.81 -16.59
N CYS D 736 22.45 52.89 -15.94
CA CYS D 736 21.60 53.90 -16.57
C CYS D 736 22.24 54.56 -17.80
N PHE D 737 23.55 54.76 -17.75
CA PHE D 737 24.29 55.36 -18.84
C PHE D 737 24.80 54.33 -19.84
N SER D 738 24.39 53.06 -19.68
CA SER D 738 24.85 51.97 -20.55
C SER D 738 26.38 51.89 -20.58
N LEU D 739 27.00 51.93 -19.40
CA LEU D 739 28.46 51.90 -19.29
C LEU D 739 28.94 50.55 -18.77
N PRO D 740 29.86 49.90 -19.51
CA PRO D 740 30.45 48.64 -19.09
C PRO D 740 31.73 48.87 -18.28
C1 NAG E . -21.23 -67.10 -34.28
C2 NAG E . -20.88 -68.05 -35.44
C3 NAG E . -19.86 -67.43 -36.40
C4 NAG E . -20.22 -65.99 -36.79
C5 NAG E . -20.63 -65.22 -35.52
C6 NAG E . -21.10 -63.80 -35.81
C7 NAG E . -21.16 -70.38 -34.82
C8 NAG E . -20.53 -71.65 -34.33
N2 NAG E . -20.36 -69.32 -34.93
O3 NAG E . -19.77 -68.20 -37.57
O4 NAG E . -19.09 -65.40 -37.40
O5 NAG E . -21.67 -65.89 -34.84
O6 NAG E . -22.31 -63.87 -36.52
O7 NAG E . -22.35 -70.36 -35.10
C1 NAG E . -19.26 -65.16 -38.82
C2 NAG E . -18.19 -64.17 -39.28
C3 NAG E . -18.25 -63.92 -40.79
C4 NAG E . -18.20 -65.26 -41.54
C5 NAG E . -19.36 -66.12 -41.02
C6 NAG E . -19.50 -67.45 -41.76
C7 NAG E . -17.66 -62.71 -37.35
C8 NAG E . -17.98 -61.43 -36.66
N2 NAG E . -18.30 -62.93 -38.51
O3 NAG E . -17.21 -63.08 -41.23
O4 NAG E . -18.25 -65.04 -42.94
O5 NAG E . -19.20 -66.34 -39.62
O6 NAG E . -18.82 -68.48 -41.08
O7 NAG E . -16.85 -63.50 -36.86
C1 NAG F . -15.65 -84.65 -36.30
C2 NAG F . -14.45 -85.26 -37.05
C3 NAG F . -13.13 -84.71 -36.49
C4 NAG F . -13.12 -83.19 -36.66
C5 NAG F . -14.36 -82.60 -35.98
C6 NAG F . -14.45 -81.08 -36.11
C7 NAG F . -14.68 -87.36 -38.23
C8 NAG F . -13.46 -87.90 -38.94
N2 NAG F . -14.48 -86.73 -37.07
O3 NAG F . -12.01 -85.33 -37.11
O4 NAG F . -11.90 -82.67 -36.14
O5 NAG F . -15.56 -83.22 -36.48
O6 NAG F . -15.16 -80.68 -37.26
O7 NAG F . -15.80 -87.52 -38.71
C1 NAG F . -11.20 -81.89 -37.14
C2 NAG F . -9.90 -81.28 -36.59
C3 NAG F . -9.24 -80.39 -37.66
C4 NAG F . -9.09 -81.13 -38.99
C5 NAG F . -10.41 -81.82 -39.39
C6 NAG F . -10.25 -82.73 -40.61
C7 NAG F . -10.04 -81.10 -34.16
C8 NAG F . -8.79 -80.83 -33.37
N2 NAG F . -10.14 -80.53 -35.36
O3 NAG F . -7.98 -79.91 -37.24
O4 NAG F . -8.62 -80.25 -39.99
O5 NAG F . -10.91 -82.61 -38.33
O6 NAG F . -11.45 -83.46 -40.81
O7 NAG F . -10.94 -81.81 -33.70
C1 NAG G . 12.73 -53.53 -28.06
C2 NAG G . 13.24 -53.65 -29.50
C3 NAG G . 12.93 -55.02 -30.11
C4 NAG G . 13.21 -56.18 -29.16
C5 NAG G . 12.71 -55.87 -27.73
C6 NAG G . 13.19 -56.88 -26.70
C7 NAG G . 13.37 -51.78 -31.02
C8 NAG G . 12.91 -51.39 -32.40
N2 NAG G . 12.63 -52.67 -30.36
O3 NAG G . 13.70 -55.18 -31.27
O4 NAG G . 12.57 -57.33 -29.69
O5 NAG G . 13.17 -54.61 -27.29
O6 NAG G . 12.58 -56.57 -25.47
O7 NAG G . 14.38 -51.27 -30.55
C1 NAG G . 13.54 -58.33 -30.05
C2 NAG G . 13.02 -59.70 -29.63
C3 NAG G . 13.93 -60.84 -30.11
C4 NAG G . 14.43 -60.66 -31.54
C5 NAG G . 14.89 -59.22 -31.81
C6 NAG G . 15.23 -58.98 -33.28
C7 NAG G . 11.98 -60.27 -27.47
C8 NAG G . 12.38 -61.30 -26.47
N2 NAG G . 12.97 -59.73 -28.18
O3 NAG G . 13.23 -62.06 -30.00
O4 NAG G . 15.47 -61.58 -31.75
O5 NAG G . 13.88 -58.29 -31.42
O6 NAG G . 14.20 -58.28 -33.94
O7 NAG G . 10.81 -59.93 -27.61
C1 NAG H . -0.24 35.87 34.70
C2 NAG H . -1.03 35.88 36.03
C3 NAG H . -0.28 36.59 37.16
C4 NAG H . 1.22 36.32 37.17
C5 NAG H . 1.78 36.47 35.75
C6 NAG H . 3.29 36.25 35.65
C7 NAG H . -3.48 35.92 35.71
C8 NAG H . -4.68 36.80 35.54
N2 NAG H . -2.30 36.54 35.84
O3 NAG H . -0.81 36.19 38.41
O4 NAG H . 1.85 37.21 38.07
O5 NAG H . 1.11 35.53 34.94
O6 NAG H . 3.59 34.88 35.77
O7 NAG H . -3.63 34.70 35.72
C1 NAG H . 2.45 36.48 39.16
C2 NAG H . 3.63 37.26 39.73
C3 NAG H . 4.16 36.71 41.08
C4 NAG H . 3.15 35.91 41.92
C5 NAG H . 2.01 35.27 41.11
C6 NAG H . 0.86 34.84 42.01
C7 NAG H . 5.03 38.39 38.08
C8 NAG H . 6.46 38.49 37.61
N2 NAG H . 4.70 37.29 38.75
O3 NAG H . 4.61 37.79 41.85
O4 NAG H . 3.84 34.89 42.62
O5 NAG H . 1.52 36.21 40.18
O6 NAG H . -0.08 35.89 42.10
O7 NAG H . 4.24 39.30 37.81
C1 NAG I . 10.69 71.41 32.36
C2 NAG I . 10.72 71.75 33.86
C3 NAG I . 9.57 71.05 34.60
C4 NAG I . 8.21 71.28 33.93
C5 NAG I . 8.31 71.07 32.41
C6 NAG I . 7.06 71.55 31.69
C7 NAG I . 12.99 72.27 34.67
C8 NAG I . 14.12 71.85 35.56
N2 NAG I . 11.99 71.39 34.47
O3 NAG I . 9.54 71.48 35.93
O4 NAG I . 7.26 70.39 34.51
O5 NAG I . 9.42 71.76 31.84
O6 NAG I . 7.26 71.34 30.31
O7 NAG I . 13.00 73.38 34.14
C1 NAG I . 6.24 71.09 35.26
C2 NAG I . 4.88 70.38 35.07
C3 NAG I . 3.81 70.78 36.09
C4 NAG I . 4.38 70.99 37.51
C5 NAG I . 5.58 71.92 37.39
C6 NAG I . 6.14 72.37 38.75
C7 NAG I . 3.94 69.81 32.85
C8 NAG I . 2.49 69.94 32.46
N2 NAG I . 4.39 70.71 33.74
O3 NAG I . 2.77 69.82 36.12
O4 NAG I . 3.38 71.50 38.39
O5 NAG I . 6.57 71.25 36.63
O6 NAG I . 6.96 71.36 39.33
O7 NAG I . 4.66 68.92 32.37
C1 NAG J . -38.80 -99.90 6.10
C2 NAG J . -37.63 -100.31 5.19
C3 NAG J . -38.00 -101.51 4.32
C4 NAG J . -38.48 -102.66 5.21
C5 NAG J . -39.66 -102.20 6.06
C6 NAG J . -40.08 -103.29 7.04
C7 NAG J . -36.00 -98.53 4.72
C8 NAG J . -35.90 -97.12 4.23
N2 NAG J . -37.12 -99.21 4.38
O3 NAG J . -36.90 -101.92 3.53
O4 NAG J . -38.82 -103.81 4.46
O5 NAG J . -39.33 -101.03 6.81
O6 NAG J . -41.21 -102.87 7.77
O7 NAG J . -35.09 -99.00 5.38
C1 NAG K . -7.71 -83.26 -11.95
C2 NAG K . -7.17 -84.61 -12.44
C3 NAG K . -6.09 -85.22 -11.54
C4 NAG K . -5.01 -84.20 -11.21
C5 NAG K . -5.66 -82.95 -10.61
C6 NAG K . -4.64 -81.85 -10.27
C7 NAG K . -8.82 -85.82 -13.77
C8 NAG K . -10.12 -86.56 -13.75
N2 NAG K . -8.26 -85.56 -12.59
O3 NAG K . -5.54 -86.39 -12.14
O4 NAG K . -4.06 -84.76 -10.32
O5 NAG K . -6.66 -82.41 -11.48
O6 NAG K . -3.88 -81.44 -11.40
O7 NAG K . -8.32 -85.47 -14.84
C1 NAG L . -37.83 -94.37 -25.32
C2 NAG L . -38.16 -95.88 -25.39
C3 NAG L . -38.07 -96.48 -26.80
C4 NAG L . -38.52 -95.54 -27.93
C5 NAG L . -38.07 -94.09 -27.67
C6 NAG L . -38.66 -93.12 -28.71
C7 NAG L . -37.76 -97.54 -23.65
C8 NAG L . -37.38 -98.98 -23.93
N2 NAG L . -37.28 -96.62 -24.50
O3 NAG L . -38.92 -97.61 -26.80
O4 NAG L . -38.03 -96.00 -29.18
O5 NAG L . -38.48 -93.69 -26.38
O6 NAG L . -40.07 -93.06 -28.61
O7 NAG L . -38.46 -97.26 -22.68
C1 NAG M . -45.03 -54.50 -28.37
C2 NAG M . -46.44 -54.16 -28.88
C3 NAG M . -46.47 -52.98 -29.87
C4 NAG M . -45.62 -51.81 -29.40
C5 NAG M . -44.20 -52.33 -29.09
C6 NAG M . -43.30 -51.26 -28.52
C7 NAG M . -48.04 -56.02 -29.09
C8 NAG M . -48.30 -57.33 -29.80
N2 NAG M . -46.98 -55.34 -29.54
O3 NAG M . -47.80 -52.54 -30.06
O4 NAG M . -45.63 -50.78 -30.37
O5 NAG M . -44.28 -53.34 -28.09
O6 NAG M . -43.79 -50.86 -27.25
O7 NAG M . -48.76 -55.65 -28.16
N1 B2Y N . -31.17 -59.96 -12.73
C4 B2Y N . -32.78 -61.70 -10.30
C5 B2Y N . -32.72 -62.06 -8.96
C6 B2Y N . -32.31 -61.12 -8.02
C7 B2Y N . -31.95 -59.83 -8.42
C8 B2Y N . -32.01 -59.46 -9.77
C10 B2Y N . -30.34 -57.61 -10.02
C13 B2Y N . -32.35 -55.89 -10.98
C2 B2Y N . -32.51 -60.09 -12.19
C3 B2Y N . -32.43 -60.42 -10.72
C9 B2Y N . -31.64 -58.07 -10.15
C11 B2Y N . -30.07 -56.28 -10.39
C12 B2Y N . -31.06 -55.44 -10.87
C14 B2Y N . -32.64 -57.19 -10.62
C1 NAG O . 13.30 1.65 -22.95
C2 NAG O . 12.97 1.73 -24.47
C3 NAG O . 13.77 2.75 -25.31
C4 NAG O . 14.45 3.88 -24.52
C5 NAG O . 14.99 3.33 -23.21
C6 NAG O . 15.82 4.34 -22.41
C7 NAG O . 12.67 0.01 -26.25
C8 NAG O . 13.66 -0.61 -27.18
N2 NAG O . 13.12 0.39 -25.04
O3 NAG O . 12.93 3.36 -26.29
O4 NAG O . 15.49 4.43 -25.31
O5 NAG O . 13.87 2.85 -22.46
O6 NAG O . 15.05 5.43 -21.96
O7 NAG O . 11.50 0.14 -26.62
C1 NAG P . -6.87 -31.11 -36.01
C2 NAG P . -6.50 -30.64 -37.43
C3 NAG P . -7.58 -29.75 -38.07
C4 NAG P . -8.96 -30.39 -37.97
C5 NAG P . -9.24 -30.77 -36.50
C6 NAG P . -10.61 -31.46 -36.31
C7 NAG P . -4.16 -30.35 -38.01
C8 NAG P . -3.06 -29.33 -38.14
N2 NAG P . -5.25 -29.93 -37.38
O3 NAG P . -7.26 -29.49 -39.43
O4 NAG P . -9.94 -29.51 -38.52
O5 NAG P . -8.21 -31.60 -35.97
O6 NAG P . -10.57 -32.81 -36.73
O7 NAG P . -4.03 -31.49 -38.47
C1 NAG Q . 27.22 -24.34 -33.54
C2 NAG Q . 28.00 -23.35 -34.42
C3 NAG Q . 28.77 -24.03 -35.56
C4 NAG Q . 29.55 -25.25 -35.09
C5 NAG Q . 28.66 -26.17 -34.23
C6 NAG Q . 29.48 -27.29 -33.58
C7 NAG Q . 27.30 -21.01 -34.72
C8 NAG Q . 26.64 -20.04 -35.68
N2 NAG Q . 27.12 -22.32 -34.97
O3 NAG Q . 29.69 -23.12 -36.09
O4 NAG Q . 30.12 -25.92 -36.20
O5 NAG Q . 28.03 -25.45 -33.18
O6 NAG Q . 30.45 -26.72 -32.73
O7 NAG Q . 27.96 -20.57 -33.77
C1 NAG R . 13.28 -44.46 -44.32
C2 NAG R . 12.97 -44.66 -45.82
C3 NAG R . 11.57 -45.23 -46.01
C4 NAG R . 11.47 -46.57 -45.27
C5 NAG R . 11.75 -46.33 -43.78
C6 NAG R . 11.72 -47.67 -43.02
C7 NAG R . 13.75 -43.36 -47.73
C8 NAG R . 12.89 -43.29 -48.97
N2 NAG R . 13.11 -43.42 -46.56
O3 NAG R . 11.23 -45.37 -47.38
O4 NAG R . 10.22 -47.17 -45.50
O5 NAG R . 12.98 -45.64 -43.56
O6 NAG R . 12.67 -47.71 -41.99
O7 NAG R . 14.98 -43.34 -47.82
N1 B2Y S . 6.75 -40.90 -7.49
C4 B2Y S . 6.91 -37.67 -6.55
C5 B2Y S . 6.14 -36.57 -6.20
C6 B2Y S . 5.04 -36.73 -5.35
C7 B2Y S . 4.71 -37.99 -4.86
C8 B2Y S . 5.50 -39.11 -5.22
C10 B2Y S . 3.91 -41.05 -4.98
C13 B2Y S . 5.64 -42.29 -3.18
C2 B2Y S . 7.48 -40.09 -6.50
C3 B2Y S . 6.61 -38.94 -6.07
C9 B2Y S . 5.11 -40.43 -4.65
C11 B2Y S . 3.59 -42.28 -4.41
C12 B2Y S . 4.45 -42.90 -3.53
C14 B2Y S . 5.96 -41.07 -3.73
C1 NAG T . -20.29 51.47 17.38
C2 NAG T . -21.59 51.70 18.19
C3 NAG T . -22.52 52.67 17.47
C4 NAG T . -21.78 53.99 17.25
C5 NAG T . -20.49 53.72 16.44
C6 NAG T . -19.65 54.99 16.27
C7 NAG T . -22.32 49.99 19.75
C8 NAG T . -23.20 48.80 19.99
N2 NAG T . -22.25 50.44 18.49
O3 NAG T . -23.71 52.90 18.22
O4 NAG T . -22.63 54.95 16.63
O5 NAG T . -19.68 52.71 17.03
O6 NAG T . -19.01 55.36 17.49
O7 NAG T . -21.70 50.48 20.69
C1 NAG U . -27.58 19.04 26.43
C2 NAG U . -29.08 18.87 26.69
C3 NAG U . -29.45 18.67 28.17
C4 NAG U . -28.35 18.13 29.10
C5 NAG U . -26.94 18.53 28.66
C6 NAG U . -25.86 17.77 29.43
C7 NAG U . -30.53 20.04 25.05
C8 NAG U . -30.22 21.09 24.03
N2 NAG U . -29.80 20.03 26.17
O3 NAG U . -30.54 17.77 28.24
O4 NAG U . -28.60 18.54 30.43
O5 NAG U . -26.78 18.25 27.28
O6 NAG U . -25.86 16.42 29.04
O7 NAG U . -31.45 19.23 24.83
N1 B2Y V . 4.20 30.03 10.91
C4 B2Y V . 2.32 28.84 8.43
C5 B2Y V . 1.81 29.19 7.18
C6 B2Y V . 2.62 29.86 6.28
C7 B2Y V . 3.93 30.19 6.62
C8 B2Y V . 4.45 29.85 7.87
C10 B2Y V . 6.26 31.58 8.15
C13 B2Y V . 8.16 29.57 8.62
C2 B2Y V . 4.12 28.77 10.15
C3 B2Y V . 3.64 29.15 8.78
C9 B2Y V . 5.86 30.23 8.16
C11 B2Y V . 7.59 31.88 8.39
C12 B2Y V . 8.54 30.90 8.63
C14 B2Y V . 6.83 29.24 8.38
C1 NAG W . 35.48 53.66 34.04
C2 NAG W . 36.23 53.70 35.39
C3 NAG W . 37.19 52.52 35.57
C4 NAG W . 36.55 51.19 35.17
C5 NAG W . 35.82 51.29 33.82
C6 NAG W . 35.09 49.98 33.45
C7 NAG W . 36.64 55.95 36.33
C8 NAG W . 37.43 57.21 36.14
N2 NAG W . 36.98 54.94 35.52
O3 NAG W . 37.63 52.44 36.92
O4 NAG W . 37.56 50.19 35.14
O5 NAG W . 34.91 52.38 33.81
O6 NAG W . 33.99 49.70 34.28
O7 NAG W . 35.77 55.90 37.20
C1 NAG X . 22.10 70.48 47.29
C2 NAG X . 20.95 69.66 46.65
C3 NAG X . 20.40 68.51 47.52
C4 NAG X . 21.49 67.83 48.33
C5 NAG X . 22.13 68.94 49.18
C6 NAG X . 23.05 68.38 50.27
C7 NAG X . 18.81 70.26 45.53
C8 NAG X . 17.45 70.14 46.15
N2 NAG X . 19.84 70.57 46.32
O3 NAG X . 19.72 67.54 46.76
O4 NAG X . 20.94 66.80 49.13
O5 NAG X . 22.85 69.80 48.30
O6 NAG X . 22.25 67.92 51.34
O7 NAG X . 18.94 70.08 44.32
N1 B2Y Y . 20.39 69.86 9.53
C4 B2Y Y . 23.44 70.49 8.32
C5 B2Y Y . 24.53 69.90 7.69
C6 B2Y Y . 24.32 68.99 6.67
C7 B2Y Y . 23.03 68.66 6.27
C8 B2Y Y . 21.93 69.26 6.90
C10 B2Y Y . 20.11 67.57 6.53
C13 B2Y Y . 18.47 69.54 5.39
C2 B2Y Y . 21.00 70.86 8.64
C3 B2Y Y . 22.15 70.19 7.93
C9 B2Y Y . 20.56 68.89 6.42
C11 B2Y Y . 18.84 67.26 6.06
C12 B2Y Y . 18.02 68.24 5.49
C14 B2Y Y . 19.73 69.87 5.85
#